data_4POR
#
_entry.id   4POR
#
_cell.length_a   97.010
_cell.length_b   180.400
_cell.length_c   199.660
_cell.angle_alpha   90.00
_cell.angle_beta   90.00
_cell.angle_gamma   90.00
#
_symmetry.space_group_name_H-M   'P 21 21 21'
#
loop_
_entity.id
_entity.type
_entity.pdbx_description
1 polymer VP1
2 branched 'N-acetyl-alpha-neuraminic acid-(2-3)-beta-D-galactopyranose-(1-4)-beta-D-glucopyranose'
3 non-polymer 'CALCIUM ION'
4 non-polymer 1,2-ETHANEDIOL
5 non-polymer 'ISOPROPYL ALCOHOL'
6 water water
#
_entity_poly.entity_id   1
_entity_poly.type   'polypeptide(L)'
_entity_poly.pdbx_seq_one_letter_code
;GSHMGGVEVLEVRTGPDAITQIEAYLNPRMGNNNPTDELYGYSADINVASSKASDNPNATTLPTYSVAVIKLPMLNEDMT
CDTLLMWEAVSVKTEVMGISSLVNLHQGGKYIYGSSSGTIPVQGTTLHMFSVGGEPLELQGLVASSTTTYPTDMVTIKNM
KPVNQALDPNAKALLDKDGKYPVEVWSPDPSKNENTRYYGSFTGGATTPPVMQFTNSVTTVLLDENGVGPLCKGDKLFLS
AVDIVGIHTNYSESQNWRGLPRYFNVTLRKRVVKNPYP
;
_entity_poly.pdbx_strand_id   A,B,C,D,E,F,G,H,I,J
#
# COMPACT_ATOMS: atom_id res chain seq x y z
N VAL A 7 14.79 -5.11 34.24
CA VAL A 7 13.34 -5.42 34.39
C VAL A 7 12.71 -5.80 33.02
N GLU A 8 11.92 -6.87 32.99
CA GLU A 8 11.29 -7.32 31.75
C GLU A 8 10.06 -6.48 31.42
N VAL A 9 10.11 -5.84 30.26
CA VAL A 9 9.06 -4.94 29.81
C VAL A 9 8.03 -5.71 28.99
N LEU A 10 6.76 -5.59 29.37
CA LEU A 10 5.66 -6.24 28.65
C LEU A 10 4.88 -5.21 27.83
N GLU A 11 3.57 -5.41 27.67
CA GLU A 11 2.76 -4.56 26.79
C GLU A 11 2.30 -3.23 27.41
N VAL A 12 1.89 -2.31 26.53
CA VAL A 12 1.22 -1.08 26.93
C VAL A 12 -0.15 -1.39 27.51
N ARG A 13 -0.45 -0.77 28.66
CA ARG A 13 -1.75 -0.95 29.33
C ARG A 13 -2.78 0.00 28.71
N THR A 14 -3.82 -0.58 28.13
CA THR A 14 -4.89 0.20 27.49
C THR A 14 -6.01 0.50 28.49
N GLY A 15 -6.96 1.32 28.06
CA GLY A 15 -8.18 1.58 28.84
C GLY A 15 -8.28 3.07 29.10
N PRO A 16 -9.34 3.51 29.81
CA PRO A 16 -9.45 4.94 30.17
C PRO A 16 -8.38 5.29 31.19
N ASP A 17 -7.93 6.53 31.19
CA ASP A 17 -6.97 7.04 32.19
C ASP A 17 -5.57 6.42 32.11
N ALA A 18 -5.19 5.95 30.93
CA ALA A 18 -3.90 5.30 30.74
C ALA A 18 -2.82 6.29 30.32
N ILE A 19 -3.25 7.50 29.91
CA ILE A 19 -2.33 8.53 29.43
C ILE A 19 -2.24 9.64 30.48
N THR A 20 -1.08 10.25 30.62
CA THR A 20 -0.99 11.48 31.37
C THR A 20 -0.04 12.48 30.71
N GLN A 21 -0.08 13.71 31.17
CA GLN A 21 0.73 14.76 30.59
C GLN A 21 1.27 15.65 31.69
N ILE A 22 2.55 15.99 31.63
CA ILE A 22 3.09 16.98 32.55
C ILE A 22 3.78 18.13 31.78
N GLU A 23 3.87 19.29 32.42
CA GLU A 23 4.67 20.34 31.84
C GLU A 23 5.53 20.99 32.91
N ALA A 24 6.63 21.60 32.50
CA ALA A 24 7.62 22.17 33.41
C ALA A 24 8.57 23.09 32.65
N TYR A 25 9.21 24.01 33.37
CA TYR A 25 10.27 24.81 32.77
C TYR A 25 11.51 24.74 33.68
N LEU A 26 12.69 24.86 33.08
CA LEU A 26 13.92 24.86 33.85
C LEU A 26 14.61 26.18 33.57
N ASN A 27 14.91 26.93 34.61
CA ASN A 27 15.64 28.19 34.44
C ASN A 27 17.12 27.92 34.19
N PRO A 28 17.77 28.76 33.36
CA PRO A 28 19.18 28.54 33.03
C PRO A 28 20.09 28.72 34.24
N ARG A 29 21.13 28.24 34.31
CA ARG A 29 22.12 28.14 35.38
C ARG A 29 23.52 28.43 34.80
N MET A 30 23.69 29.78 34.39
CA MET A 30 24.87 30.27 33.67
C MET A 30 26.02 30.67 34.60
N GLY A 31 25.74 30.72 35.90
CA GLY A 31 26.76 31.05 36.89
C GLY A 31 26.19 31.96 37.98
N ASN A 32 25.46 33.00 37.58
CA ASN A 32 24.60 33.72 38.52
C ASN A 32 23.27 32.96 38.55
N ASN A 33 23.10 32.13 39.56
CA ASN A 33 22.05 31.12 39.55
C ASN A 33 20.93 31.36 40.56
N ASN A 34 21.03 32.48 41.26
CA ASN A 34 20.01 32.88 42.19
C ASN A 34 19.16 33.99 41.56
N PRO A 35 17.81 33.87 41.66
CA PRO A 35 16.89 34.83 41.01
C PRO A 35 17.01 36.27 41.52
N THR A 36 17.66 36.47 42.65
CA THR A 36 17.90 37.83 43.14
C THR A 36 19.23 38.40 42.62
N ASP A 37 20.06 37.58 41.96
CA ASP A 37 21.33 38.08 41.40
C ASP A 37 21.03 39.11 40.34
N GLU A 38 21.73 40.25 40.40
CA GLU A 38 21.59 41.28 39.38
C GLU A 38 21.73 40.70 37.96
N LEU A 39 22.68 39.77 37.77
CA LEU A 39 22.88 39.15 36.46
C LEU A 39 22.40 37.70 36.39
N TYR A 40 21.26 37.42 37.04
CA TYR A 40 20.56 36.15 36.88
C TYR A 40 20.36 35.84 35.40
N GLY A 41 20.65 34.60 34.98
CA GLY A 41 20.53 34.24 33.57
C GLY A 41 21.78 34.51 32.73
N TYR A 42 22.85 35.01 33.39
CA TYR A 42 24.18 35.24 32.79
C TYR A 42 25.27 34.64 33.68
N SER A 43 26.46 34.39 33.14
CA SER A 43 27.63 34.17 33.99
C SER A 43 28.18 35.52 34.46
N ALA A 44 29.01 35.51 35.49
CA ALA A 44 29.85 36.67 35.82
C ALA A 44 30.90 36.87 34.73
N ASP A 45 31.58 38.03 34.72
CA ASP A 45 32.66 38.29 33.75
C ASP A 45 33.65 37.11 33.71
N ILE A 46 33.93 36.59 32.52
CA ILE A 46 34.85 35.45 32.37
C ILE A 46 36.19 35.86 32.96
N ASN A 47 36.77 35.04 33.84
CA ASN A 47 38.14 35.27 34.27
C ASN A 47 39.05 34.23 33.60
N VAL A 48 40.00 34.74 32.81
CA VAL A 48 40.78 33.92 31.89
C VAL A 48 42.04 33.37 32.57
N ALA A 49 42.44 32.15 32.20
CA ALA A 49 43.66 31.56 32.71
C ALA A 49 44.85 32.43 32.39
N SER A 50 45.77 32.46 33.33
CA SER A 50 47.03 33.10 33.15
C SER A 50 48.02 32.22 32.36
N SER A 51 47.89 30.91 32.49
CA SER A 51 48.82 29.99 31.89
C SER A 51 48.16 28.62 31.87
N LYS A 52 48.86 27.65 31.29
CA LYS A 52 48.40 26.27 31.30
C LYS A 52 48.22 25.80 32.76
N ALA A 53 49.19 26.15 33.61
CA ALA A 53 49.30 25.61 34.97
C ALA A 53 48.39 26.33 35.95
N SER A 54 48.04 27.57 35.62
CA SER A 54 47.29 28.41 36.53
C SER A 54 46.00 28.83 35.86
N ASP A 55 44.95 28.04 36.07
CA ASP A 55 43.67 28.21 35.39
C ASP A 55 42.64 27.96 36.48
N ASN A 56 42.15 29.05 37.09
CA ASN A 56 41.28 28.99 38.25
C ASN A 56 39.93 29.66 37.95
N PRO A 57 39.08 29.05 37.11
CA PRO A 57 37.85 29.77 36.76
C PRO A 57 36.91 29.91 37.97
N ASN A 58 36.37 31.12 38.17
CA ASN A 58 35.41 31.37 39.25
C ASN A 58 34.14 30.55 39.04
N ALA A 59 33.56 30.06 40.13
CA ALA A 59 32.30 29.28 40.05
C ALA A 59 31.20 30.01 39.26
N THR A 60 31.09 31.32 39.45
CA THR A 60 30.04 32.12 38.80
C THR A 60 30.25 32.36 37.29
N THR A 61 31.38 31.91 36.77
CA THR A 61 31.69 32.10 35.34
C THR A 61 31.43 30.82 34.55
N LEU A 62 30.99 29.76 35.23
CA LEU A 62 30.89 28.43 34.61
C LEU A 62 29.44 27.95 34.45
N PRO A 63 28.92 27.98 33.21
CA PRO A 63 27.56 27.43 33.03
C PRO A 63 27.45 25.95 33.42
N THR A 64 26.34 25.61 34.07
CA THR A 64 26.08 24.25 34.49
C THR A 64 24.78 23.73 33.88
N TYR A 65 24.54 22.44 34.02
CA TYR A 65 23.31 21.82 33.54
C TYR A 65 22.17 22.10 34.46
N SER A 66 20.98 22.26 33.88
CA SER A 66 19.76 22.35 34.65
C SER A 66 19.13 20.97 34.76
N VAL A 67 18.54 20.65 35.91
CA VAL A 67 17.82 19.39 36.06
C VAL A 67 16.66 19.53 37.03
N ALA A 68 15.52 18.93 36.68
CA ALA A 68 14.36 18.88 37.54
C ALA A 68 13.81 17.45 37.60
N VAL A 69 13.40 17.04 38.79
CA VAL A 69 12.71 15.75 38.96
C VAL A 69 11.23 16.02 39.18
N ILE A 70 10.39 15.42 38.33
CA ILE A 70 8.94 15.55 38.45
C ILE A 70 8.37 14.25 39.03
N LYS A 71 7.63 14.37 40.12
CA LYS A 71 7.03 13.21 40.76
C LYS A 71 5.69 12.91 40.09
N LEU A 72 5.51 11.68 39.62
CA LEU A 72 4.30 11.28 38.89
C LEU A 72 3.32 10.55 39.82
N PRO A 73 2.04 10.44 39.42
CA PRO A 73 1.08 9.73 40.26
C PRO A 73 1.50 8.28 40.49
N MET A 74 1.37 7.85 41.74
CA MET A 74 1.71 6.51 42.16
C MET A 74 0.85 5.50 41.41
N LEU A 75 1.47 4.43 40.93
CA LEU A 75 0.76 3.47 40.08
C LEU A 75 0.36 2.15 40.73
N ASN A 76 1.17 1.67 41.67
CA ASN A 76 0.96 0.35 42.24
C ASN A 76 0.50 0.40 43.68
N GLU A 77 -0.73 -0.06 43.93
CA GLU A 77 -1.28 -0.09 45.29
C GLU A 77 -0.45 -1.02 46.20
N ASP A 78 -0.56 -2.32 46.00
CA ASP A 78 0.38 -3.28 46.60
C ASP A 78 1.42 -3.71 45.57
N MET A 79 2.65 -3.83 46.03
CA MET A 79 3.76 -4.16 45.20
C MET A 79 3.98 -5.64 45.04
N THR A 80 2.95 -6.45 45.19
CA THR A 80 3.14 -7.90 45.12
C THR A 80 2.36 -8.68 44.07
N CYS A 81 1.85 -7.98 43.06
CA CYS A 81 1.20 -8.64 41.95
C CYS A 81 2.25 -9.05 40.97
N ASP A 82 1.94 -10.02 40.11
CA ASP A 82 2.96 -10.54 39.24
C ASP A 82 3.48 -9.49 38.27
N THR A 83 2.63 -8.55 37.90
CA THR A 83 3.04 -7.48 37.05
C THR A 83 2.86 -6.15 37.76
N LEU A 84 3.67 -5.19 37.37
CA LEU A 84 3.53 -3.83 37.87
C LEU A 84 3.34 -2.86 36.71
N LEU A 85 2.96 -1.62 37.02
CA LEU A 85 2.89 -0.55 36.04
C LEU A 85 4.00 0.46 36.26
N MET A 86 4.54 1.00 35.17
CA MET A 86 5.46 2.13 35.21
C MET A 86 4.98 3.16 34.20
N TRP A 87 5.23 4.43 34.52
CA TRP A 87 5.03 5.51 33.57
C TRP A 87 6.08 5.50 32.49
N GLU A 88 5.62 5.51 31.25
CA GLU A 88 6.49 5.48 30.09
C GLU A 88 6.40 6.82 29.35
N ALA A 89 7.51 7.56 29.28
CA ALA A 89 7.53 8.82 28.51
C ALA A 89 7.54 8.49 27.01
N VAL A 90 6.57 9.05 26.28
CA VAL A 90 6.32 8.68 24.88
C VAL A 90 6.70 9.80 23.87
N SER A 91 6.46 11.04 24.23
CA SER A 91 6.74 12.15 23.34
C SER A 91 6.92 13.40 24.16
N VAL A 92 7.62 14.38 23.59
CA VAL A 92 7.85 15.65 24.27
C VAL A 92 7.67 16.82 23.29
N LYS A 93 7.07 17.91 23.78
CA LYS A 93 7.15 19.20 23.12
C LYS A 93 8.07 20.05 23.95
N THR A 94 9.10 20.59 23.30
CA THR A 94 10.08 21.40 24.05
C THR A 94 10.42 22.70 23.31
N GLU A 95 10.64 23.76 24.09
CA GLU A 95 10.78 25.09 23.54
C GLU A 95 11.79 25.91 24.36
N VAL A 96 12.70 26.59 23.67
CA VAL A 96 13.57 27.54 24.35
C VAL A 96 12.80 28.86 24.40
N MET A 97 12.59 29.37 25.61
CA MET A 97 11.75 30.56 25.82
C MET A 97 12.53 31.87 25.83
N GLY A 98 11.87 32.94 25.38
CA GLY A 98 12.47 34.28 25.42
C GLY A 98 13.55 34.51 24.37
N ILE A 99 13.46 33.79 23.25
CA ILE A 99 14.42 33.94 22.17
C ILE A 99 14.49 35.40 21.66
N SER A 100 13.34 36.03 21.49
CA SER A 100 13.29 37.39 20.97
C SER A 100 13.87 38.43 21.93
N SER A 101 14.16 38.04 23.18
CA SER A 101 14.89 38.94 24.09
C SER A 101 16.28 39.33 23.59
N LEU A 102 16.84 38.54 22.68
CA LEU A 102 18.17 38.84 22.12
C LEU A 102 18.09 39.88 21.01
N VAL A 103 16.87 40.13 20.51
CA VAL A 103 16.64 41.10 19.44
C VAL A 103 16.57 42.50 20.07
N ASN A 104 17.73 43.00 20.45
CA ASN A 104 17.87 44.14 21.36
C ASN A 104 19.24 44.74 21.09
N LEU A 105 19.25 45.96 20.53
CA LEU A 105 20.51 46.64 20.19
C LEU A 105 20.78 47.87 21.05
N HIS A 106 20.05 48.02 22.16
CA HIS A 106 20.22 49.18 23.03
C HIS A 106 20.84 48.88 24.38
N GLN A 107 20.90 47.60 24.76
CA GLN A 107 21.57 47.15 25.98
C GLN A 107 23.00 47.70 26.07
N GLY A 108 23.41 48.11 27.27
CA GLY A 108 24.78 48.60 27.48
C GLY A 108 25.78 47.55 27.02
N GLY A 109 26.76 47.95 26.22
CA GLY A 109 27.74 46.99 25.69
C GLY A 109 28.76 47.63 24.76
N LYS A 110 29.28 46.80 23.86
CA LYS A 110 30.27 47.22 22.89
C LYS A 110 29.56 47.72 21.64
N TYR A 111 29.95 48.87 21.11
CA TYR A 111 29.29 49.40 19.92
C TYR A 111 29.61 48.58 18.68
N ILE A 112 28.61 48.37 17.82
CA ILE A 112 28.82 47.73 16.53
C ILE A 112 29.83 48.52 15.69
N TYR A 113 29.61 49.83 15.51
CA TYR A 113 30.60 50.65 14.84
C TYR A 113 31.14 51.68 15.85
N GLY A 114 30.98 52.98 15.59
CA GLY A 114 31.25 54.00 16.60
C GLY A 114 30.11 54.23 17.60
N SER A 115 30.28 55.24 18.44
CA SER A 115 29.37 55.48 19.55
C SER A 115 27.99 56.01 19.14
N SER A 116 27.77 56.25 17.85
CA SER A 116 26.41 56.52 17.34
C SER A 116 25.61 55.26 17.03
N SER A 117 26.27 54.11 16.91
CA SER A 117 25.59 52.87 16.48
C SER A 117 24.91 52.13 17.65
N GLY A 118 24.17 51.06 17.35
CA GLY A 118 23.71 50.15 18.40
C GLY A 118 24.83 49.28 18.96
N THR A 119 24.49 48.44 19.94
CA THR A 119 25.50 47.55 20.53
C THR A 119 25.42 46.14 19.94
N ILE A 120 26.53 45.43 20.03
CA ILE A 120 26.64 44.05 19.59
C ILE A 120 25.75 43.15 20.45
N PRO A 121 24.82 42.40 19.83
CA PRO A 121 23.91 41.54 20.60
C PRO A 121 24.63 40.24 20.98
N VAL A 122 23.95 39.38 21.74
CA VAL A 122 24.55 38.13 22.19
C VAL A 122 24.97 37.27 21.00
N GLN A 123 26.22 36.86 20.96
CA GLN A 123 26.71 36.01 19.85
C GLN A 123 27.89 35.15 20.31
N GLY A 124 28.36 34.26 19.44
CA GLY A 124 29.45 33.35 19.81
C GLY A 124 28.92 31.95 20.04
N THR A 125 29.63 31.17 20.86
CA THR A 125 29.36 29.74 21.06
C THR A 125 27.95 29.50 21.59
N THR A 126 27.24 28.54 21.01
CA THR A 126 25.94 28.13 21.56
C THR A 126 25.95 26.65 21.92
N LEU A 127 25.18 26.28 22.93
CA LEU A 127 25.01 24.87 23.31
C LEU A 127 23.57 24.62 23.75
N HIS A 128 22.91 23.69 23.07
CA HIS A 128 21.53 23.32 23.38
C HIS A 128 21.46 21.85 23.62
N MET A 129 20.90 21.47 24.77
CA MET A 129 20.73 20.06 25.14
C MET A 129 19.40 19.95 25.88
N PHE A 130 18.58 18.97 25.52
CA PHE A 130 17.49 18.55 26.40
C PHE A 130 17.49 17.02 26.49
N SER A 131 17.07 16.51 27.65
CA SER A 131 16.87 15.09 27.84
C SER A 131 15.65 14.79 28.72
N VAL A 132 15.07 13.63 28.47
CA VAL A 132 13.91 13.12 29.20
C VAL A 132 14.24 11.66 29.52
N GLY A 133 14.23 11.32 30.81
CA GLY A 133 14.59 9.96 31.24
C GLY A 133 13.84 9.53 32.47
N GLY A 134 13.94 8.24 32.81
CA GLY A 134 13.24 7.70 33.97
C GLY A 134 14.17 7.56 35.16
N GLU A 135 15.31 8.26 35.09
CA GLU A 135 16.36 8.23 36.08
C GLU A 135 17.35 9.36 35.69
N PRO A 136 18.33 9.67 36.57
CA PRO A 136 19.28 10.75 36.19
C PRO A 136 20.03 10.48 34.90
N LEU A 137 20.30 11.55 34.14
CA LEU A 137 21.18 11.51 32.99
C LEU A 137 22.59 11.08 33.41
N GLU A 138 23.13 10.12 32.68
CA GLU A 138 24.46 9.58 32.97
C GLU A 138 25.47 10.37 32.15
N LEU A 139 26.55 10.78 32.83
CA LEU A 139 27.50 11.74 32.28
C LEU A 139 28.91 11.16 32.12
N GLN A 140 29.63 11.68 31.14
CA GLN A 140 31.02 11.36 30.93
C GLN A 140 31.85 12.63 31.16
N GLY A 141 32.94 12.53 31.90
CA GLY A 141 33.82 13.69 32.11
C GLY A 141 34.85 13.82 31.01
N LEU A 142 35.07 15.05 30.52
CA LEU A 142 36.14 15.34 29.57
C LEU A 142 36.39 16.84 29.58
N VAL A 143 37.64 17.28 29.67
CA VAL A 143 37.97 18.71 29.76
C VAL A 143 38.99 19.18 28.72
N ALA A 144 38.96 20.48 28.44
CA ALA A 144 39.98 21.11 27.59
C ALA A 144 41.39 21.00 28.19
N SER A 145 41.48 21.09 29.52
CA SER A 145 42.77 21.06 30.20
C SER A 145 42.65 20.43 31.56
N SER A 146 43.43 19.38 31.80
CA SER A 146 43.42 18.71 33.08
C SER A 146 44.11 19.54 34.17
N THR A 147 44.79 20.62 33.79
CA THR A 147 45.49 21.44 34.78
C THR A 147 44.68 22.64 35.26
N THR A 148 43.44 22.76 34.80
CA THR A 148 42.48 23.65 35.41
C THR A 148 42.19 23.21 36.86
N THR A 149 42.14 24.15 37.80
CA THR A 149 41.63 23.87 39.14
C THR A 149 40.21 24.44 39.24
N TYR A 150 39.24 23.54 39.34
CA TYR A 150 37.82 23.89 39.37
C TYR A 150 37.39 24.27 40.78
N PRO A 151 36.36 25.13 40.91
CA PRO A 151 35.88 25.47 42.25
C PRO A 151 35.44 24.20 42.99
N THR A 152 35.77 24.08 44.27
CA THR A 152 35.43 22.84 44.97
C THR A 152 33.93 22.68 45.26
N ASP A 153 33.14 23.75 45.17
CA ASP A 153 31.70 23.66 45.43
C ASP A 153 30.89 23.26 44.19
N MET A 154 31.58 22.83 43.14
CA MET A 154 30.97 22.28 41.94
C MET A 154 31.34 20.79 41.87
N VAL A 155 30.62 20.02 41.07
CA VAL A 155 30.95 18.60 40.90
C VAL A 155 31.77 18.45 39.61
N THR A 156 33.05 18.11 39.78
CA THR A 156 33.96 17.98 38.64
C THR A 156 34.74 16.68 38.77
N ILE A 157 35.69 16.43 37.88
CA ILE A 157 36.42 15.14 37.91
C ILE A 157 37.43 15.12 39.06
N LYS A 158 37.36 14.10 39.90
CA LYS A 158 38.28 13.97 41.03
C LYS A 158 39.65 13.56 40.52
N ASN A 159 40.71 14.13 41.10
CA ASN A 159 42.10 13.78 40.76
C ASN A 159 42.39 13.70 39.26
N MET A 160 42.08 14.78 38.54
CA MET A 160 42.28 14.84 37.09
C MET A 160 43.73 14.59 36.69
N LYS A 161 43.92 14.00 35.52
CA LYS A 161 45.22 13.80 34.93
C LYS A 161 45.06 14.08 33.44
N PRO A 162 46.16 14.14 32.66
CA PRO A 162 46.02 14.52 31.24
C PRO A 162 45.10 13.61 30.41
N VAL A 163 44.92 12.37 30.85
CA VAL A 163 43.97 11.42 30.23
C VAL A 163 42.56 12.01 30.16
N ASN A 164 42.20 12.83 31.14
CA ASN A 164 40.89 13.48 31.18
C ASN A 164 40.69 14.55 30.11
N GLN A 165 41.72 14.81 29.30
CA GLN A 165 41.56 15.66 28.13
C GLN A 165 40.96 14.85 26.96
N ALA A 166 40.83 13.54 27.20
CA ALA A 166 40.13 12.65 26.29
C ALA A 166 39.30 11.70 27.15
N LEU A 167 39.11 10.47 26.68
CA LEU A 167 38.21 9.56 27.36
C LEU A 167 38.90 8.74 28.46
N ASP A 168 38.52 8.99 29.70
CA ASP A 168 38.89 8.16 30.82
C ASP A 168 37.62 7.48 31.31
N PRO A 169 37.55 6.13 31.21
CA PRO A 169 36.30 5.43 31.55
C PRO A 169 35.94 5.45 33.03
N ASN A 170 36.88 5.88 33.88
CA ASN A 170 36.60 6.14 35.30
C ASN A 170 35.90 7.48 35.58
N ALA A 171 35.88 8.41 34.62
CA ALA A 171 35.29 9.73 34.84
C ALA A 171 33.80 9.78 34.45
N LYS A 172 32.96 9.29 35.37
CA LYS A 172 31.52 9.16 35.13
C LYS A 172 30.78 9.84 36.26
N ALA A 173 29.58 10.33 35.98
CA ALA A 173 28.73 10.86 37.04
C ALA A 173 27.27 10.79 36.64
N LEU A 174 26.40 11.14 37.59
CA LEU A 174 24.97 11.27 37.33
C LEU A 174 24.60 12.73 37.43
N LEU A 175 23.76 13.22 36.52
CA LEU A 175 23.25 14.59 36.63
C LEU A 175 22.14 14.60 37.68
N ASP A 176 22.53 14.76 38.94
CA ASP A 176 21.59 14.62 40.03
C ASP A 176 21.42 15.89 40.86
N LYS A 177 22.02 16.98 40.39
CA LYS A 177 21.95 18.28 41.08
C LYS A 177 21.89 19.38 40.06
N ASP A 178 20.90 20.26 40.25
CA ASP A 178 20.72 21.44 39.42
C ASP A 178 21.84 22.44 39.68
N GLY A 179 22.36 23.04 38.61
CA GLY A 179 23.37 24.09 38.72
C GLY A 179 24.67 23.69 39.41
N LYS A 180 25.11 22.44 39.22
CA LYS A 180 26.36 21.97 39.88
C LYS A 180 27.41 21.33 38.96
N TYR A 181 26.94 20.76 37.85
CA TYR A 181 27.79 20.03 36.88
C TYR A 181 28.13 20.94 35.70
N PRO A 182 29.39 21.40 35.59
CA PRO A 182 29.74 22.29 34.49
C PRO A 182 29.61 21.62 33.13
N VAL A 183 29.12 22.34 32.13
CA VAL A 183 29.01 21.76 30.78
C VAL A 183 30.39 21.52 30.15
N GLU A 184 31.38 22.31 30.55
CA GLU A 184 32.71 22.19 29.96
C GLU A 184 33.47 20.98 30.52
N VAL A 185 32.88 20.33 31.54
CA VAL A 185 33.45 19.13 32.16
C VAL A 185 32.66 17.85 31.81
N TRP A 186 31.33 17.99 31.70
CA TRP A 186 30.45 16.82 31.54
C TRP A 186 29.62 16.87 30.31
N SER A 187 29.45 15.72 29.67
CA SER A 187 28.53 15.56 28.56
C SER A 187 27.76 14.23 28.69
N PRO A 188 26.67 14.06 27.92
CA PRO A 188 25.92 12.79 28.01
C PRO A 188 26.78 11.61 27.63
N ASP A 189 26.73 10.56 28.46
CA ASP A 189 27.51 9.33 28.24
C ASP A 189 26.75 8.40 27.29
N PRO A 190 27.22 8.29 26.04
CA PRO A 190 26.49 7.48 25.06
C PRO A 190 26.62 5.96 25.29
N SER A 191 27.55 5.55 26.14
CA SER A 191 27.67 4.13 26.47
C SER A 191 26.69 3.71 27.57
N LYS A 192 25.94 4.67 28.11
CA LYS A 192 24.87 4.30 29.05
C LYS A 192 23.60 4.97 28.56
N ASN A 193 22.80 5.52 29.47
CA ASN A 193 21.59 6.25 29.11
C ASN A 193 20.59 5.42 28.27
N GLU A 194 20.46 4.16 28.64
CA GLU A 194 19.48 3.27 28.02
C GLU A 194 18.04 3.69 28.34
N ASN A 195 17.86 4.40 29.46
CA ASN A 195 16.55 4.78 29.96
C ASN A 195 16.32 6.31 29.94
N THR A 196 17.04 6.99 29.05
CA THR A 196 16.96 8.45 28.84
C THR A 196 17.12 8.69 27.35
N ARG A 197 16.36 9.62 26.79
CA ARG A 197 16.64 10.10 25.45
C ARG A 197 17.23 11.50 25.57
N TYR A 198 18.39 11.74 24.94
CA TYR A 198 19.00 13.09 24.94
C TYR A 198 19.30 13.57 23.54
N TYR A 199 19.28 14.89 23.36
CA TYR A 199 19.39 15.56 22.07
C TYR A 199 20.16 16.85 22.27
N GLY A 200 21.22 17.02 21.50
CA GLY A 200 22.16 18.11 21.73
C GLY A 200 22.71 18.70 20.45
N SER A 201 22.96 20.00 20.51
CA SER A 201 23.46 20.75 19.39
C SER A 201 24.51 21.78 19.84
N PHE A 202 25.61 21.86 19.10
CA PHE A 202 26.72 22.75 19.42
C PHE A 202 27.19 23.49 18.18
N THR A 203 27.33 24.80 18.30
CA THR A 203 28.08 25.59 17.31
C THR A 203 29.01 26.51 18.11
N GLY A 204 30.29 26.51 17.74
CA GLY A 204 31.33 27.18 18.51
C GLY A 204 31.63 28.54 17.91
N GLY A 205 32.89 28.97 18.03
CA GLY A 205 33.30 30.29 17.55
C GLY A 205 33.14 31.40 18.59
N ALA A 206 33.83 32.51 18.34
CA ALA A 206 33.79 33.68 19.22
C ALA A 206 32.63 34.60 18.92
N THR A 207 32.31 34.78 17.65
CA THR A 207 31.36 35.82 17.27
C THR A 207 30.21 35.30 16.40
N THR A 208 30.00 33.98 16.42
CA THR A 208 29.03 33.32 15.53
C THR A 208 27.58 33.81 15.77
N PRO A 209 26.83 34.08 14.69
CA PRO A 209 25.41 34.42 14.83
C PRO A 209 24.64 33.23 15.40
N PRO A 210 23.96 33.43 16.53
CA PRO A 210 23.11 32.36 17.05
C PRO A 210 21.88 32.12 16.15
N VAL A 211 21.46 30.86 16.03
CA VAL A 211 20.31 30.50 15.20
C VAL A 211 19.35 29.65 16.06
N MET A 212 18.09 30.05 16.15
CA MET A 212 17.09 29.32 16.94
C MET A 212 15.72 29.40 16.29
N GLN A 213 14.96 28.30 16.39
CA GLN A 213 13.57 28.26 15.95
C GLN A 213 12.68 28.13 17.17
N PHE A 214 11.42 28.54 17.00
CA PHE A 214 10.41 28.39 18.04
C PHE A 214 9.06 28.17 17.39
N THR A 215 8.31 27.21 17.93
CA THR A 215 7.04 26.79 17.35
C THR A 215 6.31 25.93 18.39
N ASN A 216 5.00 25.84 18.27
CA ASN A 216 4.30 24.83 19.07
C ASN A 216 3.80 23.69 18.20
N SER A 217 4.38 23.54 17.01
CA SER A 217 3.92 22.53 16.03
C SER A 217 4.78 21.25 15.93
N VAL A 218 5.80 21.14 16.77
CA VAL A 218 6.78 20.04 16.65
C VAL A 218 6.83 19.17 17.92
N THR A 219 6.73 17.85 17.72
CA THR A 219 6.84 16.89 18.79
C THR A 219 8.03 15.94 18.53
N THR A 220 8.80 15.64 19.57
CA THR A 220 9.82 14.61 19.48
C THR A 220 9.31 13.30 20.09
N VAL A 221 9.31 12.22 19.32
CA VAL A 221 8.87 10.92 19.86
C VAL A 221 10.04 10.27 20.61
N LEU A 222 9.78 9.77 21.81
CA LEU A 222 10.81 9.26 22.71
C LEU A 222 10.97 7.72 22.70
N LEU A 223 10.19 7.03 21.86
CA LEU A 223 10.23 5.57 21.82
C LEU A 223 11.53 5.10 21.15
N ASP A 224 12.09 4.01 21.66
CA ASP A 224 13.32 3.50 21.07
C ASP A 224 12.99 2.55 19.92
N GLU A 225 14.00 1.88 19.37
CA GLU A 225 13.82 0.96 18.23
C GLU A 225 12.80 -0.15 18.46
N ASN A 226 12.57 -0.48 19.73
CA ASN A 226 11.59 -1.49 20.12
C ASN A 226 10.20 -0.95 20.49
N GLY A 227 9.99 0.35 20.32
CA GLY A 227 8.72 0.98 20.71
C GLY A 227 8.58 1.30 22.19
N VAL A 228 9.70 1.35 22.92
CA VAL A 228 9.68 1.63 24.35
C VAL A 228 10.34 2.99 24.66
N GLY A 229 9.58 3.86 25.34
CA GLY A 229 10.12 5.12 25.82
C GLY A 229 10.78 4.94 27.17
N PRO A 230 11.40 6.02 27.70
CA PRO A 230 11.95 6.00 29.05
C PRO A 230 10.91 5.56 30.08
N LEU A 231 11.33 4.74 31.05
CA LEU A 231 10.42 4.20 32.07
C LEU A 231 10.79 4.78 33.41
N CYS A 232 9.81 5.37 34.10
CA CYS A 232 10.10 6.20 35.29
C CYS A 232 10.20 5.42 36.59
N LYS A 233 11.43 5.08 36.97
CA LYS A 233 11.67 4.37 38.21
C LYS A 233 11.22 5.18 39.43
N GLY A 234 10.53 4.51 40.35
CA GLY A 234 9.94 5.15 41.52
C GLY A 234 9.00 6.30 41.17
N ASP A 235 8.38 6.21 39.99
CA ASP A 235 7.44 7.23 39.47
C ASP A 235 8.04 8.62 39.39
N LYS A 236 9.30 8.71 38.97
CA LYS A 236 9.99 9.99 38.84
C LYS A 236 10.44 10.19 37.41
N LEU A 237 10.15 11.38 36.89
CA LEU A 237 10.59 11.76 35.56
C LEU A 237 11.72 12.77 35.71
N PHE A 238 12.77 12.62 34.89
CA PHE A 238 13.94 13.49 34.94
C PHE A 238 14.04 14.32 33.68
N LEU A 239 14.05 15.64 33.86
CA LEU A 239 14.17 16.58 32.76
C LEU A 239 15.48 17.36 32.90
N SER A 240 16.29 17.39 31.85
CA SER A 240 17.59 18.05 31.91
C SER A 240 17.80 18.94 30.70
N ALA A 241 18.59 20.00 30.87
CA ALA A 241 18.77 20.97 29.81
C ALA A 241 20.00 21.82 30.00
N VAL A 242 20.46 22.37 28.88
CA VAL A 242 21.29 23.59 28.90
C VAL A 242 21.02 24.35 27.60
N ASP A 243 20.86 25.65 27.71
CA ASP A 243 20.65 26.47 26.53
C ASP A 243 21.47 27.77 26.60
N ILE A 244 22.76 27.61 26.33
CA ILE A 244 23.68 28.71 26.19
C ILE A 244 23.46 29.32 24.80
N VAL A 245 23.03 30.57 24.75
CA VAL A 245 22.66 31.18 23.45
C VAL A 245 23.74 32.12 22.92
N GLY A 246 24.82 32.27 23.68
CA GLY A 246 26.01 32.97 23.21
C GLY A 246 26.61 33.80 24.32
N ILE A 247 27.36 34.82 23.93
CA ILE A 247 28.15 35.65 24.84
C ILE A 247 27.74 37.13 24.68
N HIS A 248 27.51 37.80 25.80
CA HIS A 248 27.32 39.24 25.80
C HIS A 248 28.61 39.94 26.11
N THR A 249 29.01 40.89 25.27
CA THR A 249 30.22 41.67 25.49
C THR A 249 29.87 43.05 26.05
N ASN A 250 30.49 43.40 27.17
CA ASN A 250 30.31 44.69 27.81
C ASN A 250 31.15 45.79 27.18
N TYR A 251 30.86 47.04 27.53
CA TYR A 251 31.60 48.18 26.99
C TYR A 251 33.14 48.05 27.15
N SER A 252 33.58 47.59 28.32
CA SER A 252 35.00 47.36 28.64
C SER A 252 35.56 46.11 27.97
N GLU A 253 34.70 45.37 27.28
CA GLU A 253 35.06 44.12 26.60
C GLU A 253 35.12 42.87 27.50
N SER A 254 34.76 43.00 28.78
CA SER A 254 34.54 41.80 29.59
C SER A 254 33.31 41.10 29.03
N GLN A 255 33.12 39.82 29.38
CA GLN A 255 32.11 39.01 28.69
C GLN A 255 31.33 38.10 29.64
N ASN A 256 30.04 37.92 29.35
CA ASN A 256 29.18 37.08 30.17
C ASN A 256 28.47 36.07 29.27
N TRP A 257 28.49 34.79 29.66
CA TRP A 257 27.62 33.81 29.02
C TRP A 257 26.17 34.19 29.19
N ARG A 258 25.35 33.95 28.16
CA ARG A 258 23.90 34.15 28.29
C ARG A 258 23.13 32.84 28.06
N GLY A 259 22.17 32.56 28.92
CA GLY A 259 21.35 31.36 28.82
C GLY A 259 19.88 31.71 28.78
N LEU A 260 19.06 30.76 28.34
CA LEU A 260 17.61 30.92 28.29
C LEU A 260 16.93 29.71 28.90
N PRO A 261 15.71 29.90 29.43
CA PRO A 261 14.99 28.77 30.00
C PRO A 261 14.36 27.89 28.94
N ARG A 262 14.09 26.64 29.32
CA ARG A 262 13.49 25.64 28.45
C ARG A 262 12.22 25.08 29.09
N TYR A 263 11.19 24.99 28.26
CA TYR A 263 9.92 24.42 28.61
C TYR A 263 9.83 22.97 28.10
N PHE A 264 9.17 22.11 28.88
CA PHE A 264 8.95 20.72 28.50
C PHE A 264 7.46 20.42 28.66
N ASN A 265 6.89 19.73 27.67
CA ASN A 265 5.56 19.12 27.85
C ASN A 265 5.69 17.67 27.43
N VAL A 266 5.58 16.76 28.40
CA VAL A 266 5.84 15.34 28.17
C VAL A 266 4.54 14.54 28.33
N THR A 267 4.23 13.74 27.32
CA THR A 267 3.11 12.79 27.41
C THR A 267 3.64 11.42 27.87
N LEU A 268 2.95 10.82 28.83
CA LEU A 268 3.34 9.52 29.39
C LEU A 268 2.18 8.57 29.32
N ARG A 269 2.49 7.28 29.22
CA ARG A 269 1.46 6.25 29.26
C ARG A 269 1.87 5.14 30.24
N LYS A 270 0.91 4.28 30.55
CA LYS A 270 1.11 3.17 31.48
C LYS A 270 1.64 1.94 30.73
N ARG A 271 2.75 1.42 31.24
CA ARG A 271 3.44 0.28 30.66
C ARG A 271 3.50 -0.83 31.71
N VAL A 272 3.10 -2.02 31.30
CA VAL A 272 3.17 -3.20 32.14
C VAL A 272 4.60 -3.75 32.15
N VAL A 273 5.12 -4.04 33.34
CA VAL A 273 6.41 -4.71 33.46
C VAL A 273 6.26 -5.87 34.41
N LYS A 274 7.18 -6.83 34.32
CA LYS A 274 7.17 -7.95 35.23
C LYS A 274 7.75 -7.52 36.56
N ASN A 275 7.11 -7.96 37.64
CA ASN A 275 7.56 -7.70 39.00
C ASN A 275 8.92 -8.36 39.26
N PRO A 276 9.95 -7.55 39.52
CA PRO A 276 11.28 -8.10 39.80
C PRO A 276 11.41 -8.50 41.25
N VAL B 7 -14.73 22.92 25.94
CA VAL B 7 -15.60 22.80 24.73
C VAL B 7 -15.31 21.50 23.95
N GLU B 8 -16.27 20.59 23.99
CA GLU B 8 -16.12 19.27 23.34
C GLU B 8 -16.18 19.42 21.82
N VAL B 9 -15.07 19.09 21.16
CA VAL B 9 -14.99 19.23 19.71
C VAL B 9 -15.56 17.98 19.04
N LEU B 10 -16.44 18.17 18.06
CA LEU B 10 -17.03 17.04 17.33
C LEU B 10 -16.48 16.97 15.90
N GLU B 11 -17.30 16.60 14.93
CA GLU B 11 -16.82 16.33 13.56
C GLU B 11 -16.84 17.56 12.64
N VAL B 12 -16.16 17.47 11.50
CA VAL B 12 -16.18 18.50 10.47
C VAL B 12 -17.53 18.52 9.75
N ARG B 13 -18.13 19.70 9.61
CA ARG B 13 -19.36 19.85 8.84
C ARG B 13 -19.03 19.84 7.36
N THR B 14 -19.61 18.89 6.63
CA THR B 14 -19.41 18.78 5.19
C THR B 14 -20.55 19.50 4.47
N GLY B 15 -20.48 19.57 3.14
CA GLY B 15 -21.57 20.13 2.36
C GLY B 15 -21.06 21.31 1.58
N PRO B 16 -21.89 21.89 0.69
CA PRO B 16 -21.51 23.10 -0.05
C PRO B 16 -21.33 24.29 0.90
N ASP B 17 -20.47 25.24 0.54
CA ASP B 17 -20.20 26.41 1.39
C ASP B 17 -19.77 26.03 2.81
N ALA B 18 -19.02 24.96 2.98
CA ALA B 18 -18.50 24.62 4.31
C ALA B 18 -17.08 25.15 4.48
N ILE B 19 -16.54 25.70 3.39
CA ILE B 19 -15.17 26.21 3.35
C ILE B 19 -15.22 27.70 3.04
N THR B 20 -14.36 28.46 3.70
CA THR B 20 -14.16 29.84 3.34
C THR B 20 -12.66 30.15 3.38
N GLN B 21 -12.30 31.33 2.89
CA GLN B 21 -10.92 31.72 2.72
C GLN B 21 -10.85 33.22 2.95
N ILE B 22 -9.90 33.65 3.76
CA ILE B 22 -9.68 35.09 3.99
C ILE B 22 -8.25 35.41 3.63
N GLU B 23 -8.01 36.65 3.22
CA GLU B 23 -6.66 37.13 3.11
C GLU B 23 -6.50 38.48 3.80
N ALA B 24 -5.27 38.78 4.21
CA ALA B 24 -4.95 39.98 4.97
C ALA B 24 -3.45 40.29 4.84
N TYR B 25 -3.09 41.54 5.07
CA TYR B 25 -1.67 41.87 5.24
C TYR B 25 -1.51 42.64 6.53
N LEU B 26 -0.37 42.42 7.18
CA LEU B 26 -0.02 43.15 8.40
C LEU B 26 1.23 43.97 8.10
N ASN B 27 1.12 45.28 8.32
CA ASN B 27 2.27 46.18 8.19
C ASN B 27 3.19 46.10 9.41
N PRO B 28 4.50 46.25 9.19
CA PRO B 28 5.49 46.12 10.28
C PRO B 28 5.37 47.24 11.31
N ARG B 29 5.66 46.91 12.55
CA ARG B 29 5.65 47.90 13.63
C ARG B 29 7.05 48.00 14.23
N MET B 30 7.94 48.68 13.52
CA MET B 30 9.36 48.76 13.93
C MET B 30 9.64 49.85 14.96
N GLY B 31 8.68 50.78 15.13
CA GLY B 31 8.84 51.93 16.04
C GLY B 31 8.22 53.20 15.46
N ASN B 32 8.56 53.50 14.20
CA ASN B 32 7.84 54.50 13.43
C ASN B 32 6.62 53.80 12.83
N ASN B 33 5.51 53.84 13.55
CA ASN B 33 4.33 53.03 13.26
C ASN B 33 3.18 53.80 12.66
N ASN B 34 3.38 55.09 12.44
CA ASN B 34 2.40 55.93 11.77
C ASN B 34 2.78 56.04 10.27
N PRO B 35 1.84 55.68 9.36
CA PRO B 35 2.14 55.77 7.92
C PRO B 35 2.52 57.18 7.42
N THR B 36 2.30 58.22 8.21
CA THR B 36 2.83 59.55 7.85
C THR B 36 4.26 59.81 8.37
N ASP B 37 4.81 58.92 9.20
CA ASP B 37 6.21 59.01 9.65
C ASP B 37 7.15 58.94 8.45
N GLU B 38 8.09 59.86 8.36
CA GLU B 38 9.09 59.84 7.30
C GLU B 38 9.79 58.45 7.18
N LEU B 39 10.15 57.85 8.32
CA LEU B 39 10.79 56.52 8.31
C LEU B 39 9.84 55.39 8.71
N TYR B 40 8.59 55.49 8.25
CA TYR B 40 7.62 54.41 8.42
C TYR B 40 8.23 53.10 7.91
N GLY B 41 8.11 52.04 8.71
CA GLY B 41 8.69 50.73 8.39
C GLY B 41 10.09 50.52 8.94
N TYR B 42 10.58 51.52 9.70
CA TYR B 42 11.86 51.49 10.39
C TYR B 42 11.63 51.89 11.84
N SER B 43 12.59 51.58 12.71
CA SER B 43 12.62 52.20 14.04
C SER B 43 13.33 53.55 13.91
N ALA B 44 13.26 54.39 14.95
CA ALA B 44 14.11 55.57 14.97
C ALA B 44 15.53 55.10 15.28
N ASP B 45 16.51 56.01 15.13
CA ASP B 45 17.88 55.74 15.53
C ASP B 45 17.90 55.08 16.90
N ILE B 46 18.55 53.92 17.01
CA ILE B 46 18.68 53.20 18.28
C ILE B 46 19.37 54.11 19.31
N ASN B 47 18.75 54.30 20.48
CA ASN B 47 19.40 54.97 21.61
C ASN B 47 19.84 53.96 22.66
N VAL B 48 21.16 53.92 22.84
CA VAL B 48 21.86 52.89 23.59
C VAL B 48 21.95 53.30 25.06
N ALA B 49 21.83 52.34 25.96
CA ALA B 49 22.05 52.56 27.39
C ALA B 49 23.45 53.12 27.67
N SER B 50 23.58 53.99 28.67
CA SER B 50 24.88 54.42 29.15
C SER B 50 25.43 53.42 30.16
N SER B 51 24.53 52.68 30.81
CA SER B 51 24.94 51.73 31.83
C SER B 51 23.91 50.62 32.05
N LYS B 52 24.25 49.69 32.93
CA LYS B 52 23.31 48.72 33.42
C LYS B 52 22.11 49.47 34.03
N ALA B 53 22.37 50.41 34.95
CA ALA B 53 21.31 51.11 35.70
C ALA B 53 20.47 52.06 34.86
N SER B 54 21.05 52.61 33.80
CA SER B 54 20.40 53.66 33.04
C SER B 54 20.19 53.25 31.60
N ASP B 55 18.98 52.76 31.31
CA ASP B 55 18.67 52.20 29.99
C ASP B 55 17.22 52.55 29.70
N ASN B 56 17.03 53.62 28.93
CA ASN B 56 15.72 54.18 28.61
C ASN B 56 15.48 54.20 27.12
N PRO B 57 15.24 53.02 26.51
CA PRO B 57 15.02 53.03 25.06
C PRO B 57 13.78 53.83 24.70
N ASN B 58 13.85 54.63 23.64
CA ASN B 58 12.69 55.36 23.17
C ASN B 58 11.70 54.41 22.54
N ALA B 59 10.40 54.70 22.70
CA ALA B 59 9.33 53.85 22.15
C ALA B 59 9.51 53.63 20.64
N THR B 60 9.97 54.67 19.96
CA THR B 60 10.17 54.59 18.52
C THR B 60 11.34 53.69 18.13
N THR B 61 12.12 53.21 19.10
CA THR B 61 13.30 52.38 18.80
C THR B 61 13.07 50.91 19.08
N LEU B 62 11.87 50.57 19.54
CA LEU B 62 11.55 49.20 19.94
C LEU B 62 10.52 48.52 19.03
N PRO B 63 10.95 47.54 18.21
CA PRO B 63 9.97 46.79 17.38
C PRO B 63 8.95 46.01 18.20
N THR B 64 7.71 46.05 17.74
CA THR B 64 6.61 45.40 18.45
C THR B 64 5.91 44.38 17.54
N TYR B 65 5.08 43.52 18.13
CA TYR B 65 4.31 42.59 17.33
C TYR B 65 3.18 43.28 16.59
N SER B 66 2.95 42.81 15.37
CA SER B 66 1.77 43.13 14.60
C SER B 66 0.66 42.14 14.96
N VAL B 67 -0.57 42.64 15.07
CA VAL B 67 -1.74 41.76 15.23
C VAL B 67 -2.94 42.36 14.51
N ALA B 68 -3.71 41.50 13.84
CA ALA B 68 -5.01 41.87 13.26
C ALA B 68 -6.05 40.81 13.59
N VAL B 69 -7.28 41.24 13.82
CA VAL B 69 -8.41 40.36 14.04
C VAL B 69 -9.26 40.37 12.78
N ILE B 70 -9.53 39.19 12.22
CA ILE B 70 -10.36 39.05 11.03
C ILE B 70 -11.72 38.51 11.46
N LYS B 71 -12.78 39.26 11.16
CA LYS B 71 -14.14 38.85 11.51
C LYS B 71 -14.64 37.90 10.44
N LEU B 72 -15.18 36.76 10.86
CA LEU B 72 -15.66 35.75 9.91
C LEU B 72 -17.18 35.74 9.93
N PRO B 73 -17.82 35.18 8.88
CA PRO B 73 -19.28 35.17 8.85
C PRO B 73 -19.86 34.44 10.08
N MET B 74 -20.95 34.96 10.64
CA MET B 74 -21.59 34.31 11.77
C MET B 74 -22.21 32.98 11.36
N LEU B 75 -22.24 32.03 12.28
CA LEU B 75 -22.57 30.64 11.94
C LEU B 75 -23.78 30.08 12.68
N ASN B 76 -24.03 30.60 13.87
CA ASN B 76 -25.09 30.05 14.70
C ASN B 76 -26.23 31.04 14.89
N GLU B 77 -27.38 30.72 14.31
CA GLU B 77 -28.57 31.54 14.52
C GLU B 77 -29.07 31.29 15.93
N ASP B 78 -29.57 30.08 16.16
CA ASP B 78 -29.98 29.67 17.50
C ASP B 78 -28.77 29.29 18.36
N MET B 79 -28.69 29.84 19.56
CA MET B 79 -27.70 29.41 20.52
C MET B 79 -28.33 28.46 21.50
N THR B 80 -29.46 27.92 21.11
CA THR B 80 -30.23 26.96 21.91
C THR B 80 -29.72 25.57 21.61
N CYS B 81 -29.43 25.34 20.34
CA CYS B 81 -29.08 24.03 19.84
C CYS B 81 -28.10 23.23 20.58
N ASP B 82 -28.27 21.93 20.50
CA ASP B 82 -27.43 21.02 21.21
C ASP B 82 -26.01 21.14 20.71
N THR B 83 -25.84 21.54 19.48
CA THR B 83 -24.51 21.70 18.92
C THR B 83 -24.34 23.03 18.20
N LEU B 84 -23.12 23.51 18.16
CA LEU B 84 -22.79 24.76 17.47
C LEU B 84 -21.70 24.56 16.43
N LEU B 85 -21.58 25.52 15.51
CA LEU B 85 -20.50 25.52 14.52
C LEU B 85 -19.50 26.62 14.85
N MET B 86 -18.20 26.31 14.72
CA MET B 86 -17.14 27.30 14.78
C MET B 86 -16.29 27.23 13.52
N TRP B 87 -15.69 28.35 13.13
CA TRP B 87 -14.73 28.29 12.03
C TRP B 87 -13.43 27.70 12.54
N GLU B 88 -12.89 26.77 11.75
CA GLU B 88 -11.64 26.07 12.08
C GLU B 88 -10.58 26.40 11.04
N ALA B 89 -9.49 27.02 11.45
CA ALA B 89 -8.40 27.34 10.53
C ALA B 89 -7.60 26.08 10.18
N VAL B 90 -7.53 25.78 8.88
CA VAL B 90 -7.03 24.50 8.36
C VAL B 90 -5.60 24.64 7.80
N SER B 91 -5.36 25.74 7.10
CA SER B 91 -4.07 25.94 6.45
C SER B 91 -3.85 27.41 6.13
N VAL B 92 -2.59 27.77 5.94
CA VAL B 92 -2.22 29.16 5.62
C VAL B 92 -1.11 29.19 4.57
N LYS B 93 -1.23 30.05 3.57
CA LYS B 93 -0.09 30.52 2.78
C LYS B 93 0.26 31.88 3.32
N THR B 94 1.53 32.10 3.62
CA THR B 94 1.97 33.36 4.18
C THR B 94 3.29 33.74 3.53
N GLU B 95 3.52 35.04 3.36
CA GLU B 95 4.62 35.54 2.56
C GLU B 95 5.12 36.87 3.12
N VAL B 96 6.44 37.03 3.20
CA VAL B 96 7.04 38.33 3.51
C VAL B 96 7.15 39.12 2.20
N MET B 97 6.54 40.30 2.16
CA MET B 97 6.42 41.06 0.92
C MET B 97 7.52 42.11 0.80
N GLY B 98 7.88 42.47 -0.43
CA GLY B 98 8.89 43.49 -0.68
C GLY B 98 10.30 43.10 -0.25
N ILE B 99 10.59 41.80 -0.28
CA ILE B 99 11.91 41.28 0.06
C ILE B 99 12.98 41.92 -0.83
N SER B 100 12.71 42.01 -2.14
CA SER B 100 13.66 42.58 -3.09
C SER B 100 13.95 44.10 -2.91
N SER B 101 13.14 44.79 -2.12
CA SER B 101 13.43 46.18 -1.78
C SER B 101 14.80 46.32 -1.08
N LEU B 102 15.27 45.22 -0.49
CA LEU B 102 16.58 45.21 0.19
C LEU B 102 17.76 45.20 -0.79
N VAL B 103 17.47 44.81 -2.04
CA VAL B 103 18.49 44.69 -3.08
C VAL B 103 18.72 46.09 -3.64
N ASN B 104 19.43 46.89 -2.86
CA ASN B 104 19.54 48.31 -3.09
C ASN B 104 20.88 48.73 -2.49
N LEU B 105 21.77 49.24 -3.33
CA LEU B 105 23.10 49.67 -2.83
C LEU B 105 23.37 51.16 -2.97
N HIS B 106 22.33 51.96 -3.18
CA HIS B 106 22.46 53.40 -3.37
C HIS B 106 21.81 54.24 -2.30
N GLN B 107 21.01 53.61 -1.43
CA GLN B 107 20.38 54.33 -0.32
C GLN B 107 21.46 55.04 0.52
N GLY B 108 21.15 56.27 0.93
CA GLY B 108 22.05 57.03 1.81
C GLY B 108 22.43 56.22 3.03
N GLY B 109 23.72 56.19 3.36
CA GLY B 109 24.19 55.39 4.48
C GLY B 109 25.70 55.32 4.62
N LYS B 110 26.18 54.13 4.95
CA LYS B 110 27.61 53.88 5.19
C LYS B 110 28.21 53.14 4.01
N TYR B 111 29.34 53.63 3.50
CA TYR B 111 29.96 53.00 2.34
C TYR B 111 30.48 51.62 2.69
N ILE B 112 30.34 50.68 1.75
CA ILE B 112 30.88 49.34 1.90
C ILE B 112 32.40 49.39 2.08
N TYR B 113 33.07 50.14 1.21
CA TYR B 113 34.50 50.41 1.32
C TYR B 113 34.66 51.93 1.46
N GLY B 114 35.31 52.58 0.50
CA GLY B 114 35.37 54.04 0.47
C GLY B 114 34.19 54.70 -0.24
N SER B 115 34.34 56.01 -0.47
CA SER B 115 33.27 56.85 -1.00
C SER B 115 32.95 56.61 -2.48
N SER B 116 33.73 55.77 -3.16
CA SER B 116 33.39 55.37 -4.54
C SER B 116 32.49 54.13 -4.59
N SER B 117 32.28 53.48 -3.45
CA SER B 117 31.53 52.22 -3.42
C SER B 117 30.03 52.42 -3.18
N GLY B 118 29.26 51.34 -3.29
CA GLY B 118 27.85 51.35 -2.85
C GLY B 118 27.76 51.42 -1.34
N THR B 119 26.55 51.55 -0.80
CA THR B 119 26.38 51.55 0.66
C THR B 119 25.99 50.19 1.22
N ILE B 120 26.27 49.95 2.50
CA ILE B 120 25.92 48.69 3.19
C ILE B 120 24.39 48.49 3.25
N PRO B 121 23.90 47.34 2.70
CA PRO B 121 22.45 47.11 2.74
C PRO B 121 22.01 46.63 4.12
N VAL B 122 20.70 46.42 4.28
CA VAL B 122 20.14 45.98 5.55
C VAL B 122 20.67 44.59 5.94
N GLN B 123 21.25 44.50 7.14
CA GLN B 123 21.85 43.24 7.63
C GLN B 123 21.90 43.22 9.15
N GLY B 124 22.25 42.10 9.75
CA GLY B 124 22.26 41.95 11.22
C GLY B 124 21.16 41.02 11.68
N THR B 125 20.79 41.13 12.96
CA THR B 125 19.74 40.29 13.57
C THR B 125 18.43 40.29 12.76
N THR B 126 17.88 39.08 12.52
CA THR B 126 16.56 38.94 11.92
C THR B 126 15.62 38.16 12.84
N LEU B 127 14.35 38.49 12.80
CA LEU B 127 13.38 37.73 13.56
C LEU B 127 12.10 37.66 12.74
N HIS B 128 11.66 36.44 12.44
CA HIS B 128 10.42 36.22 11.69
C HIS B 128 9.52 35.37 12.49
N MET B 129 8.26 35.78 12.57
CA MET B 129 7.22 35.00 13.24
C MET B 129 5.88 35.25 12.59
N PHE B 130 5.10 34.19 12.43
CA PHE B 130 3.68 34.34 12.12
C PHE B 130 2.89 33.39 13.01
N SER B 131 1.66 33.79 13.33
CA SER B 131 0.77 32.91 14.07
C SER B 131 -0.65 33.07 13.59
N VAL B 132 -1.41 31.97 13.65
CA VAL B 132 -2.80 31.95 13.26
C VAL B 132 -3.55 31.29 14.42
N GLY B 133 -4.52 31.99 15.01
CA GLY B 133 -5.22 31.44 16.17
C GLY B 133 -6.67 31.87 16.25
N GLY B 134 -7.42 31.22 17.14
CA GLY B 134 -8.82 31.55 17.36
C GLY B 134 -9.05 32.42 18.58
N GLU B 135 -7.99 33.13 18.99
CA GLU B 135 -7.98 34.02 20.16
C GLU B 135 -6.58 34.66 20.20
N PRO B 136 -6.35 35.70 21.05
CA PRO B 136 -5.02 36.33 21.05
C PRO B 136 -3.89 35.35 21.39
N LEU B 137 -2.75 35.56 20.75
CA LEU B 137 -1.56 34.80 21.00
C LEU B 137 -1.18 35.04 22.46
N GLU B 138 -0.86 33.98 23.19
CA GLU B 138 -0.48 34.10 24.58
C GLU B 138 1.05 34.27 24.70
N LEU B 139 1.45 35.19 25.57
CA LEU B 139 2.85 35.64 25.60
C LEU B 139 3.47 35.43 26.97
N GLN B 140 4.79 35.23 26.96
CA GLN B 140 5.61 35.16 28.16
C GLN B 140 6.64 36.27 28.11
N GLY B 141 6.87 36.94 29.25
CA GLY B 141 7.83 38.04 29.33
C GLY B 141 9.21 37.59 29.80
N LEU B 142 10.24 38.11 29.15
CA LEU B 142 11.64 37.83 29.51
C LEU B 142 12.49 38.90 28.83
N VAL B 143 13.39 39.51 29.60
CA VAL B 143 14.22 40.61 29.08
C VAL B 143 15.71 40.35 29.22
N ALA B 144 16.51 41.05 28.42
CA ALA B 144 17.97 41.08 28.60
C ALA B 144 18.37 41.75 29.92
N SER B 145 17.60 42.76 30.33
CA SER B 145 17.94 43.50 31.56
C SER B 145 16.71 43.97 32.31
N SER B 146 16.60 43.55 33.56
CA SER B 146 15.45 43.92 34.39
C SER B 146 15.53 45.36 34.90
N THR B 147 16.65 46.03 34.68
CA THR B 147 16.83 47.43 35.10
C THR B 147 16.53 48.44 33.99
N THR B 148 16.17 47.94 32.81
CA THR B 148 15.70 48.79 31.71
C THR B 148 14.40 49.53 32.11
N THR B 149 14.30 50.81 31.73
CA THR B 149 13.04 51.54 31.92
C THR B 149 12.36 51.63 30.57
N TYR B 150 11.29 50.85 30.40
CA TYR B 150 10.51 50.86 29.17
C TYR B 150 9.50 52.02 29.16
N PRO B 151 9.25 52.58 27.97
CA PRO B 151 8.22 53.61 27.82
C PRO B 151 6.89 53.12 28.44
N THR B 152 6.25 53.98 29.21
CA THR B 152 5.01 53.58 29.91
C THR B 152 3.83 53.36 28.96
N ASP B 153 3.87 53.92 27.74
CA ASP B 153 2.79 53.74 26.77
CA ASP B 153 2.80 53.73 26.77
C ASP B 153 2.89 52.41 26.01
N MET B 154 3.91 51.61 26.29
CA MET B 154 4.02 50.28 25.69
C MET B 154 3.55 49.29 26.74
N VAL B 155 3.22 48.07 26.33
CA VAL B 155 2.87 47.03 27.30
C VAL B 155 4.10 46.17 27.62
N THR B 156 4.61 46.30 28.83
CA THR B 156 5.80 45.55 29.23
C THR B 156 5.57 44.94 30.62
N ILE B 157 6.59 44.33 31.20
CA ILE B 157 6.46 43.66 32.50
C ILE B 157 6.39 44.68 33.63
N LYS B 158 5.33 44.57 34.44
CA LYS B 158 5.12 45.45 35.58
C LYS B 158 6.10 45.11 36.72
N ASN B 159 6.71 46.14 37.30
CA ASN B 159 7.66 45.98 38.41
C ASN B 159 8.65 44.81 38.27
N MET B 160 9.49 44.88 37.25
CA MET B 160 10.56 43.91 37.04
C MET B 160 11.53 43.75 38.22
N LYS B 161 11.99 42.51 38.40
CA LYS B 161 13.11 42.20 39.27
C LYS B 161 14.06 41.32 38.44
N PRO B 162 15.27 41.03 38.95
CA PRO B 162 16.21 40.28 38.11
C PRO B 162 15.71 38.90 37.66
N VAL B 163 14.73 38.34 38.36
CA VAL B 163 14.05 37.13 37.90
C VAL B 163 13.57 37.24 36.45
N ASN B 164 13.19 38.45 36.02
CA ASN B 164 12.64 38.64 34.68
C ASN B 164 13.65 38.54 33.53
N GLN B 165 14.91 38.37 33.88
CA GLN B 165 15.97 38.05 32.92
C GLN B 165 15.96 36.53 32.58
N ALA B 166 15.12 35.77 33.29
CA ALA B 166 14.84 34.36 32.99
C ALA B 166 13.32 34.15 33.10
N LEU B 167 12.86 32.95 33.47
CA LEU B 167 11.43 32.64 33.49
C LEU B 167 10.79 32.99 34.82
N ASP B 168 9.95 34.01 34.79
CA ASP B 168 9.09 34.38 35.90
C ASP B 168 7.69 34.00 35.47
N PRO B 169 7.08 33.01 36.16
CA PRO B 169 5.81 32.45 35.72
C PRO B 169 4.64 33.44 35.81
N ASN B 170 4.85 34.58 36.47
CA ASN B 170 3.83 35.63 36.54
C ASN B 170 3.89 36.64 35.41
N ALA B 171 4.95 36.63 34.61
CA ALA B 171 5.08 37.62 33.53
C ALA B 171 4.40 37.10 32.27
N LYS B 172 3.08 37.25 32.22
CA LYS B 172 2.29 36.70 31.12
C LYS B 172 1.48 37.81 30.48
N ALA B 173 1.16 37.67 29.21
CA ALA B 173 0.32 38.68 28.56
C ALA B 173 -0.45 38.05 27.40
N LEU B 174 -1.41 38.82 26.87
CA LEU B 174 -2.10 38.49 25.64
C LEU B 174 -1.64 39.47 24.59
N LEU B 175 -1.40 38.98 23.37
CA LEU B 175 -1.11 39.88 22.25
C LEU B 175 -2.44 40.41 21.72
N ASP B 176 -2.94 41.47 22.35
CA ASP B 176 -4.28 41.98 22.07
C ASP B 176 -4.31 43.42 21.54
N LYS B 177 -3.12 43.96 21.25
CA LYS B 177 -2.93 45.32 20.72
C LYS B 177 -1.79 45.33 19.68
N ASP B 178 -2.06 45.95 18.54
CA ASP B 178 -1.08 46.07 17.47
C ASP B 178 -0.04 47.13 17.86
N GLY B 179 1.23 46.86 17.59
CA GLY B 179 2.29 47.85 17.81
C GLY B 179 2.48 48.31 19.24
N LYS B 180 2.23 47.44 20.21
CA LYS B 180 2.37 47.78 21.65
C LYS B 180 3.25 46.85 22.49
N TYR B 181 3.46 45.61 22.02
CA TYR B 181 4.21 44.58 22.76
C TYR B 181 5.60 44.40 22.16
N PRO B 182 6.64 44.90 22.86
CA PRO B 182 7.99 44.79 22.28
C PRO B 182 8.44 43.33 22.16
N VAL B 183 9.00 42.97 21.02
CA VAL B 183 9.55 41.62 20.84
C VAL B 183 10.69 41.34 21.85
N GLU B 184 11.40 42.37 22.29
CA GLU B 184 12.53 42.14 23.22
C GLU B 184 12.07 41.84 24.65
N VAL B 185 10.76 41.99 24.87
CA VAL B 185 10.15 41.72 26.18
C VAL B 185 9.25 40.47 26.14
N TRP B 186 8.56 40.26 25.01
CA TRP B 186 7.56 39.17 24.90
C TRP B 186 7.85 38.18 23.83
N SER B 187 7.53 36.91 24.11
CA SER B 187 7.63 35.87 23.10
C SER B 187 6.48 34.86 23.29
N PRO B 188 6.15 34.06 22.25
CA PRO B 188 5.00 33.17 22.42
C PRO B 188 5.22 32.21 23.60
N ASP B 189 4.17 32.03 24.41
CA ASP B 189 4.21 31.17 25.59
C ASP B 189 3.90 29.71 25.20
N PRO B 190 4.89 28.80 25.32
CA PRO B 190 4.62 27.40 24.91
C PRO B 190 3.81 26.60 25.92
N SER B 191 3.63 27.12 27.13
CA SER B 191 2.80 26.45 28.13
C SER B 191 1.30 26.68 27.89
N LYS B 192 0.95 27.58 26.98
CA LYS B 192 -0.46 27.83 26.68
C LYS B 192 -0.61 27.67 25.18
N ASN B 193 -1.36 28.57 24.55
CA ASN B 193 -1.50 28.60 23.08
C ASN B 193 -2.00 27.29 22.46
N GLU B 194 -2.89 26.62 23.17
CA GLU B 194 -3.55 25.40 22.72
CA GLU B 194 -3.50 25.38 22.69
C GLU B 194 -4.40 25.65 21.48
N ASN B 195 -4.85 26.89 21.33
CA ASN B 195 -5.77 27.28 20.27
C ASN B 195 -5.14 28.20 19.22
N THR B 196 -3.81 28.23 19.15
CA THR B 196 -3.08 29.04 18.19
C THR B 196 -1.90 28.24 17.68
N ARG B 197 -1.61 28.31 16.38
CA ARG B 197 -0.34 27.75 15.90
C ARG B 197 0.61 28.93 15.67
N TYR B 198 1.83 28.85 16.20
CA TYR B 198 2.86 29.87 15.94
C TYR B 198 4.14 29.25 15.39
N TYR B 199 4.85 30.01 14.55
CA TYR B 199 6.06 29.56 13.86
C TYR B 199 7.06 30.73 13.83
N GLY B 200 8.25 30.49 14.38
CA GLY B 200 9.24 31.54 14.58
C GLY B 200 10.66 31.12 14.21
N SER B 201 11.42 32.10 13.76
CA SER B 201 12.78 31.88 13.33
C SER B 201 13.64 33.10 13.62
N PHE B 202 14.80 32.85 14.24
CA PHE B 202 15.71 33.91 14.69
C PHE B 202 17.13 33.60 14.27
N THR B 203 17.79 34.59 13.67
CA THR B 203 19.26 34.56 13.50
C THR B 203 19.79 35.88 14.04
N GLY B 204 20.70 35.78 15.01
CA GLY B 204 21.27 36.95 15.66
C GLY B 204 22.46 37.53 14.93
N GLY B 205 23.31 38.23 15.69
CA GLY B 205 24.54 38.76 15.11
C GLY B 205 24.42 40.22 14.71
N ALA B 206 25.57 40.87 14.65
CA ALA B 206 25.63 42.30 14.41
C ALA B 206 25.43 42.65 12.93
N THR B 207 26.00 41.85 12.04
CA THR B 207 26.08 42.21 10.62
C THR B 207 25.69 41.05 9.68
N THR B 208 25.10 39.99 10.23
CA THR B 208 24.70 38.78 9.50
C THR B 208 23.86 39.02 8.24
N PRO B 209 24.25 38.40 7.11
CA PRO B 209 23.45 38.56 5.90
C PRO B 209 22.04 37.96 6.11
N PRO B 210 20.98 38.72 5.79
CA PRO B 210 19.64 38.14 5.89
C PRO B 210 19.37 37.14 4.78
N VAL B 211 18.56 36.14 5.08
CA VAL B 211 18.17 35.14 4.10
C VAL B 211 16.64 35.00 4.09
N MET B 212 16.04 35.13 2.91
CA MET B 212 14.59 34.98 2.81
C MET B 212 14.17 34.30 1.52
N GLN B 213 13.09 33.51 1.59
CA GLN B 213 12.47 32.87 0.44
C GLN B 213 11.15 33.52 0.16
N PHE B 214 10.73 33.48 -1.10
CA PHE B 214 9.39 33.90 -1.48
C PHE B 214 8.86 33.05 -2.63
N THR B 215 7.63 32.58 -2.46
CA THR B 215 6.97 31.69 -3.45
C THR B 215 5.45 31.68 -3.21
N ASN B 216 4.66 31.34 -4.22
CA ASN B 216 3.24 31.10 -3.96
C ASN B 216 2.88 29.61 -3.95
N SER B 217 3.89 28.74 -3.74
CA SER B 217 3.67 27.30 -3.88
C SER B 217 3.63 26.54 -2.56
N VAL B 218 3.76 27.23 -1.44
CA VAL B 218 3.96 26.57 -0.15
C VAL B 218 2.79 26.84 0.81
N THR B 219 2.25 25.78 1.40
CA THR B 219 1.17 25.93 2.36
C THR B 219 1.57 25.30 3.68
N THR B 220 1.23 25.96 4.78
CA THR B 220 1.37 25.36 6.09
C THR B 220 0.03 24.84 6.59
N VAL B 221 0.00 23.58 7.01
CA VAL B 221 -1.20 22.95 7.55
C VAL B 221 -1.27 23.19 9.05
N LEU B 222 -2.43 23.61 9.53
CA LEU B 222 -2.58 24.15 10.90
C LEU B 222 -3.20 23.19 11.89
N LEU B 223 -3.53 21.98 11.41
CA LEU B 223 -4.20 20.98 12.23
C LEU B 223 -3.23 20.41 13.26
N ASP B 224 -3.71 20.18 14.48
CA ASP B 224 -2.87 19.52 15.49
C ASP B 224 -2.88 17.99 15.25
N GLU B 225 -2.36 17.24 16.21
CA GLU B 225 -2.23 15.79 16.05
C GLU B 225 -3.55 15.05 16.18
N ASN B 226 -4.61 15.76 16.55
CA ASN B 226 -5.96 15.18 16.48
C ASN B 226 -6.73 15.65 15.26
N GLY B 227 -6.05 16.32 14.34
CA GLY B 227 -6.69 16.81 13.12
C GLY B 227 -7.52 18.07 13.31
N VAL B 228 -7.28 18.79 14.41
CA VAL B 228 -8.07 19.98 14.76
C VAL B 228 -7.23 21.23 14.66
N GLY B 229 -7.66 22.17 13.84
CA GLY B 229 -7.01 23.47 13.73
C GLY B 229 -7.52 24.46 14.78
N PRO B 230 -6.97 25.68 14.79
CA PRO B 230 -7.50 26.72 15.68
C PRO B 230 -9.01 26.94 15.45
N LEU B 231 -9.76 27.07 16.54
CA LEU B 231 -11.21 27.28 16.49
C LEU B 231 -11.53 28.73 16.87
N CYS B 232 -12.22 29.43 15.98
CA CYS B 232 -12.35 30.89 16.10
C CYS B 232 -13.44 31.30 17.08
N LYS B 233 -13.05 31.69 18.30
CA LYS B 233 -14.01 32.07 19.33
C LYS B 233 -14.68 33.38 18.94
N GLY B 234 -15.99 33.47 19.17
CA GLY B 234 -16.80 34.60 18.72
C GLY B 234 -16.57 34.94 17.26
N ASP B 235 -16.30 33.92 16.44
CA ASP B 235 -16.05 34.09 15.00
C ASP B 235 -14.95 35.10 14.67
N LYS B 236 -13.90 35.12 15.48
CA LYS B 236 -12.73 35.97 15.22
C LYS B 236 -11.49 35.13 14.95
N LEU B 237 -10.73 35.51 13.92
CA LEU B 237 -9.48 34.89 13.60
C LEU B 237 -8.36 35.89 13.89
N PHE B 238 -7.44 35.50 14.78
CA PHE B 238 -6.27 36.32 15.16
C PHE B 238 -5.04 35.97 14.33
N LEU B 239 -4.50 36.98 13.65
CA LEU B 239 -3.28 36.83 12.86
C LEU B 239 -2.21 37.70 13.52
N SER B 240 -1.05 37.14 13.80
CA SER B 240 0.01 37.94 14.45
C SER B 240 1.32 37.75 13.69
N ALA B 241 2.20 38.74 13.75
CA ALA B 241 3.47 38.64 13.00
C ALA B 241 4.52 39.61 13.48
N VAL B 242 5.77 39.26 13.21
CA VAL B 242 6.86 40.23 13.20
C VAL B 242 7.88 39.74 12.19
N ASP B 243 8.42 40.68 11.41
CA ASP B 243 9.43 40.35 10.38
C ASP B 243 10.52 41.41 10.33
N ILE B 244 11.43 41.33 11.29
CA ILE B 244 12.60 42.18 11.34
C ILE B 244 13.62 41.54 10.41
N VAL B 245 14.01 42.29 9.39
CA VAL B 245 14.89 41.77 8.34
C VAL B 245 16.29 42.31 8.51
N GLY B 246 16.49 43.09 9.57
CA GLY B 246 17.83 43.56 9.92
C GLY B 246 17.92 45.02 10.28
N ILE B 247 19.13 45.56 10.15
CA ILE B 247 19.46 46.92 10.60
C ILE B 247 19.99 47.74 9.41
N HIS B 248 19.46 48.95 9.24
CA HIS B 248 20.08 49.87 8.31
C HIS B 248 21.03 50.77 9.06
N THR B 249 22.23 50.97 8.52
CA THR B 249 23.21 51.85 9.12
C THR B 249 23.29 53.17 8.34
N ASN B 250 23.17 54.27 9.08
CA ASN B 250 23.23 55.62 8.50
C ASN B 250 24.66 56.16 8.38
N TYR B 251 24.83 57.27 7.67
CA TYR B 251 26.14 57.82 7.42
C TYR B 251 26.89 58.12 8.72
N SER B 252 26.17 58.62 9.72
CA SER B 252 26.77 58.93 11.03
C SER B 252 26.98 57.66 11.87
N GLU B 253 26.57 56.52 11.30
CA GLU B 253 26.63 55.20 11.95
C GLU B 253 25.51 54.94 12.95
N SER B 254 24.57 55.87 13.05
CA SER B 254 23.30 55.59 13.73
C SER B 254 22.57 54.48 12.96
N GLN B 255 21.68 53.78 13.65
CA GLN B 255 21.06 52.57 13.08
C GLN B 255 19.56 52.48 13.30
N ASN B 256 18.86 51.98 12.29
CA ASN B 256 17.43 51.77 12.33
C ASN B 256 17.12 50.30 12.02
N TRP B 257 16.27 49.67 12.83
CA TRP B 257 15.65 48.39 12.47
C TRP B 257 14.86 48.56 11.23
N ARG B 258 14.84 47.53 10.39
CA ARG B 258 14.01 47.51 9.20
C ARG B 258 13.08 46.28 9.29
N GLY B 259 11.82 46.50 8.95
CA GLY B 259 10.79 45.45 8.95
C GLY B 259 10.06 45.41 7.62
N LEU B 260 9.43 44.26 7.32
CA LEU B 260 8.63 44.10 6.11
C LEU B 260 7.23 43.60 6.44
N PRO B 261 6.26 43.92 5.56
CA PRO B 261 4.89 43.43 5.77
C PRO B 261 4.70 41.93 5.48
N ARG B 262 3.67 41.34 6.07
CA ARG B 262 3.42 39.92 5.87
C ARG B 262 2.01 39.67 5.41
N TYR B 263 1.89 38.87 4.36
CA TYR B 263 0.62 38.46 3.78
C TYR B 263 0.15 37.14 4.38
N PHE B 264 -1.16 37.02 4.57
CA PHE B 264 -1.77 35.77 5.02
C PHE B 264 -2.91 35.41 4.08
N ASN B 265 -2.99 34.15 3.67
CA ASN B 265 -4.17 33.60 3.02
C ASN B 265 -4.57 32.36 3.80
N VAL B 266 -5.69 32.44 4.52
CA VAL B 266 -6.09 31.36 5.42
C VAL B 266 -7.35 30.67 4.91
N THR B 267 -7.32 29.33 4.90
CA THR B 267 -8.49 28.54 4.58
C THR B 267 -9.11 28.03 5.87
N LEU B 268 -10.42 28.22 6.00
CA LEU B 268 -11.15 27.75 7.18
C LEU B 268 -12.31 26.87 6.77
N ARG B 269 -12.72 25.99 7.69
CA ARG B 269 -13.84 25.10 7.44
C ARG B 269 -14.74 25.11 8.66
N LYS B 270 -15.97 24.64 8.50
CA LYS B 270 -16.93 24.56 9.60
C LYS B 270 -16.72 23.32 10.46
N ARG B 271 -16.58 23.55 11.77
CA ARG B 271 -16.37 22.48 12.74
C ARG B 271 -17.54 22.44 13.74
N VAL B 272 -18.11 21.24 13.92
CA VAL B 272 -19.14 21.01 14.92
C VAL B 272 -18.55 20.91 16.33
N VAL B 273 -19.15 21.62 17.28
CA VAL B 273 -18.79 21.51 18.70
C VAL B 273 -20.04 21.35 19.55
N LYS B 274 -19.86 20.78 20.74
CA LYS B 274 -20.95 20.63 21.70
C LYS B 274 -21.25 21.96 22.38
N ASN B 275 -22.53 22.32 22.46
CA ASN B 275 -22.94 23.57 23.10
C ASN B 275 -22.64 23.55 24.60
N PRO B 276 -21.89 24.55 25.10
CA PRO B 276 -21.63 24.64 26.54
C PRO B 276 -22.63 25.52 27.27
N VAL C 7 -12.64 31.40 -15.56
CA VAL C 7 -13.16 30.24 -16.36
C VAL C 7 -13.33 28.97 -15.49
N GLU C 8 -14.36 28.19 -15.79
CA GLU C 8 -14.52 26.90 -15.15
C GLU C 8 -13.55 25.92 -15.83
N VAL C 9 -12.62 25.39 -15.03
CA VAL C 9 -11.61 24.44 -15.50
C VAL C 9 -12.14 23.00 -15.47
N LEU C 10 -12.09 22.31 -16.60
CA LEU C 10 -12.53 20.91 -16.64
C LEU C 10 -11.34 19.95 -16.66
N GLU C 11 -11.47 18.81 -17.35
CA GLU C 11 -10.45 17.76 -17.29
C GLU C 11 -9.29 18.00 -18.26
N VAL C 12 -8.19 17.29 -18.01
CA VAL C 12 -7.06 17.24 -18.94
C VAL C 12 -7.44 16.50 -20.22
N ARG C 13 -7.12 17.09 -21.37
CA ARG C 13 -7.32 16.41 -22.66
C ARG C 13 -6.23 15.38 -22.92
N THR C 14 -6.64 14.14 -23.16
CA THR C 14 -5.70 13.06 -23.44
C THR C 14 -5.59 12.83 -24.95
N GLY C 15 -4.69 11.92 -25.33
CA GLY C 15 -4.56 11.48 -26.72
C GLY C 15 -3.23 11.86 -27.32
N PRO C 16 -3.02 11.54 -28.62
CA PRO C 16 -1.81 11.96 -29.33
C PRO C 16 -1.72 13.48 -29.36
N ASP C 17 -0.49 14.01 -29.43
CA ASP C 17 -0.27 15.44 -29.63
C ASP C 17 -0.94 16.35 -28.57
N ALA C 18 -1.18 15.84 -27.38
CA ALA C 18 -1.79 16.64 -26.30
C ALA C 18 -0.75 17.38 -25.46
N ILE C 19 0.52 17.02 -25.64
CA ILE C 19 1.62 17.57 -24.87
C ILE C 19 2.53 18.39 -25.78
N THR C 20 3.09 19.47 -25.25
CA THR C 20 4.14 20.20 -25.94
C THR C 20 5.26 20.68 -25.00
N GLN C 21 6.39 21.03 -25.59
CA GLN C 21 7.51 21.59 -24.87
C GLN C 21 8.03 22.84 -25.57
N ILE C 22 8.32 23.87 -24.78
CA ILE C 22 9.07 25.01 -25.29
C ILE C 22 10.34 25.20 -24.47
N GLU C 23 11.32 25.85 -25.06
CA GLU C 23 12.47 26.31 -24.31
C GLU C 23 12.86 27.73 -24.70
N ALA C 24 13.45 28.45 -23.74
CA ALA C 24 13.86 29.83 -23.96
C ALA C 24 14.93 30.25 -22.94
N TYR C 25 15.68 31.30 -23.29
CA TYR C 25 16.59 31.92 -22.31
C TYR C 25 16.23 33.39 -22.17
N LEU C 26 16.44 33.93 -20.98
CA LEU C 26 16.23 35.36 -20.74
C LEU C 26 17.56 35.89 -20.28
N ASN C 27 18.10 36.87 -21.01
CA ASN C 27 19.33 37.52 -20.61
C ASN C 27 19.09 38.48 -19.45
N PRO C 28 20.11 38.68 -18.62
CA PRO C 28 19.91 39.54 -17.45
C PRO C 28 19.77 41.01 -17.83
N ARG C 29 19.06 41.76 -17.00
CA ARG C 29 18.88 43.20 -17.21
C ARG C 29 19.36 43.97 -15.96
N MET C 30 20.68 44.12 -15.85
CA MET C 30 21.30 44.71 -14.67
C MET C 30 21.40 46.23 -14.76
N GLY C 31 21.19 46.78 -15.95
CA GLY C 31 21.27 48.23 -16.17
C GLY C 31 21.94 48.56 -17.50
N ASN C 32 23.00 47.82 -17.81
CA ASN C 32 23.56 47.84 -19.15
C ASN C 32 22.86 46.71 -19.92
N ASN C 33 21.78 47.07 -20.61
CA ASN C 33 20.82 46.10 -21.09
C ASN C 33 20.85 45.95 -22.59
N ASN C 34 21.83 46.57 -23.22
CA ASN C 34 22.01 46.50 -24.65
C ASN C 34 23.24 45.61 -24.93
N PRO C 35 23.09 44.55 -25.75
CA PRO C 35 24.18 43.61 -26.01
C PRO C 35 25.47 44.24 -26.54
N THR C 36 25.39 45.45 -27.10
CA THR C 36 26.63 46.11 -27.52
C THR C 36 27.29 46.92 -26.40
N ASP C 37 26.60 47.08 -25.26
CA ASP C 37 27.18 47.72 -24.08
C ASP C 37 28.47 47.04 -23.65
N GLU C 38 29.49 47.85 -23.38
CA GLU C 38 30.77 47.36 -22.89
C GLU C 38 30.57 46.52 -21.61
N LEU C 39 29.64 46.94 -20.76
CA LEU C 39 29.38 46.26 -19.50
C LEU C 39 28.04 45.52 -19.49
N TYR C 40 27.62 45.02 -20.67
CA TYR C 40 26.45 44.14 -20.79
C TYR C 40 26.50 43.03 -19.74
N GLY C 41 25.37 42.81 -19.06
CA GLY C 41 25.31 41.85 -17.97
C GLY C 41 25.75 42.39 -16.62
N TYR C 42 26.03 43.70 -16.56
CA TYR C 42 26.40 44.40 -15.33
C TYR C 42 25.61 45.70 -15.21
N SER C 43 25.46 46.24 -14.01
CA SER C 43 24.95 47.60 -13.86
C SER C 43 26.10 48.56 -14.08
N ALA C 44 25.79 49.80 -14.46
CA ALA C 44 26.76 50.89 -14.37
C ALA C 44 27.21 51.06 -12.91
N ASP C 45 28.30 51.80 -12.68
CA ASP C 45 28.82 52.02 -11.33
C ASP C 45 27.72 52.55 -10.45
N ILE C 46 27.53 51.96 -9.28
CA ILE C 46 26.47 52.38 -8.35
C ILE C 46 26.66 53.85 -7.98
N ASN C 47 25.62 54.67 -8.19
CA ASN C 47 25.66 56.06 -7.71
C ASN C 47 24.80 56.28 -6.46
N VAL C 48 25.46 56.67 -5.39
CA VAL C 48 24.90 56.65 -4.03
C VAL C 48 24.20 57.97 -3.67
N ALA C 49 23.16 57.88 -2.84
CA ALA C 49 22.45 59.08 -2.34
C ALA C 49 23.35 59.92 -1.44
N SER C 50 23.25 61.25 -1.52
CA SER C 50 23.94 62.10 -0.55
C SER C 50 23.15 62.21 0.78
N SER C 51 21.86 61.92 0.73
CA SER C 51 21.00 62.12 1.90
C SER C 51 19.66 61.40 1.76
N LYS C 52 18.84 61.46 2.80
CA LYS C 52 17.46 61.00 2.71
C LYS C 52 16.67 61.76 1.61
N ALA C 53 16.85 63.06 1.52
CA ALA C 53 16.11 63.88 0.56
C ALA C 53 16.63 63.74 -0.88
N SER C 54 17.92 63.48 -1.03
CA SER C 54 18.53 63.45 -2.35
C SER C 54 19.07 62.07 -2.67
N ASP C 55 18.32 61.37 -3.53
CA ASP C 55 18.61 59.99 -3.92
C ASP C 55 18.11 59.79 -5.35
N ASN C 56 19.03 59.94 -6.30
CA ASN C 56 18.70 59.90 -7.73
C ASN C 56 19.48 58.82 -8.49
N PRO C 57 19.14 57.55 -8.27
CA PRO C 57 19.89 56.46 -8.92
C PRO C 57 19.73 56.53 -10.44
N ASN C 58 20.82 56.37 -11.19
CA ASN C 58 20.71 56.33 -12.65
C ASN C 58 20.05 55.04 -13.13
N ALA C 59 19.26 55.14 -14.19
CA ALA C 59 18.55 53.97 -14.76
C ALA C 59 19.51 52.79 -14.97
N THR C 60 20.74 53.10 -15.38
CA THR C 60 21.73 52.07 -15.69
C THR C 60 22.33 51.41 -14.44
N THR C 61 21.97 51.90 -13.27
CA THR C 61 22.46 51.31 -12.02
C THR C 61 21.44 50.39 -11.34
N LEU C 62 20.25 50.27 -11.92
CA LEU C 62 19.15 49.56 -11.26
C LEU C 62 18.71 48.27 -11.98
N PRO C 63 19.08 47.09 -11.43
CA PRO C 63 18.61 45.83 -12.01
C PRO C 63 17.09 45.78 -12.14
N THR C 64 16.62 45.25 -13.25
CA THR C 64 15.20 45.10 -13.51
C THR C 64 14.88 43.64 -13.80
N TYR C 65 13.60 43.29 -13.71
CA TYR C 65 13.15 41.96 -14.06
C TYR C 65 13.24 41.71 -15.55
N SER C 66 13.56 40.46 -15.90
CA SER C 66 13.46 40.01 -17.28
C SER C 66 12.10 39.36 -17.49
N VAL C 67 11.54 39.55 -18.67
CA VAL C 67 10.30 38.86 -19.02
C VAL C 67 10.27 38.52 -20.52
N ALA C 68 9.75 37.35 -20.85
CA ALA C 68 9.54 36.92 -22.23
C ALA C 68 8.12 36.34 -22.39
N VAL C 69 7.49 36.64 -23.52
CA VAL C 69 6.19 36.06 -23.85
C VAL C 69 6.40 35.05 -24.99
N ILE C 70 6.08 33.79 -24.74
CA ILE C 70 6.16 32.74 -25.76
C ILE C 70 4.77 32.51 -26.36
N LYS C 71 4.65 32.61 -27.67
CA LYS C 71 3.40 32.32 -28.35
C LYS C 71 3.32 30.81 -28.57
N LEU C 72 2.30 30.18 -28.00
CA LEU C 72 2.08 28.74 -28.13
C LEU C 72 1.21 28.47 -29.35
N PRO C 73 1.24 27.22 -29.86
CA PRO C 73 0.38 26.86 -31.00
C PRO C 73 -1.09 27.17 -30.74
N MET C 74 -1.76 27.72 -31.74
CA MET C 74 -3.16 28.11 -31.64
C MET C 74 -4.04 26.88 -31.44
N LEU C 75 -4.83 26.89 -30.37
CA LEU C 75 -5.56 25.69 -29.98
C LEU C 75 -6.98 25.61 -30.50
N ASN C 76 -7.66 26.75 -30.62
CA ASN C 76 -9.09 26.73 -30.88
C ASN C 76 -9.50 27.22 -32.27
N ASP C 78 -11.23 28.92 -34.29
CA ASP C 78 -12.63 28.91 -33.87
C ASP C 78 -12.81 29.23 -32.39
N MET C 79 -13.90 29.88 -32.02
CA MET C 79 -14.21 30.18 -30.64
C MET C 79 -15.64 29.89 -30.21
N THR C 80 -16.41 29.11 -30.97
CA THR C 80 -17.82 28.86 -30.58
C THR C 80 -18.06 27.79 -29.51
N CYS C 81 -17.43 26.63 -29.67
CA CYS C 81 -17.71 25.43 -28.89
C CYS C 81 -17.94 25.64 -27.41
N ASP C 82 -18.85 24.88 -26.83
CA ASP C 82 -19.14 25.03 -25.41
C ASP C 82 -17.90 24.89 -24.55
N THR C 83 -16.87 24.23 -25.06
CA THR C 83 -15.62 24.13 -24.35
C THR C 83 -14.45 24.52 -25.20
N LEU C 84 -13.43 25.04 -24.58
CA LEU C 84 -12.21 25.45 -25.26
C LEU C 84 -10.99 24.74 -24.65
N LEU C 85 -9.90 24.71 -25.42
CA LEU C 85 -8.66 24.17 -24.93
C LEU C 85 -7.72 25.31 -24.57
N MET C 86 -7.01 25.15 -23.45
CA MET C 86 -5.94 26.08 -23.08
C MET C 86 -4.67 25.27 -22.80
N TRP C 87 -3.51 25.84 -23.12
CA TRP C 87 -2.24 25.24 -22.73
C TRP C 87 -2.04 25.38 -21.23
N GLU C 88 -1.74 24.26 -20.58
CA GLU C 88 -1.52 24.24 -19.14
C GLU C 88 -0.06 23.91 -18.87
N ALA C 89 0.64 24.84 -18.20
CA ALA C 89 2.05 24.63 -17.86
C ALA C 89 2.16 23.61 -16.73
N VAL C 90 2.74 22.46 -17.04
CA VAL C 90 2.76 21.33 -16.11
C VAL C 90 4.02 21.30 -15.25
N SER C 91 5.18 21.49 -15.89
CA SER C 91 6.46 21.39 -15.19
C SER C 91 7.52 22.20 -15.92
N VAL C 92 8.61 22.51 -15.20
CA VAL C 92 9.69 23.32 -15.74
C VAL C 92 11.05 22.87 -15.23
N LYS C 93 11.98 22.73 -16.16
CA LYS C 93 13.40 22.63 -15.85
C LYS C 93 13.98 24.00 -16.10
N THR C 94 14.66 24.56 -15.09
CA THR C 94 15.25 25.90 -15.21
C THR C 94 16.65 25.97 -14.62
N GLU C 95 17.51 26.81 -15.22
CA GLU C 95 18.95 26.79 -14.94
C GLU C 95 19.55 28.18 -15.07
N VAL C 96 20.32 28.59 -14.09
CA VAL C 96 21.12 29.82 -14.22
C VAL C 96 22.39 29.44 -14.99
N MET C 97 22.58 30.04 -16.17
CA MET C 97 23.69 29.65 -17.04
C MET C 97 24.97 30.46 -16.80
N GLY C 98 26.12 29.83 -17.00
CA GLY C 98 27.40 30.55 -16.87
C GLY C 98 27.82 30.84 -15.44
N ILE C 99 27.37 30.01 -14.51
CA ILE C 99 27.77 30.11 -13.11
C ILE C 99 29.31 30.09 -12.98
N SER C 100 29.96 29.17 -13.69
CA SER C 100 31.42 29.03 -13.60
C SER C 100 32.23 30.25 -14.10
N SER C 101 31.59 31.15 -14.86
CA SER C 101 32.20 32.42 -15.22
C SER C 101 32.66 33.20 -13.98
N LEU C 102 32.03 32.95 -12.83
CA LEU C 102 32.42 33.63 -11.59
C LEU C 102 33.73 33.11 -10.97
N VAL C 103 34.15 31.93 -11.41
CA VAL C 103 35.35 31.26 -10.92
C VAL C 103 36.55 31.80 -11.69
N ASN C 104 36.98 33.00 -11.30
CA ASN C 104 37.91 33.83 -12.07
C ASN C 104 38.52 34.82 -11.09
N LEU C 105 39.81 34.69 -10.83
CA LEU C 105 40.50 35.62 -9.93
C LEU C 105 41.48 36.58 -10.61
N HIS C 106 41.48 36.56 -11.94
CA HIS C 106 42.42 37.40 -12.71
C HIS C 106 41.76 38.64 -13.27
N GLN C 107 40.43 38.68 -13.24
CA GLN C 107 39.68 39.84 -13.69
C GLN C 107 40.15 41.11 -12.95
N GLY C 108 40.14 42.24 -13.62
CA GLY C 108 40.47 43.52 -12.97
C GLY C 108 39.58 43.74 -11.75
N GLY C 109 40.18 44.18 -10.64
CA GLY C 109 39.39 44.48 -9.45
C GLY C 109 40.19 44.86 -8.22
N LYS C 110 39.59 44.63 -7.07
CA LYS C 110 40.20 44.89 -5.79
C LYS C 110 40.96 43.65 -5.36
N TYR C 111 42.23 43.81 -4.96
CA TYR C 111 43.07 42.69 -4.49
C TYR C 111 42.51 42.01 -3.24
N ILE C 112 42.64 40.68 -3.17
CA ILE C 112 42.19 39.94 -1.99
C ILE C 112 43.07 40.29 -0.78
N TYR C 113 44.39 40.22 -0.98
CA TYR C 113 45.34 40.70 0.01
C TYR C 113 46.10 41.89 -0.62
N GLY C 114 47.39 41.74 -0.88
CA GLY C 114 48.14 42.79 -1.57
C GLY C 114 48.18 42.60 -3.08
N SER C 115 48.99 43.40 -3.75
CA SER C 115 49.01 43.38 -5.21
C SER C 115 49.64 42.14 -5.87
N SER C 116 50.16 41.21 -5.06
CA SER C 116 50.56 39.91 -5.59
C SER C 116 49.42 38.89 -5.65
N SER C 117 48.33 39.15 -4.93
CA SER C 117 47.19 38.22 -4.87
C SER C 117 46.22 38.35 -6.06
N GLY C 118 45.23 37.46 -6.11
CA GLY C 118 44.13 37.54 -7.08
C GLY C 118 43.14 38.60 -6.62
N THR C 119 42.15 38.88 -7.46
CA THR C 119 41.16 39.93 -7.15
C THR C 119 39.94 39.31 -6.53
N ILE C 120 39.21 40.11 -5.76
CA ILE C 120 38.00 39.64 -5.09
C ILE C 120 36.94 39.31 -6.14
N PRO C 121 36.37 38.08 -6.10
CA PRO C 121 35.37 37.73 -7.09
C PRO C 121 34.02 38.32 -6.72
N VAL C 122 33.05 38.20 -7.63
CA VAL C 122 31.68 38.67 -7.43
C VAL C 122 31.09 38.10 -6.13
N GLN C 123 30.61 38.99 -5.26
CA GLN C 123 30.05 38.56 -3.97
C GLN C 123 29.07 39.62 -3.45
N GLY C 124 28.46 39.33 -2.29
CA GLY C 124 27.45 40.22 -1.71
C GLY C 124 26.03 39.76 -2.01
N THR C 125 25.11 40.71 -2.01
CA THR C 125 23.67 40.43 -2.17
C THR C 125 23.35 39.66 -3.46
N THR C 126 22.50 38.64 -3.33
CA THR C 126 22.02 37.86 -4.47
C THR C 126 20.50 37.77 -4.44
N LEU C 127 19.90 37.74 -5.61
CA LEU C 127 18.46 37.63 -5.71
C LEU C 127 18.15 36.76 -6.90
N HIS C 128 17.44 35.66 -6.64
CA HIS C 128 17.04 34.73 -7.68
C HIS C 128 15.55 34.54 -7.70
N MET C 129 14.97 34.75 -8.87
CA MET C 129 13.54 34.52 -9.05
C MET C 129 13.25 34.01 -10.45
N PHE C 130 12.36 33.02 -10.52
CA PHE C 130 11.79 32.64 -11.81
C PHE C 130 10.30 32.48 -11.63
N SER C 131 9.56 32.78 -12.68
CA SER C 131 8.15 32.52 -12.67
C SER C 131 7.67 32.04 -14.03
N VAL C 132 6.64 31.21 -13.98
CA VAL C 132 5.99 30.68 -15.16
C VAL C 132 4.51 30.91 -14.94
N GLY C 133 3.87 31.63 -15.87
CA GLY C 133 2.44 31.88 -15.77
C GLY C 133 1.73 32.03 -17.10
N GLY C 134 0.41 32.09 -17.05
CA GLY C 134 -0.41 32.19 -18.26
C GLY C 134 -0.83 33.62 -18.55
N GLU C 135 -0.15 34.57 -17.90
CA GLU C 135 -0.42 36.02 -18.00
C GLU C 135 0.71 36.74 -17.25
N PRO C 136 0.81 38.09 -17.39
CA PRO C 136 1.89 38.82 -16.70
C PRO C 136 1.91 38.55 -15.20
N LEU C 137 3.11 38.45 -14.64
CA LEU C 137 3.30 38.37 -13.19
C LEU C 137 2.74 39.65 -12.55
N GLU C 138 1.96 39.49 -11.50
CA GLU C 138 1.40 40.62 -10.79
C GLU C 138 2.38 41.06 -9.69
N LEU C 139 2.63 42.37 -9.62
CA LEU C 139 3.65 42.94 -8.75
C LEU C 139 3.07 43.84 -7.66
N GLN C 140 3.78 43.90 -6.54
CA GLN C 140 3.50 44.80 -5.42
C GLN C 140 4.68 45.76 -5.24
N GLY C 141 4.37 47.05 -5.11
CA GLY C 141 5.40 48.07 -4.93
C GLY C 141 5.77 48.21 -3.47
N LEU C 142 7.07 48.36 -3.21
CA LEU C 142 7.62 48.59 -1.86
C LEU C 142 9.09 48.99 -2.03
N VAL C 143 9.47 50.11 -1.42
CA VAL C 143 10.84 50.64 -1.55
C VAL C 143 11.50 50.88 -0.19
N ALA C 144 12.83 50.98 -0.19
CA ALA C 144 13.55 51.37 1.02
C ALA C 144 13.31 52.83 1.39
N SER C 145 13.07 53.67 0.38
CA SER C 145 12.89 55.09 0.63
C SER C 145 11.88 55.72 -0.31
N SER C 146 10.85 56.32 0.27
CA SER C 146 9.81 56.93 -0.55
C SER C 146 10.23 58.29 -1.11
N THR C 147 11.37 58.81 -0.64
CA THR C 147 11.88 60.10 -1.16
C THR C 147 12.90 59.90 -2.27
N THR C 148 13.08 58.66 -2.69
CA THR C 148 13.98 58.36 -3.79
C THR C 148 13.35 58.86 -5.08
N THR C 149 14.12 59.53 -5.93
CA THR C 149 13.63 59.92 -7.27
C THR C 149 14.12 58.89 -8.29
N TYR C 150 13.19 58.13 -8.85
CA TYR C 150 13.53 57.11 -9.84
C TYR C 150 13.51 57.69 -11.24
N PRO C 151 14.31 57.13 -12.16
CA PRO C 151 14.29 57.57 -13.56
C PRO C 151 12.87 57.51 -14.14
N THR C 152 12.44 58.58 -14.82
CA THR C 152 11.07 58.65 -15.36
C THR C 152 10.79 57.62 -16.45
N ASP C 153 11.85 57.14 -17.10
CA ASP C 153 11.74 56.14 -18.16
C ASP C 153 11.61 54.72 -17.66
N MET C 154 11.68 54.53 -16.35
CA MET C 154 11.44 53.22 -15.75
C MET C 154 10.00 53.18 -15.22
N VAL C 155 9.51 52.00 -14.85
CA VAL C 155 8.18 51.93 -14.28
C VAL C 155 8.30 51.74 -12.77
N THR C 156 7.91 52.77 -12.02
CA THR C 156 8.04 52.76 -10.56
C THR C 156 6.70 53.24 -9.94
N ILE C 157 6.66 53.45 -8.62
CA ILE C 157 5.40 53.80 -7.93
C ILE C 157 5.07 55.28 -8.12
N LYS C 158 3.88 55.58 -8.63
CA LYS C 158 3.42 56.97 -8.78
C LYS C 158 3.18 57.64 -7.42
N ASN C 159 3.49 58.92 -7.32
CA ASN C 159 3.07 59.74 -6.18
C ASN C 159 3.44 59.13 -4.82
N MET C 160 4.71 58.72 -4.66
CA MET C 160 5.13 57.98 -3.47
C MET C 160 4.94 58.77 -2.20
N LYS C 161 4.61 58.05 -1.12
CA LYS C 161 4.50 58.61 0.22
C LYS C 161 5.17 57.59 1.13
N PRO C 162 5.41 57.93 2.41
CA PRO C 162 6.11 57.00 3.30
C PRO C 162 5.42 55.63 3.49
N VAL C 163 4.10 55.57 3.29
CA VAL C 163 3.40 54.27 3.25
C VAL C 163 4.08 53.29 2.28
N ASN C 164 4.68 53.79 1.20
CA ASN C 164 5.34 52.94 0.22
C ASN C 164 6.64 52.29 0.69
N GLN C 165 7.06 52.63 1.91
CA GLN C 165 8.17 51.93 2.56
C GLN C 165 7.66 50.66 3.24
N ALA C 166 6.35 50.46 3.12
CA ALA C 166 5.68 49.26 3.57
C ALA C 166 4.57 48.93 2.56
N LEU C 167 3.48 48.35 3.03
CA LEU C 167 2.44 47.87 2.11
C LEU C 167 1.38 48.94 1.86
N ASP C 168 1.43 49.48 0.66
CA ASP C 168 0.37 50.33 0.13
C ASP C 168 -0.43 49.48 -0.87
N PRO C 169 -1.68 49.14 -0.53
CA PRO C 169 -2.44 48.24 -1.41
C PRO C 169 -2.73 48.83 -2.80
N ASN C 170 -2.47 50.13 -2.98
CA ASN C 170 -2.62 50.78 -4.29
C ASN C 170 -1.39 50.64 -5.16
N ALA C 171 -0.28 50.26 -4.56
CA ALA C 171 0.98 50.21 -5.29
C ALA C 171 1.11 48.86 -6.01
N LYS C 172 0.44 48.76 -7.16
CA LYS C 172 0.39 47.51 -7.89
C LYS C 172 0.72 47.69 -9.37
N ALA C 173 1.27 46.66 -10.00
CA ALA C 173 1.61 46.70 -11.42
C ALA C 173 1.66 45.31 -12.03
N LEU C 174 1.83 45.26 -13.35
CA LEU C 174 2.00 44.01 -14.10
C LEU C 174 3.39 44.00 -14.70
N LEU C 175 4.10 42.88 -14.57
CA LEU C 175 5.38 42.73 -15.23
C LEU C 175 5.17 42.49 -16.74
N ASP C 176 4.98 43.59 -17.47
CA ASP C 176 4.62 43.50 -18.90
C ASP C 176 5.70 44.04 -19.83
N LYS C 177 6.85 44.42 -19.26
CA LYS C 177 7.95 44.94 -20.07
C LYS C 177 9.27 44.41 -19.55
N ASP C 178 10.12 43.97 -20.48
CA ASP C 178 11.46 43.51 -20.15
C ASP C 178 12.36 44.70 -19.82
N GLY C 179 13.10 44.61 -18.72
CA GLY C 179 14.13 45.60 -18.37
C GLY C 179 13.58 46.98 -18.05
N LYS C 180 12.45 47.04 -17.35
CA LYS C 180 11.79 48.30 -17.03
C LYS C 180 11.32 48.39 -15.56
N TYR C 181 11.12 47.24 -14.91
CA TYR C 181 10.60 47.20 -13.53
C TYR C 181 11.71 46.86 -12.53
N PRO C 182 12.18 47.87 -11.76
CA PRO C 182 13.32 47.67 -10.85
C PRO C 182 12.98 46.66 -9.78
N VAL C 183 13.92 45.76 -9.49
CA VAL C 183 13.68 44.76 -8.44
C VAL C 183 13.57 45.42 -7.05
N GLU C 184 14.27 46.54 -6.85
CA GLU C 184 14.20 47.24 -5.57
C GLU C 184 12.86 47.99 -5.37
N VAL C 185 12.02 48.06 -6.40
CA VAL C 185 10.70 48.68 -6.29
C VAL C 185 9.57 47.66 -6.26
N TRP C 186 9.72 46.58 -7.03
CA TRP C 186 8.64 45.60 -7.25
C TRP C 186 9.03 44.20 -6.82
N SER C 187 8.07 43.47 -6.26
CA SER C 187 8.22 42.05 -5.96
C SER C 187 6.90 41.33 -6.31
N PRO C 188 6.93 39.97 -6.38
CA PRO C 188 5.67 39.28 -6.72
C PRO C 188 4.57 39.51 -5.67
N ASP C 189 3.36 39.81 -6.14
CA ASP C 189 2.21 40.06 -5.28
C ASP C 189 1.54 38.73 -4.87
N PRO C 190 1.64 38.34 -3.59
CA PRO C 190 1.08 37.05 -3.16
C PRO C 190 -0.44 37.07 -3.02
N SER C 191 -1.04 38.27 -2.98
CA SER C 191 -2.51 38.41 -2.93
C SER C 191 -3.15 38.18 -4.29
N LYS C 192 -2.36 38.12 -5.36
CA LYS C 192 -2.88 37.76 -6.67
C LYS C 192 -2.09 36.57 -7.21
N ASN C 193 -1.72 36.59 -8.48
CA ASN C 193 -0.90 35.54 -9.09
C ASN C 193 -1.49 34.12 -9.01
N GLU C 194 -2.82 34.03 -9.10
CA GLU C 194 -3.53 32.75 -9.11
C GLU C 194 -3.15 31.93 -10.38
N ASN C 195 -2.67 32.61 -11.41
CA ASN C 195 -2.42 31.97 -12.69
C ASN C 195 -0.93 31.98 -13.07
N THR C 196 -0.07 32.16 -12.06
CA THR C 196 1.39 32.14 -12.22
C THR C 196 1.98 31.37 -11.04
N ARG C 197 3.07 30.64 -11.25
CA ARG C 197 3.86 30.13 -10.13
C ARG C 197 5.21 30.85 -10.09
N TYR C 198 5.58 31.37 -8.92
CA TYR C 198 6.84 32.07 -8.79
C TYR C 198 7.64 31.49 -7.62
N TYR C 199 8.97 31.57 -7.75
CA TYR C 199 9.90 30.99 -6.81
C TYR C 199 11.10 31.92 -6.66
N GLY C 200 11.43 32.26 -5.43
CA GLY C 200 12.47 33.25 -5.20
C GLY C 200 13.30 33.00 -3.97
N SER C 201 14.57 33.37 -4.04
CA SER C 201 15.41 33.40 -2.84
C SER C 201 16.34 34.58 -2.80
N PHE C 202 16.56 35.05 -1.59
CA PHE C 202 17.34 36.25 -1.36
C PHE C 202 18.34 35.98 -0.25
N THR C 203 19.59 36.38 -0.48
CA THR C 203 20.57 36.49 0.59
C THR C 203 21.23 37.85 0.47
N GLY C 204 21.24 38.61 1.57
CA GLY C 204 21.76 39.98 1.57
C GLY C 204 23.22 40.06 1.97
N GLY C 205 23.61 41.17 2.60
CA GLY C 205 24.99 41.39 2.99
C GLY C 205 25.79 42.06 1.89
N ALA C 206 26.91 42.63 2.27
CA ALA C 206 27.78 43.36 1.35
C ALA C 206 28.85 42.47 0.72
N THR C 207 29.27 41.41 1.42
CA THR C 207 30.38 40.59 0.89
C THR C 207 30.10 39.09 0.87
N THR C 208 28.85 38.71 1.07
CA THR C 208 28.42 37.32 1.21
C THR C 208 28.83 36.45 0.00
N PRO C 209 29.40 35.25 0.26
CA PRO C 209 29.71 34.34 -0.85
C PRO C 209 28.42 33.89 -1.53
N PRO C 210 28.36 33.99 -2.86
CA PRO C 210 27.19 33.48 -3.58
C PRO C 210 27.22 31.96 -3.62
N VAL C 211 26.05 31.35 -3.58
CA VAL C 211 25.92 29.90 -3.63
C VAL C 211 24.89 29.53 -4.70
N MET C 212 25.28 28.65 -5.62
CA MET C 212 24.41 28.21 -6.71
C MET C 212 24.72 26.75 -7.11
N GLN C 213 23.66 26.04 -7.51
CA GLN C 213 23.74 24.70 -8.09
C GLN C 213 23.39 24.76 -9.57
N PHE C 214 23.85 23.76 -10.31
CA PHE C 214 23.46 23.59 -11.70
C PHE C 214 23.42 22.09 -12.04
N THR C 215 22.31 21.65 -12.58
CA THR C 215 22.11 20.25 -12.91
C THR C 215 21.05 20.20 -14.00
N ASN C 216 20.97 19.09 -14.72
CA ASN C 216 19.85 18.90 -15.64
C ASN C 216 18.93 17.77 -15.18
N SER C 217 18.98 17.48 -13.89
CA SER C 217 18.27 16.35 -13.32
C SER C 217 17.03 16.76 -12.52
N VAL C 218 16.78 18.06 -12.37
CA VAL C 218 15.76 18.55 -11.44
C VAL C 218 14.61 19.25 -12.16
N THR C 219 13.39 18.84 -11.86
CA THR C 219 12.20 19.47 -12.43
C THR C 219 11.35 20.05 -11.33
N THR C 220 10.72 21.19 -11.59
CA THR C 220 9.74 21.77 -10.68
C THR C 220 8.36 21.56 -11.27
N VAL C 221 7.47 20.94 -10.50
CA VAL C 221 6.08 20.68 -10.94
C VAL C 221 5.26 21.94 -10.62
N LEU C 222 4.48 22.40 -11.59
CA LEU C 222 3.82 23.70 -11.45
C LEU C 222 2.35 23.61 -11.07
N LEU C 223 1.86 22.40 -10.81
CA LEU C 223 0.45 22.20 -10.52
C LEU C 223 0.13 22.74 -9.12
N ASP C 224 -1.06 23.31 -8.96
CA ASP C 224 -1.52 23.75 -7.63
C ASP C 224 -2.16 22.58 -6.87
N GLU C 225 -2.72 22.88 -5.70
CA GLU C 225 -3.27 21.85 -4.83
C GLU C 225 -4.49 21.16 -5.43
N ASN C 226 -5.00 21.67 -6.55
CA ASN C 226 -6.07 21.03 -7.32
C ASN C 226 -5.55 20.35 -8.58
N GLY C 227 -4.23 20.27 -8.73
CA GLY C 227 -3.64 19.61 -9.89
C GLY C 227 -3.75 20.43 -11.18
N VAL C 228 -3.89 21.75 -11.04
CA VAL C 228 -4.01 22.62 -12.20
C VAL C 228 -2.80 23.52 -12.27
N GLY C 229 -2.15 23.54 -13.44
CA GLY C 229 -1.02 24.43 -13.67
C GLY C 229 -1.52 25.75 -14.23
N PRO C 230 -0.62 26.73 -14.41
CA PRO C 230 -0.97 27.98 -15.06
C PRO C 230 -1.58 27.76 -16.44
N LEU C 231 -2.63 28.53 -16.77
CA LEU C 231 -3.34 28.38 -18.02
C LEU C 231 -3.10 29.58 -18.92
N CYS C 232 -2.64 29.31 -20.14
CA CYS C 232 -2.09 30.37 -21.01
C CYS C 232 -3.16 31.16 -21.75
N LYS C 233 -3.55 32.30 -21.19
CA LYS C 233 -4.55 33.15 -21.82
C LYS C 233 -4.08 33.62 -23.19
N GLY C 234 -4.96 33.45 -24.19
CA GLY C 234 -4.63 33.73 -25.59
C GLY C 234 -3.42 32.97 -26.12
N ASP C 235 -3.16 31.79 -25.59
CA ASP C 235 -2.04 30.92 -26.03
C ASP C 235 -0.67 31.57 -25.83
N LYS C 236 -0.56 32.41 -24.80
CA LYS C 236 0.70 33.08 -24.47
C LYS C 236 1.23 32.58 -23.14
N LEU C 237 2.53 32.30 -23.11
CA LEU C 237 3.23 31.83 -21.92
C LEU C 237 4.18 32.92 -21.44
N PHE C 238 4.07 33.30 -20.18
CA PHE C 238 4.93 34.33 -19.59
C PHE C 238 6.03 33.72 -18.73
N LEU C 239 7.28 34.02 -19.11
CA LEU C 239 8.46 33.61 -18.35
C LEU C 239 9.13 34.84 -17.76
N SER C 240 9.39 34.83 -16.46
CA SER C 240 9.97 35.98 -15.80
C SER C 240 11.12 35.55 -14.91
N ALA C 241 12.10 36.43 -14.74
CA ALA C 241 13.31 36.10 -13.98
C ALA C 241 14.13 37.32 -13.57
N VAL C 242 14.86 37.15 -12.48
CA VAL C 242 16.01 37.97 -12.16
C VAL C 242 17.04 37.07 -11.47
N ASP C 243 18.29 37.22 -11.88
CA ASP C 243 19.38 36.47 -11.25
C ASP C 243 20.57 37.35 -10.99
N ILE C 244 20.47 38.14 -9.92
CA ILE C 244 21.58 38.95 -9.46
C ILE C 244 22.45 37.98 -8.67
N VAL C 245 23.67 37.79 -9.13
CA VAL C 245 24.56 36.82 -8.48
C VAL C 245 25.57 37.52 -7.58
N GLY C 246 25.53 38.85 -7.55
CA GLY C 246 26.37 39.60 -6.62
C GLY C 246 26.87 40.90 -7.20
N ILE C 247 27.97 41.39 -6.61
CA ILE C 247 28.53 42.72 -6.88
C ILE C 247 29.98 42.51 -7.27
N HIS C 248 30.39 43.08 -8.40
CA HIS C 248 31.79 43.15 -8.72
C HIS C 248 32.36 44.48 -8.31
N THR C 249 33.47 44.44 -7.58
CA THR C 249 34.15 45.65 -7.09
C THR C 249 35.41 45.95 -7.91
N ASN C 250 35.46 47.15 -8.46
CA ASN C 250 36.61 47.61 -9.25
C ASN C 250 37.75 48.07 -8.36
N TYR C 251 38.94 48.19 -8.94
CA TYR C 251 40.10 48.67 -8.18
C TYR C 251 39.85 50.03 -7.51
N SER C 252 39.16 50.94 -8.21
CA SER C 252 38.77 52.25 -7.65
C SER C 252 37.75 52.14 -6.51
N GLU C 253 37.25 50.92 -6.26
CA GLU C 253 36.20 50.62 -5.26
C GLU C 253 34.78 50.96 -5.70
N SER C 254 34.61 51.47 -6.93
CA SER C 254 33.28 51.55 -7.51
C SER C 254 32.77 50.15 -7.77
N GLN C 255 31.46 49.99 -7.83
CA GLN C 255 30.86 48.66 -7.82
C GLN C 255 29.76 48.50 -8.86
N ASN C 256 29.68 47.30 -9.44
CA ASN C 256 28.63 46.94 -10.41
C ASN C 256 27.93 45.66 -10.05
N TRP C 257 26.60 45.65 -10.17
CA TRP C 257 25.83 44.41 -10.03
C TRP C 257 26.20 43.46 -11.15
N ARG C 258 26.27 42.17 -10.85
CA ARG C 258 26.48 41.14 -11.87
C ARG C 258 25.25 40.24 -11.93
N GLY C 259 24.76 40.02 -13.14
CA GLY C 259 23.64 39.10 -13.35
C GLY C 259 23.97 38.01 -14.36
N LEU C 260 23.22 36.90 -14.28
CA LEU C 260 23.42 35.79 -15.22
C LEU C 260 22.12 35.42 -15.91
N PRO C 261 22.21 34.89 -17.15
CA PRO C 261 20.99 34.48 -17.88
C PRO C 261 20.36 33.21 -17.32
N ARG C 262 19.05 33.07 -17.54
CA ARG C 262 18.31 31.90 -17.10
C ARG C 262 17.63 31.20 -18.27
N TYR C 263 17.69 29.87 -18.23
CA TYR C 263 17.11 29.01 -19.23
C TYR C 263 15.85 28.38 -18.66
N PHE C 264 14.84 28.22 -19.53
CA PHE C 264 13.57 27.61 -19.17
C PHE C 264 13.26 26.53 -20.19
N ASN C 265 12.76 25.41 -19.69
CA ASN C 265 12.20 24.37 -20.52
C ASN C 265 10.90 23.95 -19.86
N VAL C 266 9.79 24.30 -20.50
CA VAL C 266 8.49 24.10 -19.91
C VAL C 266 7.74 23.06 -20.72
N THR C 267 7.10 22.15 -20.01
CA THR C 267 6.26 21.15 -20.62
C THR C 267 4.83 21.60 -20.39
N LEU C 268 4.03 21.61 -21.46
CA LEU C 268 2.62 21.97 -21.36
C LEU C 268 1.71 20.87 -21.89
N ARG C 269 0.46 20.86 -21.42
CA ARG C 269 -0.54 19.92 -21.91
C ARG C 269 -1.84 20.67 -22.20
N LYS C 270 -2.76 20.01 -22.91
CA LYS C 270 -4.03 20.63 -23.25
C LYS C 270 -5.06 20.45 -22.12
N ARG C 271 -5.62 21.55 -21.66
CA ARG C 271 -6.64 21.53 -20.60
C ARG C 271 -7.97 22.07 -21.13
N VAL C 272 -9.04 21.28 -20.91
CA VAL C 272 -10.39 21.69 -21.29
C VAL C 272 -10.94 22.68 -20.26
N VAL C 273 -11.57 23.75 -20.75
CA VAL C 273 -12.22 24.74 -19.91
C VAL C 273 -13.58 25.07 -20.48
N LYS C 274 -14.48 25.58 -19.65
CA LYS C 274 -15.75 26.10 -20.16
C LYS C 274 -15.55 27.47 -20.82
N ASN C 275 -16.11 27.60 -22.02
CA ASN C 275 -16.15 28.86 -22.78
C ASN C 275 -16.83 29.98 -21.99
N PRO C 276 -16.08 31.06 -21.68
CA PRO C 276 -16.60 32.17 -20.88
C PRO C 276 -17.32 33.27 -21.69
N VAL D 7 17.52 7.97 -32.48
CA VAL D 7 17.11 6.52 -32.46
C VAL D 7 15.93 6.24 -31.53
N GLU D 8 15.05 5.34 -31.97
CA GLU D 8 13.93 4.89 -31.15
C GLU D 8 14.45 3.95 -30.05
N VAL D 9 14.15 4.29 -28.80
CA VAL D 9 14.58 3.51 -27.63
C VAL D 9 13.48 2.50 -27.27
N LEU D 10 13.85 1.24 -27.13
CA LEU D 10 12.88 0.21 -26.75
C LEU D 10 13.10 -0.25 -25.31
N GLU D 11 12.88 -1.53 -25.00
CA GLU D 11 12.97 -2.04 -23.63
C GLU D 11 14.40 -2.39 -23.19
N VAL D 12 14.59 -2.52 -21.87
CA VAL D 12 15.81 -3.07 -21.28
C VAL D 12 15.99 -4.57 -21.64
N ARG D 13 17.21 -4.94 -22.01
CA ARG D 13 17.55 -6.34 -22.28
C ARG D 13 17.83 -7.08 -20.98
N THR D 14 17.08 -8.13 -20.70
CA THR D 14 17.24 -8.89 -19.46
C THR D 14 18.12 -10.12 -19.68
N GLY D 15 18.39 -10.86 -18.61
CA GLY D 15 19.16 -12.09 -18.70
C GLY D 15 20.46 -12.05 -17.92
N PRO D 16 21.27 -13.13 -18.01
CA PRO D 16 22.59 -13.11 -17.38
C PRO D 16 23.51 -12.19 -18.18
N ASP D 17 24.50 -11.58 -17.53
CA ASP D 17 25.48 -10.75 -18.23
C ASP D 17 24.91 -9.48 -18.87
N ALA D 18 23.75 -9.01 -18.41
CA ALA D 18 23.14 -7.78 -18.95
C ALA D 18 23.71 -6.50 -18.31
N ILE D 19 24.39 -6.66 -17.17
CA ILE D 19 24.86 -5.56 -16.35
C ILE D 19 26.39 -5.55 -16.32
N THR D 20 26.98 -4.38 -16.58
CA THR D 20 28.41 -4.20 -16.41
C THR D 20 28.71 -2.99 -15.49
N GLN D 21 29.94 -2.93 -14.99
CA GLN D 21 30.35 -1.92 -14.04
C GLN D 21 31.75 -1.45 -14.42
N ILE D 22 31.93 -0.15 -14.63
CA ILE D 22 33.28 0.39 -14.81
C ILE D 22 33.68 1.32 -13.66
N GLU D 23 34.98 1.42 -13.40
CA GLU D 23 35.47 2.45 -12.52
C GLU D 23 36.62 3.20 -13.17
N ALA D 24 36.82 4.45 -12.76
CA ALA D 24 37.85 5.32 -13.30
C ALA D 24 38.13 6.47 -12.33
N TYR D 25 39.31 7.07 -12.45
CA TYR D 25 39.56 8.34 -11.77
C TYR D 25 39.99 9.39 -12.79
N LEU D 26 39.64 10.64 -12.52
CA LEU D 26 40.09 11.77 -13.33
C LEU D 26 40.91 12.71 -12.46
N ASN D 27 42.17 12.91 -12.84
CA ASN D 27 43.05 13.88 -12.17
C ASN D 27 42.68 15.32 -12.52
N PRO D 28 42.86 16.25 -11.58
CA PRO D 28 42.45 17.64 -11.79
C PRO D 28 43.31 18.36 -12.85
N ARG D 29 42.70 19.31 -13.55
CA ARG D 29 43.42 20.11 -14.55
C ARG D 29 43.34 21.58 -14.14
N MET D 30 44.16 21.92 -13.15
CA MET D 30 44.15 23.26 -12.57
C MET D 30 45.03 24.27 -13.32
N GLY D 31 45.90 23.76 -14.20
CA GLY D 31 46.84 24.62 -14.92
C GLY D 31 48.22 23.97 -15.01
N ASN D 32 48.74 23.51 -13.88
CA ASN D 32 49.89 22.63 -13.91
C ASN D 32 49.37 21.20 -14.14
N ASN D 33 49.28 20.82 -15.41
CA ASN D 33 48.54 19.62 -15.84
C ASN D 33 49.40 18.41 -16.22
N ASN D 34 50.71 18.52 -15.99
CA ASN D 34 51.67 17.44 -16.26
C ASN D 34 52.14 16.86 -14.92
N PRO D 35 52.02 15.53 -14.76
CA PRO D 35 52.38 14.89 -13.48
C PRO D 35 53.83 15.13 -13.01
N THR D 36 54.72 15.61 -13.88
CA THR D 36 56.06 15.98 -13.45
C THR D 36 56.19 17.44 -12.99
N ASP D 37 55.17 18.27 -13.26
CA ASP D 37 55.10 19.66 -12.75
C ASP D 37 55.21 19.71 -11.24
N GLU D 38 56.10 20.56 -10.73
CA GLU D 38 56.29 20.73 -9.29
C GLU D 38 54.95 21.00 -8.55
N LEU D 39 54.10 21.84 -9.14
CA LEU D 39 52.79 22.17 -8.56
C LEU D 39 51.61 21.49 -9.28
N TYR D 40 51.84 20.26 -9.72
CA TYR D 40 50.79 19.43 -10.29
C TYR D 40 49.57 19.42 -9.34
N GLY D 41 48.40 19.67 -9.90
CA GLY D 41 47.17 19.69 -9.10
C GLY D 41 46.86 21.07 -8.52
N TYR D 42 47.64 22.07 -8.95
CA TYR D 42 47.44 23.50 -8.67
C TYR D 42 47.54 24.28 -9.96
N SER D 43 47.03 25.51 -9.97
CA SER D 43 47.38 26.48 -11.01
C SER D 43 48.71 27.13 -10.66
N ALA D 44 49.37 27.70 -11.66
CA ALA D 44 50.46 28.64 -11.43
C ALA D 44 49.89 29.87 -10.69
N ASP D 45 50.78 30.71 -10.15
CA ASP D 45 50.38 31.97 -9.50
C ASP D 45 49.40 32.73 -10.41
N ILE D 46 48.21 33.03 -9.91
CA ILE D 46 47.25 33.86 -10.64
C ILE D 46 47.91 35.15 -11.13
N ASN D 47 47.87 35.43 -12.43
CA ASN D 47 48.31 36.71 -12.96
C ASN D 47 47.12 37.62 -13.32
N VAL D 48 46.98 38.69 -12.56
CA VAL D 48 45.81 39.58 -12.60
C VAL D 48 45.91 40.56 -13.76
N ALA D 49 44.76 40.88 -14.36
CA ALA D 49 44.69 41.88 -15.42
C ALA D 49 45.29 43.25 -15.02
N SER D 50 46.03 43.88 -15.93
CA SER D 50 46.50 45.26 -15.72
C SER D 50 45.31 46.19 -15.81
N SER D 51 44.44 45.91 -16.77
CA SER D 51 43.25 46.71 -17.03
C SER D 51 42.21 45.85 -17.74
N LYS D 52 41.05 46.41 -18.02
CA LYS D 52 40.05 45.65 -18.75
C LYS D 52 40.59 45.30 -20.13
N ALA D 53 41.24 46.28 -20.77
CA ALA D 53 41.78 46.09 -22.12
C ALA D 53 42.96 45.12 -22.13
N SER D 54 43.65 45.02 -21.00
CA SER D 54 44.85 44.19 -20.95
C SER D 54 44.74 43.07 -19.93
N ASP D 55 44.04 42.02 -20.31
CA ASP D 55 43.77 40.89 -19.43
C ASP D 55 44.19 39.63 -20.15
N ASN D 56 45.40 39.17 -19.86
CA ASN D 56 46.00 38.02 -20.55
C ASN D 56 46.33 36.89 -19.57
N PRO D 57 45.32 36.13 -19.10
CA PRO D 57 45.65 35.07 -18.14
C PRO D 57 46.57 34.00 -18.76
N ASN D 58 47.59 33.56 -18.02
CA ASN D 58 48.44 32.46 -18.46
C ASN D 58 47.64 31.16 -18.51
N ALA D 59 47.91 30.32 -19.51
CA ALA D 59 47.24 29.02 -19.64
C ALA D 59 47.33 28.22 -18.34
N THR D 60 48.51 28.28 -17.71
CA THR D 60 48.78 27.57 -16.45
C THR D 60 48.01 28.10 -15.24
N THR D 61 47.32 29.23 -15.41
CA THR D 61 46.57 29.82 -14.31
C THR D 61 45.05 29.57 -14.43
N LEU D 62 44.64 28.84 -15.46
CA LEU D 62 43.22 28.72 -15.78
C LEU D 62 42.75 27.28 -15.63
N PRO D 63 41.93 27.01 -14.60
CA PRO D 63 41.37 25.66 -14.47
C PRO D 63 40.46 25.23 -15.63
N THR D 64 40.67 24.00 -16.09
CA THR D 64 39.94 23.39 -17.19
C THR D 64 39.20 22.14 -16.72
N TYR D 65 38.22 21.71 -17.52
CA TYR D 65 37.48 20.49 -17.23
C TYR D 65 38.33 19.26 -17.49
N SER D 66 38.10 18.25 -16.66
CA SER D 66 38.65 16.94 -16.90
C SER D 66 37.64 16.15 -17.69
N VAL D 67 38.12 15.38 -18.66
CA VAL D 67 37.26 14.44 -19.39
C VAL D 67 38.00 13.15 -19.71
N ALA D 68 37.30 12.03 -19.56
CA ALA D 68 37.82 10.71 -19.96
C ALA D 68 36.75 9.96 -20.74
N VAL D 69 37.19 9.23 -21.75
CA VAL D 69 36.30 8.38 -22.54
C VAL D 69 36.61 6.93 -22.19
N ILE D 70 35.60 6.19 -21.75
CA ILE D 70 35.76 4.77 -21.46
C ILE D 70 35.13 3.96 -22.58
N LYS D 71 35.94 3.06 -23.16
CA LYS D 71 35.48 2.19 -24.24
C LYS D 71 34.84 0.96 -23.60
N LEU D 72 33.58 0.70 -23.95
CA LEU D 72 32.83 -0.39 -23.33
C LEU D 72 32.77 -1.58 -24.27
N PRO D 73 32.47 -2.78 -23.75
CA PRO D 73 32.43 -3.97 -24.61
C PRO D 73 31.49 -3.77 -25.79
N MET D 74 31.92 -4.23 -26.95
CA MET D 74 31.16 -4.10 -28.19
C MET D 74 29.94 -5.02 -28.15
N LEU D 75 28.79 -4.49 -28.54
CA LEU D 75 27.52 -5.16 -28.29
C LEU D 75 26.89 -5.81 -29.50
N ASN D 76 27.12 -5.23 -30.67
CA ASN D 76 26.37 -5.67 -31.85
C ASN D 76 27.23 -6.42 -32.87
N GLU D 77 26.91 -7.70 -33.02
CA GLU D 77 27.66 -8.60 -33.87
C GLU D 77 27.32 -8.36 -35.33
N ASP D 78 26.03 -8.26 -35.62
CA ASP D 78 25.54 -7.96 -36.97
C ASP D 78 24.85 -6.60 -36.92
N MET D 79 25.39 -5.66 -37.66
CA MET D 79 24.86 -4.33 -37.66
C MET D 79 23.66 -4.15 -38.60
N THR D 80 23.20 -5.22 -39.23
CA THR D 80 22.02 -5.16 -40.07
C THR D 80 20.73 -5.66 -39.41
N CYS D 81 20.83 -6.23 -38.22
CA CYS D 81 19.63 -6.69 -37.55
C CYS D 81 18.67 -5.53 -37.28
N ASP D 82 17.39 -5.81 -37.09
CA ASP D 82 16.42 -4.73 -37.00
C ASP D 82 16.46 -4.02 -35.66
N THR D 83 17.00 -4.67 -34.65
CA THR D 83 17.28 -3.97 -33.42
C THR D 83 18.71 -4.11 -32.98
N LEU D 84 19.15 -3.17 -32.17
CA LEU D 84 20.51 -3.15 -31.67
C LEU D 84 20.55 -2.91 -30.15
N LEU D 85 21.69 -3.18 -29.55
CA LEU D 85 21.89 -2.93 -28.13
C LEU D 85 22.81 -1.73 -27.93
N MET D 86 22.53 -0.94 -26.89
CA MET D 86 23.42 0.12 -26.44
C MET D 86 23.61 0.00 -24.94
N TRP D 87 24.81 0.31 -24.46
CA TRP D 87 25.06 0.45 -23.02
C TRP D 87 24.35 1.65 -22.45
N GLU D 88 23.69 1.44 -21.31
CA GLU D 88 22.88 2.46 -20.66
C GLU D 88 23.42 2.71 -19.25
N ALA D 89 23.93 3.91 -19.00
CA ALA D 89 24.37 4.29 -17.65
C ALA D 89 23.18 4.42 -16.69
N VAL D 90 23.13 3.57 -15.68
CA VAL D 90 21.98 3.45 -14.78
C VAL D 90 22.20 4.26 -13.49
N SER D 91 23.40 4.17 -12.94
CA SER D 91 23.71 4.81 -11.67
C SER D 91 25.23 4.98 -11.51
N VAL D 92 25.61 5.94 -10.68
CA VAL D 92 27.03 6.19 -10.45
C VAL D 92 27.32 6.36 -8.96
N LYS D 93 28.43 5.82 -8.49
CA LYS D 93 29.02 6.24 -7.21
C LYS D 93 30.21 7.10 -7.56
N THR D 94 30.28 8.28 -6.96
CA THR D 94 31.35 9.21 -7.25
C THR D 94 31.83 9.91 -5.98
N GLU D 95 33.10 10.26 -5.97
CA GLU D 95 33.77 10.69 -4.76
C GLU D 95 34.94 11.61 -5.13
N VAL D 96 35.04 12.76 -4.45
CA VAL D 96 36.26 13.57 -4.51
C VAL D 96 37.32 12.92 -3.61
N MET D 97 38.48 12.58 -4.17
CA MET D 97 39.52 11.90 -3.41
C MET D 97 40.54 12.87 -2.80
N GLY D 98 41.12 12.48 -1.67
CA GLY D 98 42.21 13.22 -1.00
C GLY D 98 41.74 14.42 -0.19
N ILE D 99 40.45 14.46 0.12
CA ILE D 99 39.87 15.62 0.81
C ILE D 99 40.69 16.00 2.04
N SER D 100 41.04 15.00 2.87
CA SER D 100 41.74 15.27 4.11
C SER D 100 43.18 15.82 3.93
N SER D 101 43.70 15.82 2.69
CA SER D 101 45.01 16.44 2.41
C SER D 101 44.98 17.94 2.72
N LEU D 102 43.77 18.52 2.67
CA LEU D 102 43.60 19.94 2.99
C LEU D 102 43.78 20.23 4.48
N VAL D 103 43.65 19.21 5.32
CA VAL D 103 43.73 19.36 6.78
C VAL D 103 45.22 19.41 7.14
N ASN D 104 45.82 20.55 6.86
CA ASN D 104 47.25 20.69 6.89
C ASN D 104 47.54 22.14 7.16
N LEU D 105 48.16 22.41 8.31
CA LEU D 105 48.43 23.79 8.75
C LEU D 105 49.93 24.15 8.77
N HIS D 106 50.77 23.27 8.23
CA HIS D 106 52.24 23.47 8.22
C HIS D 106 52.79 23.68 6.83
N GLN D 107 51.95 23.51 5.82
CA GLN D 107 52.36 23.84 4.45
C GLN D 107 52.84 25.29 4.40
N GLY D 108 53.92 25.54 3.69
CA GLY D 108 54.38 26.92 3.46
C GLY D 108 53.24 27.80 2.98
N GLY D 109 53.24 29.08 3.37
CA GLY D 109 52.13 29.97 3.00
C GLY D 109 52.06 31.22 3.87
N LYS D 110 50.84 31.74 4.03
CA LYS D 110 50.57 32.94 4.79
C LYS D 110 50.08 32.58 6.20
N TYR D 111 50.69 33.17 7.23
CA TYR D 111 50.34 32.85 8.61
C TYR D 111 48.92 33.28 8.93
N ILE D 112 48.23 32.46 9.72
CA ILE D 112 46.85 32.77 10.14
C ILE D 112 46.89 34.00 11.02
N TYR D 113 47.84 34.02 11.96
CA TYR D 113 48.08 35.20 12.78
C TYR D 113 49.48 35.76 12.49
N GLY D 114 50.38 35.67 13.47
CA GLY D 114 51.77 36.04 13.26
C GLY D 114 52.64 34.83 12.97
N SER D 115 53.96 35.04 13.01
CA SER D 115 54.87 34.02 12.52
C SER D 115 54.96 32.77 13.42
N SER D 116 54.27 32.78 14.56
CA SER D 116 54.19 31.58 15.44
C SER D 116 53.02 30.62 15.16
N SER D 117 52.13 31.02 14.26
CA SER D 117 50.89 30.27 13.99
C SER D 117 51.01 29.31 12.80
N GLY D 118 49.96 28.53 12.58
CA GLY D 118 49.86 27.73 11.36
C GLY D 118 49.64 28.63 10.16
N THR D 119 49.59 28.04 8.97
CA THR D 119 49.32 28.81 7.76
C THR D 119 47.87 28.65 7.35
N ILE D 120 47.37 29.59 6.56
CA ILE D 120 45.99 29.56 6.11
C ILE D 120 45.82 28.40 5.14
N PRO D 121 44.87 27.48 5.43
CA PRO D 121 44.61 26.34 4.55
C PRO D 121 43.87 26.79 3.29
N VAL D 122 43.64 25.86 2.38
CA VAL D 122 42.97 26.16 1.12
C VAL D 122 41.53 26.60 1.38
N GLN D 123 41.14 27.72 0.79
CA GLN D 123 39.82 28.29 1.02
C GLN D 123 39.43 29.26 -0.11
N GLY D 124 38.22 29.82 -0.02
CA GLY D 124 37.69 30.69 -1.08
C GLY D 124 36.82 29.91 -2.05
N THR D 125 36.67 30.44 -3.26
CA THR D 125 35.79 29.85 -4.29
C THR D 125 35.98 28.36 -4.55
N THR D 126 34.89 27.60 -4.50
CA THR D 126 34.86 26.18 -4.91
C THR D 126 33.90 25.93 -6.09
N LEU D 127 34.24 24.93 -6.90
CA LEU D 127 33.40 24.51 -8.02
C LEU D 127 33.48 22.99 -8.18
N HIS D 128 32.34 22.31 -8.02
CA HIS D 128 32.28 20.86 -8.21
C HIS D 128 31.29 20.49 -9.25
N MET D 129 31.75 19.69 -10.22
CA MET D 129 30.88 19.16 -11.23
C MET D 129 31.33 17.76 -11.61
N PHE D 130 30.36 16.87 -11.81
CA PHE D 130 30.60 15.61 -12.50
C PHE D 130 29.45 15.38 -13.49
N SER D 131 29.77 14.73 -14.61
CA SER D 131 28.78 14.33 -15.58
C SER D 131 29.10 12.95 -16.15
N VAL D 132 28.04 12.21 -16.45
CA VAL D 132 28.11 10.89 -17.10
C VAL D 132 27.18 10.94 -18.32
N GLY D 133 27.74 10.64 -19.47
CA GLY D 133 27.02 10.77 -20.73
C GLY D 133 27.47 9.76 -21.77
N GLY D 134 26.69 9.65 -22.84
CA GLY D 134 26.99 8.74 -23.92
C GLY D 134 27.53 9.47 -25.12
N GLU D 135 28.15 10.62 -24.84
CA GLU D 135 28.69 11.53 -25.85
C GLU D 135 29.29 12.75 -25.12
N PRO D 136 30.10 13.58 -25.82
CA PRO D 136 30.67 14.71 -25.12
C PRO D 136 29.61 15.60 -24.44
N LEU D 137 29.94 16.06 -23.24
CA LEU D 137 29.16 17.08 -22.55
C LEU D 137 29.12 18.34 -23.40
N GLU D 138 27.91 18.86 -23.63
CA GLU D 138 27.72 20.03 -24.49
C GLU D 138 27.82 21.32 -23.67
N LEU D 139 28.56 22.29 -24.21
CA LEU D 139 28.96 23.51 -23.46
C LEU D 139 28.41 24.83 -24.01
N GLN D 140 28.16 25.78 -23.10
CA GLN D 140 27.74 27.15 -23.45
C GLN D 140 28.81 28.17 -23.03
N GLY D 141 29.17 29.08 -23.94
CA GLY D 141 30.19 30.08 -23.64
C GLY D 141 29.62 31.25 -22.87
N LEU D 142 30.30 31.66 -21.78
CA LEU D 142 29.94 32.87 -21.03
C LEU D 142 31.09 33.33 -20.15
N VAL D 143 31.52 34.59 -20.32
CA VAL D 143 32.71 35.12 -19.62
C VAL D 143 32.41 36.31 -18.71
N ALA D 144 33.29 36.57 -17.73
CA ALA D 144 33.20 37.77 -16.92
C ALA D 144 33.54 39.03 -17.74
N SER D 145 34.45 38.89 -18.69
CA SER D 145 34.89 40.01 -19.51
C SER D 145 35.20 39.59 -20.94
N SER D 146 34.51 40.21 -21.89
CA SER D 146 34.70 39.88 -23.30
C SER D 146 36.02 40.42 -23.87
N THR D 147 36.66 41.35 -23.17
CA THR D 147 37.93 41.92 -23.62
C THR D 147 39.15 41.10 -23.15
N THR D 148 38.91 40.01 -22.41
CA THR D 148 39.98 39.11 -21.96
C THR D 148 40.62 38.41 -23.17
N THR D 149 41.95 38.34 -23.20
CA THR D 149 42.66 37.59 -24.23
C THR D 149 43.12 36.25 -23.67
N TYR D 150 42.48 35.18 -24.12
CA TYR D 150 42.81 33.82 -23.65
C TYR D 150 43.95 33.21 -24.45
N PRO D 151 44.71 32.29 -23.82
CA PRO D 151 45.77 31.61 -24.59
C PRO D 151 45.20 30.90 -25.81
N THR D 152 45.86 31.05 -26.95
CA THR D 152 45.39 30.43 -28.19
C THR D 152 45.46 28.91 -28.17
N ASP D 153 46.31 28.34 -27.31
CA ASP D 153 46.39 26.87 -27.16
C ASP D 153 45.18 26.24 -26.47
N MET D 154 44.34 27.06 -25.84
CA MET D 154 43.14 26.56 -25.18
C MET D 154 41.94 26.73 -26.12
N VAL D 155 40.82 26.11 -25.79
CA VAL D 155 39.59 26.28 -26.55
C VAL D 155 38.69 27.28 -25.84
N THR D 156 38.46 28.43 -26.45
CA THR D 156 37.63 29.47 -25.86
C THR D 156 36.71 30.02 -26.96
N ILE D 157 35.95 31.07 -26.63
CA ILE D 157 34.99 31.65 -27.58
C ILE D 157 35.71 32.45 -28.67
N LYS D 158 35.46 32.11 -29.93
CA LYS D 158 36.08 32.84 -31.04
C LYS D 158 35.49 34.23 -31.21
N ASN D 159 36.34 35.23 -31.43
CA ASN D 159 35.88 36.60 -31.73
C ASN D 159 34.83 37.14 -30.76
N MET D 160 35.20 37.19 -29.48
CA MET D 160 34.28 37.64 -28.45
C MET D 160 33.79 39.07 -28.65
N LYS D 161 32.54 39.31 -28.29
CA LYS D 161 31.98 40.64 -28.21
C LYS D 161 31.34 40.78 -26.83
N PRO D 162 30.92 42.00 -26.44
CA PRO D 162 30.28 42.17 -25.13
C PRO D 162 29.08 41.24 -24.84
N VAL D 163 28.38 40.81 -25.89
CA VAL D 163 27.28 39.85 -25.76
C VAL D 163 27.68 38.56 -25.01
N ASN D 164 28.96 38.21 -25.10
CA ASN D 164 29.50 37.03 -24.41
C ASN D 164 29.68 37.16 -22.91
N GLN D 165 29.38 38.33 -22.36
CA GLN D 165 29.24 38.48 -20.92
C GLN D 165 27.87 37.99 -20.43
N ALA D 166 27.00 37.68 -21.40
CA ALA D 166 25.69 37.08 -21.14
C ALA D 166 25.51 35.93 -22.12
N LEU D 167 24.27 35.64 -22.54
CA LEU D 167 24.02 34.47 -23.36
C LEU D 167 24.07 34.78 -24.85
N ASP D 168 25.13 34.34 -25.50
CA ASP D 168 25.22 34.31 -26.95
C ASP D 168 24.94 32.88 -27.42
N PRO D 169 23.84 32.66 -28.15
CA PRO D 169 23.45 31.33 -28.62
C PRO D 169 24.43 30.69 -29.58
N ASN D 170 25.33 31.49 -30.18
CA ASN D 170 26.35 30.93 -31.07
C ASN D 170 27.60 30.43 -30.38
N ALA D 171 27.74 30.75 -29.09
CA ALA D 171 28.92 30.35 -28.30
C ALA D 171 28.70 28.97 -27.67
N LYS D 172 28.83 27.94 -28.51
CA LYS D 172 28.64 26.54 -28.13
C LYS D 172 29.91 25.73 -28.37
N ALA D 173 30.10 24.70 -27.57
CA ALA D 173 31.22 23.78 -27.74
C ALA D 173 30.88 22.39 -27.23
N LEU D 174 31.82 21.48 -27.46
CA LEU D 174 31.79 20.13 -26.93
C LEU D 174 32.98 19.92 -26.01
N LEU D 175 32.75 19.32 -24.83
CA LEU D 175 33.87 18.94 -23.97
C LEU D 175 34.50 17.66 -24.54
N ASP D 176 35.46 17.85 -25.44
CA ASP D 176 36.05 16.74 -26.19
C ASP D 176 37.57 16.61 -26.01
N LYS D 177 38.17 17.45 -25.17
CA LYS D 177 39.59 17.35 -24.86
C LYS D 177 39.79 17.59 -23.38
N ASP D 178 40.60 16.75 -22.74
CA ASP D 178 40.94 16.94 -21.34
C ASP D 178 41.85 18.15 -21.21
N GLY D 179 41.68 18.91 -20.14
CA GLY D 179 42.55 20.05 -19.84
C GLY D 179 42.66 21.12 -20.91
N LYS D 180 41.55 21.44 -21.58
CA LYS D 180 41.58 22.48 -22.63
C LYS D 180 40.48 23.57 -22.54
N TYR D 181 39.36 23.22 -21.89
CA TYR D 181 38.19 24.07 -21.84
C TYR D 181 38.10 24.70 -20.46
N PRO D 182 38.45 26.00 -20.36
CA PRO D 182 38.49 26.61 -19.01
C PRO D 182 37.11 26.76 -18.39
N VAL D 183 37.01 26.52 -17.08
CA VAL D 183 35.71 26.62 -16.41
C VAL D 183 35.15 28.04 -16.43
N GLU D 184 36.02 29.04 -16.51
CA GLU D 184 35.58 30.42 -16.46
C GLU D 184 34.99 30.88 -17.78
N VAL D 185 35.08 30.03 -18.81
CA VAL D 185 34.53 30.33 -20.14
C VAL D 185 33.32 29.44 -20.49
N TRP D 186 33.32 28.19 -20.00
CA TRP D 186 32.33 27.18 -20.40
C TRP D 186 31.59 26.61 -19.23
N SER D 187 30.28 26.44 -19.39
CA SER D 187 29.47 25.72 -18.42
C SER D 187 28.54 24.77 -19.18
N PRO D 188 27.96 23.75 -18.50
CA PRO D 188 27.09 22.79 -19.20
C PRO D 188 25.91 23.53 -19.83
N ASP D 189 25.56 23.13 -21.05
CA ASP D 189 24.46 23.76 -21.80
C ASP D 189 23.13 23.07 -21.47
N PRO D 190 22.24 23.75 -20.72
CA PRO D 190 20.98 23.09 -20.31
C PRO D 190 19.97 22.93 -21.46
N SER D 191 20.18 23.66 -22.55
CA SER D 191 19.32 23.52 -23.74
C SER D 191 19.65 22.30 -24.57
N LYS D 192 20.76 21.63 -24.25
CA LYS D 192 21.10 20.39 -24.90
C LYS D 192 21.31 19.33 -23.82
N ASN D 193 22.30 18.46 -24.00
CA ASN D 193 22.62 17.39 -23.04
C ASN D 193 21.46 16.45 -22.72
N GLU D 194 20.67 16.10 -23.72
CA GLU D 194 19.62 15.09 -23.56
C GLU D 194 20.20 13.73 -23.21
N ASN D 195 21.45 13.50 -23.61
CA ASN D 195 22.07 12.19 -23.44
C ASN D 195 23.24 12.20 -22.45
N THR D 196 23.22 13.19 -21.56
CA THR D 196 24.20 13.31 -20.48
C THR D 196 23.46 13.75 -19.22
N ARG D 197 23.93 13.28 -18.06
CA ARG D 197 23.48 13.83 -16.77
C ARG D 197 24.64 14.56 -16.11
N TYR D 198 24.43 15.81 -15.73
CA TYR D 198 25.47 16.59 -15.06
C TYR D 198 24.93 17.20 -13.77
N TYR D 199 25.85 17.36 -12.81
CA TYR D 199 25.54 17.79 -11.46
C TYR D 199 26.65 18.73 -11.00
N GLY D 200 26.26 19.94 -10.62
CA GLY D 200 27.23 20.97 -10.30
C GLY D 200 26.86 21.80 -9.09
N SER D 201 27.90 22.32 -8.46
CA SER D 201 27.78 23.07 -7.26
C SER D 201 28.88 24.14 -7.16
N PHE D 202 28.47 25.37 -6.86
CA PHE D 202 29.37 26.53 -6.76
C PHE D 202 29.16 27.31 -5.45
N THR D 203 30.27 27.72 -4.84
CA THR D 203 30.25 28.69 -3.73
C THR D 203 31.42 29.63 -3.96
N GLY D 204 31.15 30.91 -4.10
CA GLY D 204 32.19 31.89 -4.38
C GLY D 204 32.88 32.47 -3.15
N GLY D 205 33.30 33.73 -3.25
CA GLY D 205 34.03 34.39 -2.17
C GLY D 205 35.52 34.10 -2.24
N ALA D 206 36.29 34.86 -1.48
CA ALA D 206 37.76 34.78 -1.53
C ALA D 206 38.35 34.00 -0.35
N THR D 207 37.61 33.90 0.75
CA THR D 207 38.11 33.24 1.96
C THR D 207 37.12 32.24 2.55
N THR D 208 36.12 31.85 1.78
CA THR D 208 35.05 30.94 2.23
C THR D 208 35.63 29.56 2.61
N PRO D 209 35.20 29.01 3.76
CA PRO D 209 35.59 27.64 4.12
C PRO D 209 34.99 26.62 3.14
N PRO D 210 35.84 25.76 2.54
CA PRO D 210 35.38 24.65 1.70
C PRO D 210 34.64 23.64 2.57
N VAL D 211 33.61 23.01 2.00
CA VAL D 211 32.84 22.01 2.72
C VAL D 211 32.73 20.82 1.78
N MET D 212 33.12 19.63 2.25
CA MET D 212 32.97 18.42 1.44
C MET D 212 32.65 17.21 2.30
N GLN D 213 31.92 16.28 1.69
CA GLN D 213 31.58 14.99 2.29
C GLN D 213 32.31 13.90 1.56
N PHE D 214 32.56 12.79 2.25
CA PHE D 214 33.03 11.59 1.60
C PHE D 214 32.44 10.35 2.26
N THR D 215 31.99 9.42 1.42
CA THR D 215 31.41 8.17 1.88
C THR D 215 31.40 7.15 0.73
N ASN D 216 31.20 5.88 1.02
CA ASN D 216 30.97 4.92 -0.05
C ASN D 216 29.56 4.40 -0.01
N SER D 217 28.67 5.13 0.67
CA SER D 217 27.29 4.65 0.88
C SER D 217 26.25 5.34 0.00
N VAL D 218 26.68 6.21 -0.91
CA VAL D 218 25.75 7.05 -1.68
C VAL D 218 25.84 6.78 -3.19
N THR D 219 24.69 6.53 -3.80
CA THR D 219 24.59 6.33 -5.24
C THR D 219 23.63 7.33 -5.88
N THR D 220 24.02 7.87 -7.03
CA THR D 220 23.14 8.73 -7.81
C THR D 220 22.57 7.93 -8.98
N VAL D 221 21.24 7.94 -9.10
CA VAL D 221 20.56 7.28 -10.20
C VAL D 221 20.51 8.23 -11.41
N LEU D 222 20.88 7.71 -12.58
CA LEU D 222 21.03 8.52 -13.80
C LEU D 222 19.85 8.46 -14.79
N LEU D 223 18.81 7.71 -14.44
CA LEU D 223 17.66 7.52 -15.32
C LEU D 223 16.86 8.82 -15.39
N ASP D 224 16.37 9.18 -16.58
CA ASP D 224 15.51 10.36 -16.72
C ASP D 224 14.08 10.04 -16.32
N GLU D 225 13.15 10.94 -16.60
CA GLU D 225 11.77 10.75 -16.15
C GLU D 225 11.05 9.65 -16.94
N ASN D 226 11.66 9.20 -18.03
CA ASN D 226 11.16 8.05 -18.78
C ASN D 226 11.86 6.75 -18.39
N GLY D 227 12.73 6.84 -17.38
CA GLY D 227 13.52 5.70 -16.92
C GLY D 227 14.65 5.26 -17.86
N VAL D 228 15.12 6.19 -18.69
CA VAL D 228 16.22 5.91 -19.61
C VAL D 228 17.47 6.69 -19.19
N GLY D 229 18.58 5.99 -19.05
CA GLY D 229 19.84 6.63 -18.71
C GLY D 229 20.55 7.04 -19.98
N PRO D 230 21.70 7.74 -19.86
CA PRO D 230 22.55 8.05 -21.01
C PRO D 230 22.85 6.78 -21.83
N LEU D 231 22.79 6.90 -23.16
CA LEU D 231 23.01 5.79 -24.06
C LEU D 231 24.35 6.01 -24.78
N CYS D 232 25.25 5.04 -24.62
CA CYS D 232 26.63 5.21 -25.05
C CYS D 232 26.83 5.00 -26.54
N LYS D 233 26.88 6.10 -27.27
CA LYS D 233 27.09 6.05 -28.70
C LYS D 233 28.47 5.47 -29.05
N GLY D 234 28.48 4.59 -30.05
CA GLY D 234 29.70 3.87 -30.44
C GLY D 234 30.37 3.15 -29.28
N ASP D 235 29.58 2.73 -28.30
CA ASP D 235 30.09 2.03 -27.09
C ASP D 235 31.10 2.87 -26.27
N LYS D 236 30.95 4.20 -26.30
CA LYS D 236 31.78 5.13 -25.53
C LYS D 236 31.04 5.79 -24.36
N LEU D 237 31.66 5.76 -23.19
CA LEU D 237 31.12 6.38 -21.98
C LEU D 237 31.97 7.61 -21.66
N PHE D 238 31.31 8.77 -21.58
CA PHE D 238 31.97 10.03 -21.32
C PHE D 238 31.82 10.46 -19.86
N LEU D 239 32.95 10.57 -19.16
CA LEU D 239 33.00 11.05 -17.77
C LEU D 239 33.73 12.39 -17.74
N SER D 240 33.08 13.40 -17.16
CA SER D 240 33.64 14.74 -17.05
C SER D 240 33.58 15.24 -15.61
N ALA D 241 34.49 16.14 -15.27
CA ALA D 241 34.62 16.63 -13.90
C ALA D 241 35.42 17.90 -13.81
N VAL D 242 35.17 18.65 -12.74
CA VAL D 242 36.11 19.62 -12.20
C VAL D 242 35.85 19.73 -10.71
N ASP D 243 36.92 19.74 -9.91
CA ASP D 243 36.77 19.86 -8.47
C ASP D 243 37.80 20.84 -7.90
N ILE D 244 37.52 22.12 -8.12
CA ILE D 244 38.28 23.23 -7.54
C ILE D 244 37.85 23.34 -6.08
N VAL D 245 38.76 23.04 -5.16
CA VAL D 245 38.44 23.00 -3.73
C VAL D 245 38.84 24.29 -3.00
N GLY D 246 39.36 25.25 -3.74
CA GLY D 246 39.71 26.55 -3.19
C GLY D 246 41.00 27.13 -3.74
N ILE D 247 41.58 28.03 -2.96
CA ILE D 247 42.77 28.82 -3.33
C ILE D 247 43.80 28.69 -2.21
N HIS D 248 45.02 28.32 -2.57
CA HIS D 248 46.13 28.36 -1.62
C HIS D 248 46.86 29.67 -1.72
N THR D 249 47.09 30.32 -0.58
CA THR D 249 47.85 31.56 -0.57
C THR D 249 49.27 31.34 -0.08
N ASN D 250 50.22 31.78 -0.89
CA ASN D 250 51.65 31.72 -0.61
C ASN D 250 52.12 32.83 0.33
N TYR D 251 53.32 32.68 0.87
CA TYR D 251 53.84 33.68 1.80
C TYR D 251 53.87 35.10 1.20
N SER D 252 54.25 35.19 -0.06
CA SER D 252 54.32 36.47 -0.76
C SER D 252 52.92 36.97 -1.16
N GLU D 253 51.90 36.19 -0.82
CA GLU D 253 50.49 36.52 -1.10
C GLU D 253 50.01 36.21 -2.52
N SER D 254 50.89 35.69 -3.37
CA SER D 254 50.46 35.11 -4.64
C SER D 254 49.60 33.87 -4.35
N GLN D 255 48.79 33.45 -5.31
CA GLN D 255 47.76 32.45 -5.04
C GLN D 255 47.61 31.44 -6.16
N ASN D 256 47.27 30.21 -5.78
CA ASN D 256 47.14 29.09 -6.70
C ASN D 256 45.78 28.39 -6.45
N TRP D 257 45.00 28.17 -7.51
CA TRP D 257 43.86 27.24 -7.43
C TRP D 257 44.33 25.85 -7.02
N ARG D 258 43.54 25.17 -6.19
CA ARG D 258 43.80 23.76 -5.80
C ARG D 258 42.61 22.88 -6.23
N GLY D 259 42.91 21.83 -6.99
CA GLY D 259 41.89 20.86 -7.41
C GLY D 259 42.17 19.51 -6.81
N LEU D 260 41.16 18.64 -6.80
CA LEU D 260 41.34 17.27 -6.33
C LEU D 260 40.78 16.30 -7.37
N PRO D 261 41.29 15.05 -7.41
CA PRO D 261 40.80 14.10 -8.40
C PRO D 261 39.43 13.51 -7.99
N ARG D 262 38.71 12.98 -8.97
CA ARG D 262 37.38 12.44 -8.77
C ARG D 262 37.31 10.99 -9.25
N TYR D 263 36.74 10.14 -8.40
CA TYR D 263 36.52 8.74 -8.73
C TYR D 263 35.08 8.52 -9.23
N PHE D 264 34.94 7.64 -10.21
CA PHE D 264 33.64 7.25 -10.74
C PHE D 264 33.54 5.72 -10.68
N ASN D 265 32.36 5.23 -10.29
CA ASN D 265 32.00 3.84 -10.51
C ASN D 265 30.61 3.85 -11.12
N VAL D 266 30.54 3.58 -12.42
CA VAL D 266 29.29 3.63 -13.16
C VAL D 266 28.79 2.21 -13.43
N THR D 267 27.52 1.96 -13.12
CA THR D 267 26.84 0.72 -13.47
C THR D 267 26.04 0.91 -14.78
N LEU D 268 26.17 -0.05 -15.68
CA LEU D 268 25.50 0.03 -16.97
C LEU D 268 24.74 -1.26 -17.29
N ARG D 269 23.70 -1.12 -18.10
CA ARG D 269 22.90 -2.24 -18.54
C ARG D 269 22.70 -2.14 -20.04
N LYS D 270 22.28 -3.23 -20.66
CA LYS D 270 21.98 -3.24 -22.08
C LYS D 270 20.55 -2.74 -22.37
N ARG D 271 20.45 -1.79 -23.31
CA ARG D 271 19.17 -1.25 -23.73
C ARG D 271 18.91 -1.57 -25.21
N VAL D 272 17.71 -2.06 -25.51
CA VAL D 272 17.32 -2.33 -26.89
C VAL D 272 16.93 -1.02 -27.60
N VAL D 273 17.50 -0.80 -28.78
CA VAL D 273 17.12 0.33 -29.62
C VAL D 273 16.74 -0.18 -31.01
N LYS D 274 15.90 0.57 -31.69
CA LYS D 274 15.55 0.23 -33.06
C LYS D 274 16.70 0.66 -33.95
N ASN D 275 17.03 -0.18 -34.93
CA ASN D 275 18.15 0.10 -35.82
C ASN D 275 17.81 1.21 -36.82
N PRO D 276 18.55 2.34 -36.75
CA PRO D 276 18.44 3.38 -37.78
C PRO D 276 19.33 3.02 -38.97
N VAL E 7 34.29 -14.87 -1.95
CA VAL E 7 33.36 -15.62 -1.04
C VAL E 7 31.88 -15.39 -1.42
N GLU E 8 31.17 -16.47 -1.70
CA GLU E 8 29.74 -16.39 -2.02
C GLU E 8 28.95 -16.16 -0.72
N VAL E 9 28.14 -15.10 -0.70
CA VAL E 9 27.35 -14.73 0.47
C VAL E 9 25.96 -15.36 0.33
N LEU E 10 25.55 -16.14 1.32
CA LEU E 10 24.22 -16.75 1.31
C LEU E 10 23.25 -16.01 2.25
N GLU E 11 22.27 -16.72 2.80
CA GLU E 11 21.21 -16.08 3.57
C GLU E 11 21.65 -15.73 5.01
N VAL E 12 20.85 -14.91 5.68
CA VAL E 12 21.05 -14.63 7.11
C VAL E 12 20.63 -15.83 7.96
N ARG E 13 21.41 -16.11 9.01
CA ARG E 13 21.11 -17.22 9.90
C ARG E 13 20.11 -16.76 10.96
N THR E 14 18.98 -17.45 11.07
CA THR E 14 17.96 -17.05 12.04
C THR E 14 18.07 -17.88 13.32
N GLY E 15 17.28 -17.52 14.32
CA GLY E 15 17.17 -18.31 15.54
C GLY E 15 17.60 -17.50 16.74
N PRO E 16 17.60 -18.13 17.93
CA PRO E 16 18.06 -17.42 19.12
C PRO E 16 19.57 -17.25 19.02
N ASP E 17 20.12 -16.29 19.73
CA ASP E 17 21.56 -16.07 19.67
C ASP E 17 22.08 -15.75 18.29
N ALA E 18 21.21 -15.29 17.39
CA ALA E 18 21.64 -14.92 16.05
C ALA E 18 22.28 -13.52 16.00
N ILE E 19 22.09 -12.75 17.07
CA ILE E 19 22.48 -11.33 17.13
C ILE E 19 23.44 -11.07 18.30
N THR E 20 24.41 -10.19 18.07
CA THR E 20 25.27 -9.70 19.14
C THR E 20 25.54 -8.19 18.98
N GLN E 21 25.90 -7.53 20.09
CA GLN E 21 26.27 -6.12 20.07
C GLN E 21 27.61 -5.87 20.72
N ILE E 22 28.35 -4.91 20.20
CA ILE E 22 29.59 -4.48 20.84
C ILE E 22 29.63 -2.97 20.99
N GLU E 23 30.38 -2.51 21.98
CA GLU E 23 30.64 -1.10 22.11
C GLU E 23 32.10 -0.87 22.43
N ALA E 24 32.64 0.21 21.87
CA ALA E 24 34.02 0.60 22.04
C ALA E 24 34.13 2.12 21.93
N TYR E 25 35.25 2.68 22.39
CA TYR E 25 35.56 4.07 22.11
C TYR E 25 36.99 4.17 21.61
N LEU E 26 37.24 5.14 20.73
CA LEU E 26 38.58 5.37 20.20
C LEU E 26 39.02 6.76 20.67
N ASN E 27 40.12 6.82 21.42
CA ASN E 27 40.72 8.07 21.81
C ASN E 27 41.41 8.71 20.63
N PRO E 28 41.38 10.04 20.58
CA PRO E 28 41.94 10.75 19.41
C PRO E 28 43.46 10.63 19.35
N ARG E 29 44.00 10.71 18.15
CA ARG E 29 45.44 10.66 17.96
C ARG E 29 45.89 11.92 17.19
N MET E 30 45.97 13.01 17.94
CA MET E 30 46.24 14.31 17.35
C MET E 30 47.73 14.60 17.22
N GLY E 31 48.57 13.80 17.88
CA GLY E 31 50.03 13.98 17.89
C GLY E 31 50.64 13.72 19.26
N ASN E 32 50.04 14.29 20.30
CA ASN E 32 50.35 13.86 21.66
C ASN E 32 49.42 12.68 22.00
N ASN E 33 49.95 11.47 21.80
CA ASN E 33 49.12 10.26 21.73
C ASN E 33 49.27 9.33 22.94
N ASN E 34 50.04 9.80 23.90
CA ASN E 34 50.26 9.07 25.13
C ASN E 34 49.46 9.76 26.23
N PRO E 35 48.62 8.99 26.96
CA PRO E 35 47.76 9.54 28.03
C PRO E 35 48.49 10.31 29.14
N THR E 36 49.81 10.15 29.25
CA THR E 36 50.54 10.95 30.21
C THR E 36 51.08 12.25 29.60
N ASP E 37 50.91 12.44 28.29
CA ASP E 37 51.34 13.68 27.65
C ASP E 37 50.51 14.83 28.20
N GLU E 38 51.19 15.90 28.62
CA GLU E 38 50.50 17.09 29.09
C GLU E 38 49.38 17.58 28.13
N LEU E 39 49.67 17.58 26.83
CA LEU E 39 48.69 17.97 25.81
C LEU E 39 48.04 16.79 25.09
N TYR E 40 47.81 15.71 25.82
CA TYR E 40 47.07 14.56 25.30
C TYR E 40 45.75 15.04 24.69
N GLY E 41 45.44 14.58 23.49
CA GLY E 41 44.22 14.99 22.79
C GLY E 41 44.41 16.24 21.94
N TYR E 42 45.66 16.72 21.88
CA TYR E 42 46.05 17.85 21.02
C TYR E 42 47.31 17.48 20.24
N SER E 43 47.54 18.16 19.11
CA SER E 43 48.86 18.06 18.48
C SER E 43 49.83 18.97 19.22
N ALA E 44 51.13 18.76 19.02
CA ALA E 44 52.10 19.73 19.49
C ALA E 44 51.94 21.01 18.68
N ASP E 45 52.56 22.10 19.13
CA ASP E 45 52.54 23.37 18.39
C ASP E 45 52.91 23.08 16.93
N ILE E 46 52.06 23.50 15.99
CA ILE E 46 52.35 23.29 14.57
C ILE E 46 53.70 23.92 14.26
N ASN E 47 54.63 23.13 13.69
CA ASN E 47 55.87 23.68 13.14
C ASN E 47 55.71 23.86 11.63
N VAL E 48 55.76 25.11 11.19
CA VAL E 48 55.42 25.44 9.81
C VAL E 48 56.65 25.35 8.91
N ALA E 49 56.43 24.95 7.64
CA ALA E 49 57.50 24.95 6.63
C ALA E 49 58.07 26.34 6.39
N SER E 50 59.39 26.47 6.31
CA SER E 50 59.97 27.75 5.95
C SER E 50 59.92 27.93 4.43
N SER E 51 59.73 26.84 3.69
CA SER E 51 59.61 26.87 2.24
C SER E 51 58.97 25.59 1.68
N LYS E 52 58.68 25.59 0.38
CA LYS E 52 58.13 24.40 -0.30
C LYS E 52 59.12 23.22 -0.18
N ALA E 53 60.40 23.52 -0.32
CA ALA E 53 61.45 22.52 -0.25
C ALA E 53 61.74 22.08 1.18
N SER E 54 61.47 22.94 2.14
CA SER E 54 61.91 22.70 3.50
C SER E 54 60.70 22.60 4.41
N ASP E 55 60.20 21.37 4.55
CA ASP E 55 58.94 21.12 5.21
C ASP E 55 59.03 19.81 5.98
N ASN E 56 59.39 19.91 7.25
CA ASN E 56 59.64 18.74 8.09
C ASN E 56 58.75 18.73 9.32
N PRO E 57 57.46 18.42 9.14
CA PRO E 57 56.54 18.47 10.27
C PRO E 57 56.90 17.43 11.34
N ASN E 58 56.94 17.85 12.60
CA ASN E 58 57.16 16.92 13.70
C ASN E 58 56.01 15.90 13.79
N ALA E 59 56.32 14.64 14.13
CA ALA E 59 55.27 13.61 14.28
C ALA E 59 54.19 14.03 15.29
N THR E 60 54.60 14.74 16.32
CA THR E 60 53.64 15.18 17.34
C THR E 60 52.69 16.28 16.83
N THR E 61 52.90 16.76 15.60
CA THR E 61 52.09 17.86 15.05
C THR E 61 51.10 17.37 13.97
N LEU E 62 51.11 16.07 13.71
CA LEU E 62 50.32 15.49 12.62
C LEU E 62 49.26 14.53 13.12
N PRO E 63 47.99 14.97 13.09
CA PRO E 63 46.90 14.06 13.45
C PRO E 63 46.85 12.80 12.57
N THR E 64 46.64 11.66 13.22
CA THR E 64 46.53 10.37 12.55
C THR E 64 45.16 9.72 12.80
N TYR E 65 44.80 8.73 11.99
CA TYR E 65 43.59 7.92 12.20
C TYR E 65 43.68 7.04 13.44
N SER E 66 42.56 6.94 14.16
CA SER E 66 42.40 5.95 15.22
C SER E 66 41.86 4.68 14.59
N VAL E 67 42.32 3.54 15.10
CA VAL E 67 41.80 2.24 14.66
C VAL E 67 41.81 1.24 15.83
N ALA E 68 40.72 0.50 15.93
CA ALA E 68 40.59 -0.57 16.91
C ALA E 68 40.07 -1.83 16.22
N VAL E 69 40.64 -2.99 16.57
CA VAL E 69 40.15 -4.27 16.09
C VAL E 69 39.43 -4.93 17.27
N ILE E 70 38.15 -5.21 17.10
CA ILE E 70 37.36 -5.87 18.13
C ILE E 70 37.25 -7.35 17.77
N LYS E 71 37.62 -8.23 18.70
CA LYS E 71 37.51 -9.67 18.50
C LYS E 71 36.10 -10.18 18.84
N LEU E 72 35.46 -10.86 17.89
CA LEU E 72 34.07 -11.32 18.04
C LEU E 72 34.05 -12.81 18.40
N PRO E 73 32.96 -13.28 19.03
CA PRO E 73 32.90 -14.68 19.41
C PRO E 73 33.16 -15.56 18.18
N MET E 74 33.94 -16.61 18.39
CA MET E 74 34.35 -17.52 17.33
C MET E 74 33.12 -18.29 16.84
N LEU E 75 32.93 -18.35 15.54
CA LEU E 75 31.69 -18.88 15.01
C LEU E 75 31.73 -20.32 14.50
N ASN E 76 32.88 -20.72 13.96
CA ASN E 76 32.94 -21.96 13.20
C ASN E 76 33.65 -23.12 13.92
N ASP E 78 34.99 -25.99 14.27
CA ASP E 78 34.99 -26.76 13.03
C ASP E 78 35.24 -25.83 11.85
N MET E 79 35.96 -26.27 10.84
CA MET E 79 36.20 -25.42 9.69
C MET E 79 36.09 -26.12 8.36
N THR E 80 35.38 -27.22 8.34
CA THR E 80 35.19 -27.96 7.11
C THR E 80 33.77 -28.03 6.61
N CYS E 81 32.79 -27.52 7.36
CA CYS E 81 31.42 -27.64 6.92
C CYS E 81 31.32 -26.96 5.61
N ASP E 82 30.29 -27.23 4.84
CA ASP E 82 30.23 -26.71 3.50
C ASP E 82 29.78 -25.26 3.42
N THR E 83 29.38 -24.74 4.57
CA THR E 83 29.03 -23.36 4.71
C THR E 83 29.55 -22.89 6.03
N LEU E 84 30.03 -21.68 6.05
CA LEU E 84 30.51 -21.10 7.30
C LEU E 84 29.60 -19.97 7.74
N LEU E 85 29.80 -19.51 8.98
CA LEU E 85 29.17 -18.29 9.47
C LEU E 85 30.18 -17.17 9.64
N MET E 86 29.76 -15.96 9.27
CA MET E 86 30.51 -14.75 9.52
C MET E 86 29.60 -13.77 10.22
N TRP E 87 30.19 -12.97 11.13
CA TRP E 87 29.51 -11.86 11.73
C TRP E 87 29.33 -10.77 10.71
N GLU E 88 28.09 -10.28 10.59
CA GLU E 88 27.71 -9.22 9.67
C GLU E 88 27.31 -7.98 10.49
N ALA E 89 28.00 -6.87 10.27
CA ALA E 89 27.67 -5.61 10.96
C ALA E 89 26.47 -4.98 10.27
N VAL E 90 25.38 -4.85 11.00
CA VAL E 90 24.11 -4.41 10.41
C VAL E 90 23.85 -2.91 10.61
N SER E 91 24.23 -2.40 11.77
CA SER E 91 23.97 -1.02 12.11
C SER E 91 24.88 -0.53 13.24
N VAL E 92 25.03 0.79 13.32
CA VAL E 92 25.91 1.43 14.30
C VAL E 92 25.29 2.74 14.85
N LYS E 93 25.33 2.86 16.17
CA LYS E 93 25.17 4.13 16.87
C LYS E 93 26.57 4.63 17.23
N THR E 94 26.89 5.83 16.77
CA THR E 94 28.19 6.42 17.02
C THR E 94 28.05 7.88 17.50
N GLU E 95 28.97 8.33 18.34
CA GLU E 95 28.84 9.61 19.03
C GLU E 95 30.23 10.18 19.28
N VAL E 96 30.42 11.45 18.92
CA VAL E 96 31.63 12.18 19.33
C VAL E 96 31.39 12.65 20.76
N MET E 97 32.30 12.25 21.65
CA MET E 97 32.13 12.51 23.08
C MET E 97 32.90 13.74 23.53
N GLY E 98 32.41 14.37 24.61
CA GLY E 98 33.06 15.55 25.16
C GLY E 98 32.88 16.84 24.38
N ILE E 99 31.89 16.90 23.50
CA ILE E 99 31.66 18.08 22.67
C ILE E 99 31.55 19.37 23.49
N SER E 100 30.84 19.30 24.62
CA SER E 100 30.64 20.50 25.43
C SER E 100 31.95 20.98 26.09
N SER E 101 33.00 20.17 26.05
CA SER E 101 34.29 20.62 26.58
C SER E 101 34.84 21.86 25.85
N LEU E 102 34.42 22.05 24.59
CA LEU E 102 34.77 23.26 23.83
C LEU E 102 34.04 24.52 24.29
N VAL E 103 32.98 24.35 25.08
CA VAL E 103 32.19 25.49 25.55
C VAL E 103 32.87 26.10 26.76
N ASN E 104 33.96 26.83 26.48
CA ASN E 104 34.96 27.21 27.47
C ASN E 104 35.69 28.44 26.94
N LEU E 105 35.53 29.55 27.64
N LEU E 105 35.52 29.56 27.63
CA LEU E 105 36.13 30.82 27.25
CA LEU E 105 36.13 30.83 27.23
C LEU E 105 37.27 31.28 28.15
C LEU E 105 37.26 31.29 28.15
N HIS E 106 37.64 30.45 29.13
CA HIS E 106 38.65 30.84 30.11
C HIS E 106 40.01 30.19 29.89
N GLN E 107 40.08 29.13 29.07
CA GLN E 107 41.35 28.45 28.80
C GLN E 107 42.44 29.44 28.32
N GLY E 108 43.66 29.26 28.81
CA GLY E 108 44.76 30.14 28.43
C GLY E 108 44.87 30.16 26.91
N GLY E 109 44.97 31.36 26.34
CA GLY E 109 45.05 31.48 24.89
C GLY E 109 45.08 32.89 24.35
N LYS E 110 44.46 33.07 23.19
CA LYS E 110 44.42 34.38 22.54
C LYS E 110 43.08 35.05 22.86
N TYR E 111 43.14 36.30 23.33
CA TYR E 111 41.92 37.06 23.68
C TYR E 111 41.04 37.32 22.45
N ILE E 112 39.72 37.16 22.62
CA ILE E 112 38.76 37.48 21.56
C ILE E 112 38.83 38.96 21.16
N TYR E 113 38.84 39.84 22.16
CA TYR E 113 39.03 41.26 21.92
C TYR E 113 40.34 41.64 22.61
N GLY E 114 40.32 42.64 23.49
CA GLY E 114 41.49 42.95 24.31
C GLY E 114 41.58 42.04 25.53
N SER E 115 42.48 42.37 26.45
CA SER E 115 42.80 41.49 27.59
C SER E 115 41.71 41.40 28.69
N SER E 116 40.63 42.14 28.54
CA SER E 116 39.48 42.04 29.46
C SER E 116 38.49 40.94 29.07
N SER E 117 38.64 40.40 27.86
CA SER E 117 37.64 39.48 27.29
C SER E 117 37.96 38.00 27.54
N GLY E 118 37.07 37.11 27.10
CA GLY E 118 37.36 35.68 27.08
C GLY E 118 38.32 35.33 25.95
N THR E 119 38.77 34.08 25.91
CA THR E 119 39.69 33.64 24.87
C THR E 119 38.99 32.93 23.71
N ILE E 120 39.65 32.93 22.55
CA ILE E 120 39.09 32.34 21.34
C ILE E 120 39.03 30.84 21.55
N PRO E 121 37.81 30.26 21.40
CA PRO E 121 37.67 28.81 21.57
C PRO E 121 38.17 28.05 20.35
N VAL E 122 38.18 26.72 20.46
CA VAL E 122 38.63 25.86 19.36
C VAL E 122 37.77 26.09 18.12
N GLN E 123 38.41 26.42 17.01
CA GLN E 123 37.71 26.74 15.78
C GLN E 123 38.62 26.53 14.59
N GLY E 124 38.09 26.65 13.37
CA GLY E 124 38.87 26.35 12.17
C GLY E 124 38.52 25.00 11.53
N THR E 125 39.46 24.43 10.78
CA THR E 125 39.27 23.20 10.01
C THR E 125 38.78 22.05 10.89
N THR E 126 37.74 21.37 10.43
CA THR E 126 37.29 20.14 11.10
C THR E 126 37.28 18.95 10.13
N LEU E 127 37.49 17.76 10.70
CA LEU E 127 37.44 16.53 9.93
C LEU E 127 36.83 15.43 10.78
N HIS E 128 35.71 14.88 10.31
CA HIS E 128 35.06 13.78 11.01
C HIS E 128 34.96 12.62 10.09
N MET E 129 35.44 11.48 10.55
CA MET E 129 35.24 10.25 9.82
C MET E 129 34.97 9.11 10.78
N PHE E 130 34.00 8.27 10.44
CA PHE E 130 33.96 6.95 11.05
C PHE E 130 33.79 5.87 10.00
N SER E 131 34.37 4.70 10.27
CA SER E 131 34.17 3.53 9.42
C SER E 131 33.99 2.27 10.26
N VAL E 132 33.23 1.33 9.70
CA VAL E 132 32.97 0.03 10.30
C VAL E 132 33.13 -0.99 9.18
N GLY E 133 34.02 -1.96 9.40
CA GLY E 133 34.38 -2.92 8.35
C GLY E 133 34.81 -4.27 8.88
N GLY E 134 34.89 -5.25 7.98
CA GLY E 134 35.28 -6.61 8.33
C GLY E 134 36.73 -6.91 8.04
N GLU E 135 37.52 -5.84 7.86
CA GLU E 135 38.94 -5.90 7.53
C GLU E 135 39.45 -4.45 7.61
N PRO E 136 40.80 -4.23 7.51
CA PRO E 136 41.29 -2.84 7.60
C PRO E 136 40.72 -1.93 6.52
N LEU E 137 40.43 -0.69 6.90
CA LEU E 137 40.05 0.36 5.95
C LEU E 137 41.16 0.52 4.92
N GLU E 138 40.79 0.50 3.64
CA GLU E 138 41.76 0.67 2.57
C GLU E 138 41.93 2.15 2.24
N LEU E 139 43.19 2.56 2.07
CA LEU E 139 43.57 3.97 1.98
C LEU E 139 44.20 4.35 0.65
N GLN E 140 43.94 5.60 0.24
CA GLN E 140 44.63 6.19 -0.90
C GLN E 140 45.47 7.36 -0.40
N GLY E 141 46.71 7.44 -0.86
CA GLY E 141 47.61 8.54 -0.51
C GLY E 141 47.49 9.69 -1.48
N LEU E 142 47.53 10.91 -0.91
CA LEU E 142 47.48 12.19 -1.66
C LEU E 142 47.89 13.30 -0.69
N VAL E 143 48.80 14.19 -1.11
CA VAL E 143 49.35 15.21 -0.21
C VAL E 143 49.24 16.63 -0.79
N ALA E 144 49.22 17.64 0.09
CA ALA E 144 49.39 19.05 -0.33
C ALA E 144 50.73 19.27 -1.06
N SER E 145 51.80 18.67 -0.54
CA SER E 145 53.14 18.88 -1.12
C SER E 145 53.98 17.61 -1.14
N SER E 146 54.42 17.24 -2.33
CA SER E 146 55.24 16.05 -2.48
C SER E 146 56.67 16.22 -1.95
N THR E 147 57.07 17.47 -1.65
CA THR E 147 58.44 17.74 -1.16
C THR E 147 58.51 17.79 0.37
N THR E 148 57.37 17.56 1.02
CA THR E 148 57.32 17.40 2.47
C THR E 148 58.13 16.16 2.87
N THR E 149 58.97 16.28 3.91
CA THR E 149 59.65 15.14 4.52
C THR E 149 58.87 14.75 5.77
N TYR E 150 58.21 13.59 5.73
CA TYR E 150 57.46 13.10 6.89
C TYR E 150 58.33 12.36 7.89
N PRO E 151 57.91 12.29 9.17
CA PRO E 151 58.65 11.49 10.14
C PRO E 151 58.72 10.01 9.71
N THR E 152 59.92 9.43 9.76
CA THR E 152 60.11 8.09 9.26
C THR E 152 59.35 7.03 10.06
N ASP E 153 59.07 7.31 11.34
N ASP E 153 59.08 7.29 11.34
CA ASP E 153 58.34 6.34 12.18
CA ASP E 153 58.35 6.30 12.14
C ASP E 153 56.81 6.38 12.02
C ASP E 153 56.86 6.20 11.81
N MET E 154 56.33 7.20 11.10
CA MET E 154 54.93 7.20 10.68
C MET E 154 54.84 6.45 9.35
N VAL E 155 53.65 6.00 8.99
CA VAL E 155 53.45 5.39 7.68
C VAL E 155 52.93 6.41 6.65
N THR E 156 53.75 6.71 5.64
CA THR E 156 53.41 7.73 4.64
C THR E 156 53.81 7.23 3.25
N ILE E 157 53.70 8.07 2.22
CA ILE E 157 53.95 7.61 0.85
C ILE E 157 55.45 7.49 0.60
N LYS E 158 55.84 6.33 0.07
CA LYS E 158 57.22 6.00 -0.17
C LYS E 158 57.70 6.67 -1.48
N ASN E 159 58.82 7.38 -1.41
CA ASN E 159 59.45 7.99 -2.59
C ASN E 159 58.51 8.89 -3.39
N MET E 160 57.94 9.88 -2.71
CA MET E 160 57.01 10.80 -3.33
C MET E 160 57.57 11.52 -4.56
N LYS E 161 56.69 11.76 -5.52
CA LYS E 161 56.95 12.59 -6.70
C LYS E 161 55.78 13.57 -6.80
N PRO E 162 55.91 14.60 -7.66
CA PRO E 162 54.81 15.56 -7.71
C PRO E 162 53.44 14.95 -8.05
N VAL E 163 53.43 13.75 -8.65
CA VAL E 163 52.17 13.01 -8.96
C VAL E 163 51.33 12.72 -7.69
N ASN E 164 51.99 12.71 -6.53
CA ASN E 164 51.32 12.41 -5.27
C ASN E 164 50.55 13.59 -4.72
N GLN E 165 50.59 14.71 -5.44
CA GLN E 165 49.75 15.88 -5.17
C GLN E 165 48.37 15.70 -5.81
N ALA E 166 48.23 14.60 -6.55
CA ALA E 166 46.98 14.19 -7.17
C ALA E 166 46.91 12.66 -7.03
N LEU E 167 46.21 11.99 -7.95
CA LEU E 167 45.96 10.55 -7.80
C LEU E 167 47.07 9.75 -8.44
N ASP E 168 47.84 9.08 -7.58
CA ASP E 168 48.83 8.07 -7.99
C ASP E 168 48.28 6.70 -7.60
N PRO E 169 47.90 5.88 -8.60
CA PRO E 169 47.24 4.61 -8.30
C PRO E 169 48.12 3.66 -7.46
N ASN E 170 49.41 3.97 -7.35
CA ASN E 170 50.34 3.13 -6.59
C ASN E 170 50.47 3.50 -5.12
N ALA E 171 49.90 4.62 -4.74
CA ALA E 171 50.01 5.09 -3.38
C ALA E 171 48.84 4.56 -2.59
N LYS E 172 48.92 3.30 -2.19
CA LYS E 172 47.83 2.69 -1.43
C LYS E 172 48.30 2.05 -0.14
N ALA E 173 47.44 2.05 0.89
CA ALA E 173 47.79 1.42 2.16
C ALA E 173 46.56 0.86 2.87
N LEU E 174 46.79 0.24 4.02
CA LEU E 174 45.73 -0.30 4.86
C LEU E 174 45.82 0.41 6.20
N LEU E 175 44.67 0.77 6.75
CA LEU E 175 44.63 1.33 8.09
C LEU E 175 44.75 0.21 9.10
N ASP E 176 45.99 -0.20 9.37
CA ASP E 176 46.24 -1.36 10.22
C ASP E 176 47.00 -1.03 11.51
N LYS E 177 47.30 0.25 11.75
CA LYS E 177 47.93 0.69 12.99
C LYS E 177 47.27 1.97 13.50
N ASP E 178 47.00 2.02 14.80
CA ASP E 178 46.48 3.22 15.45
C ASP E 178 47.56 4.29 15.60
N GLY E 179 47.20 5.55 15.33
CA GLY E 179 48.13 6.66 15.57
C GLY E 179 49.38 6.68 14.68
N LYS E 180 49.25 6.20 13.44
CA LYS E 180 50.43 6.06 12.58
C LYS E 180 50.24 6.63 11.19
N TYR E 181 48.99 6.67 10.72
CA TYR E 181 48.68 7.08 9.35
C TYR E 181 48.13 8.51 9.35
N PRO E 182 48.94 9.50 8.88
CA PRO E 182 48.46 10.90 8.93
C PRO E 182 47.25 11.17 8.01
N VAL E 183 46.26 11.89 8.54
CA VAL E 183 45.08 12.27 7.74
C VAL E 183 45.43 13.11 6.49
N GLU E 184 46.48 13.93 6.58
CA GLU E 184 46.87 14.81 5.47
C GLU E 184 47.59 14.05 4.34
N VAL E 185 47.91 12.78 4.60
CA VAL E 185 48.50 11.91 3.60
C VAL E 185 47.48 10.90 3.07
N TRP E 186 46.67 10.33 3.96
CA TRP E 186 45.78 9.21 3.61
C TRP E 186 44.32 9.53 3.77
N SER E 187 43.50 9.01 2.85
CA SER E 187 42.05 9.10 2.91
C SER E 187 41.41 7.80 2.39
N PRO E 188 40.13 7.53 2.76
CA PRO E 188 39.47 6.30 2.30
C PRO E 188 39.52 6.12 0.77
N ASP E 189 39.82 4.91 0.33
CA ASP E 189 39.98 4.64 -1.09
C ASP E 189 38.60 4.19 -1.63
N PRO E 190 37.94 5.06 -2.45
CA PRO E 190 36.61 4.68 -2.92
C PRO E 190 36.63 3.60 -4.00
N SER E 191 37.81 3.31 -4.57
CA SER E 191 37.95 2.25 -5.57
C SER E 191 38.01 0.89 -4.92
N LYS E 192 38.18 0.85 -3.60
CA LYS E 192 38.19 -0.43 -2.88
C LYS E 192 37.13 -0.41 -1.79
N ASN E 193 37.46 -0.89 -0.59
CA ASN E 193 36.56 -0.85 0.56
C ASN E 193 35.15 -1.51 0.36
N GLU E 194 35.09 -2.54 -0.47
CA GLU E 194 33.84 -3.28 -0.67
C GLU E 194 33.27 -3.85 0.62
N ASN E 195 34.14 -4.06 1.61
CA ASN E 195 33.75 -4.72 2.86
C ASN E 195 33.82 -3.79 4.09
N THR E 196 33.75 -2.49 3.83
CA THR E 196 33.77 -1.48 4.89
C THR E 196 32.79 -0.38 4.54
N ARG E 197 32.07 0.17 5.53
CA ARG E 197 31.31 1.39 5.27
C ARG E 197 32.02 2.54 5.95
N TYR E 198 32.32 3.59 5.19
CA TYR E 198 32.94 4.80 5.76
C TYR E 198 32.09 6.06 5.51
N TYR E 199 32.16 7.01 6.45
CA TYR E 199 31.37 8.24 6.41
C TYR E 199 32.23 9.39 6.91
N GLY E 200 32.44 10.39 6.05
CA GLY E 200 33.30 11.51 6.38
C GLY E 200 32.73 12.88 6.04
N SER E 201 33.10 13.88 6.83
CA SER E 201 32.82 15.25 6.41
C SER E 201 33.93 16.19 6.82
N PHE E 202 34.12 17.20 6.00
CA PHE E 202 35.19 18.16 6.13
C PHE E 202 34.65 19.57 5.94
N THR E 203 35.07 20.47 6.83
CA THR E 203 34.87 21.91 6.63
C THR E 203 36.21 22.58 6.89
N GLY E 204 36.68 23.37 5.94
CA GLY E 204 38.01 23.97 6.03
C GLY E 204 38.03 25.31 6.74
N GLY E 205 38.97 26.17 6.32
CA GLY E 205 39.16 27.49 6.92
C GLY E 205 39.99 27.52 8.19
N ALA E 206 40.47 28.72 8.53
CA ALA E 206 41.33 28.92 9.70
C ALA E 206 40.55 29.25 10.97
N THR E 207 39.39 29.90 10.82
CA THR E 207 38.63 30.40 11.96
C THR E 207 37.17 29.92 11.99
N THR E 208 36.83 28.94 11.15
CA THR E 208 35.43 28.51 10.99
C THR E 208 34.85 27.94 12.28
N PRO E 209 33.64 28.40 12.67
CA PRO E 209 32.97 27.83 13.84
C PRO E 209 32.68 26.34 13.62
N PRO E 210 33.06 25.48 14.59
CA PRO E 210 32.76 24.04 14.51
C PRO E 210 31.28 23.81 14.80
N VAL E 211 30.70 22.79 14.18
CA VAL E 211 29.29 22.45 14.39
C VAL E 211 29.20 20.94 14.61
N MET E 212 28.59 20.54 15.72
CA MET E 212 28.42 19.14 16.04
C MET E 212 27.08 18.88 16.75
N GLN E 213 26.52 17.70 16.50
CA GLN E 213 25.29 17.25 17.15
C GLN E 213 25.65 16.10 18.04
N PHE E 214 24.82 15.86 19.04
CA PHE E 214 24.94 14.68 19.88
C PHE E 214 23.57 14.20 20.37
N THR E 215 23.34 12.90 20.23
CA THR E 215 22.08 12.29 20.63
C THR E 215 22.30 10.80 20.79
N ASN E 216 21.40 10.11 21.50
CA ASN E 216 21.39 8.64 21.46
C ASN E 216 20.20 8.08 20.69
N SER E 217 19.62 8.89 19.81
CA SER E 217 18.42 8.50 19.05
C SER E 217 18.70 8.14 17.59
N VAL E 218 19.95 8.23 17.15
CA VAL E 218 20.23 8.06 15.72
C VAL E 218 21.05 6.79 15.46
N THR E 219 20.61 6.00 14.49
CA THR E 219 21.33 4.79 14.08
C THR E 219 21.64 4.85 12.59
N THR E 220 22.86 4.46 12.20
CA THR E 220 23.18 4.30 10.80
C THR E 220 23.13 2.82 10.39
N VAL E 221 22.35 2.52 9.35
CA VAL E 221 22.27 1.15 8.78
C VAL E 221 23.46 0.93 7.85
N LEU E 222 24.14 -0.20 8.02
CA LEU E 222 25.40 -0.48 7.31
C LEU E 222 25.26 -1.40 6.09
N LEU E 223 24.04 -1.84 5.84
CA LEU E 223 23.78 -2.78 4.76
C LEU E 223 24.02 -2.12 3.41
N ASP E 224 24.54 -2.85 2.44
CA ASP E 224 24.68 -2.30 1.11
C ASP E 224 23.40 -2.45 0.31
N GLU E 225 23.45 -2.09 -0.97
CA GLU E 225 22.28 -2.15 -1.84
C GLU E 225 21.77 -3.58 -2.09
N ASN E 226 22.51 -4.60 -1.63
CA ASN E 226 22.04 -5.99 -1.69
C ASN E 226 21.60 -6.51 -0.33
N GLY E 227 21.51 -5.62 0.65
CA GLY E 227 21.14 -5.99 2.01
C GLY E 227 22.24 -6.64 2.83
N VAL E 228 23.49 -6.49 2.38
CA VAL E 228 24.64 -7.13 3.08
C VAL E 228 25.54 -6.09 3.77
N GLY E 229 25.77 -6.30 5.06
CA GLY E 229 26.71 -5.47 5.82
C GLY E 229 28.14 -5.97 5.70
N PRO E 230 29.11 -5.23 6.29
CA PRO E 230 30.48 -5.73 6.36
C PRO E 230 30.55 -7.10 7.05
N LEU E 231 31.36 -7.99 6.48
CA LEU E 231 31.50 -9.35 6.98
C LEU E 231 32.88 -9.49 7.61
N CYS E 232 32.90 -9.90 8.87
CA CYS E 232 34.09 -9.83 9.69
C CYS E 232 35.02 -11.02 9.46
N LYS E 233 36.09 -10.78 8.72
CA LYS E 233 37.05 -11.83 8.42
C LYS E 233 37.79 -12.23 9.68
N GLY E 234 37.92 -13.54 9.89
CA GLY E 234 38.52 -14.10 11.12
C GLY E 234 37.86 -13.62 12.40
N ASP E 235 36.54 -13.40 12.35
CA ASP E 235 35.78 -12.87 13.49
C ASP E 235 36.35 -11.55 14.05
N LYS E 236 36.89 -10.70 13.17
CA LYS E 236 37.43 -9.40 13.60
C LYS E 236 36.66 -8.21 13.01
N LEU E 237 36.31 -7.26 13.87
CA LEU E 237 35.59 -6.06 13.47
C LEU E 237 36.51 -4.85 13.56
N PHE E 238 36.66 -4.16 12.44
CA PHE E 238 37.51 -2.96 12.38
C PHE E 238 36.70 -1.67 12.55
N LEU E 239 37.05 -0.91 13.60
CA LEU E 239 36.46 0.41 13.86
C LEU E 239 37.55 1.46 13.68
N SER E 240 37.30 2.42 12.80
CA SER E 240 38.26 3.49 12.52
C SER E 240 37.60 4.86 12.63
N ALA E 241 38.37 5.86 13.06
CA ALA E 241 37.85 7.22 13.25
C ALA E 241 38.93 8.31 13.16
N VAL E 242 38.49 9.51 12.81
CA VAL E 242 39.21 10.74 13.14
C VAL E 242 38.16 11.82 13.45
N ASP E 243 38.38 12.57 14.52
CA ASP E 243 37.48 13.66 14.87
C ASP E 243 38.28 14.87 15.32
N ILE E 244 38.79 15.60 14.33
CA ILE E 244 39.47 16.87 14.54
C ILE E 244 38.40 17.96 14.65
N VAL E 245 38.28 18.56 15.82
CA VAL E 245 37.20 19.53 16.08
C VAL E 245 37.64 20.98 15.91
N GLY E 246 38.91 21.19 15.58
CA GLY E 246 39.39 22.50 15.23
C GLY E 246 40.80 22.74 15.73
N ILE E 247 41.15 24.02 15.86
CA ILE E 247 42.48 24.49 16.23
C ILE E 247 42.37 25.37 17.47
N HIS E 248 43.17 25.07 18.50
CA HIS E 248 43.34 25.94 19.65
C HIS E 248 44.49 26.88 19.43
N THR E 249 44.29 28.15 19.73
CA THR E 249 45.36 29.14 19.61
C THR E 249 45.87 29.57 20.99
N ASN E 250 47.19 29.53 21.14
CA ASN E 250 47.86 29.91 22.38
C ASN E 250 48.14 31.42 22.43
N TYR E 251 48.50 31.91 23.62
CA TYR E 251 48.80 33.33 23.78
C TYR E 251 49.86 33.85 22.78
N SER E 252 50.91 33.06 22.56
CA SER E 252 51.98 33.45 21.62
C SER E 252 51.56 33.29 20.15
N GLU E 253 50.37 32.73 19.95
CA GLU E 253 49.77 32.52 18.63
C GLU E 253 50.22 31.21 17.99
N SER E 254 50.97 30.41 18.73
CA SER E 254 51.24 29.04 18.31
C SER E 254 49.89 28.31 18.33
N GLN E 255 49.76 27.20 17.62
CA GLN E 255 48.47 26.53 17.49
C GLN E 255 48.55 25.01 17.62
N ASN E 256 47.54 24.42 18.26
CA ASN E 256 47.42 22.98 18.41
C ASN E 256 46.12 22.44 17.82
N TRP E 257 46.20 21.37 17.02
CA TRP E 257 45.00 20.63 16.63
C TRP E 257 44.34 20.07 17.85
N ARG E 258 43.01 20.08 17.89
CA ARG E 258 42.24 19.49 19.00
C ARG E 258 41.35 18.37 18.47
N GLY E 259 41.36 17.23 19.14
CA GLY E 259 40.54 16.09 18.71
C GLY E 259 39.67 15.62 19.86
N LEU E 260 38.63 14.87 19.53
CA LEU E 260 37.74 14.28 20.54
C LEU E 260 37.54 12.77 20.30
N PRO E 261 37.23 12.02 21.37
CA PRO E 261 37.08 10.58 21.18
C PRO E 261 35.73 10.25 20.57
N ARG E 262 35.63 9.06 19.97
CA ARG E 262 34.39 8.59 19.37
C ARG E 262 33.94 7.25 19.93
N TYR E 263 32.65 7.17 20.23
CA TYR E 263 31.99 5.98 20.70
C TYR E 263 31.30 5.23 19.54
N PHE E 264 31.35 3.89 19.58
CA PHE E 264 30.66 3.02 18.64
C PHE E 264 29.83 1.99 19.40
N ASN E 265 28.62 1.74 18.92
CA ASN E 265 27.84 0.62 19.38
C ASN E 265 27.34 -0.04 18.12
N VAL E 266 27.90 -1.22 17.83
CA VAL E 266 27.59 -1.94 16.59
C VAL E 266 26.77 -3.19 16.88
N THR E 267 25.70 -3.38 16.09
CA THR E 267 24.88 -4.59 16.13
C THR E 267 25.27 -5.51 14.96
N LEU E 268 25.54 -6.77 15.27
CA LEU E 268 25.99 -7.75 14.28
C LEU E 268 25.09 -8.97 14.28
N ARG E 269 24.92 -9.58 13.12
CA ARG E 269 24.12 -10.80 12.98
C ARG E 269 24.94 -11.89 12.27
N LYS E 270 24.52 -13.15 12.41
CA LYS E 270 25.22 -14.23 11.73
C LYS E 270 24.78 -14.33 10.26
N ARG E 271 25.76 -14.32 9.37
CA ARG E 271 25.50 -14.48 7.94
C ARG E 271 26.11 -15.78 7.41
N VAL E 272 25.32 -16.60 6.72
CA VAL E 272 25.83 -17.83 6.10
C VAL E 272 26.62 -17.47 4.85
N VAL E 273 27.79 -18.09 4.70
CA VAL E 273 28.62 -17.94 3.49
C VAL E 273 29.08 -19.31 2.98
N LYS E 274 29.31 -19.40 1.67
CA LYS E 274 29.81 -20.63 1.07
C LYS E 274 31.32 -20.80 1.37
N ASN E 275 31.68 -21.98 1.87
CA ASN E 275 33.07 -22.27 2.25
C ASN E 275 34.05 -22.25 1.04
N PRO E 276 35.08 -21.36 1.08
CA PRO E 276 36.05 -21.26 0.00
C PRO E 276 37.32 -22.07 0.22
N VAL F 7 14.44 -23.19 -25.60
CA VAL F 7 14.74 -21.77 -25.95
C VAL F 7 14.95 -20.92 -24.69
N GLU F 8 15.90 -20.00 -24.74
CA GLU F 8 16.12 -19.07 -23.65
C GLU F 8 15.18 -17.87 -23.81
N VAL F 9 14.23 -17.73 -22.88
CA VAL F 9 13.21 -16.68 -22.93
C VAL F 9 13.71 -15.37 -22.31
N LEU F 10 13.71 -14.29 -23.09
CA LEU F 10 14.12 -13.00 -22.55
C LEU F 10 12.90 -12.09 -22.30
N GLU F 11 13.05 -10.79 -22.48
CA GLU F 11 12.01 -9.85 -22.05
C GLU F 11 10.91 -9.65 -23.11
N VAL F 12 9.81 -9.03 -22.70
CA VAL F 12 8.75 -8.62 -23.63
C VAL F 12 9.24 -7.46 -24.51
N ARG F 13 8.95 -7.52 -25.80
CA ARG F 13 9.28 -6.43 -26.70
C ARG F 13 8.19 -5.36 -26.59
N THR F 14 8.57 -4.14 -26.25
CA THR F 14 7.61 -3.04 -26.18
C THR F 14 7.63 -2.25 -27.49
N GLY F 15 6.80 -1.21 -27.57
CA GLY F 15 6.76 -0.31 -28.72
C GLY F 15 5.40 -0.41 -29.36
N PRO F 16 5.12 0.42 -30.40
CA PRO F 16 3.87 0.23 -31.12
C PRO F 16 3.90 -1.08 -31.89
N ASP F 17 2.74 -1.67 -32.13
CA ASP F 17 2.61 -2.91 -32.89
C ASP F 17 3.05 -4.19 -32.19
N ALA F 18 3.50 -4.09 -30.93
CA ALA F 18 3.95 -5.29 -30.19
C ALA F 18 2.81 -6.28 -29.84
N ILE F 19 1.57 -5.85 -30.03
CA ILE F 19 0.39 -6.64 -29.68
C ILE F 19 -0.40 -7.03 -30.94
N THR F 20 -0.95 -8.23 -30.94
CA THR F 20 -1.90 -8.64 -31.96
C THR F 20 -3.04 -9.45 -31.34
N GLN F 21 -4.18 -9.48 -32.03
CA GLN F 21 -5.30 -10.32 -31.62
C GLN F 21 -5.69 -11.20 -32.78
N ILE F 22 -6.07 -12.44 -32.50
CA ILE F 22 -6.69 -13.28 -33.50
C ILE F 22 -8.04 -13.80 -32.97
N GLU F 23 -8.96 -14.09 -33.88
CA GLU F 23 -10.13 -14.83 -33.45
C GLU F 23 -10.46 -16.00 -34.36
N ALA F 24 -11.09 -17.02 -33.80
CA ALA F 24 -11.39 -18.23 -34.54
C ALA F 24 -12.53 -18.94 -33.86
N TYR F 25 -13.23 -19.77 -34.62
CA TYR F 25 -14.24 -20.66 -34.05
C TYR F 25 -13.90 -22.08 -34.47
N LEU F 26 -14.25 -23.04 -33.61
CA LEU F 26 -14.04 -24.47 -33.88
C LEU F 26 -15.40 -25.17 -33.79
N ASN F 27 -15.80 -25.83 -34.88
CA ASN F 27 -17.04 -26.60 -34.87
C ASN F 27 -16.88 -27.94 -34.14
N PRO F 28 -17.96 -28.42 -33.49
CA PRO F 28 -17.84 -29.65 -32.72
C PRO F 28 -17.72 -30.91 -33.60
N ARG F 29 -17.10 -31.94 -33.03
CA ARG F 29 -16.85 -33.19 -33.74
C ARG F 29 -17.43 -34.33 -32.91
N MET F 30 -18.75 -34.47 -32.98
CA MET F 30 -19.47 -35.46 -32.18
C MET F 30 -19.58 -36.84 -32.85
N GLY F 31 -19.20 -36.93 -34.12
CA GLY F 31 -19.31 -38.17 -34.88
C GLY F 31 -19.86 -37.90 -36.26
N ASN F 32 -20.95 -37.15 -36.34
CA ASN F 32 -21.37 -36.61 -37.62
C ASN F 32 -20.62 -35.32 -37.83
N ASN F 33 -19.53 -35.41 -38.61
CA ASN F 33 -18.52 -34.37 -38.64
C ASN F 33 -18.42 -33.65 -39.97
N ASN F 34 -19.28 -34.03 -40.91
CA ASN F 34 -19.32 -33.37 -42.20
C ASN F 34 -20.52 -32.42 -42.23
N PRO F 35 -20.33 -31.15 -42.67
CA PRO F 35 -21.45 -30.19 -42.58
C PRO F 35 -22.66 -30.55 -43.44
N THR F 36 -22.52 -31.54 -44.32
CA THR F 36 -23.66 -31.99 -45.10
C THR F 36 -24.42 -33.12 -44.39
N ASP F 37 -23.84 -33.68 -43.33
CA ASP F 37 -24.52 -34.68 -42.50
C ASP F 37 -25.86 -34.15 -41.95
N GLU F 38 -26.91 -34.95 -42.07
CA GLU F 38 -28.21 -34.60 -41.51
C GLU F 38 -28.13 -34.24 -40.01
N LEU F 39 -27.34 -35.01 -39.26
CA LEU F 39 -27.23 -34.79 -37.83
C LEU F 39 -25.86 -34.19 -37.48
N TYR F 40 -25.36 -33.33 -38.36
CA TYR F 40 -24.12 -32.62 -38.10
C TYR F 40 -24.22 -31.92 -36.74
N GLY F 41 -23.21 -32.10 -35.91
CA GLY F 41 -23.20 -31.54 -34.57
C GLY F 41 -23.75 -32.48 -33.50
N TYR F 42 -24.04 -33.70 -33.91
CA TYR F 42 -24.42 -34.79 -33.01
C TYR F 42 -23.59 -36.03 -33.36
N SER F 43 -23.56 -37.00 -32.45
CA SER F 43 -23.10 -38.34 -32.81
C SER F 43 -24.29 -39.07 -33.47
N ALA F 44 -23.99 -40.16 -34.17
CA ALA F 44 -25.04 -41.07 -34.60
C ALA F 44 -25.58 -41.80 -33.35
N ASP F 45 -26.72 -42.46 -33.46
CA ASP F 45 -27.27 -43.28 -32.36
C ASP F 45 -26.16 -44.10 -31.69
N ILE F 46 -26.07 -44.06 -30.35
CA ILE F 46 -25.03 -44.82 -29.64
C ILE F 46 -25.25 -46.32 -29.82
N ASN F 47 -24.23 -47.04 -30.28
CA ASN F 47 -24.30 -48.50 -30.35
C ASN F 47 -23.51 -49.10 -29.18
N VAL F 48 -24.22 -49.87 -28.37
CA VAL F 48 -23.76 -50.30 -27.05
C VAL F 48 -23.09 -51.68 -27.12
N ALA F 49 -22.14 -51.95 -26.23
CA ALA F 49 -21.48 -53.27 -26.15
C ALA F 49 -22.45 -54.41 -25.75
N SER F 50 -22.23 -55.60 -26.33
CA SER F 50 -22.94 -56.82 -25.91
C SER F 50 -22.41 -57.37 -24.60
N SER F 51 -21.14 -57.11 -24.33
CA SER F 51 -20.43 -57.71 -23.21
C SER F 51 -19.07 -57.02 -23.03
N LYS F 52 -18.34 -57.45 -22.02
CA LYS F 52 -16.96 -57.02 -21.85
C LYS F 52 -16.11 -57.29 -23.12
N ALA F 53 -16.18 -58.50 -23.65
CA ALA F 53 -15.34 -58.91 -24.79
C ALA F 53 -15.74 -58.23 -26.10
N SER F 54 -17.03 -57.91 -26.25
CA SER F 54 -17.60 -57.48 -27.51
C SER F 54 -18.13 -56.06 -27.45
N ASP F 55 -17.34 -55.12 -27.95
CA ASP F 55 -17.60 -53.68 -27.78
C ASP F 55 -16.96 -52.91 -28.92
N ASN F 56 -17.74 -52.66 -29.95
CA ASN F 56 -17.26 -52.06 -31.19
C ASN F 56 -17.96 -50.74 -31.53
N PRO F 57 -17.67 -49.68 -30.77
CA PRO F 57 -18.41 -48.44 -31.07
C PRO F 57 -18.12 -47.98 -32.50
N ASN F 58 -19.16 -47.53 -33.21
CA ASN F 58 -18.99 -46.95 -34.53
C ASN F 58 -18.26 -45.61 -34.42
N ALA F 59 -17.49 -45.28 -35.44
CA ALA F 59 -16.74 -44.04 -35.48
C ALA F 59 -17.69 -42.84 -35.35
N THR F 60 -18.84 -42.91 -36.02
CA THR F 60 -19.79 -41.81 -35.96
C THR F 60 -20.46 -41.67 -34.60
N THR F 61 -20.16 -42.59 -33.68
CA THR F 61 -20.73 -42.52 -32.33
C THR F 61 -19.77 -41.99 -31.26
N LEU F 62 -18.58 -41.54 -31.67
CA LEU F 62 -17.50 -41.20 -30.72
C LEU F 62 -17.03 -39.76 -30.85
N PRO F 63 -17.38 -38.92 -29.87
CA PRO F 63 -16.92 -37.53 -29.95
C PRO F 63 -15.40 -37.42 -29.85
N THR F 64 -14.85 -36.55 -30.70
CA THR F 64 -13.41 -36.34 -30.75
C THR F 64 -13.08 -34.88 -30.43
N TYR F 65 -11.79 -34.61 -30.22
CA TYR F 65 -11.34 -33.24 -29.96
C TYR F 65 -11.31 -32.44 -31.24
N SER F 66 -11.63 -31.16 -31.10
CA SER F 66 -11.44 -30.21 -32.17
C SER F 66 -10.10 -29.52 -31.96
N VAL F 67 -9.45 -29.18 -33.08
CA VAL F 67 -8.21 -28.42 -33.05
C VAL F 67 -8.05 -27.63 -34.35
N ALA F 68 -7.51 -26.43 -34.23
CA ALA F 68 -7.20 -25.58 -35.37
C ALA F 68 -5.83 -24.96 -35.16
N VAL F 69 -5.12 -24.73 -36.25
CA VAL F 69 -3.81 -24.10 -36.21
C VAL F 69 -3.90 -22.75 -36.90
N ILE F 70 -3.67 -21.68 -36.13
CA ILE F 70 -3.74 -20.32 -36.64
C ILE F 70 -2.35 -19.79 -36.97
N LYS F 71 -2.16 -19.41 -38.23
CA LYS F 71 -0.89 -18.92 -38.69
C LYS F 71 -0.81 -17.43 -38.37
N LEU F 72 0.25 -17.03 -37.67
CA LEU F 72 0.38 -15.66 -37.19
C LEU F 72 1.27 -14.83 -38.12
N PRO F 73 1.28 -13.48 -37.95
CA PRO F 73 2.19 -12.67 -38.78
C PRO F 73 3.65 -13.07 -38.58
N MET F 74 4.38 -13.25 -39.69
CA MET F 74 5.81 -13.57 -39.66
C MET F 74 6.61 -12.51 -38.90
N LEU F 75 7.41 -12.94 -37.95
CA LEU F 75 8.08 -12.03 -37.02
C LEU F 75 9.54 -11.67 -37.37
N ASN F 76 10.31 -12.65 -37.85
CA ASN F 76 11.74 -12.47 -38.05
C ASN F 76 12.14 -12.56 -39.52
N GLU F 77 12.66 -11.49 -40.08
CA GLU F 77 13.11 -11.53 -41.47
C GLU F 77 14.53 -12.07 -41.61
N ASP F 78 15.29 -12.01 -40.53
CA ASP F 78 16.65 -12.57 -40.51
C ASP F 78 16.82 -13.58 -39.37
N MET F 79 16.94 -14.85 -39.72
CA MET F 79 17.08 -15.92 -38.75
C MET F 79 18.46 -16.12 -38.17
N THR F 80 19.39 -15.26 -38.53
CA THR F 80 20.75 -15.33 -38.03
C THR F 80 21.07 -14.40 -36.87
N CYS F 81 20.12 -13.55 -36.54
CA CYS F 81 20.32 -12.55 -35.51
C CYS F 81 20.45 -13.13 -34.14
N ASP F 82 21.11 -12.44 -33.25
CA ASP F 82 21.38 -12.99 -31.95
C ASP F 82 20.11 -13.32 -31.17
N THR F 83 19.06 -12.55 -31.40
CA THR F 83 17.78 -12.77 -30.78
C THR F 83 16.65 -12.76 -31.75
N LEU F 84 15.61 -13.45 -31.36
CA LEU F 84 14.44 -13.59 -32.21
C LEU F 84 13.16 -13.18 -31.45
N LEU F 85 12.10 -12.93 -32.21
CA LEU F 85 10.79 -12.69 -31.62
C LEU F 85 9.91 -13.92 -31.76
N MET F 86 9.11 -14.17 -30.72
CA MET F 86 8.06 -15.19 -30.77
C MET F 86 6.77 -14.56 -30.30
N TRP F 87 5.65 -15.02 -30.85
CA TRP F 87 4.35 -14.60 -30.38
C TRP F 87 4.04 -15.29 -29.09
N GLU F 88 3.68 -14.50 -28.09
CA GLU F 88 3.33 -15.03 -26.78
C GLU F 88 1.85 -14.82 -26.52
N ALA F 89 1.14 -15.91 -26.25
CA ALA F 89 -0.29 -15.80 -25.94
C ALA F 89 -0.45 -15.36 -24.50
N VAL F 90 -1.09 -14.21 -24.34
CA VAL F 90 -1.19 -13.52 -23.06
C VAL F 90 -2.52 -13.81 -22.37
N SER F 91 -3.61 -13.72 -23.14
CA SER F 91 -4.94 -13.91 -22.58
C SER F 91 -5.91 -14.34 -23.67
N VAL F 92 -7.04 -14.89 -23.24
CA VAL F 92 -8.05 -15.39 -24.16
C VAL F 92 -9.45 -15.10 -23.63
N LYS F 93 -10.33 -14.66 -24.52
CA LYS F 93 -11.78 -14.72 -24.28
C LYS F 93 -12.31 -15.88 -25.08
N THR F 94 -13.05 -16.75 -24.42
CA THR F 94 -13.61 -17.92 -25.09
C THR F 94 -15.06 -18.13 -24.68
N GLU F 95 -15.84 -18.64 -25.62
CA GLU F 95 -17.28 -18.73 -25.45
C GLU F 95 -17.82 -19.99 -26.15
N VAL F 96 -18.71 -20.71 -25.47
CA VAL F 96 -19.46 -21.78 -26.13
C VAL F 96 -20.68 -21.15 -26.81
N MET F 97 -20.75 -21.26 -28.14
CA MET F 97 -21.79 -20.57 -28.92
C MET F 97 -23.08 -21.36 -29.08
N GLY F 98 -24.20 -20.65 -29.25
CA GLY F 98 -25.52 -21.27 -29.47
C GLY F 98 -26.05 -22.06 -28.29
N ILE F 99 -25.72 -21.62 -27.07
CA ILE F 99 -26.19 -22.28 -25.85
C ILE F 99 -27.72 -22.32 -25.78
N SER F 100 -28.36 -21.22 -26.18
CA SER F 100 -29.82 -21.12 -26.08
C SER F 100 -30.54 -22.02 -27.09
N SER F 101 -29.78 -22.62 -28.02
CA SER F 101 -30.36 -23.62 -28.93
C SER F 101 -30.95 -24.82 -28.20
N LEU F 102 -30.46 -25.07 -26.98
N LEU F 102 -30.45 -25.10 -26.99
CA LEU F 102 -30.94 -26.18 -26.16
CA LEU F 102 -30.97 -26.19 -26.16
C LEU F 102 -32.24 -25.86 -25.41
C LEU F 102 -32.31 -25.88 -25.50
N VAL F 103 -32.65 -24.59 -25.44
CA VAL F 103 -33.87 -24.13 -24.81
C VAL F 103 -35.02 -24.36 -25.81
N ASN F 104 -35.43 -25.63 -25.91
CA ASN F 104 -36.27 -26.14 -26.98
C ASN F 104 -36.97 -27.40 -26.48
N LEU F 105 -38.30 -27.36 -26.38
CA LEU F 105 -39.05 -28.53 -25.91
C LEU F 105 -39.93 -29.16 -26.98
N HIS F 106 -39.72 -28.76 -28.23
CA HIS F 106 -40.58 -29.25 -29.32
C HIS F 106 -39.87 -30.16 -30.27
N GLN F 107 -38.55 -30.29 -30.11
CA GLN F 107 -37.77 -31.17 -30.99
C GLN F 107 -38.26 -32.61 -30.92
N GLY F 108 -38.30 -33.30 -32.06
CA GLY F 108 -38.70 -34.73 -32.08
C GLY F 108 -37.85 -35.50 -31.08
N GLY F 109 -38.49 -36.36 -30.28
CA GLY F 109 -37.77 -37.06 -29.23
C GLY F 109 -38.68 -37.75 -28.25
N LYS F 110 -38.21 -37.84 -27.01
CA LYS F 110 -38.91 -38.51 -25.92
C LYS F 110 -39.70 -37.50 -25.08
N TYR F 111 -40.98 -37.80 -24.82
CA TYR F 111 -41.83 -36.92 -24.01
C TYR F 111 -41.38 -36.81 -22.56
N ILE F 112 -41.46 -35.61 -21.99
CA ILE F 112 -41.19 -35.44 -20.57
C ILE F 112 -42.15 -36.26 -19.71
N TYR F 113 -43.45 -36.13 -19.98
CA TYR F 113 -44.48 -36.93 -19.31
C TYR F 113 -45.17 -37.82 -20.37
N GLY F 114 -46.48 -37.78 -20.50
CA GLY F 114 -47.13 -38.41 -21.66
C GLY F 114 -47.02 -37.59 -22.94
N SER F 115 -47.76 -37.99 -23.97
CA SER F 115 -47.65 -37.37 -25.29
C SER F 115 -48.27 -35.98 -25.41
N SER F 116 -48.83 -35.44 -24.32
CA SER F 116 -49.32 -34.06 -24.34
C SER F 116 -48.23 -33.04 -23.98
N SER F 117 -47.12 -33.52 -23.42
CA SER F 117 -46.04 -32.65 -22.90
C SER F 117 -45.03 -32.27 -23.98
N GLY F 118 -44.10 -31.40 -23.62
CA GLY F 118 -42.89 -31.18 -24.43
C GLY F 118 -41.94 -32.38 -24.35
N THR F 119 -40.89 -32.35 -25.19
CA THR F 119 -39.86 -33.40 -25.17
C THR F 119 -38.68 -33.07 -24.24
N ILE F 120 -37.97 -34.13 -23.83
CA ILE F 120 -36.80 -33.99 -22.97
C ILE F 120 -35.67 -33.27 -23.72
N PRO F 121 -35.20 -32.13 -23.18
CA PRO F 121 -34.08 -31.44 -23.84
C PRO F 121 -32.76 -32.16 -23.58
N VAL F 122 -31.72 -31.74 -24.30
CA VAL F 122 -30.36 -32.30 -24.18
C VAL F 122 -29.88 -32.24 -22.73
N GLN F 123 -29.49 -33.39 -22.18
CA GLN F 123 -29.08 -33.46 -20.76
C GLN F 123 -28.15 -34.66 -20.51
N GLY F 124 -27.69 -34.84 -19.28
CA GLY F 124 -26.71 -35.89 -18.99
C GLY F 124 -25.28 -35.39 -18.97
N THR F 125 -24.34 -36.29 -19.25
CA THR F 125 -22.90 -36.02 -19.19
C THR F 125 -22.48 -34.83 -20.06
N THR F 126 -21.66 -33.96 -19.48
CA THR F 126 -21.06 -32.83 -20.20
C THR F 126 -19.54 -32.83 -20.07
N LEU F 127 -18.87 -32.33 -21.11
CA LEU F 127 -17.44 -32.18 -21.09
C LEU F 127 -17.07 -30.93 -21.85
N HIS F 128 -16.42 -30.01 -21.14
CA HIS F 128 -15.93 -28.78 -21.72
C HIS F 128 -14.46 -28.72 -21.50
N MET F 129 -13.61 -28.63 -22.47
CA MET F 129 -12.24 -28.19 -22.41
C MET F 129 -11.99 -27.09 -23.41
N PHE F 130 -10.99 -26.35 -23.17
CA PHE F 130 -10.29 -25.54 -24.16
C PHE F 130 -8.82 -25.45 -23.80
N SER F 131 -7.98 -25.34 -24.81
CA SER F 131 -6.58 -25.10 -24.57
C SER F 131 -6.01 -24.14 -25.61
N VAL F 132 -5.00 -23.38 -25.20
CA VAL F 132 -4.32 -22.44 -26.07
C VAL F 132 -2.82 -22.75 -25.92
N GLY F 133 -2.14 -23.00 -27.04
CA GLY F 133 -0.74 -23.37 -26.98
C GLY F 133 0.07 -22.97 -28.19
N GLY F 134 1.39 -23.00 -28.04
CA GLY F 134 2.27 -22.68 -29.14
C GLY F 134 2.73 -23.92 -29.89
N GLU F 135 2.05 -25.03 -29.66
CA GLU F 135 2.35 -26.34 -30.26
C GLU F 135 1.17 -27.27 -29.97
N PRO F 136 1.15 -28.49 -30.54
CA PRO F 136 0.03 -29.40 -30.26
C PRO F 136 -0.14 -29.76 -28.78
N LEU F 137 -1.40 -29.81 -28.32
CA LEU F 137 -1.70 -30.29 -26.98
C LEU F 137 -1.21 -31.74 -26.82
N GLU F 138 -0.56 -32.01 -25.70
CA GLU F 138 -0.01 -33.34 -25.45
C GLU F 138 -1.02 -34.15 -24.64
N LEU F 139 -1.21 -35.40 -25.06
CA LEU F 139 -2.31 -36.25 -24.60
C LEU F 139 -1.82 -37.51 -23.89
N GLN F 140 -2.64 -38.00 -22.94
CA GLN F 140 -2.43 -39.29 -22.27
C GLN F 140 -3.63 -40.20 -22.54
N GLY F 141 -3.36 -41.46 -22.86
CA GLY F 141 -4.42 -42.42 -23.12
C GLY F 141 -4.87 -43.15 -21.88
N LEU F 142 -6.19 -43.32 -21.75
CA LEU F 142 -6.80 -44.11 -20.68
C LEU F 142 -8.21 -44.42 -21.13
N VAL F 143 -8.64 -45.66 -20.93
CA VAL F 143 -9.98 -46.11 -21.36
C VAL F 143 -10.75 -46.80 -20.25
N ALA F 144 -12.08 -46.80 -20.36
CA ALA F 144 -12.94 -47.56 -19.47
C ALA F 144 -12.74 -49.09 -19.63
N SER F 145 -12.46 -49.53 -20.85
CA SER F 145 -12.24 -50.96 -21.12
C SER F 145 -11.16 -51.23 -22.18
N SER F 146 -10.13 -51.98 -21.79
CA SER F 146 -9.05 -52.26 -22.72
C SER F 146 -9.42 -53.25 -23.84
N THR F 147 -10.55 -53.95 -23.69
CA THR F 147 -11.01 -54.92 -24.68
C THR F 147 -11.96 -54.32 -25.72
N THR F 148 -12.14 -53.00 -25.70
CA THR F 148 -12.93 -52.28 -26.70
C THR F 148 -12.17 -52.25 -28.02
N THR F 149 -12.87 -52.45 -29.13
CA THR F 149 -12.25 -52.39 -30.45
C THR F 149 -12.65 -51.05 -31.09
N TYR F 150 -11.70 -50.13 -31.18
CA TYR F 150 -11.98 -48.81 -31.75
C TYR F 150 -11.86 -48.87 -33.27
N PRO F 151 -12.65 -48.06 -34.00
CA PRO F 151 -12.45 -48.04 -35.44
C PRO F 151 -10.99 -47.70 -35.81
N THR F 152 -10.49 -48.35 -36.86
CA THR F 152 -9.09 -48.18 -37.26
C THR F 152 -8.78 -46.81 -37.89
N ASP F 153 -9.80 -46.11 -38.39
N ASP F 153 -9.81 -46.11 -38.38
CA ASP F 153 -9.59 -44.78 -38.99
CA ASP F 153 -9.64 -44.78 -38.97
C ASP F 153 -9.45 -43.65 -37.94
C ASP F 153 -9.43 -43.67 -37.94
N MET F 154 -9.67 -43.97 -36.68
CA MET F 154 -9.43 -43.02 -35.57
C MET F 154 -8.04 -43.26 -34.99
N VAL F 155 -7.53 -42.33 -34.19
CA VAL F 155 -6.24 -42.51 -33.53
C VAL F 155 -6.50 -42.86 -32.07
N THR F 156 -6.17 -44.09 -31.71
CA THR F 156 -6.44 -44.63 -30.37
C THR F 156 -5.19 -45.37 -29.88
N ILE F 157 -5.29 -46.05 -28.73
CA ILE F 157 -4.12 -46.68 -28.12
C ILE F 157 -3.84 -47.99 -28.85
N LYS F 158 -2.67 -48.07 -29.48
CA LYS F 158 -2.25 -49.28 -30.19
C LYS F 158 -2.02 -50.42 -29.20
N ASN F 159 -2.55 -51.60 -29.53
CA ASN F 159 -2.37 -52.80 -28.72
C ASN F 159 -2.65 -52.64 -27.23
N MET F 160 -3.88 -52.28 -26.90
CA MET F 160 -4.25 -52.09 -25.52
C MET F 160 -4.13 -53.36 -24.71
N LYS F 161 -3.82 -53.17 -23.43
CA LYS F 161 -3.79 -54.24 -22.44
C LYS F 161 -4.54 -53.67 -21.23
N PRO F 162 -4.92 -54.52 -20.26
CA PRO F 162 -5.65 -54.00 -19.08
C PRO F 162 -5.00 -52.82 -18.32
N VAL F 163 -3.69 -52.65 -18.44
CA VAL F 163 -2.99 -51.50 -17.86
C VAL F 163 -3.59 -50.18 -18.37
N ASN F 164 -4.11 -50.21 -19.60
CA ASN F 164 -4.71 -49.02 -20.22
C ASN F 164 -6.05 -48.55 -19.62
N GLN F 165 -6.57 -49.32 -18.66
CA GLN F 165 -7.69 -48.88 -17.84
C GLN F 165 -7.27 -47.95 -16.70
N ALA F 166 -5.95 -47.83 -16.50
CA ALA F 166 -5.32 -46.83 -15.65
C ALA F 166 -4.12 -46.22 -16.40
N LEU F 167 -3.09 -45.79 -15.66
CA LEU F 167 -2.01 -45.03 -16.26
C LEU F 167 -0.92 -45.92 -16.82
N ASP F 168 -0.81 -45.91 -18.16
CA ASP F 168 0.30 -46.56 -18.85
C ASP F 168 1.17 -45.46 -19.46
N PRO F 169 2.40 -45.28 -18.95
CA PRO F 169 3.25 -44.17 -19.39
C PRO F 169 3.61 -44.22 -20.88
N ASN F 170 3.40 -45.35 -21.52
CA ASN F 170 3.66 -45.42 -22.96
C ASN F 170 2.52 -44.94 -23.85
N ALA F 171 1.33 -44.79 -23.27
CA ALA F 171 0.13 -44.39 -24.03
C ALA F 171 0.02 -42.87 -24.13
N LYS F 172 0.85 -42.28 -25.00
CA LYS F 172 0.90 -40.84 -25.22
C LYS F 172 0.63 -40.47 -26.68
N ALA F 173 0.16 -39.25 -26.93
CA ALA F 173 -0.07 -38.77 -28.29
C ALA F 173 -0.09 -37.24 -28.34
N LEU F 174 -0.20 -36.69 -29.54
CA LEU F 174 -0.33 -35.27 -29.75
C LEU F 174 -1.66 -35.00 -30.43
N LEU F 175 -2.37 -33.97 -29.98
CA LEU F 175 -3.60 -33.57 -30.65
C LEU F 175 -3.23 -32.77 -31.91
N ASP F 176 -3.05 -33.51 -33.00
CA ASP F 176 -2.52 -32.93 -34.24
C ASP F 176 -3.46 -33.12 -35.42
N LYS F 177 -4.65 -33.65 -35.16
CA LYS F 177 -5.68 -33.77 -36.19
C LYS F 177 -7.05 -33.51 -35.59
N ASP F 178 -7.81 -32.68 -36.26
CA ASP F 178 -9.20 -32.41 -35.88
C ASP F 178 -10.04 -33.66 -36.12
N GLY F 179 -11.00 -33.91 -35.24
CA GLY F 179 -11.99 -34.98 -35.41
C GLY F 179 -11.47 -36.41 -35.48
N LYS F 180 -10.36 -36.71 -34.80
CA LYS F 180 -9.76 -38.05 -34.92
C LYS F 180 -9.41 -38.70 -33.58
N TYR F 181 -9.29 -37.88 -32.54
CA TYR F 181 -8.88 -38.34 -31.20
C TYR F 181 -10.09 -38.41 -30.26
N PRO F 182 -10.59 -39.63 -29.96
CA PRO F 182 -11.76 -39.69 -29.08
C PRO F 182 -11.47 -39.18 -27.68
N VAL F 183 -12.42 -38.44 -27.11
CA VAL F 183 -12.26 -37.94 -25.75
C VAL F 183 -12.27 -39.08 -24.73
N GLU F 184 -12.94 -40.19 -25.05
CA GLU F 184 -13.01 -41.32 -24.13
C GLU F 184 -11.71 -42.13 -24.11
N VAL F 185 -10.80 -41.79 -25.02
CA VAL F 185 -9.49 -42.43 -25.07
C VAL F 185 -8.39 -41.50 -24.52
N TRP F 186 -8.50 -40.20 -24.83
CA TRP F 186 -7.41 -39.26 -24.55
C TRP F 186 -7.84 -38.10 -23.69
N SER F 187 -6.95 -37.70 -22.79
CA SER F 187 -7.12 -36.50 -21.98
C SER F 187 -5.79 -35.74 -21.92
N PRO F 188 -5.82 -34.44 -21.55
CA PRO F 188 -4.55 -33.67 -21.54
C PRO F 188 -3.52 -34.27 -20.58
N ASP F 189 -2.27 -34.34 -21.02
CA ASP F 189 -1.22 -34.94 -20.22
C ASP F 189 -0.61 -33.88 -19.29
N PRO F 190 -0.84 -33.99 -17.96
CA PRO F 190 -0.32 -33.00 -17.01
C PRO F 190 1.19 -33.14 -16.72
N SER F 191 1.82 -34.22 -17.20
CA SER F 191 3.27 -34.38 -17.05
C SER F 191 4.01 -33.62 -18.15
N LYS F 192 3.29 -33.18 -19.17
CA LYS F 192 3.92 -32.37 -20.20
C LYS F 192 3.17 -31.05 -20.32
N ASN F 193 2.91 -30.59 -21.54
CA ASN F 193 2.19 -29.35 -21.81
C ASN F 193 2.76 -28.09 -21.14
N GLU F 194 4.09 -27.95 -21.19
CA GLU F 194 4.75 -26.77 -20.61
C GLU F 194 4.49 -25.50 -21.44
N ASN F 195 4.12 -25.71 -22.71
CA ASN F 195 3.93 -24.61 -23.64
C ASN F 195 2.46 -24.50 -24.12
N THR F 196 1.54 -25.00 -23.30
CA THR F 196 0.10 -24.91 -23.55
C THR F 196 -0.61 -24.67 -22.22
N ARG F 197 -1.71 -23.91 -22.24
CA ARG F 197 -2.57 -23.86 -21.06
C ARG F 197 -3.88 -24.54 -21.40
N TYR F 198 -4.33 -25.47 -20.57
CA TYR F 198 -5.62 -26.13 -20.80
C TYR F 198 -6.52 -26.05 -19.58
N TYR F 199 -7.82 -26.04 -19.84
CA TYR F 199 -8.86 -25.85 -18.83
C TYR F 199 -10.07 -26.70 -19.19
N GLY F 200 -10.48 -27.57 -18.26
CA GLY F 200 -11.60 -28.48 -18.51
C GLY F 200 -12.47 -28.75 -17.31
N SER F 201 -13.74 -29.04 -17.58
N SER F 201 -13.74 -29.04 -17.59
CA SER F 201 -14.68 -29.41 -16.53
CA SER F 201 -14.72 -29.37 -16.56
C SER F 201 -15.60 -30.55 -16.99
C SER F 201 -15.61 -30.53 -17.00
N PHE F 202 -15.86 -31.47 -16.07
CA PHE F 202 -16.68 -32.64 -16.36
C PHE F 202 -17.79 -32.75 -15.32
N THR F 203 -19.01 -33.04 -15.79
CA THR F 203 -20.10 -33.48 -14.92
C THR F 203 -20.73 -34.69 -15.59
N GLY F 204 -20.76 -35.81 -14.88
CA GLY F 204 -21.26 -37.06 -15.44
C GLY F 204 -22.74 -37.26 -15.21
N GLY F 205 -23.14 -38.52 -15.08
CA GLY F 205 -24.55 -38.87 -14.93
C GLY F 205 -25.25 -39.01 -16.26
N ALA F 206 -26.45 -39.61 -16.23
CA ALA F 206 -27.17 -39.93 -17.45
C ALA F 206 -28.23 -38.91 -17.83
N THR F 207 -28.76 -38.19 -16.84
CA THR F 207 -29.85 -37.25 -17.08
C THR F 207 -29.57 -35.87 -16.45
N THR F 208 -28.32 -35.63 -16.08
CA THR F 208 -27.94 -34.43 -15.34
C THR F 208 -28.27 -33.16 -16.12
N PRO F 209 -28.92 -32.18 -15.48
CA PRO F 209 -29.12 -30.88 -16.16
C PRO F 209 -27.79 -30.19 -16.53
N PRO F 210 -27.62 -29.79 -17.79
CA PRO F 210 -26.43 -29.05 -18.19
C PRO F 210 -26.49 -27.63 -17.65
N VAL F 211 -25.32 -27.08 -17.31
CA VAL F 211 -25.16 -25.73 -16.76
C VAL F 211 -24.06 -25.03 -17.55
N MET F 212 -24.36 -23.86 -18.10
CA MET F 212 -23.40 -23.06 -18.87
C MET F 212 -23.64 -21.56 -18.70
N GLN F 213 -22.54 -20.80 -18.74
CA GLN F 213 -22.57 -19.34 -18.72
C GLN F 213 -22.15 -18.82 -20.09
N PHE F 214 -22.60 -17.63 -20.42
CA PHE F 214 -22.08 -16.93 -21.58
C PHE F 214 -22.03 -15.44 -21.32
N THR F 215 -20.89 -14.82 -21.66
CA THR F 215 -20.68 -13.38 -21.46
C THR F 215 -19.54 -12.91 -22.37
N ASN F 216 -19.45 -11.60 -22.65
CA ASN F 216 -18.24 -11.09 -23.28
C ASN F 216 -17.38 -10.30 -22.30
N SER F 217 -17.57 -10.54 -21.01
CA SER F 217 -16.86 -9.72 -20.00
C SER F 217 -15.71 -10.43 -19.26
N VAL F 218 -15.43 -11.68 -19.60
CA VAL F 218 -14.49 -12.53 -18.84
C VAL F 218 -13.25 -12.89 -19.67
N THR F 219 -12.06 -12.71 -19.08
CA THR F 219 -10.81 -13.05 -19.76
C THR F 219 -10.03 -14.03 -18.91
N THR F 220 -9.39 -15.02 -19.55
CA THR F 220 -8.47 -15.89 -18.85
C THR F 220 -7.04 -15.44 -19.20
N VAL F 221 -6.25 -15.17 -18.17
CA VAL F 221 -4.84 -14.84 -18.39
C VAL F 221 -4.06 -16.16 -18.54
N LEU F 222 -3.16 -16.21 -19.51
CA LEU F 222 -2.54 -17.47 -19.89
C LEU F 222 -1.10 -17.57 -19.39
N LEU F 223 -0.67 -16.56 -18.65
CA LEU F 223 0.72 -16.47 -18.23
C LEU F 223 0.96 -17.45 -17.08
N ASP F 224 2.13 -18.09 -17.11
CA ASP F 224 2.52 -19.02 -16.06
C ASP F 224 3.15 -18.26 -14.88
N GLU F 225 3.71 -19.01 -13.93
CA GLU F 225 4.30 -18.45 -12.70
C GLU F 225 5.34 -17.39 -12.92
N ASN F 226 5.97 -17.41 -14.09
CA ASN F 226 7.04 -16.48 -14.39
C ASN F 226 6.63 -15.35 -15.31
N GLY F 227 5.31 -15.23 -15.50
CA GLY F 227 4.74 -14.21 -16.37
C GLY F 227 4.91 -14.50 -17.84
N VAL F 228 5.07 -15.78 -18.21
CA VAL F 228 5.28 -16.16 -19.61
C VAL F 228 4.10 -16.96 -20.12
N GLY F 229 3.55 -16.54 -21.26
CA GLY F 229 2.46 -17.27 -21.90
C GLY F 229 3.04 -18.30 -22.87
N PRO F 230 2.16 -19.15 -23.46
CA PRO F 230 2.60 -20.05 -24.52
C PRO F 230 3.35 -19.28 -25.63
N LEU F 231 4.42 -19.87 -26.15
CA LEU F 231 5.21 -19.24 -27.20
C LEU F 231 4.99 -20.00 -28.50
N CYS F 232 4.66 -19.27 -29.55
CA CYS F 232 4.16 -19.92 -30.75
C CYS F 232 5.25 -20.34 -31.69
N LYS F 233 5.56 -21.64 -31.69
CA LYS F 233 6.63 -22.18 -32.52
C LYS F 233 6.26 -22.06 -33.98
N GLY F 234 7.20 -21.57 -34.78
CA GLY F 234 6.97 -21.35 -36.21
C GLY F 234 5.86 -20.36 -36.54
N ASP F 235 5.59 -19.43 -35.61
CA ASP F 235 4.48 -18.49 -35.73
C ASP F 235 3.15 -19.20 -35.93
N LYS F 236 2.94 -20.29 -35.18
CA LYS F 236 1.67 -21.02 -35.19
C LYS F 236 1.06 -21.13 -33.79
N LEU F 237 -0.23 -20.81 -33.70
CA LEU F 237 -0.99 -20.89 -32.48
C LEU F 237 -1.96 -22.06 -32.56
N PHE F 238 -1.97 -22.89 -31.52
CA PHE F 238 -2.81 -24.10 -31.49
C PHE F 238 -4.03 -23.92 -30.59
N LEU F 239 -5.21 -24.03 -31.17
CA LEU F 239 -6.45 -23.95 -30.39
C LEU F 239 -7.14 -25.32 -30.37
N SER F 240 -7.47 -25.82 -29.19
CA SER F 240 -8.11 -27.11 -29.04
C SER F 240 -9.36 -27.00 -28.17
N ALA F 241 -10.36 -27.86 -28.44
CA ALA F 241 -11.61 -27.80 -27.71
C ALA F 241 -12.44 -29.06 -27.82
N VAL F 242 -13.20 -29.33 -26.76
CA VAL F 242 -14.36 -30.20 -26.86
C VAL F 242 -15.46 -29.57 -26.01
N ASP F 243 -16.70 -29.62 -26.53
CA ASP F 243 -17.85 -29.10 -25.81
C ASP F 243 -19.06 -30.00 -25.99
N ILE F 244 -19.04 -31.10 -25.25
CA ILE F 244 -20.18 -31.99 -25.17
C ILE F 244 -21.15 -31.37 -24.17
N VAL F 245 -22.35 -31.04 -24.65
CA VAL F 245 -23.34 -30.37 -23.79
C VAL F 245 -24.46 -31.29 -23.27
N GLY F 246 -24.38 -32.57 -23.64
CA GLY F 246 -25.30 -33.57 -23.15
C GLY F 246 -25.73 -34.54 -24.24
N ILE F 247 -26.85 -35.22 -23.98
CA ILE F 247 -27.34 -36.33 -24.77
C ILE F 247 -28.78 -36.03 -25.19
N HIS F 248 -29.03 -36.08 -26.49
CA HIS F 248 -30.40 -36.02 -26.99
C HIS F 248 -31.00 -37.41 -27.09
N THR F 249 -32.19 -37.59 -26.54
CA THR F 249 -32.92 -38.84 -26.63
C THR F 249 -34.01 -38.81 -27.70
N ASN F 250 -33.99 -39.83 -28.55
CA ASN F 250 -34.99 -39.97 -29.61
C ASN F 250 -36.25 -40.70 -29.14
N TYR F 251 -37.34 -40.59 -29.91
CA TYR F 251 -38.60 -41.26 -29.56
C TYR F 251 -38.43 -42.76 -29.27
N SER F 252 -37.67 -43.44 -30.12
CA SER F 252 -37.38 -44.86 -29.92
C SER F 252 -36.40 -45.08 -28.76
N GLU F 253 -35.94 -43.99 -28.12
CA GLU F 253 -35.00 -44.05 -26.99
C GLU F 253 -33.52 -44.22 -27.38
N SER F 254 -33.24 -44.27 -28.68
CA SER F 254 -31.87 -44.14 -29.16
C SER F 254 -31.32 -42.75 -28.78
N GLN F 255 -30.00 -42.64 -28.68
CA GLN F 255 -29.41 -41.42 -28.13
C GLN F 255 -28.25 -40.86 -28.94
N ASN F 256 -28.15 -39.54 -28.98
CA ASN F 256 -27.08 -38.85 -29.71
C ASN F 256 -26.39 -37.83 -28.83
N TRP F 257 -25.06 -37.87 -28.82
CA TRP F 257 -24.29 -36.83 -28.19
C TRP F 257 -24.56 -35.52 -28.87
N ARG F 258 -24.66 -34.46 -28.09
CA ARG F 258 -24.80 -33.12 -28.64
C ARG F 258 -23.61 -32.25 -28.23
N GLY F 259 -23.03 -31.59 -29.23
CA GLY F 259 -21.92 -30.65 -29.01
C GLY F 259 -22.20 -29.27 -29.58
N LEU F 260 -21.48 -28.27 -29.06
CA LEU F 260 -21.60 -26.87 -29.53
C LEU F 260 -20.23 -26.29 -29.92
N PRO F 261 -20.22 -25.33 -30.88
CA PRO F 261 -18.96 -24.69 -31.30
C PRO F 261 -18.35 -23.80 -30.22
N ARG F 262 -17.04 -23.56 -30.31
CA ARG F 262 -16.35 -22.70 -29.35
C ARG F 262 -15.61 -21.56 -30.07
N TYR F 263 -15.85 -20.34 -29.59
CA TYR F 263 -15.16 -19.15 -30.07
C TYR F 263 -13.92 -18.84 -29.23
N PHE F 264 -12.83 -18.41 -29.89
CA PHE F 264 -11.62 -17.92 -29.22
C PHE F 264 -11.28 -16.51 -29.69
N ASN F 265 -10.86 -15.65 -28.76
CA ASN F 265 -10.22 -14.38 -29.08
C ASN F 265 -8.96 -14.31 -28.22
N VAL F 266 -7.82 -14.54 -28.86
CA VAL F 266 -6.54 -14.59 -28.16
C VAL F 266 -5.76 -13.32 -28.39
N THR F 267 -5.27 -12.73 -27.31
CA THR F 267 -4.35 -11.62 -27.39
C THR F 267 -2.92 -12.11 -27.29
N LEU F 268 -2.09 -11.68 -28.25
CA LEU F 268 -0.69 -12.04 -28.27
C LEU F 268 0.24 -10.82 -28.32
N ARG F 269 1.42 -10.98 -27.73
CA ARG F 269 2.45 -9.96 -27.70
C ARG F 269 3.80 -10.56 -28.13
N LYS F 270 4.76 -9.70 -28.42
CA LYS F 270 6.06 -10.16 -28.92
C LYS F 270 7.02 -10.41 -27.78
N ARG F 271 7.55 -11.61 -27.72
CA ARG F 271 8.50 -12.00 -26.69
C ARG F 271 9.87 -12.19 -27.32
N VAL F 272 10.88 -11.60 -26.70
CA VAL F 272 12.27 -11.79 -27.15
C VAL F 272 12.79 -13.11 -26.60
N VAL F 273 13.46 -13.88 -27.46
CA VAL F 273 14.11 -15.11 -27.04
C VAL F 273 15.50 -15.14 -27.66
N LYS F 274 16.42 -15.85 -27.01
CA LYS F 274 17.74 -16.05 -27.57
C LYS F 274 17.61 -16.97 -28.81
N ASN F 275 18.27 -16.60 -29.91
CA ASN F 275 18.28 -17.45 -31.11
C ASN F 275 18.81 -18.86 -30.78
N PRO F 276 17.95 -19.90 -30.90
CA PRO F 276 18.39 -21.27 -30.60
C PRO F 276 19.06 -21.99 -31.78
N TYR F 277 19.04 -21.39 -32.96
CA TYR F 277 19.49 -22.07 -34.17
C TYR F 277 21.00 -22.00 -34.37
N PRO F 278 21.58 -22.98 -35.09
CA PRO F 278 23.04 -23.04 -35.24
C PRO F 278 23.62 -21.78 -35.90
N VAL G 7 -15.01 6.60 -33.45
CA VAL G 7 -13.79 5.75 -33.59
C VAL G 7 -12.83 6.02 -32.43
N GLU G 8 -12.09 7.15 -32.46
CA GLU G 8 -11.09 7.46 -31.44
C GLU G 8 -11.67 7.98 -30.11
N VAL G 9 -11.50 7.18 -29.05
CA VAL G 9 -12.03 7.48 -27.72
C VAL G 9 -11.00 8.28 -26.91
N LEU G 10 -11.44 9.38 -26.31
CA LEU G 10 -10.55 10.20 -25.48
C LEU G 10 -10.96 10.11 -24.02
N GLU G 11 -10.82 11.19 -23.26
CA GLU G 11 -11.02 11.17 -21.81
C GLU G 11 -12.50 11.31 -21.37
N VAL G 12 -12.76 10.99 -20.10
CA VAL G 12 -14.06 11.23 -19.47
C VAL G 12 -14.25 12.74 -19.24
N ARG G 13 -15.42 13.27 -19.64
CA ARG G 13 -15.75 14.66 -19.39
C ARG G 13 -16.15 14.86 -17.91
N THR G 14 -15.42 15.70 -17.19
CA THR G 14 -15.76 16.05 -15.81
C THR G 14 -16.66 17.29 -15.72
N GLY G 15 -17.21 17.54 -14.54
CA GLY G 15 -17.99 18.75 -14.30
C GLY G 15 -19.33 18.49 -13.64
N PRO G 16 -20.16 19.53 -13.48
CA PRO G 16 -21.50 19.29 -12.97
C PRO G 16 -22.33 18.62 -14.07
N ASP G 17 -23.27 17.78 -13.69
CA ASP G 17 -24.19 17.18 -14.65
C ASP G 17 -23.53 16.33 -15.74
N ALA G 18 -22.40 15.73 -15.41
CA ALA G 18 -21.70 14.83 -16.33
C ALA G 18 -22.22 13.39 -16.23
N ILE G 19 -23.08 13.14 -15.25
CA ILE G 19 -23.63 11.81 -14.98
C ILE G 19 -25.16 11.81 -15.20
N THR G 20 -25.67 10.76 -15.82
CA THR G 20 -27.12 10.58 -15.88
C THR G 20 -27.51 9.15 -15.48
N GLN G 21 -28.79 8.97 -15.16
CA GLN G 21 -29.32 7.66 -14.83
C GLN G 21 -30.60 7.46 -15.60
N ILE G 22 -30.83 6.23 -16.05
CA ILE G 22 -32.11 5.91 -16.64
C ILE G 22 -32.59 4.59 -16.04
N GLU G 23 -33.89 4.41 -16.01
CA GLU G 23 -34.42 3.10 -15.69
C GLU G 23 -35.47 2.64 -16.69
N ALA G 24 -35.69 1.34 -16.74
CA ALA G 24 -36.57 0.72 -17.73
C ALA G 24 -36.87 -0.70 -17.28
N TYR G 25 -38.03 -1.20 -17.66
CA TYR G 25 -38.33 -2.63 -17.51
C TYR G 25 -38.77 -3.20 -18.84
N LEU G 26 -38.47 -4.49 -19.03
CA LEU G 26 -38.80 -5.22 -20.23
C LEU G 26 -39.71 -6.39 -19.89
N ASN G 27 -40.94 -6.39 -20.39
CA ASN G 27 -41.84 -7.53 -20.20
C ASN G 27 -41.42 -8.72 -21.04
N PRO G 28 -41.64 -9.95 -20.53
CA PRO G 28 -41.18 -11.14 -21.21
C PRO G 28 -41.96 -11.43 -22.48
N ARG G 29 -41.28 -12.07 -23.43
CA ARG G 29 -41.89 -12.47 -24.69
C ARG G 29 -41.77 -14.00 -24.87
N MET G 30 -42.66 -14.72 -24.18
CA MET G 30 -42.66 -16.20 -24.19
C MET G 30 -43.48 -16.82 -25.33
N GLY G 31 -44.29 -16.00 -26.00
CA GLY G 31 -45.16 -16.47 -27.09
C GLY G 31 -46.54 -15.86 -27.05
N ASN G 32 -47.15 -15.85 -25.87
CA ASN G 32 -48.29 -14.98 -25.62
C ASN G 32 -47.77 -13.59 -25.22
N ASN G 33 -47.61 -12.74 -26.24
CA ASN G 33 -46.90 -11.46 -26.11
C ASN G 33 -47.80 -10.22 -26.15
N ASN G 34 -49.11 -10.39 -26.15
CA ASN G 34 -50.04 -9.28 -26.04
C ASN G 34 -50.65 -9.20 -24.62
N PRO G 35 -50.63 -8.01 -23.99
CA PRO G 35 -51.13 -7.82 -22.60
C PRO G 35 -52.57 -8.30 -22.37
N THR G 36 -53.38 -8.36 -23.42
CA THR G 36 -54.73 -8.90 -23.33
C THR G 36 -54.78 -10.43 -23.49
N ASP G 37 -53.69 -11.09 -23.91
CA ASP G 37 -53.67 -12.56 -23.99
C ASP G 37 -53.93 -13.17 -22.61
N GLU G 38 -54.85 -14.12 -22.55
CA GLU G 38 -55.14 -14.83 -21.31
C GLU G 38 -53.89 -15.41 -20.62
N LEU G 39 -52.94 -15.91 -21.42
CA LEU G 39 -51.70 -16.49 -20.88
C LEU G 39 -50.48 -15.61 -21.16
N TYR G 40 -50.68 -14.31 -21.08
CA TYR G 40 -49.60 -13.33 -21.24
C TYR G 40 -48.52 -13.66 -20.21
N GLY G 41 -47.28 -13.70 -20.67
CA GLY G 41 -46.16 -14.06 -19.79
C GLY G 41 -45.81 -15.54 -19.85
N TYR G 42 -46.53 -16.27 -20.71
CA TYR G 42 -46.33 -17.69 -20.94
C TYR G 42 -46.28 -17.98 -22.46
N SER G 43 -45.68 -19.11 -22.83
CA SER G 43 -45.90 -19.66 -24.16
C SER G 43 -47.27 -20.36 -24.17
N ALA G 44 -47.85 -20.54 -25.34
CA ALA G 44 -48.98 -21.45 -25.53
C ALA G 44 -48.45 -22.88 -25.33
N ASP G 45 -49.34 -23.87 -25.17
CA ASP G 45 -48.92 -25.29 -25.04
C ASP G 45 -47.92 -25.66 -26.13
N ILE G 46 -46.76 -26.17 -25.72
CA ILE G 46 -45.72 -26.61 -26.68
C ILE G 46 -46.33 -27.61 -27.66
N ASN G 47 -46.17 -27.36 -28.95
CA ASN G 47 -46.51 -28.36 -29.97
C ASN G 47 -45.25 -29.02 -30.51
N VAL G 48 -45.13 -30.32 -30.23
CA VAL G 48 -43.90 -31.09 -30.44
C VAL G 48 -43.87 -31.63 -31.87
N ALA G 49 -42.68 -31.70 -32.46
CA ALA G 49 -42.48 -32.34 -33.76
C ALA G 49 -42.89 -33.82 -33.75
N SER G 50 -43.50 -34.27 -34.84
CA SER G 50 -43.80 -35.70 -34.96
C SER G 50 -42.58 -36.48 -35.48
N SER G 51 -41.70 -35.79 -36.22
CA SER G 51 -40.52 -36.44 -36.80
C SER G 51 -39.35 -35.47 -36.95
N LYS G 52 -38.24 -35.98 -37.46
CA LYS G 52 -37.12 -35.14 -37.87
C LYS G 52 -37.54 -34.19 -39.00
N ALA G 53 -38.20 -34.74 -40.03
CA ALA G 53 -38.59 -33.99 -41.22
C ALA G 53 -39.71 -32.98 -40.95
N SER G 54 -40.56 -33.28 -39.97
CA SER G 54 -41.76 -32.49 -39.75
C SER G 54 -41.78 -31.88 -38.35
N ASP G 55 -41.46 -30.59 -38.31
CA ASP G 55 -41.31 -29.84 -37.06
C ASP G 55 -41.73 -28.41 -37.33
N ASN G 56 -42.97 -28.10 -36.97
CA ASN G 56 -43.55 -26.79 -37.27
C ASN G 56 -44.01 -26.08 -35.99
N PRO G 57 -43.08 -25.60 -35.16
CA PRO G 57 -43.51 -24.96 -33.92
C PRO G 57 -44.37 -23.74 -34.19
N ASN G 58 -45.46 -23.59 -33.44
CA ASN G 58 -46.27 -22.38 -33.51
C ASN G 58 -45.48 -21.20 -32.95
N ALA G 59 -45.68 -20.02 -33.55
CA ALA G 59 -45.03 -18.79 -33.11
C ALA G 59 -45.28 -18.54 -31.62
N THR G 60 -46.51 -18.83 -31.17
CA THR G 60 -46.86 -18.59 -29.76
C THR G 60 -46.17 -19.57 -28.79
N THR G 61 -45.42 -20.54 -29.32
CA THR G 61 -44.76 -21.53 -28.46
C THR G 61 -43.25 -21.30 -28.35
N LEU G 62 -42.74 -20.25 -29.01
CA LEU G 62 -41.30 -19.98 -29.09
C LEU G 62 -40.89 -18.69 -28.35
N PRO G 63 -40.29 -18.82 -27.15
CA PRO G 63 -39.86 -17.59 -26.47
C PRO G 63 -38.83 -16.81 -27.31
N THR G 64 -38.96 -15.48 -27.31
CA THR G 64 -38.08 -14.55 -28.06
C THR G 64 -37.41 -13.53 -27.13
N TYR G 65 -36.35 -12.88 -27.61
CA TYR G 65 -35.69 -11.81 -26.86
C TYR G 65 -36.55 -10.55 -26.74
N SER G 66 -36.47 -9.93 -25.57
CA SER G 66 -37.01 -8.60 -25.35
C SER G 66 -35.92 -7.57 -25.68
N VAL G 67 -36.31 -6.42 -26.19
CA VAL G 67 -35.36 -5.34 -26.46
C VAL G 67 -36.08 -4.00 -26.33
N ALA G 68 -35.37 -3.02 -25.79
CA ALA G 68 -35.88 -1.67 -25.67
C ALA G 68 -34.76 -0.70 -26.03
N VAL G 69 -35.12 0.38 -26.73
CA VAL G 69 -34.16 1.41 -27.07
C VAL G 69 -34.54 2.64 -26.28
N ILE G 70 -33.60 3.14 -25.48
CA ILE G 70 -33.80 4.33 -24.67
C ILE G 70 -33.08 5.52 -25.29
N LYS G 71 -33.84 6.55 -25.62
CA LYS G 71 -33.28 7.77 -26.19
C LYS G 71 -32.73 8.63 -25.06
N LEU G 72 -31.47 9.06 -25.19
CA LEU G 72 -30.78 9.82 -24.13
C LEU G 72 -30.74 11.30 -24.50
N PRO G 73 -30.47 12.18 -23.52
CA PRO G 73 -30.32 13.60 -23.83
C PRO G 73 -29.28 13.86 -24.90
N MET G 74 -29.59 14.78 -25.80
CA MET G 74 -28.71 15.18 -26.89
C MET G 74 -27.50 15.91 -26.35
N LEU G 75 -26.33 15.61 -26.88
CA LEU G 75 -25.08 16.03 -26.27
C LEU G 75 -24.33 17.14 -26.97
N ASN G 76 -24.47 17.23 -28.28
CA ASN G 76 -23.59 18.11 -29.06
C ASN G 76 -24.34 19.23 -29.77
N CYS G 81 -17.49 20.80 -34.11
CA CYS G 81 -16.47 20.76 -33.09
C CYS G 81 -15.55 19.60 -33.37
N ASP G 82 -14.30 19.76 -32.98
CA ASP G 82 -13.31 18.76 -33.32
C ASP G 82 -13.32 17.56 -32.39
N THR G 83 -13.87 17.70 -31.20
CA THR G 83 -14.24 16.55 -30.36
C THR G 83 -15.76 16.55 -30.14
N LEU G 84 -16.32 15.40 -29.81
CA LEU G 84 -17.75 15.30 -29.48
C LEU G 84 -17.93 14.50 -28.20
N LEU G 85 -19.13 14.57 -27.63
CA LEU G 85 -19.45 13.75 -26.47
C LEU G 85 -20.37 12.58 -26.84
N MET G 86 -20.18 11.46 -26.15
CA MET G 86 -21.10 10.34 -26.24
C MET G 86 -21.43 9.88 -24.83
N TRP G 87 -22.68 9.45 -24.63
CA TRP G 87 -23.04 8.80 -23.37
C TRP G 87 -22.37 7.47 -23.29
N GLU G 88 -21.77 7.21 -22.13
CA GLU G 88 -21.01 5.99 -21.89
C GLU G 88 -21.65 5.26 -20.71
N ALA G 89 -22.12 4.04 -20.94
CA ALA G 89 -22.75 3.24 -19.89
C ALA G 89 -21.67 2.66 -18.97
N VAL G 90 -21.75 3.02 -17.69
CA VAL G 90 -20.72 2.70 -16.71
C VAL G 90 -21.08 1.48 -15.87
N SER G 91 -22.33 1.41 -15.43
CA SER G 91 -22.74 0.36 -14.51
C SER G 91 -24.24 0.14 -14.60
N VAL G 92 -24.71 -1.01 -14.11
CA VAL G 92 -26.15 -1.29 -14.12
C VAL G 92 -26.60 -2.08 -12.89
N LYS G 93 -27.72 -1.69 -12.31
CA LYS G 93 -28.43 -2.60 -11.41
C LYS G 93 -29.53 -3.22 -12.24
N THR G 94 -29.61 -4.55 -12.21
CA THR G 94 -30.65 -5.24 -12.93
C THR G 94 -31.27 -6.30 -12.03
N GLU G 95 -32.57 -6.53 -12.21
CA GLU G 95 -33.33 -7.40 -11.31
C GLU G 95 -34.40 -8.14 -12.11
N VAL G 96 -34.55 -9.44 -11.85
CA VAL G 96 -35.70 -10.17 -12.35
C VAL G 96 -36.89 -9.96 -11.39
N MET G 97 -38.01 -9.45 -11.93
CA MET G 97 -39.14 -9.04 -11.09
C MET G 97 -40.20 -10.13 -10.94
N GLY G 98 -40.85 -10.16 -9.78
CA GLY G 98 -41.93 -11.13 -9.51
C GLY G 98 -41.46 -12.55 -9.23
N ILE G 99 -40.21 -12.69 -8.78
CA ILE G 99 -39.66 -14.03 -8.51
C ILE G 99 -40.60 -14.83 -7.62
N SER G 100 -41.06 -14.20 -6.54
CA SER G 100 -41.90 -14.88 -5.56
C SER G 100 -43.27 -15.31 -6.12
N SER G 101 -43.63 -14.83 -7.32
CA SER G 101 -44.88 -15.32 -7.93
C SER G 101 -44.82 -16.84 -8.19
N LEU G 102 -43.62 -17.40 -8.28
CA LEU G 102 -43.49 -18.85 -8.48
C LEU G 102 -43.74 -19.66 -7.19
N VAL G 103 -43.76 -18.97 -6.06
CA VAL G 103 -44.00 -19.59 -4.76
C VAL G 103 -45.52 -19.77 -4.60
N ASN G 104 -46.03 -20.79 -5.27
CA ASN G 104 -47.46 -20.94 -5.52
C ASN G 104 -47.70 -22.41 -5.79
N LEU G 105 -48.39 -23.08 -4.87
CA LEU G 105 -48.69 -24.51 -5.02
C LEU G 105 -50.16 -24.82 -5.32
N HIS G 106 -50.95 -23.79 -5.63
CA HIS G 106 -52.39 -24.00 -5.81
C HIS G 106 -52.85 -23.74 -7.20
N GLN G 107 -51.96 -23.24 -8.07
CA GLN G 107 -52.30 -23.02 -9.47
C GLN G 107 -52.73 -24.34 -10.14
N GLY G 108 -53.73 -24.29 -11.02
CA GLY G 108 -54.15 -25.50 -11.75
C GLY G 108 -52.97 -26.14 -12.48
N GLY G 109 -52.81 -27.46 -12.32
CA GLY G 109 -51.77 -28.18 -13.02
C GLY G 109 -51.69 -29.63 -12.57
N LYS G 110 -50.47 -30.17 -12.60
CA LYS G 110 -50.21 -31.57 -12.26
C LYS G 110 -49.92 -31.67 -10.77
N TYR G 111 -50.58 -32.61 -10.10
CA TYR G 111 -50.31 -32.84 -8.67
C TYR G 111 -48.89 -33.33 -8.42
N ILE G 112 -48.32 -32.83 -7.33
CA ILE G 112 -47.00 -33.26 -6.85
C ILE G 112 -47.04 -34.73 -6.45
N TYR G 113 -48.01 -35.11 -5.62
CA TYR G 113 -48.25 -36.53 -5.33
C TYR G 113 -49.65 -36.85 -5.82
N GLY G 114 -50.54 -37.29 -4.93
CA GLY G 114 -51.94 -37.51 -5.28
C GLY G 114 -52.78 -36.24 -5.35
N SER G 115 -54.09 -36.44 -5.49
CA SER G 115 -55.03 -35.35 -5.68
C SER G 115 -55.32 -34.56 -4.41
N SER G 116 -54.75 -35.00 -3.27
CA SER G 116 -54.80 -34.19 -2.05
C SER G 116 -53.68 -33.15 -1.94
N SER G 117 -52.69 -33.23 -2.82
CA SER G 117 -51.48 -32.41 -2.68
C SER G 117 -51.52 -31.11 -3.49
N GLY G 118 -50.53 -30.23 -3.25
CA GLY G 118 -50.35 -29.05 -4.10
C GLY G 118 -49.95 -29.46 -5.51
N THR G 119 -49.90 -28.49 -6.42
CA THR G 119 -49.47 -28.76 -7.79
C THR G 119 -47.99 -28.38 -8.02
N ILE G 120 -47.36 -29.02 -9.01
CA ILE G 120 -45.95 -28.82 -9.32
C ILE G 120 -45.73 -27.40 -9.82
N PRO G 121 -44.86 -26.63 -9.12
CA PRO G 121 -44.57 -25.26 -9.53
C PRO G 121 -43.68 -25.23 -10.77
N VAL G 122 -43.47 -24.04 -11.32
CA VAL G 122 -42.63 -23.84 -12.49
C VAL G 122 -41.21 -24.39 -12.24
N GLN G 123 -40.76 -25.24 -13.17
CA GLN G 123 -39.44 -25.89 -13.07
C GLN G 123 -38.95 -26.38 -14.45
N GLY G 124 -37.73 -26.87 -14.50
CA GLY G 124 -37.10 -27.24 -15.77
C GLY G 124 -36.13 -26.18 -16.26
N THR G 125 -35.92 -26.15 -17.58
CA THR G 125 -34.92 -25.30 -18.23
C THR G 125 -35.13 -23.83 -17.89
N THR G 126 -34.06 -23.17 -17.45
CA THR G 126 -34.05 -21.71 -17.27
C THR G 126 -33.02 -21.06 -18.20
N LEU G 127 -33.35 -19.85 -18.67
CA LEU G 127 -32.42 -19.05 -19.46
C LEU G 127 -32.52 -17.58 -19.07
N HIS G 128 -31.41 -17.03 -18.58
CA HIS G 128 -31.36 -15.62 -18.17
C HIS G 128 -30.32 -14.91 -18.95
N MET G 129 -30.69 -13.80 -19.54
CA MET G 129 -29.71 -12.96 -20.20
C MET G 129 -30.09 -11.49 -20.15
N PHE G 130 -29.12 -10.63 -19.86
CA PHE G 130 -29.33 -9.20 -20.04
C PHE G 130 -28.13 -8.62 -20.78
N SER G 131 -28.36 -7.56 -21.54
CA SER G 131 -27.25 -6.87 -22.17
C SER G 131 -27.52 -5.36 -22.22
N VAL G 132 -26.44 -4.59 -22.14
CA VAL G 132 -26.49 -3.13 -22.18
C VAL G 132 -25.44 -2.73 -23.23
N GLY G 133 -25.89 -2.02 -24.27
CA GLY G 133 -25.03 -1.67 -25.39
C GLY G 133 -25.40 -0.34 -26.02
N GLY G 134 -24.50 0.18 -26.85
CA GLY G 134 -24.71 1.46 -27.52
C GLY G 134 -25.17 1.30 -28.95
N GLU G 135 -25.71 0.11 -29.24
CA GLU G 135 -26.19 -0.28 -30.57
C GLU G 135 -26.89 -1.63 -30.39
N PRO G 136 -27.59 -2.12 -31.44
CA PRO G 136 -28.27 -3.43 -31.27
C PRO G 136 -27.31 -4.57 -30.92
N LEU G 137 -27.76 -5.49 -30.06
CA LEU G 137 -27.01 -6.70 -29.73
C LEU G 137 -26.86 -7.54 -31.00
N GLU G 138 -25.64 -7.97 -31.28
CA GLU G 138 -25.34 -8.75 -32.48
C GLU G 138 -25.49 -10.24 -32.19
N LEU G 139 -26.18 -10.94 -33.10
CA LEU G 139 -26.59 -12.32 -32.89
C LEU G 139 -25.94 -13.29 -33.87
N GLN G 140 -25.79 -14.53 -33.41
CA GLN G 140 -25.35 -15.68 -34.22
C GLN G 140 -26.44 -16.76 -34.24
N GLY G 141 -26.72 -17.29 -35.42
CA GLY G 141 -27.74 -18.33 -35.59
C GLY G 141 -27.20 -19.72 -35.35
N LEU G 142 -27.95 -20.53 -34.60
CA LEU G 142 -27.63 -21.94 -34.40
C LEU G 142 -28.87 -22.63 -33.87
N VAL G 143 -29.21 -23.77 -34.48
CA VAL G 143 -30.44 -24.49 -34.13
C VAL G 143 -30.19 -25.97 -33.79
N ALA G 144 -31.07 -26.53 -32.97
CA ALA G 144 -31.09 -27.96 -32.70
C ALA G 144 -31.31 -28.76 -34.00
N SER G 145 -32.20 -28.27 -34.87
CA SER G 145 -32.52 -28.95 -36.12
C SER G 145 -32.73 -28.01 -37.29
N SER G 146 -31.97 -28.24 -38.35
CA SER G 146 -32.06 -27.45 -39.57
C SER G 146 -33.31 -27.80 -40.41
N THR G 147 -33.99 -28.88 -40.06
CA THR G 147 -35.19 -29.30 -40.79
C THR G 147 -36.46 -28.74 -40.14
N THR G 148 -36.30 -27.96 -39.07
CA THR G 148 -37.41 -27.22 -38.47
C THR G 148 -37.96 -26.15 -39.44
N THR G 149 -39.29 -26.09 -39.55
CA THR G 149 -39.96 -25.02 -40.25
C THR G 149 -40.45 -23.99 -39.22
N TYR G 150 -39.77 -22.85 -39.13
CA TYR G 150 -40.16 -21.78 -38.22
C TYR G 150 -41.23 -20.90 -38.85
N PRO G 151 -42.10 -20.29 -38.00
CA PRO G 151 -43.14 -19.37 -38.50
C PRO G 151 -42.54 -18.23 -39.32
N THR G 152 -43.18 -17.89 -40.44
CA THR G 152 -42.55 -16.95 -41.38
C THR G 152 -42.49 -15.51 -40.86
N ASP G 153 -43.37 -15.15 -39.93
N ASP G 153 -43.37 -15.17 -39.92
CA ASP G 153 -43.39 -13.79 -39.40
CA ASP G 153 -43.44 -13.83 -39.36
C ASP G 153 -42.46 -13.57 -38.19
C ASP G 153 -42.29 -13.52 -38.41
N MET G 154 -41.63 -14.56 -37.90
CA MET G 154 -40.49 -14.39 -36.96
C MET G 154 -39.20 -14.24 -37.76
N VAL G 155 -38.16 -13.67 -37.15
CA VAL G 155 -36.85 -13.60 -37.79
C VAL G 155 -36.05 -14.83 -37.38
N THR G 156 -35.81 -15.69 -38.36
CA THR G 156 -35.00 -16.90 -38.14
C THR G 156 -34.00 -17.06 -39.29
N ILE G 157 -33.26 -18.15 -39.32
CA ILE G 157 -32.22 -18.35 -40.33
C ILE G 157 -32.82 -18.65 -41.71
N LYS G 158 -32.38 -17.91 -42.72
CA LYS G 158 -32.88 -18.08 -44.07
C LYS G 158 -32.22 -19.29 -44.77
N ASN G 159 -33.05 -20.11 -45.42
CA ASN G 159 -32.59 -21.29 -46.17
C ASN G 159 -31.56 -22.15 -45.43
N MET G 160 -32.00 -22.71 -44.31
CA MET G 160 -31.17 -23.54 -43.47
C MET G 160 -30.66 -24.79 -44.17
N LYS G 161 -29.44 -25.18 -43.82
CA LYS G 161 -28.88 -26.47 -44.19
C LYS G 161 -28.38 -27.10 -42.90
N PRO G 162 -28.01 -28.39 -42.95
CA PRO G 162 -27.49 -29.04 -41.73
C PRO G 162 -26.33 -28.31 -41.04
N VAL G 163 -25.59 -27.50 -41.78
CA VAL G 163 -24.54 -26.67 -41.20
C VAL G 163 -25.03 -25.77 -40.04
N ASN G 164 -26.29 -25.34 -40.11
CA ASN G 164 -26.86 -24.43 -39.12
C ASN G 164 -27.15 -25.11 -37.78
N GLN G 165 -26.82 -26.40 -37.69
CA GLN G 165 -26.90 -27.13 -36.44
C GLN G 165 -25.61 -26.90 -35.65
N ALA G 166 -24.67 -26.22 -36.31
CA ALA G 166 -23.41 -25.79 -35.69
C ALA G 166 -23.14 -24.34 -36.15
N LEU G 167 -21.86 -23.97 -36.24
CA LEU G 167 -21.55 -22.60 -36.62
C LEU G 167 -21.47 -22.39 -38.13
N ASP G 168 -22.50 -21.71 -38.65
CA ASP G 168 -22.46 -21.14 -40.00
C ASP G 168 -22.12 -19.65 -39.86
N PRO G 169 -20.94 -19.24 -40.36
CA PRO G 169 -20.50 -17.84 -40.22
C PRO G 169 -21.40 -16.82 -40.95
N ASN G 170 -22.30 -17.32 -41.81
CA ASN G 170 -23.22 -16.44 -42.53
C ASN G 170 -24.55 -16.21 -41.83
N ALA G 171 -24.81 -16.94 -40.75
CA ALA G 171 -26.08 -16.82 -40.01
C ALA G 171 -25.96 -15.78 -38.91
N LYS G 172 -25.96 -14.51 -39.30
CA LYS G 172 -25.84 -13.39 -38.36
C LYS G 172 -27.10 -12.55 -38.36
N ALA G 173 -27.37 -11.89 -37.23
CA ALA G 173 -28.49 -10.98 -37.15
C ALA G 173 -28.23 -9.89 -36.12
N LEU G 174 -29.09 -8.88 -36.13
CA LEU G 174 -29.10 -7.83 -35.12
C LEU G 174 -30.39 -7.98 -34.33
N LEU G 175 -30.31 -7.91 -33.01
CA LEU G 175 -31.49 -7.89 -32.18
C LEU G 175 -32.13 -6.49 -32.27
N ASP G 176 -33.00 -6.31 -33.27
CA ASP G 176 -33.55 -4.99 -33.58
C ASP G 176 -35.08 -4.93 -33.51
N LYS G 177 -35.71 -6.04 -33.11
CA LYS G 177 -37.16 -6.06 -32.90
C LYS G 177 -37.47 -6.83 -31.63
N ASP G 178 -38.41 -6.31 -30.85
CA ASP G 178 -38.86 -6.97 -29.64
C ASP G 178 -39.76 -8.14 -30.02
N GLY G 179 -39.65 -9.24 -29.28
CA GLY G 179 -40.50 -10.42 -29.47
C GLY G 179 -40.53 -11.04 -30.86
N LYS G 180 -39.40 -10.99 -31.57
CA LYS G 180 -39.35 -11.53 -32.95
C LYS G 180 -38.23 -12.56 -33.17
N TYR G 181 -37.21 -12.55 -32.31
CA TYR G 181 -36.03 -13.41 -32.45
C TYR G 181 -36.07 -14.57 -31.47
N PRO G 182 -36.31 -15.80 -31.96
CA PRO G 182 -36.39 -16.94 -31.02
C PRO G 182 -35.06 -17.20 -30.29
N VAL G 183 -35.10 -17.48 -28.98
CA VAL G 183 -33.86 -17.82 -28.28
C VAL G 183 -33.26 -19.14 -28.78
N GLU G 184 -34.12 -20.04 -29.26
CA GLU G 184 -33.63 -21.33 -29.74
C GLU G 184 -32.94 -21.24 -31.11
N VAL G 185 -32.99 -20.07 -31.74
CA VAL G 185 -32.31 -19.84 -33.03
C VAL G 185 -31.08 -18.90 -32.88
N TRP G 186 -31.22 -17.89 -32.02
CA TRP G 186 -30.21 -16.83 -31.90
C TRP G 186 -29.60 -16.76 -30.54
N SER G 187 -28.29 -16.49 -30.50
CA SER G 187 -27.58 -16.19 -29.27
C SER G 187 -26.57 -15.07 -29.52
N PRO G 188 -26.04 -14.43 -28.45
CA PRO G 188 -25.07 -13.34 -28.61
C PRO G 188 -23.83 -13.80 -29.38
N ASP G 189 -23.45 -13.01 -30.39
CA ASP G 189 -22.30 -13.33 -31.20
C ASP G 189 -21.03 -12.79 -30.51
N PRO G 190 -20.20 -13.70 -29.97
CA PRO G 190 -18.99 -13.30 -29.26
C PRO G 190 -17.86 -12.75 -30.15
N SER G 191 -18.00 -12.91 -31.46
CA SER G 191 -17.01 -12.39 -32.41
C SER G 191 -17.28 -10.95 -32.79
N LYS G 192 -18.42 -10.42 -32.34
CA LYS G 192 -18.70 -8.99 -32.48
C LYS G 192 -19.02 -8.41 -31.10
N ASN G 193 -20.02 -7.54 -31.01
CA ASN G 193 -20.50 -7.01 -29.73
C ASN G 193 -19.44 -6.27 -28.92
N GLU G 194 -18.58 -5.53 -29.62
CA GLU G 194 -17.53 -4.73 -28.98
C GLU G 194 -18.10 -3.55 -28.19
N ASN G 195 -19.28 -3.09 -28.57
CA ASN G 195 -19.90 -1.91 -27.96
C ASN G 195 -21.15 -2.30 -27.15
N THR G 196 -21.18 -3.56 -26.70
CA THR G 196 -22.25 -4.10 -25.85
C THR G 196 -21.64 -5.04 -24.83
N ARG G 197 -22.15 -5.04 -23.60
CA ARG G 197 -21.81 -6.05 -22.62
C ARG G 197 -23.04 -6.93 -22.40
N TYR G 198 -22.87 -8.24 -22.53
CA TYR G 198 -23.96 -9.20 -22.31
C TYR G 198 -23.53 -10.24 -21.30
N TYR G 199 -24.50 -10.72 -20.53
CA TYR G 199 -24.28 -11.64 -19.42
C TYR G 199 -25.38 -12.69 -19.48
N GLY G 200 -24.99 -13.96 -19.47
CA GLY G 200 -25.93 -15.04 -19.77
C GLY G 200 -25.78 -16.25 -18.88
N SER G 201 -26.90 -16.85 -18.56
CA SER G 201 -26.90 -18.00 -17.69
C SER G 201 -27.92 -19.05 -18.12
N PHE G 202 -27.45 -20.29 -18.32
CA PHE G 202 -28.31 -21.40 -18.76
C PHE G 202 -28.24 -22.61 -17.83
N THR G 203 -29.41 -23.11 -17.41
CA THR G 203 -29.52 -24.45 -16.80
C THR G 203 -30.65 -25.25 -17.44
N GLY G 204 -30.32 -26.44 -17.93
CA GLY G 204 -31.25 -27.22 -18.71
C GLY G 204 -32.10 -28.18 -17.89
N GLY G 205 -32.48 -29.30 -18.51
CA GLY G 205 -33.31 -30.28 -17.85
C GLY G 205 -34.79 -30.01 -18.02
N ALA G 206 -35.59 -31.00 -17.66
CA ALA G 206 -37.05 -30.91 -17.75
C ALA G 206 -37.69 -30.62 -16.41
N THR G 207 -37.03 -30.99 -15.31
CA THR G 207 -37.64 -30.81 -13.98
C THR G 207 -36.76 -30.06 -12.96
N THR G 208 -35.67 -29.46 -13.43
CA THR G 208 -34.69 -28.82 -12.57
C THR G 208 -35.28 -27.66 -11.76
N PRO G 209 -35.03 -27.65 -10.43
CA PRO G 209 -35.47 -26.52 -9.61
C PRO G 209 -34.81 -25.22 -10.07
N PRO G 210 -35.62 -24.18 -10.34
CA PRO G 210 -35.09 -22.85 -10.68
C PRO G 210 -34.44 -22.22 -9.46
N VAL G 211 -33.38 -21.43 -9.69
CA VAL G 211 -32.67 -20.73 -8.63
C VAL G 211 -32.55 -19.28 -9.04
N MET G 212 -33.03 -18.36 -8.20
CA MET G 212 -32.88 -16.93 -8.46
C MET G 212 -32.60 -16.11 -7.22
N GLN G 213 -31.82 -15.04 -7.39
CA GLN G 213 -31.54 -14.06 -6.33
C GLN G 213 -32.24 -12.75 -6.62
N PHE G 214 -32.52 -11.99 -5.58
CA PHE G 214 -33.05 -10.63 -5.76
C PHE G 214 -32.55 -9.74 -4.63
N THR G 215 -32.09 -8.56 -5.01
CA THR G 215 -31.48 -7.65 -4.06
C THR G 215 -31.40 -6.26 -4.71
N ASN G 216 -31.25 -5.22 -3.91
CA ASN G 216 -30.89 -3.95 -4.48
C ASN G 216 -29.49 -3.53 -4.11
N SER G 217 -28.67 -4.49 -3.65
CA SER G 217 -27.32 -4.17 -3.17
C SER G 217 -26.22 -4.43 -4.22
N VAL G 218 -26.59 -4.91 -5.41
CA VAL G 218 -25.58 -5.41 -6.33
C VAL G 218 -25.51 -4.63 -7.65
N THR G 219 -24.29 -4.25 -8.03
CA THR G 219 -24.06 -3.47 -9.24
C THR G 219 -23.10 -4.24 -10.16
N THR G 220 -23.35 -4.23 -11.47
CA THR G 220 -22.39 -4.74 -12.45
C THR G 220 -21.72 -3.58 -13.15
N VAL G 221 -20.40 -3.54 -13.10
CA VAL G 221 -19.62 -2.53 -13.81
C VAL G 221 -19.47 -2.92 -15.29
N LEU G 222 -19.73 -1.98 -16.18
CA LEU G 222 -19.81 -2.28 -17.61
C LEU G 222 -18.55 -1.92 -18.39
N LEU G 223 -17.54 -1.39 -17.69
CA LEU G 223 -16.30 -0.95 -18.32
C LEU G 223 -15.51 -2.13 -18.84
N ASP G 224 -14.92 -1.99 -20.03
CA ASP G 224 -14.02 -3.03 -20.54
C ASP G 224 -12.63 -2.89 -19.92
N GLU G 225 -11.68 -3.66 -20.43
CA GLU G 225 -10.31 -3.66 -19.89
C GLU G 225 -9.53 -2.34 -20.02
N ASN G 226 -9.99 -1.44 -20.89
CA ASN G 226 -9.40 -0.10 -20.98
C ASN G 226 -10.21 0.96 -20.23
N GLY G 227 -11.14 0.52 -19.39
CA GLY G 227 -11.98 1.43 -18.62
C GLY G 227 -13.07 2.15 -19.41
N VAL G 228 -13.47 1.58 -20.54
CA VAL G 228 -14.50 2.16 -21.41
C VAL G 228 -15.77 1.33 -21.47
N GLY G 229 -16.90 1.94 -21.12
CA GLY G 229 -18.18 1.24 -21.24
C GLY G 229 -18.75 1.35 -22.65
N PRO G 230 -19.93 0.71 -22.89
CA PRO G 230 -20.65 0.92 -24.16
C PRO G 230 -20.91 2.41 -24.43
N LEU G 231 -20.64 2.84 -25.66
CA LEU G 231 -20.85 4.22 -26.09
C LEU G 231 -22.08 4.29 -26.99
N CYS G 232 -23.02 5.16 -26.64
CA CYS G 232 -24.35 5.14 -27.23
C CYS G 232 -24.40 5.93 -28.52
N LYS G 233 -24.37 5.22 -29.64
CA LYS G 233 -24.40 5.85 -30.97
C LYS G 233 -25.77 6.48 -31.22
N GLY G 234 -25.77 7.70 -31.75
CA GLY G 234 -27.00 8.46 -31.93
C GLY G 234 -27.77 8.71 -30.64
N ASP G 235 -27.07 8.68 -29.50
CA ASP G 235 -27.67 8.91 -28.18
C ASP G 235 -28.74 7.86 -27.82
N LYS G 236 -28.51 6.63 -28.25
CA LYS G 236 -29.45 5.54 -28.00
C LYS G 236 -28.81 4.41 -27.22
N LEU G 237 -29.49 4.02 -26.14
CA LEU G 237 -29.05 2.93 -25.28
C LEU G 237 -29.91 1.70 -25.57
N PHE G 238 -29.26 0.58 -25.82
CA PHE G 238 -29.95 -0.66 -26.16
C PHE G 238 -29.95 -1.60 -24.98
N LEU G 239 -31.15 -1.98 -24.52
CA LEU G 239 -31.32 -2.91 -23.40
C LEU G 239 -32.00 -4.16 -23.93
N SER G 240 -31.40 -5.32 -23.70
CA SER G 240 -31.98 -6.56 -24.19
C SER G 240 -32.03 -7.58 -23.07
N ALA G 241 -32.96 -8.54 -23.16
CA ALA G 241 -33.13 -9.52 -22.11
C ALA G 241 -33.94 -10.74 -22.55
N VAL G 242 -33.73 -11.85 -21.85
CA VAL G 242 -34.68 -12.96 -21.80
C VAL G 242 -34.58 -13.57 -20.40
N ASP G 243 -35.72 -13.90 -19.82
CA ASP G 243 -35.74 -14.53 -18.52
C ASP G 243 -36.80 -15.64 -18.44
N ILE G 244 -36.48 -16.77 -19.06
CA ILE G 244 -37.28 -17.98 -18.99
C ILE G 244 -37.01 -18.62 -17.62
N VAL G 245 -38.03 -18.73 -16.79
CA VAL G 245 -37.83 -19.21 -15.42
C VAL G 245 -38.21 -20.69 -15.23
N GLY G 246 -38.65 -21.32 -16.32
CA GLY G 246 -38.97 -22.74 -16.31
C GLY G 246 -40.21 -23.05 -17.13
N ILE G 247 -40.82 -24.20 -16.82
CA ILE G 247 -41.92 -24.76 -17.56
C ILE G 247 -43.05 -24.99 -16.57
N HIS G 248 -44.24 -24.51 -16.92
CA HIS G 248 -45.46 -24.87 -16.18
C HIS G 248 -46.16 -26.03 -16.85
N THR G 249 -46.55 -27.01 -16.06
CA THR G 249 -47.25 -28.20 -16.54
C THR G 249 -48.72 -28.17 -16.14
N ASN G 250 -49.58 -28.38 -17.13
CA ASN G 250 -51.03 -28.39 -16.96
C ASN G 250 -51.53 -29.77 -16.57
N TYR G 251 -52.78 -29.88 -16.13
CA TYR G 251 -53.29 -31.14 -15.61
C TYR G 251 -53.25 -32.24 -16.66
N SER G 252 -53.52 -31.85 -17.91
CA SER G 252 -53.48 -32.80 -19.04
C SER G 252 -52.05 -33.11 -19.47
N GLU G 253 -51.08 -32.50 -18.80
CA GLU G 253 -49.63 -32.66 -19.08
C GLU G 253 -49.07 -31.81 -20.23
N SER G 254 -49.92 -30.98 -20.85
CA SER G 254 -49.42 -29.97 -21.79
C SER G 254 -48.55 -28.98 -21.00
N GLN G 255 -47.63 -28.30 -21.69
CA GLN G 255 -46.66 -27.45 -20.99
C GLN G 255 -46.51 -26.05 -21.58
N ASN G 256 -46.31 -25.05 -20.70
CA ASN G 256 -46.09 -23.67 -21.13
C ASN G 256 -44.78 -23.13 -20.54
N TRP G 257 -43.95 -22.49 -21.36
CA TRP G 257 -42.82 -21.71 -20.86
C TRP G 257 -43.31 -20.58 -20.02
N ARG G 258 -42.56 -20.25 -18.95
CA ARG G 258 -42.90 -19.11 -18.10
C ARG G 258 -41.71 -18.14 -18.07
N GLY G 259 -41.98 -16.86 -18.36
CA GLY G 259 -40.94 -15.80 -18.30
C GLY G 259 -41.26 -14.75 -17.25
N LEU G 260 -40.24 -14.01 -16.81
CA LEU G 260 -40.47 -12.89 -15.90
C LEU G 260 -39.85 -11.62 -16.46
N PRO G 261 -40.39 -10.44 -16.10
CA PRO G 261 -39.87 -9.19 -16.65
C PRO G 261 -38.58 -8.79 -15.97
N ARG G 262 -37.85 -7.87 -16.59
CA ARG G 262 -36.55 -7.47 -16.04
C ARG G 262 -36.41 -5.96 -15.92
N TYR G 263 -35.93 -5.53 -14.77
CA TYR G 263 -35.65 -4.14 -14.47
C TYR G 263 -34.19 -3.81 -14.74
N PHE G 264 -33.93 -2.61 -15.28
CA PHE G 264 -32.60 -2.08 -15.51
C PHE G 264 -32.54 -0.67 -14.91
N ASN G 265 -31.44 -0.35 -14.25
CA ASN G 265 -31.12 1.01 -13.88
C ASN G 265 -29.67 1.27 -14.30
N VAL G 266 -29.49 2.09 -15.33
CA VAL G 266 -28.17 2.26 -15.94
C VAL G 266 -27.64 3.64 -15.61
N THR G 267 -26.39 3.68 -15.16
CA THR G 267 -25.68 4.92 -14.89
C THR G 267 -24.75 5.21 -16.05
N LEU G 268 -24.85 6.41 -16.61
CA LEU G 268 -24.07 6.82 -17.78
C LEU G 268 -23.30 8.11 -17.52
N ARG G 269 -22.18 8.26 -18.19
CA ARG G 269 -21.36 9.43 -18.04
C ARG G 269 -20.99 9.95 -19.41
N LYS G 270 -20.45 11.17 -19.45
CA LYS G 270 -20.05 11.80 -20.70
C LYS G 270 -18.61 11.43 -21.05
N ARG G 271 -18.42 10.92 -22.27
CA ARG G 271 -17.10 10.52 -22.75
C ARG G 271 -16.74 11.34 -23.99
N VAL G 272 -15.53 11.87 -24.02
CA VAL G 272 -15.05 12.62 -25.18
C VAL G 272 -14.54 11.65 -26.25
N VAL G 273 -14.89 11.93 -27.51
CA VAL G 273 -14.44 11.16 -28.66
C VAL G 273 -13.98 12.14 -29.77
N LYS G 274 -13.00 11.74 -30.58
CA LYS G 274 -12.59 12.58 -31.70
C LYS G 274 -13.61 12.50 -32.84
N ASN G 275 -13.96 13.66 -33.39
CA ASN G 275 -14.93 13.78 -34.48
C ASN G 275 -14.56 12.91 -35.70
N PRO G 276 -15.43 11.93 -36.06
CA PRO G 276 -15.16 11.06 -37.22
C PRO G 276 -15.84 11.51 -38.52
N VAL H 7 -34.24 14.58 1.37
CA VAL H 7 -33.40 15.50 2.22
C VAL H 7 -31.92 15.48 1.83
N GLU H 8 -31.22 16.56 2.13
CA GLU H 8 -29.79 16.65 1.88
C GLU H 8 -29.05 15.93 3.00
N VAL H 9 -28.28 14.88 2.67
CA VAL H 9 -27.55 14.13 3.68
C VAL H 9 -26.17 14.74 3.95
N LEU H 10 -25.89 15.02 5.21
CA LEU H 10 -24.58 15.57 5.57
C LEU H 10 -23.71 14.50 6.22
N GLU H 11 -22.86 14.89 7.16
CA GLU H 11 -21.86 13.96 7.69
C GLU H 11 -22.40 13.10 8.83
N VAL H 12 -21.66 12.05 9.17
CA VAL H 12 -21.93 11.22 10.36
C VAL H 12 -21.59 12.01 11.64
N ARG H 13 -22.49 11.96 12.62
CA ARG H 13 -22.25 12.62 13.89
C ARG H 13 -21.35 11.76 14.76
N THR H 14 -20.26 12.33 15.27
CA THR H 14 -19.36 11.59 16.14
C THR H 14 -19.63 11.91 17.60
N GLY H 15 -18.97 11.16 18.49
CA GLY H 15 -19.06 11.41 19.94
C GLY H 15 -19.43 10.14 20.68
N PRO H 16 -19.52 10.22 22.02
CA PRO H 16 -20.03 9.06 22.75
C PRO H 16 -21.52 8.85 22.45
N ASP H 17 -22.02 7.65 22.65
CA ASP H 17 -23.45 7.35 22.39
C ASP H 17 -23.92 7.74 20.98
N ALA H 18 -23.00 7.71 20.01
CA ALA H 18 -23.34 7.96 18.61
C ALA H 18 -24.03 6.75 17.96
N ILE H 19 -23.89 5.59 18.61
CA ILE H 19 -24.29 4.30 18.05
C ILE H 19 -25.37 3.66 18.92
N THR H 20 -26.33 3.01 18.29
CA THR H 20 -27.25 2.15 19.04
C THR H 20 -27.49 0.83 18.30
N GLN H 21 -27.99 -0.16 19.04
CA GLN H 21 -28.35 -1.45 18.45
C GLN H 21 -29.75 -1.81 18.82
N ILE H 22 -30.49 -2.34 17.86
CA ILE H 22 -31.76 -2.94 18.18
C ILE H 22 -31.86 -4.38 17.67
N GLU H 23 -32.38 -5.25 18.50
CA GLU H 23 -32.61 -6.59 18.05
C GLU H 23 -34.07 -6.95 18.08
N ALA H 24 -34.47 -7.80 17.14
CA ALA H 24 -35.88 -8.15 16.96
C ALA H 24 -35.97 -9.55 16.36
N TYR H 25 -37.11 -10.22 16.54
CA TYR H 25 -37.42 -11.41 15.74
C TYR H 25 -38.77 -11.23 15.05
N LEU H 26 -38.89 -11.72 13.83
CA LEU H 26 -40.15 -11.75 13.10
C LEU H 26 -40.63 -13.21 12.98
N ASN H 27 -41.76 -13.50 13.62
CA ASN H 27 -42.40 -14.79 13.43
C ASN H 27 -42.97 -14.94 12.02
N PRO H 28 -42.92 -16.18 11.46
CA PRO H 28 -43.38 -16.46 10.10
C PRO H 28 -44.90 -16.32 9.97
N ARG H 29 -45.35 -15.87 8.79
CA ARG H 29 -46.77 -15.72 8.52
C ARG H 29 -47.14 -16.61 7.33
N MET H 30 -47.21 -17.92 7.61
CA MET H 30 -47.45 -18.93 6.57
C MET H 30 -48.92 -19.14 6.21
N GLY H 31 -49.83 -18.62 7.03
CA GLY H 31 -51.26 -18.70 6.75
C GLY H 31 -52.00 -18.93 8.05
N ASN H 32 -51.45 -19.82 8.88
CA ASN H 32 -51.88 -19.95 10.26
C ASN H 32 -51.03 -18.98 11.07
N ASN H 33 -51.60 -17.81 11.37
CA ASN H 33 -50.80 -16.64 11.76
C ASN H 33 -50.97 -16.21 13.19
N ASN H 34 -51.79 -16.95 13.93
CA ASN H 34 -52.03 -16.67 15.34
C ASN H 34 -51.30 -17.68 16.19
N PRO H 35 -50.67 -17.23 17.28
CA PRO H 35 -49.82 -18.14 18.09
C PRO H 35 -50.59 -19.27 18.78
N THR H 36 -51.92 -19.17 18.74
CA THR H 36 -52.80 -20.16 19.29
C THR H 36 -53.26 -21.17 18.23
N ASP H 37 -52.96 -20.92 16.96
CA ASP H 37 -53.33 -21.87 15.90
C ASP H 37 -52.57 -23.18 16.08
N GLU H 38 -53.29 -24.30 16.00
CA GLU H 38 -52.68 -25.63 16.14
C GLU H 38 -51.45 -25.79 15.22
N LEU H 39 -51.55 -25.27 14.00
CA LEU H 39 -50.47 -25.31 13.01
C LEU H 39 -49.83 -23.94 12.77
N TYR H 40 -49.65 -23.18 13.86
CA TYR H 40 -48.86 -21.95 13.81
C TYR H 40 -47.49 -22.22 13.20
N GLY H 41 -47.09 -21.36 12.26
CA GLY H 41 -45.82 -21.52 11.56
C GLY H 41 -45.96 -22.40 10.31
N TYR H 42 -47.18 -22.82 10.01
CA TYR H 42 -47.48 -23.54 8.78
C TYR H 42 -48.68 -22.89 8.10
N SER H 43 -48.82 -23.09 6.78
CA SER H 43 -50.08 -22.80 6.11
C SER H 43 -51.09 -23.92 6.42
N ALA H 44 -52.37 -23.68 6.16
CA ALA H 44 -53.34 -24.77 6.13
C ALA H 44 -53.07 -25.66 4.89
N ASP H 45 -53.68 -26.85 4.83
CA ASP H 45 -53.60 -27.72 3.63
C ASP H 45 -53.86 -26.90 2.38
N ILE H 46 -52.93 -26.93 1.42
CA ILE H 46 -53.10 -26.22 0.15
C ILE H 46 -54.39 -26.65 -0.53
N ASN H 47 -55.26 -25.70 -0.88
CA ASN H 47 -56.42 -25.99 -1.70
C ASN H 47 -56.15 -25.57 -3.15
N VAL H 48 -56.13 -26.56 -4.04
CA VAL H 48 -55.72 -26.39 -5.42
C VAL H 48 -56.89 -25.93 -6.31
N ALA H 49 -56.58 -25.12 -7.34
CA ALA H 49 -57.55 -24.75 -8.37
C ALA H 49 -58.04 -25.97 -9.14
N SER H 50 -59.31 -25.95 -9.56
CA SER H 50 -59.79 -27.00 -10.45
C SER H 50 -59.62 -26.60 -11.92
N SER H 51 -59.32 -25.33 -12.17
CA SER H 51 -59.16 -24.88 -13.55
C SER H 51 -58.51 -23.51 -13.60
N LYS H 52 -58.26 -23.05 -14.82
CA LYS H 52 -57.77 -21.70 -15.05
C LYS H 52 -58.77 -20.68 -14.47
N ALA H 53 -60.05 -20.86 -14.79
CA ALA H 53 -61.11 -19.92 -14.39
C ALA H 53 -61.46 -19.98 -12.90
N SER H 54 -61.27 -21.13 -12.27
CA SER H 54 -61.67 -21.31 -10.88
C SER H 54 -60.49 -21.60 -9.97
N ASP H 55 -60.11 -20.60 -9.18
CA ASP H 55 -58.93 -20.67 -8.33
C ASP H 55 -59.14 -19.74 -7.14
N ASN H 56 -59.63 -20.30 -6.04
CA ASN H 56 -59.94 -19.56 -4.81
C ASN H 56 -59.11 -20.03 -3.61
N PRO H 57 -57.82 -19.65 -3.56
CA PRO H 57 -56.98 -20.11 -2.45
C PRO H 57 -57.49 -19.57 -1.14
N ASN H 58 -57.58 -20.43 -0.14
CA ASN H 58 -57.93 -19.99 1.21
C ASN H 58 -56.86 -19.06 1.77
N ALA H 59 -57.28 -18.07 2.55
CA ALA H 59 -56.35 -17.11 3.18
C ALA H 59 -55.29 -17.84 3.96
N THR H 60 -55.70 -18.91 4.64
CA THR H 60 -54.81 -19.68 5.50
C THR H 60 -53.77 -20.51 4.74
N THR H 61 -53.83 -20.51 3.41
CA THR H 61 -52.89 -21.31 2.61
C THR H 61 -51.87 -20.47 1.85
N LEU H 62 -51.89 -19.16 2.07
CA LEU H 62 -51.03 -18.23 1.33
C LEU H 62 -50.03 -17.55 2.26
N PRO H 63 -48.74 -17.93 2.16
CA PRO H 63 -47.73 -17.24 2.98
C PRO H 63 -47.63 -15.75 2.66
N THR H 64 -47.46 -14.94 3.71
CA THR H 64 -47.35 -13.49 3.53
C THR H 64 -46.04 -12.97 4.10
N TYR H 65 -45.72 -11.70 3.83
CA TYR H 65 -44.52 -11.10 4.39
C TYR H 65 -44.72 -10.80 5.85
N SER H 66 -43.63 -10.92 6.62
CA SER H 66 -43.61 -10.42 7.99
C SER H 66 -43.07 -8.98 7.96
N VAL H 67 -43.61 -8.11 8.83
CA VAL H 67 -43.05 -6.77 8.99
C VAL H 67 -43.19 -6.29 10.41
N ALA H 68 -42.13 -5.67 10.91
CA ALA H 68 -42.19 -4.96 12.17
C ALA H 68 -41.66 -3.55 12.00
N VAL H 69 -42.29 -2.60 12.69
CA VAL H 69 -41.81 -1.21 12.74
C VAL H 69 -41.37 -0.93 14.16
N ILE H 70 -40.10 -0.52 14.29
CA ILE H 70 -39.53 -0.20 15.60
C ILE H 70 -39.24 1.29 15.65
N LYS H 71 -39.80 1.96 16.65
CA LYS H 71 -39.57 3.38 16.85
C LYS H 71 -38.35 3.60 17.73
N LEU H 72 -37.47 4.46 17.25
CA LEU H 72 -36.17 4.69 17.85
C LEU H 72 -36.19 5.94 18.72
N PRO H 73 -35.15 6.15 19.57
CA PRO H 73 -35.10 7.35 20.40
C PRO H 73 -35.15 8.62 19.56
N MET H 74 -35.98 9.57 19.99
CA MET H 74 -36.12 10.83 19.30
C MET H 74 -34.82 11.61 19.43
N LEU H 75 -34.28 12.06 18.31
CA LEU H 75 -32.98 12.72 18.33
C LEU H 75 -33.07 14.23 18.34
N ASN H 76 -34.19 14.75 17.86
CA ASN H 76 -34.33 16.19 17.69
C ASN H 76 -35.31 16.82 18.67
N GLU H 77 -34.80 17.73 19.50
CA GLU H 77 -35.64 18.52 20.41
C GLU H 77 -36.93 18.99 19.70
N ASP H 78 -36.77 19.82 18.67
CA ASP H 78 -37.85 20.18 17.74
C ASP H 78 -37.29 20.27 16.31
N MET H 79 -37.98 20.99 15.42
CA MET H 79 -37.52 21.13 14.04
C MET H 79 -37.10 22.56 13.72
N THR H 80 -36.42 23.21 14.63
CA THR H 80 -36.03 24.60 14.46
C THR H 80 -34.60 24.82 13.98
N CYS H 81 -33.70 23.98 14.47
CA CYS H 81 -32.28 24.08 14.15
C CYS H 81 -31.98 23.79 12.73
N ASP H 82 -30.88 24.31 12.25
CA ASP H 82 -30.58 24.23 10.85
C ASP H 82 -30.36 22.81 10.33
N THR H 83 -29.93 21.94 11.20
CA THR H 83 -29.72 20.56 10.84
C THR H 83 -30.42 19.66 11.82
N LEU H 84 -30.78 18.49 11.36
CA LEU H 84 -31.42 17.46 12.16
C LEU H 84 -30.54 16.21 12.17
N LEU H 85 -30.77 15.34 13.15
CA LEU H 85 -30.12 14.03 13.21
C LEU H 85 -31.15 12.99 12.85
N MET H 86 -30.74 11.99 12.06
CA MET H 86 -31.54 10.79 11.79
C MET H 86 -30.72 9.55 12.11
N TRP H 87 -31.40 8.49 12.54
CA TRP H 87 -30.80 7.17 12.69
C TRP H 87 -30.50 6.57 11.35
N GLU H 88 -29.26 6.14 11.19
CA GLU H 88 -28.81 5.51 9.97
C GLU H 88 -28.48 4.04 10.26
N ALA H 89 -29.13 3.14 9.54
CA ALA H 89 -28.86 1.71 9.68
C ALA H 89 -27.56 1.40 8.94
N VAL H 90 -26.57 0.97 9.70
CA VAL H 90 -25.21 0.76 9.17
C VAL H 90 -25.02 -0.72 8.79
N SER H 91 -25.52 -1.62 9.63
CA SER H 91 -25.31 -3.04 9.41
C SER H 91 -26.25 -3.89 10.21
N VAL H 92 -26.34 -5.16 9.82
CA VAL H 92 -27.26 -6.09 10.45
C VAL H 92 -26.68 -7.50 10.49
N LYS H 93 -26.82 -8.15 11.64
CA LYS H 93 -26.64 -9.59 11.75
C LYS H 93 -28.06 -10.16 11.74
N THR H 94 -28.32 -11.11 10.86
CA THR H 94 -29.61 -11.73 10.77
C THR H 94 -29.46 -13.24 10.68
N GLU H 95 -30.40 -13.97 11.27
CA GLU H 95 -30.33 -15.42 11.37
C GLU H 95 -31.74 -15.99 11.25
N VAL H 96 -31.89 -17.08 10.49
CA VAL H 96 -33.11 -17.87 10.49
C VAL H 96 -33.01 -18.78 11.71
N MET H 97 -33.99 -18.74 12.60
CA MET H 97 -33.92 -19.55 13.83
C MET H 97 -34.66 -20.89 13.73
N GLY H 98 -34.27 -21.84 14.58
CA GLY H 98 -34.91 -23.15 14.61
C GLY H 98 -34.66 -23.99 13.36
N ILE H 99 -33.55 -23.75 12.66
CA ILE H 99 -33.22 -24.54 11.46
C ILE H 99 -33.18 -26.06 11.74
N SER H 100 -32.55 -26.47 12.84
CA SER H 100 -32.42 -27.90 13.17
C SER H 100 -33.75 -28.61 13.51
N SER H 101 -34.84 -27.83 13.66
CA SER H 101 -36.14 -28.42 13.91
C SER H 101 -36.62 -29.24 12.71
N LEU H 102 -36.07 -28.96 11.53
CA LEU H 102 -36.36 -29.74 10.31
C LEU H 102 -35.67 -31.13 10.29
N VAL H 103 -34.71 -31.31 11.19
CA VAL H 103 -33.92 -32.54 11.27
C VAL H 103 -34.69 -33.54 12.11
N ASN H 104 -35.77 -34.04 11.51
CA ASN H 104 -36.83 -34.75 12.22
C ASN H 104 -37.49 -35.68 11.22
N LEU H 105 -37.36 -36.98 11.44
CA LEU H 105 -37.98 -37.98 10.56
C LEU H 105 -39.09 -38.79 11.22
N HIS H 106 -39.66 -38.30 12.31
CA HIS H 106 -40.69 -39.04 13.03
C HIS H 106 -42.02 -38.33 13.06
N GLN H 107 -42.05 -37.09 12.57
CA GLN H 107 -43.31 -36.32 12.51
C GLN H 107 -44.34 -37.06 11.64
N GLY H 108 -45.58 -37.11 12.11
CA GLY H 108 -46.66 -37.72 11.31
C GLY H 108 -46.61 -37.20 9.89
N GLY H 109 -46.75 -38.08 8.91
CA GLY H 109 -46.64 -37.66 7.51
C GLY H 109 -46.59 -38.82 6.54
N LYS H 110 -45.85 -38.60 5.46
CA LYS H 110 -45.71 -39.56 4.38
C LYS H 110 -44.39 -40.29 4.50
N TYR H 111 -44.42 -41.64 4.46
CA TYR H 111 -43.21 -42.45 4.57
C TYR H 111 -42.26 -42.24 3.40
N ILE H 112 -40.96 -42.15 3.72
CA ILE H 112 -39.92 -42.15 2.70
C ILE H 112 -39.99 -43.40 1.82
N TYR H 113 -40.02 -44.58 2.44
CA TYR H 113 -40.16 -45.82 1.72
C TYR H 113 -41.52 -46.41 2.12
N GLY H 114 -41.58 -47.67 2.51
CA GLY H 114 -42.80 -48.22 3.10
C GLY H 114 -42.98 -47.80 4.55
N SER H 115 -43.89 -48.48 5.25
CA SER H 115 -44.35 -48.07 6.58
C SER H 115 -43.36 -48.36 7.71
N SER H 116 -42.26 -49.00 7.39
CA SER H 116 -41.21 -49.22 8.39
C SER H 116 -40.23 -48.07 8.51
N SER H 117 -40.29 -47.14 7.55
CA SER H 117 -39.30 -46.08 7.41
C SER H 117 -39.67 -44.81 8.16
N GLY H 118 -38.75 -43.83 8.18
CA GLY H 118 -39.06 -42.47 8.63
C GLY H 118 -39.98 -41.77 7.63
N THR H 119 -40.45 -40.58 8.00
CA THR H 119 -41.30 -39.79 7.10
C THR H 119 -40.51 -38.70 6.39
N ILE H 120 -41.02 -38.26 5.24
CA ILE H 120 -40.35 -37.25 4.42
C ILE H 120 -40.26 -35.91 5.17
N PRO H 121 -39.03 -35.36 5.33
CA PRO H 121 -38.89 -34.08 6.03
C PRO H 121 -39.32 -32.92 5.13
N VAL H 122 -39.38 -31.71 5.69
CA VAL H 122 -39.80 -30.52 4.94
C VAL H 122 -38.88 -30.28 3.75
N GLN H 123 -39.44 -30.17 2.55
CA GLN H 123 -38.62 -29.97 1.35
C GLN H 123 -39.48 -29.31 0.28
N GLY H 124 -38.87 -28.99 -0.87
CA GLY H 124 -39.55 -28.25 -1.92
C GLY H 124 -39.11 -26.80 -1.99
N THR H 125 -39.99 -25.96 -2.54
CA THR H 125 -39.70 -24.55 -2.79
C THR H 125 -39.35 -23.79 -1.52
N THR H 126 -38.28 -23.01 -1.59
CA THR H 126 -37.88 -22.14 -0.48
C THR H 126 -37.80 -20.69 -0.96
N LEU H 127 -38.06 -19.76 -0.03
CA LEU H 127 -37.97 -18.36 -0.34
C LEU H 127 -37.46 -17.67 0.91
N HIS H 128 -36.30 -17.04 0.80
CA HIS H 128 -35.74 -16.28 1.89
C HIS H 128 -35.63 -14.85 1.51
N MET H 129 -36.11 -13.98 2.38
CA MET H 129 -35.89 -12.55 2.19
C MET H 129 -35.82 -11.80 3.50
N PHE H 130 -34.87 -10.88 3.59
CA PHE H 130 -34.88 -9.87 4.65
C PHE H 130 -34.62 -8.49 4.09
N SER H 131 -35.15 -7.48 4.76
CA SER H 131 -34.89 -6.10 4.39
C SER H 131 -34.81 -5.23 5.63
N VAL H 132 -34.01 -4.16 5.53
CA VAL H 132 -33.86 -3.17 6.58
C VAL H 132 -33.97 -1.83 5.89
N GLY H 133 -34.89 -0.98 6.37
CA GLY H 133 -35.12 0.32 5.75
C GLY H 133 -35.67 1.38 6.69
N GLY H 134 -35.67 2.62 6.22
CA GLY H 134 -36.19 3.73 7.00
C GLY H 134 -37.59 4.17 6.60
N GLU H 135 -38.32 3.29 5.93
CA GLU H 135 -39.70 3.51 5.49
C GLU H 135 -40.19 2.14 5.00
N PRO H 136 -41.51 2.00 4.71
CA PRO H 136 -41.97 0.66 4.28
C PRO H 136 -41.29 0.16 3.00
N LEU H 137 -41.06 -1.15 2.96
CA LEU H 137 -40.58 -1.79 1.73
C LEU H 137 -41.60 -1.56 0.62
N GLU H 138 -41.11 -1.13 -0.53
CA GLU H 138 -41.99 -0.86 -1.68
C GLU H 138 -42.09 -2.13 -2.55
N LEU H 139 -43.33 -2.50 -2.89
CA LEU H 139 -43.61 -3.76 -3.56
C LEU H 139 -44.16 -3.59 -4.96
N GLN H 140 -43.86 -4.58 -5.81
CA GLN H 140 -44.43 -4.70 -7.14
C GLN H 140 -45.31 -5.93 -7.20
N GLY H 141 -46.47 -5.79 -7.83
CA GLY H 141 -47.43 -6.90 -7.94
C GLY H 141 -47.25 -7.69 -9.23
N LEU H 142 -47.24 -9.01 -9.10
CA LEU H 142 -47.11 -9.90 -10.25
C LEU H 142 -47.57 -11.29 -9.82
N VAL H 143 -48.48 -11.88 -10.61
CA VAL H 143 -49.11 -13.16 -10.26
C VAL H 143 -48.95 -14.22 -11.34
N ALA H 144 -49.03 -15.49 -10.94
CA ALA H 144 -49.08 -16.60 -11.89
C ALA H 144 -50.33 -16.59 -12.76
N SER H 145 -51.46 -16.13 -12.20
CA SER H 145 -52.73 -16.14 -12.91
C SER H 145 -53.60 -14.94 -12.51
N SER H 146 -54.02 -14.17 -13.50
CA SER H 146 -54.83 -12.98 -13.24
C SER H 146 -56.30 -13.34 -12.99
N THR H 147 -56.66 -14.61 -13.20
CA THR H 147 -58.03 -15.04 -12.95
C THR H 147 -58.19 -15.68 -11.57
N THR H 148 -57.12 -15.67 -10.77
CA THR H 148 -57.18 -16.16 -9.39
C THR H 148 -58.08 -15.22 -8.58
N THR H 149 -58.97 -15.77 -7.76
CA THR H 149 -59.76 -14.97 -6.84
C THR H 149 -59.11 -15.01 -5.48
N TYR H 150 -58.48 -13.91 -5.08
CA TYR H 150 -57.78 -13.87 -3.80
C TYR H 150 -58.77 -13.54 -2.68
N PRO H 151 -58.54 -14.06 -1.46
CA PRO H 151 -59.43 -13.71 -0.34
C PRO H 151 -59.40 -12.20 -0.08
N THR H 152 -60.58 -11.60 0.12
CA THR H 152 -60.67 -10.14 0.18
C THR H 152 -60.05 -9.49 1.43
N ASP H 153 -59.88 -10.26 2.50
CA ASP H 153 -59.25 -9.76 3.73
C ASP H 153 -57.70 -9.72 3.65
N MET H 154 -57.14 -10.05 2.49
CA MET H 154 -55.70 -9.88 2.24
C MET H 154 -55.50 -8.73 1.26
N VAL H 155 -54.29 -8.17 1.20
CA VAL H 155 -54.00 -7.12 0.25
C VAL H 155 -53.42 -7.69 -1.03
N THR H 156 -54.17 -7.62 -2.12
CA THR H 156 -53.69 -8.15 -3.41
C THR H 156 -53.94 -7.10 -4.49
N ILE H 157 -53.74 -7.44 -5.74
CA ILE H 157 -53.95 -6.48 -6.79
C ILE H 157 -55.43 -6.23 -7.09
N LYS H 158 -55.83 -4.98 -7.11
CA LYS H 158 -57.20 -4.60 -7.40
C LYS H 158 -57.56 -4.76 -8.87
N ASN H 159 -58.67 -5.44 -9.13
CA ASN H 159 -59.15 -5.68 -10.49
C ASN H 159 -58.11 -6.13 -11.52
N MET H 160 -57.61 -7.33 -11.32
CA MET H 160 -56.53 -7.85 -12.14
C MET H 160 -56.93 -8.07 -13.58
N LYS H 161 -56.01 -7.78 -14.49
CA LYS H 161 -56.16 -8.14 -15.88
C LYS H 161 -54.95 -9.03 -16.27
N PRO H 162 -54.99 -9.68 -17.46
CA PRO H 162 -53.88 -10.58 -17.78
C PRO H 162 -52.49 -9.88 -17.78
N VAL H 163 -52.48 -8.55 -17.92
CA VAL H 163 -51.22 -7.80 -17.81
C VAL H 163 -50.50 -8.09 -16.48
N ASN H 164 -51.27 -8.33 -15.42
CA ASN H 164 -50.73 -8.63 -14.08
C ASN H 164 -50.01 -9.96 -13.95
N GLN H 165 -49.95 -10.73 -15.04
CA GLN H 165 -49.10 -11.93 -15.12
C GLN H 165 -47.67 -11.58 -15.53
N ALA H 166 -47.49 -10.28 -15.83
CA ALA H 166 -46.18 -9.68 -16.12
C ALA H 166 -46.13 -8.34 -15.39
N LEU H 167 -45.39 -7.37 -15.93
CA LEU H 167 -45.21 -6.10 -15.21
C LEU H 167 -46.28 -5.08 -15.58
N ASP H 168 -47.14 -4.77 -14.61
CA ASP H 168 -48.07 -3.67 -14.70
C ASP H 168 -47.63 -2.57 -13.71
N PRO H 169 -47.23 -1.41 -14.23
CA PRO H 169 -46.67 -0.37 -13.36
C PRO H 169 -47.67 0.24 -12.37
N ASN H 170 -48.98 -0.01 -12.55
CA ASN H 170 -49.99 0.43 -11.59
C ASN H 170 -50.10 -0.48 -10.38
N ALA H 171 -49.60 -1.70 -10.49
CA ALA H 171 -49.70 -2.68 -9.41
C ALA H 171 -48.58 -2.51 -8.37
N LYS H 172 -48.71 -1.48 -7.53
CA LYS H 172 -47.70 -1.15 -6.51
C LYS H 172 -48.32 -1.11 -5.13
N ALA H 173 -47.52 -1.35 -4.10
CA ALA H 173 -47.99 -1.31 -2.71
C ALA H 173 -46.84 -1.04 -1.76
N LEU H 174 -47.17 -0.82 -0.49
CA LEU H 174 -46.20 -0.66 0.58
C LEU H 174 -46.40 -1.84 1.53
N LEU H 175 -45.30 -2.48 1.92
CA LEU H 175 -45.40 -3.52 2.94
C LEU H 175 -45.68 -2.85 4.28
N ASP H 176 -46.96 -2.54 4.52
CA ASP H 176 -47.34 -1.77 5.71
C ASP H 176 -48.29 -2.51 6.64
N LYS H 177 -48.44 -3.82 6.43
CA LYS H 177 -49.20 -4.68 7.33
C LYS H 177 -48.50 -6.03 7.47
N ASP H 178 -48.40 -6.52 8.69
CA ASP H 178 -47.80 -7.82 8.94
C ASP H 178 -48.83 -8.90 8.56
N GLY H 179 -48.40 -9.88 7.77
CA GLY H 179 -49.24 -11.04 7.48
C GLY H 179 -50.46 -10.80 6.60
N LYS H 180 -50.32 -9.96 5.59
CA LYS H 180 -51.46 -9.58 4.74
C LYS H 180 -51.11 -9.55 3.27
N TYR H 181 -49.82 -9.39 2.98
CA TYR H 181 -49.32 -9.26 1.61
C TYR H 181 -48.72 -10.58 1.12
N PRO H 182 -49.44 -11.33 0.25
CA PRO H 182 -48.95 -12.65 -0.16
C PRO H 182 -47.67 -12.59 -0.99
N VAL H 183 -46.73 -13.49 -0.73
CA VAL H 183 -45.49 -13.53 -1.48
C VAL H 183 -45.72 -13.87 -2.94
N GLU H 184 -46.76 -14.67 -3.22
CA GLU H 184 -47.06 -15.05 -4.60
C GLU H 184 -47.67 -13.92 -5.42
N VAL H 185 -48.01 -12.81 -4.76
CA VAL H 185 -48.55 -11.62 -5.43
C VAL H 185 -47.57 -10.43 -5.46
N TRP H 186 -46.78 -10.27 -4.39
CA TRP H 186 -45.91 -9.10 -4.21
C TRP H 186 -44.48 -9.48 -4.09
N SER H 187 -43.59 -8.68 -4.68
CA SER H 187 -42.14 -8.80 -4.48
C SER H 187 -41.49 -7.41 -4.36
N PRO H 188 -40.24 -7.34 -3.88
CA PRO H 188 -39.64 -5.99 -3.72
C PRO H 188 -39.53 -5.27 -5.07
N ASP H 189 -39.91 -4.00 -5.09
CA ASP H 189 -39.91 -3.19 -6.30
C ASP H 189 -38.50 -2.58 -6.52
N PRO H 190 -37.75 -3.07 -7.53
CA PRO H 190 -36.38 -2.58 -7.72
C PRO H 190 -36.30 -1.16 -8.29
N SER H 191 -37.44 -0.61 -8.76
CA SER H 191 -37.48 0.77 -9.30
C SER H 191 -37.62 1.81 -8.20
N LYS H 192 -37.88 1.37 -6.97
CA LYS H 192 -37.95 2.28 -5.85
C LYS H 192 -36.96 1.80 -4.78
N ASN H 193 -37.38 1.83 -3.52
CA ASN H 193 -36.57 1.30 -2.43
C ASN H 193 -35.18 1.91 -2.30
N GLU H 194 -35.06 3.22 -2.56
CA GLU H 194 -33.80 3.93 -2.34
C GLU H 194 -33.38 4.04 -0.87
N ASN H 195 -34.31 3.81 0.05
CA ASN H 195 -34.08 3.98 1.49
C ASN H 195 -34.28 2.67 2.23
N THR H 196 -34.19 1.57 1.49
CA THR H 196 -34.27 0.22 2.01
C THR H 196 -33.22 -0.68 1.32
N ARG H 197 -32.59 -1.59 2.06
CA ARG H 197 -31.76 -2.62 1.45
C ARG H 197 -32.51 -3.94 1.59
N TYR H 198 -32.74 -4.62 0.49
CA TYR H 198 -33.35 -5.95 0.57
C TYR H 198 -32.46 -7.02 -0.05
N TYR H 199 -32.62 -8.27 0.42
CA TYR H 199 -31.78 -9.37 0.03
C TYR H 199 -32.68 -10.59 -0.03
N GLY H 200 -32.71 -11.25 -1.19
CA GLY H 200 -33.67 -12.31 -1.43
C GLY H 200 -33.04 -13.49 -2.17
N SER H 201 -33.50 -14.67 -1.79
CA SER H 201 -33.04 -15.90 -2.38
C SER H 201 -34.21 -16.86 -2.59
N PHE H 202 -34.32 -17.40 -3.81
CA PHE H 202 -35.37 -18.35 -4.19
C PHE H 202 -34.80 -19.62 -4.81
N THR H 203 -35.26 -20.78 -4.31
CA THR H 203 -35.04 -22.06 -5.02
C THR H 203 -36.38 -22.80 -5.11
N GLY H 204 -36.79 -23.15 -6.33
CA GLY H 204 -38.10 -23.74 -6.56
C GLY H 204 -38.12 -25.28 -6.52
N GLY H 205 -38.96 -25.88 -7.35
CA GLY H 205 -39.09 -27.33 -7.37
C GLY H 205 -40.03 -27.82 -6.29
N ALA H 206 -40.47 -29.07 -6.41
CA ALA H 206 -41.49 -29.67 -5.53
C ALA H 206 -40.90 -30.42 -4.34
N THR H 207 -39.73 -31.01 -4.55
CA THR H 207 -39.13 -31.90 -3.57
C THR H 207 -37.67 -31.53 -3.26
N THR H 208 -37.23 -30.35 -3.73
CA THR H 208 -35.85 -29.87 -3.53
C THR H 208 -35.39 -29.89 -2.07
N PRO H 209 -34.18 -30.40 -1.80
CA PRO H 209 -33.62 -30.32 -0.45
C PRO H 209 -33.37 -28.88 -0.05
N PRO H 210 -33.86 -28.48 1.13
CA PRO H 210 -33.56 -27.13 1.62
C PRO H 210 -32.11 -27.02 2.10
N VAL H 211 -31.49 -25.86 1.85
CA VAL H 211 -30.10 -25.57 2.23
C VAL H 211 -30.07 -24.27 3.04
N MET H 212 -29.56 -24.32 4.25
CA MET H 212 -29.46 -23.15 5.13
C MET H 212 -28.19 -23.18 6.00
N GLN H 213 -27.61 -22.00 6.23
CA GLN H 213 -26.46 -21.83 7.12
C GLN H 213 -26.94 -21.08 8.35
N PHE H 214 -26.19 -21.23 9.44
CA PHE H 214 -26.42 -20.44 10.65
C PHE H 214 -25.08 -20.23 11.37
N THR H 215 -24.82 -18.99 11.77
CA THR H 215 -23.57 -18.61 12.44
C THR H 215 -23.78 -17.26 13.09
N ASN H 216 -22.99 -16.94 14.10
CA ASN H 216 -23.03 -15.57 14.65
C ASN H 216 -21.79 -14.75 14.26
N SER H 217 -21.12 -15.17 13.19
CA SER H 217 -19.87 -14.54 12.79
C SER H 217 -20.01 -13.65 11.54
N VAL H 218 -21.21 -13.50 11.01
CA VAL H 218 -21.39 -12.85 9.72
C VAL H 218 -22.23 -11.56 9.83
N THR H 219 -21.79 -10.48 9.20
CA THR H 219 -22.52 -9.21 9.23
C THR H 219 -22.82 -8.77 7.80
N THR H 220 -24.00 -8.20 7.55
CA THR H 220 -24.27 -7.54 6.27
C THR H 220 -24.17 -6.02 6.45
N VAL H 221 -23.39 -5.36 5.60
CA VAL H 221 -23.23 -3.91 5.65
C VAL H 221 -24.31 -3.26 4.77
N LEU H 222 -24.99 -2.25 5.32
CA LEU H 222 -26.17 -1.69 4.66
C LEU H 222 -25.88 -0.41 3.91
N LEU H 223 -24.64 0.08 3.96
CA LEU H 223 -24.26 1.34 3.31
C LEU H 223 -24.35 1.23 1.79
N ASP H 224 -24.85 2.27 1.13
CA ASP H 224 -24.84 2.31 -0.33
C ASP H 224 -23.46 2.75 -0.85
N GLU H 225 -23.38 3.03 -2.15
CA GLU H 225 -22.10 3.37 -2.77
C GLU H 225 -21.57 4.75 -2.36
N ASN H 226 -22.39 5.54 -1.67
CA ASN H 226 -21.92 6.82 -1.11
C ASN H 226 -21.67 6.71 0.39
N GLY H 227 -21.73 5.51 0.93
CA GLY H 227 -21.50 5.29 2.34
C GLY H 227 -22.68 5.62 3.25
N VAL H 228 -23.89 5.68 2.68
CA VAL H 228 -25.09 6.04 3.44
C VAL H 228 -26.00 4.82 3.56
N GLY H 229 -26.42 4.51 4.79
CA GLY H 229 -27.37 3.41 5.03
C GLY H 229 -28.79 3.95 5.01
N PRO H 230 -29.79 3.07 5.17
CA PRO H 230 -31.17 3.58 5.29
C PRO H 230 -31.32 4.59 6.42
N LEU H 231 -32.12 5.62 6.18
CA LEU H 231 -32.33 6.70 7.13
C LEU H 231 -33.75 6.61 7.64
N CYS H 232 -33.90 6.58 8.97
CA CYS H 232 -35.18 6.27 9.59
C CYS H 232 -36.12 7.49 9.69
N LYS H 233 -37.00 7.62 8.71
CA LYS H 233 -37.93 8.74 8.68
C LYS H 233 -38.90 8.63 9.85
N GLY H 234 -39.07 9.73 10.59
CA GLY H 234 -39.90 9.73 11.80
C GLY H 234 -39.39 8.82 12.91
N ASP H 235 -38.10 8.54 12.90
CA ASP H 235 -37.45 7.64 13.85
C ASP H 235 -38.04 6.24 13.82
N LYS H 236 -38.43 5.80 12.63
CA LYS H 236 -38.98 4.47 12.46
C LYS H 236 -38.07 3.59 11.63
N LEU H 237 -37.75 2.43 12.19
CA LEU H 237 -37.00 1.37 11.52
C LEU H 237 -37.95 0.25 11.07
N PHE H 238 -37.85 -0.13 9.79
CA PHE H 238 -38.74 -1.15 9.19
C PHE H 238 -37.93 -2.42 8.91
N LEU H 239 -38.34 -3.52 9.53
CA LEU H 239 -37.72 -4.82 9.31
C LEU H 239 -38.76 -5.72 8.64
N SER H 240 -38.38 -6.32 7.52
CA SER H 240 -39.31 -7.20 6.80
C SER H 240 -38.62 -8.52 6.47
N ALA H 241 -39.42 -9.58 6.37
CA ALA H 241 -38.88 -10.91 6.14
C ALA H 241 -39.92 -11.87 5.59
N VAL H 242 -39.46 -12.85 4.84
CA VAL H 242 -40.20 -14.10 4.70
C VAL H 242 -39.15 -15.22 4.65
N ASP H 243 -39.43 -16.32 5.34
CA ASP H 243 -38.53 -17.50 5.28
C ASP H 243 -39.33 -18.77 5.19
N ILE H 244 -39.78 -19.07 3.97
CA ILE H 244 -40.44 -20.32 3.63
C ILE H 244 -39.31 -21.33 3.40
N VAL H 245 -39.28 -22.36 4.23
CA VAL H 245 -38.20 -23.37 4.16
C VAL H 245 -38.61 -24.67 3.46
N GLY H 246 -39.87 -24.74 3.04
CA GLY H 246 -40.34 -25.86 2.24
C GLY H 246 -41.78 -26.22 2.50
N ILE H 247 -42.10 -27.46 2.11
CA ILE H 247 -43.43 -28.03 2.20
C ILE H 247 -43.37 -29.28 3.09
N HIS H 248 -44.28 -29.36 4.05
CA HIS H 248 -44.52 -30.61 4.78
C HIS H 248 -45.63 -31.38 4.13
N THR H 249 -45.41 -32.68 3.90
CA THR H 249 -46.45 -33.53 3.29
C THR H 249 -47.08 -34.43 4.35
N ASN H 250 -48.40 -34.43 4.40
CA ASN H 250 -49.12 -35.23 5.40
C ASN H 250 -49.39 -36.65 4.90
N TYR H 251 -49.88 -37.52 5.78
CA TYR H 251 -50.17 -38.93 5.44
C TYR H 251 -51.12 -39.08 4.24
N SER H 252 -52.15 -38.23 4.17
CA SER H 252 -53.10 -38.22 3.03
C SER H 252 -52.51 -37.52 1.82
N GLU H 253 -51.27 -37.00 1.95
CA GLU H 253 -50.57 -36.26 0.91
C GLU H 253 -51.06 -34.81 0.75
N SER H 254 -51.89 -34.36 1.68
CA SER H 254 -52.17 -32.92 1.79
C SER H 254 -50.87 -32.25 2.22
N GLN H 255 -50.72 -30.96 1.92
CA GLN H 255 -49.43 -30.29 2.08
C GLN H 255 -49.52 -28.92 2.74
N ASN H 256 -48.58 -28.61 3.63
CA ASN H 256 -48.50 -27.35 4.35
C ASN H 256 -47.16 -26.66 4.09
N TRP H 257 -47.20 -25.35 3.85
CA TRP H 257 -45.95 -24.58 3.82
C TRP H 257 -45.41 -24.54 5.20
N ARG H 258 -44.09 -24.52 5.33
CA ARG H 258 -43.44 -24.40 6.63
C ARG H 258 -42.53 -23.18 6.59
N GLY H 259 -42.62 -22.34 7.62
CA GLY H 259 -41.77 -21.15 7.72
C GLY H 259 -41.02 -21.11 9.02
N LEU H 260 -39.94 -20.34 9.05
CA LEU H 260 -39.18 -20.18 10.28
C LEU H 260 -39.06 -18.70 10.63
N PRO H 261 -38.89 -18.37 11.92
CA PRO H 261 -38.66 -16.97 12.31
C PRO H 261 -37.30 -16.42 11.90
N ARG H 262 -37.21 -15.11 11.80
CA ARG H 262 -35.95 -14.45 11.53
C ARG H 262 -35.54 -13.47 12.62
N TYR H 263 -34.28 -13.57 13.04
CA TYR H 263 -33.67 -12.69 14.03
C TYR H 263 -32.93 -11.56 13.31
N PHE H 264 -33.00 -10.35 13.88
CA PHE H 264 -32.30 -9.17 13.37
C PHE H 264 -31.56 -8.53 14.54
N ASN H 265 -30.33 -8.10 14.29
CA ASN H 265 -29.63 -7.21 15.19
C ASN H 265 -29.03 -6.11 14.32
N VAL H 266 -29.62 -4.94 14.41
CA VAL H 266 -29.27 -3.83 13.54
C VAL H 266 -28.46 -2.79 14.30
N THR H 267 -27.31 -2.41 13.75
CA THR H 267 -26.50 -1.33 14.30
C THR H 267 -26.84 -0.05 13.57
N LEU H 268 -27.13 0.99 14.34
CA LEU H 268 -27.50 2.30 13.79
C LEU H 268 -26.63 3.41 14.35
N ARG H 269 -26.34 4.42 13.54
CA ARG H 269 -25.58 5.58 14.00
C ARG H 269 -26.30 6.88 13.65
N LYS H 270 -25.92 7.97 14.29
CA LYS H 270 -26.57 9.25 14.05
C LYS H 270 -25.97 9.91 12.82
N ARG H 271 -26.84 10.28 11.88
CA ARG H 271 -26.45 10.96 10.65
C ARG H 271 -27.03 12.39 10.62
N VAL H 272 -26.20 13.37 10.30
CA VAL H 272 -26.65 14.76 10.16
C VAL H 272 -27.28 14.98 8.78
N VAL H 273 -28.44 15.63 8.76
CA VAL H 273 -29.12 16.00 7.51
C VAL H 273 -29.59 17.46 7.61
N LYS H 274 -29.78 18.11 6.46
CA LYS H 274 -30.24 19.50 6.45
C LYS H 274 -31.74 19.54 6.72
N ASN H 275 -32.15 20.48 7.57
CA ASN H 275 -33.56 20.70 7.85
C ASN H 275 -34.31 21.18 6.59
N PRO H 276 -35.32 20.40 6.12
CA PRO H 276 -36.10 20.71 4.93
C PRO H 276 -37.44 21.40 5.21
N VAL I 7 -17.68 -7.60 32.37
CA VAL I 7 -16.20 -7.46 32.57
C VAL I 7 -15.55 -6.53 31.54
N GLU I 8 -14.76 -5.55 32.00
CA GLU I 8 -14.07 -4.65 31.08
C GLU I 8 -12.86 -5.40 30.49
N VAL I 9 -12.82 -5.48 29.17
CA VAL I 9 -11.74 -6.16 28.47
C VAL I 9 -10.60 -5.18 28.13
N LEU I 10 -9.39 -5.48 28.57
CA LEU I 10 -8.24 -4.64 28.26
C LEU I 10 -7.33 -5.30 27.21
N GLU I 11 -6.02 -5.07 27.28
CA GLU I 11 -5.11 -5.49 26.21
C GLU I 11 -4.72 -6.97 26.30
N VAL I 12 -4.14 -7.48 25.22
CA VAL I 12 -3.55 -8.81 25.20
C VAL I 12 -2.24 -8.82 26.02
N ARG I 13 -2.03 -9.88 26.81
CA ARG I 13 -0.80 -10.03 27.60
C ARG I 13 0.28 -10.62 26.70
N THR I 14 1.39 -9.90 26.53
CA THR I 14 2.47 -10.38 25.68
C THR I 14 3.59 -10.99 26.51
N GLY I 15 4.46 -11.76 25.84
CA GLY I 15 5.64 -12.32 26.49
C GLY I 15 5.69 -13.82 26.33
N PRO I 16 6.74 -14.46 26.87
CA PRO I 16 6.85 -15.93 26.80
C PRO I 16 5.65 -16.57 27.51
N ASP I 17 5.28 -17.77 27.07
CA ASP I 17 4.18 -18.53 27.69
C ASP I 17 2.81 -17.85 27.67
N ALA I 18 2.57 -16.99 26.69
CA ALA I 18 1.29 -16.30 26.63
C ALA I 18 0.26 -17.04 25.76
N ILE I 19 0.73 -18.05 25.03
CA ILE I 19 -0.11 -18.80 24.09
C ILE I 19 -0.26 -20.24 24.57
N THR I 20 -1.42 -20.83 24.38
CA THR I 20 -1.55 -22.26 24.61
C THR I 20 -2.44 -22.92 23.55
N GLN I 21 -2.33 -24.23 23.43
CA GLN I 21 -3.15 -24.99 22.50
C GLN I 21 -3.75 -26.18 23.19
N ILE I 22 -5.01 -26.48 22.89
CA ILE I 22 -5.63 -27.72 23.33
C ILE I 22 -6.25 -28.47 22.14
N GLU I 23 -6.38 -29.77 22.30
CA GLU I 23 -7.10 -30.56 21.33
C GLU I 23 -8.02 -31.54 22.02
N ALA I 24 -9.08 -31.89 21.33
CA ALA I 24 -10.12 -32.71 21.90
C ALA I 24 -10.90 -33.31 20.76
N TYR I 25 -11.63 -34.38 21.05
CA TYR I 25 -12.60 -34.89 20.10
C TYR I 25 -13.90 -35.15 20.84
N LEU I 26 -15.02 -34.99 20.14
CA LEU I 26 -16.32 -35.25 20.72
C LEU I 26 -16.97 -36.34 19.88
N ASN I 27 -17.32 -37.43 20.54
CA ASN I 27 -18.09 -38.49 19.89
C ASN I 27 -19.57 -38.14 19.66
N PRO I 28 -20.15 -38.62 18.55
CA PRO I 28 -21.53 -38.26 18.22
C PRO I 28 -22.54 -38.89 19.17
N ARG I 29 -23.66 -38.20 19.34
CA ARG I 29 -24.72 -38.65 20.21
C ARG I 29 -26.00 -38.74 19.39
N MET I 30 -26.13 -39.86 18.67
CA MET I 30 -27.24 -40.07 17.73
C MET I 30 -28.45 -40.75 18.36
N GLY I 31 -28.26 -41.31 19.55
CA GLY I 31 -29.32 -42.02 20.25
C GLY I 31 -28.80 -43.26 20.96
N ASN I 32 -28.00 -44.06 20.25
CA ASN I 32 -27.20 -45.07 20.93
C ASN I 32 -25.89 -44.39 21.33
N ASN I 33 -25.84 -43.95 22.58
CA ASN I 33 -24.79 -43.05 23.07
C ASN I 33 -23.79 -43.72 24.01
N ASN I 34 -23.92 -45.03 24.14
CA ASN I 34 -23.00 -45.82 24.96
C ASN I 34 -22.05 -46.60 24.05
N PRO I 35 -20.73 -46.46 24.26
CA PRO I 35 -19.74 -47.16 23.43
C PRO I 35 -19.93 -48.68 23.35
N THR I 36 -20.64 -49.27 24.31
CA THR I 36 -20.93 -50.71 24.25
C THR I 36 -22.22 -51.02 23.45
N ASP I 37 -22.98 -49.99 23.07
CA ASP I 37 -24.15 -50.16 22.20
C ASP I 37 -23.74 -50.75 20.87
N GLU I 38 -24.44 -51.79 20.46
CA GLU I 38 -24.24 -52.42 19.17
C GLU I 38 -24.25 -51.39 18.04
N LEU I 39 -25.18 -50.44 18.09
CA LEU I 39 -25.27 -49.42 17.05
C LEU I 39 -24.76 -48.05 17.54
N TYR I 40 -23.74 -48.08 18.40
CA TYR I 40 -23.03 -46.85 18.81
C TYR I 40 -22.74 -45.99 17.58
N GLY I 41 -23.01 -44.68 17.68
CA GLY I 41 -22.85 -43.78 16.55
C GLY I 41 -23.99 -43.73 15.54
N TYR I 42 -25.10 -44.43 15.85
CA TYR I 42 -26.37 -44.35 15.12
C TYR I 42 -27.51 -44.11 16.10
N SER I 43 -28.66 -43.66 15.58
CA SER I 43 -29.93 -43.75 16.32
C SER I 43 -30.50 -45.17 16.23
N ALA I 44 -31.38 -45.53 17.17
CA ALA I 44 -32.19 -46.72 17.00
C ALA I 44 -33.16 -46.47 15.83
N ASP I 45 -33.82 -47.52 15.33
CA ASP I 45 -34.80 -47.37 14.24
C ASP I 45 -35.78 -46.24 14.54
N ILE I 46 -35.91 -45.29 13.60
CA ILE I 46 -36.87 -44.19 13.76
C ILE I 46 -38.29 -44.76 14.01
N ASN I 47 -38.90 -44.36 15.12
CA ASN I 47 -40.30 -44.72 15.40
C ASN I 47 -41.20 -43.51 15.11
N VAL I 48 -42.05 -43.65 14.08
CA VAL I 48 -42.83 -42.53 13.52
C VAL I 48 -44.14 -42.28 14.29
N ALA I 49 -44.58 -41.03 14.32
CA ALA I 49 -45.91 -40.67 14.86
C ALA I 49 -47.06 -41.32 14.05
N SER I 50 -48.13 -41.71 14.75
CA SER I 50 -49.32 -42.16 14.04
C SER I 50 -50.24 -40.99 13.69
N SER I 51 -50.06 -39.85 14.35
CA SER I 51 -50.93 -38.70 14.10
C SER I 51 -50.36 -37.39 14.63
N LYS I 52 -51.09 -36.29 14.47
CA LYS I 52 -50.68 -35.02 15.06
C LYS I 52 -50.69 -35.15 16.59
N ALA I 53 -51.70 -35.83 17.11
CA ALA I 53 -51.91 -35.95 18.55
C ALA I 53 -50.95 -36.94 19.22
N SER I 54 -50.45 -37.90 18.45
CA SER I 54 -49.73 -39.03 19.02
C SER I 54 -48.33 -39.19 18.38
N ASP I 55 -47.34 -38.62 19.06
CA ASP I 55 -45.97 -38.58 18.56
C ASP I 55 -45.03 -38.74 19.76
N ASN I 56 -44.62 -39.97 19.99
CA ASN I 56 -43.77 -40.30 21.14
C ASN I 56 -42.42 -40.89 20.69
N PRO I 57 -41.49 -40.04 20.18
CA PRO I 57 -40.21 -40.59 19.74
C PRO I 57 -39.42 -41.14 20.92
N ASN I 58 -38.83 -42.33 20.73
CA ASN I 58 -37.91 -42.91 21.71
C ASN I 58 -36.65 -42.05 21.89
N ALA I 59 -36.12 -42.00 23.11
CA ALA I 59 -34.90 -41.25 23.41
C ALA I 59 -33.78 -41.67 22.49
N THR I 60 -33.65 -42.99 22.26
CA THR I 60 -32.63 -43.57 21.38
C THR I 60 -32.80 -43.22 19.88
N THR I 61 -33.89 -42.54 19.52
CA THR I 61 -34.10 -42.18 18.11
C THR I 61 -33.84 -40.70 17.81
N LEU I 62 -33.43 -39.94 18.82
CA LEU I 62 -33.29 -38.48 18.71
C LEU I 62 -31.84 -38.01 18.89
N PRO I 63 -31.18 -37.60 17.80
CA PRO I 63 -29.82 -37.07 17.96
C PRO I 63 -29.76 -35.83 18.86
N THR I 64 -28.74 -35.78 19.71
CA THR I 64 -28.54 -34.67 20.63
C THR I 64 -27.17 -34.00 20.39
N TYR I 65 -26.99 -32.79 20.93
CA TYR I 65 -25.70 -32.12 20.83
C TYR I 65 -24.65 -32.79 21.70
N SER I 66 -23.43 -32.81 21.21
CA SER I 66 -22.26 -33.14 22.03
C SER I 66 -21.71 -31.85 22.63
N VAL I 67 -21.24 -31.95 23.86
CA VAL I 67 -20.50 -30.86 24.49
C VAL I 67 -19.40 -31.44 25.38
N ALA I 68 -18.24 -30.79 25.35
CA ALA I 68 -17.13 -31.08 26.26
C ALA I 68 -16.63 -29.77 26.89
N VAL I 69 -16.20 -29.86 28.14
CA VAL I 69 -15.58 -28.73 28.85
C VAL I 69 -14.11 -29.05 29.09
N ILE I 70 -13.22 -28.21 28.57
CA ILE I 70 -11.78 -28.39 28.79
C ILE I 70 -11.36 -27.43 29.91
N LYS I 71 -10.80 -27.97 30.99
CA LYS I 71 -10.30 -27.09 32.03
C LYS I 71 -8.92 -26.62 31.60
N LEU I 72 -8.67 -25.32 31.66
CA LEU I 72 -7.41 -24.73 31.21
C LEU I 72 -6.53 -24.37 32.39
N PRO I 73 -5.22 -24.14 32.14
CA PRO I 73 -4.27 -23.80 33.22
C PRO I 73 -4.74 -22.61 34.01
N MET I 74 -4.72 -22.72 35.34
CA MET I 74 -5.21 -21.64 36.19
C MET I 74 -4.31 -20.43 36.00
N LEU I 75 -4.93 -19.26 35.85
CA LEU I 75 -4.16 -18.06 35.54
C LEU I 75 -3.93 -17.12 36.73
N ASN I 76 -4.94 -16.98 37.58
CA ASN I 76 -4.90 -15.98 38.65
C ASN I 76 -4.78 -16.58 40.06
N GLU I 77 -3.74 -16.15 40.77
CA GLU I 77 -3.46 -16.58 42.14
C GLU I 77 -4.31 -15.77 43.10
N ASP I 78 -3.85 -14.54 43.36
CA ASP I 78 -4.58 -13.56 44.17
C ASP I 78 -5.73 -12.99 43.35
N MET I 79 -6.95 -13.11 43.88
CA MET I 79 -8.15 -12.55 43.26
C MET I 79 -8.43 -11.15 43.81
N CYS I 81 -5.90 -8.53 42.93
CA CYS I 81 -5.09 -7.59 42.18
C CYS I 81 -6.01 -6.84 41.25
N ASP I 82 -5.59 -5.69 40.78
CA ASP I 82 -6.49 -4.80 40.10
C ASP I 82 -6.93 -5.31 38.71
N THR I 83 -6.12 -6.14 38.09
CA THR I 83 -6.48 -6.77 36.84
C THR I 83 -6.29 -8.28 36.92
N LEU I 84 -7.08 -9.01 36.14
CA LEU I 84 -6.94 -10.46 36.04
C LEU I 84 -6.65 -10.86 34.60
N LEU I 85 -6.27 -12.12 34.42
CA LEU I 85 -6.06 -12.69 33.09
C LEU I 85 -7.13 -13.72 32.78
N MET I 86 -7.58 -13.75 31.53
CA MET I 86 -8.47 -14.79 31.06
C MET I 86 -7.89 -15.40 29.78
N TRP I 87 -8.13 -16.70 29.58
CA TRP I 87 -7.81 -17.34 28.32
C TRP I 87 -8.77 -16.89 27.28
N GLU I 88 -8.22 -16.49 26.14
CA GLU I 88 -8.99 -15.99 25.02
C GLU I 88 -8.79 -16.94 23.86
N ALA I 89 -9.89 -17.56 23.40
CA ALA I 89 -9.82 -18.43 22.23
C ALA I 89 -9.68 -17.57 20.99
N VAL I 90 -8.61 -17.80 20.25
CA VAL I 90 -8.27 -16.97 19.09
C VAL I 90 -8.62 -17.65 17.76
N SER I 91 -8.38 -18.96 17.68
CA SER I 91 -8.62 -19.67 16.42
C SER I 91 -8.83 -21.17 16.67
N VAL I 92 -9.41 -21.84 15.68
CA VAL I 92 -9.69 -23.26 15.82
C VAL I 92 -9.46 -23.95 14.47
N LYS I 93 -8.86 -25.14 14.54
CA LYS I 93 -8.89 -26.07 13.44
C LYS I 93 -9.84 -27.16 13.88
N THR I 94 -10.76 -27.49 12.99
CA THR I 94 -11.75 -28.50 13.29
C THR I 94 -12.02 -29.41 12.10
N GLU I 95 -12.32 -30.67 12.37
CA GLU I 95 -12.39 -31.68 11.34
C GLU I 95 -13.45 -32.72 11.69
N VAL I 96 -14.28 -33.09 10.71
CA VAL I 96 -15.17 -34.23 10.90
C VAL I 96 -14.38 -35.50 10.57
N MET I 97 -14.31 -36.43 11.52
CA MET I 97 -13.45 -37.60 11.37
C MET I 97 -14.21 -38.81 10.86
N GLY I 98 -13.51 -39.67 10.12
CA GLY I 98 -14.08 -40.91 9.61
C GLY I 98 -15.08 -40.71 8.49
N ILE I 99 -14.93 -39.65 7.71
CA ILE I 99 -15.80 -39.35 6.56
C ILE I 99 -15.81 -40.50 5.53
N SER I 100 -14.62 -40.99 5.19
CA SER I 100 -14.49 -42.09 4.21
C SER I 100 -15.15 -43.41 4.68
N SER I 101 -15.57 -43.48 5.94
CA SER I 101 -16.30 -44.67 6.41
C SER I 101 -17.66 -44.82 5.70
N LEU I 102 -18.17 -43.73 5.11
CA LEU I 102 -19.41 -43.78 4.33
C LEU I 102 -19.21 -44.33 2.93
N VAL I 103 -17.96 -44.43 2.48
CA VAL I 103 -17.65 -44.95 1.14
C VAL I 103 -17.62 -46.48 1.23
N ASN I 104 -18.83 -47.04 1.26
CA ASN I 104 -19.08 -48.43 1.67
C ASN I 104 -20.43 -48.84 1.04
N LEU I 105 -20.35 -49.81 0.14
CA LEU I 105 -21.53 -50.30 -0.58
C LEU I 105 -21.90 -51.73 -0.21
N HIS I 106 -21.29 -52.27 0.83
CA HIS I 106 -21.53 -53.69 1.15
C HIS I 106 -22.25 -53.85 2.47
N GLN I 107 -22.40 -52.77 3.21
CA GLN I 107 -23.07 -52.82 4.52
C GLN I 107 -24.47 -53.36 4.33
N GLY I 108 -24.89 -54.28 5.22
CA GLY I 108 -26.26 -54.82 5.22
C GLY I 108 -27.26 -53.68 5.15
N GLY I 109 -28.15 -53.74 4.15
CA GLY I 109 -29.15 -52.67 3.95
C GLY I 109 -30.13 -52.91 2.81
N LYS I 110 -30.52 -51.83 2.15
CA LYS I 110 -31.45 -51.86 1.04
C LYS I 110 -30.64 -51.79 -0.26
N TYR I 111 -30.96 -52.68 -1.21
CA TYR I 111 -30.24 -52.69 -2.48
C TYR I 111 -30.48 -51.42 -3.29
N ILE I 112 -29.45 -50.98 -4.00
CA ILE I 112 -29.55 -49.82 -4.89
C ILE I 112 -30.46 -50.16 -6.06
N TYR I 113 -30.19 -51.29 -6.72
CA TYR I 113 -31.11 -51.82 -7.72
C TYR I 113 -31.74 -53.12 -7.20
N GLY I 114 -31.58 -54.22 -7.92
CA GLY I 114 -31.96 -55.54 -7.40
C GLY I 114 -30.92 -56.15 -6.48
N SER I 115 -31.07 -57.44 -6.17
CA SER I 115 -30.23 -58.08 -5.16
C SER I 115 -28.82 -58.45 -5.65
N SER I 116 -28.48 -58.15 -6.91
CA SER I 116 -27.08 -58.27 -7.34
C SER I 116 -26.22 -57.03 -7.05
N SER I 117 -26.87 -55.92 -6.70
CA SER I 117 -26.20 -54.62 -6.58
C SER I 117 -25.68 -54.30 -5.17
N GLY I 118 -24.92 -53.21 -5.04
CA GLY I 118 -24.50 -52.73 -3.72
C GLY I 118 -25.69 -52.20 -2.94
N THR I 119 -25.45 -51.84 -1.68
CA THR I 119 -26.51 -51.25 -0.85
C THR I 119 -26.40 -49.74 -0.83
N ILE I 120 -27.54 -49.08 -0.61
CA ILE I 120 -27.62 -47.63 -0.59
C ILE I 120 -26.79 -47.10 0.57
N PRO I 121 -25.79 -46.24 0.29
CA PRO I 121 -25.03 -45.69 1.42
C PRO I 121 -25.84 -44.63 2.20
N VAL I 122 -25.29 -44.19 3.32
CA VAL I 122 -25.86 -43.14 4.16
C VAL I 122 -26.16 -41.88 3.34
N GLN I 123 -27.39 -41.41 3.39
CA GLN I 123 -27.78 -40.24 2.62
C GLN I 123 -29.01 -39.56 3.25
N GLY I 124 -29.43 -38.43 2.69
CA GLY I 124 -30.55 -37.69 3.27
C GLY I 124 -30.07 -36.47 4.05
N THR I 125 -30.88 -36.06 5.02
CA THR I 125 -30.65 -34.83 5.80
C THR I 125 -29.29 -34.83 6.51
N THR I 126 -28.56 -33.72 6.41
CA THR I 126 -27.33 -33.53 7.19
C THR I 126 -27.37 -32.23 7.98
N LEU I 127 -26.76 -32.28 9.17
CA LEU I 127 -26.61 -31.13 10.04
C LEU I 127 -25.20 -31.13 10.63
N HIS I 128 -24.48 -30.03 10.38
CA HIS I 128 -23.15 -29.84 10.92
C HIS I 128 -23.12 -28.56 11.68
N MET I 129 -22.65 -28.65 12.93
CA MET I 129 -22.43 -27.47 13.74
C MET I 129 -21.24 -27.67 14.67
N PHE I 130 -20.42 -26.62 14.80
CA PHE I 130 -19.44 -26.55 15.87
C PHE I 130 -19.45 -25.15 16.51
N SER I 131 -19.11 -25.11 17.79
CA SER I 131 -19.00 -23.86 18.51
C SER I 131 -17.87 -23.97 19.52
N VAL I 132 -17.20 -22.83 19.71
CA VAL I 132 -16.14 -22.66 20.68
C VAL I 132 -16.54 -21.44 21.52
N GLY I 133 -16.66 -21.62 22.83
CA GLY I 133 -17.05 -20.52 23.71
C GLY I 133 -16.44 -20.55 25.09
N GLY I 134 -16.60 -19.45 25.82
CA GLY I 134 -16.05 -19.35 27.17
C GLY I 134 -17.06 -19.66 28.26
N GLU I 135 -18.16 -20.29 27.84
CA GLU I 135 -19.29 -20.63 28.71
C GLU I 135 -20.26 -21.50 27.88
N PRO I 136 -21.31 -22.07 28.50
CA PRO I 136 -22.24 -22.91 27.73
C PRO I 136 -22.91 -22.18 26.55
N LEU I 137 -23.00 -22.86 25.42
CA LEU I 137 -23.77 -22.40 24.27
C LEU I 137 -25.24 -22.16 24.67
N GLU I 138 -25.76 -21.00 24.31
CA GLU I 138 -27.12 -20.60 24.65
C GLU I 138 -28.08 -21.04 23.55
N LEU I 139 -29.15 -21.73 23.94
CA LEU I 139 -30.05 -22.38 23.01
C LEU I 139 -31.44 -21.71 22.91
N GLN I 140 -32.03 -21.77 21.72
CA GLN I 140 -33.43 -21.41 21.51
C GLN I 140 -34.25 -22.66 21.16
N GLY I 141 -35.40 -22.82 21.82
CA GLY I 141 -36.32 -23.92 21.53
C GLY I 141 -37.27 -23.59 20.39
N LEU I 142 -37.47 -24.56 19.50
CA LEU I 142 -38.41 -24.46 18.38
C LEU I 142 -38.60 -25.88 17.82
N VAL I 143 -39.86 -26.31 17.68
CA VAL I 143 -40.16 -27.70 17.25
C VAL I 143 -41.06 -27.75 16.02
N ALA I 144 -41.06 -28.89 15.33
CA ALA I 144 -41.98 -29.12 14.20
C ALA I 144 -43.42 -29.24 14.69
N SER I 145 -43.58 -29.77 15.90
CA SER I 145 -44.89 -29.99 16.46
C SER I 145 -44.90 -29.84 17.98
N SER I 146 -45.80 -28.98 18.46
CA SER I 146 -45.91 -28.72 19.89
C SER I 146 -46.63 -29.84 20.63
N THR I 147 -47.25 -30.76 19.88
CA THR I 147 -48.00 -31.85 20.50
C THR I 147 -47.18 -33.13 20.64
N THR I 148 -45.92 -33.10 20.19
CA THR I 148 -44.98 -34.21 20.40
C THR I 148 -44.69 -34.42 21.90
N THR I 149 -44.77 -35.68 22.35
CA THR I 149 -44.37 -36.03 23.72
C THR I 149 -42.90 -36.51 23.74
N TYR I 150 -42.01 -35.65 24.21
CA TYR I 150 -40.58 -35.97 24.29
C TYR I 150 -40.27 -36.84 25.52
N PRO I 151 -39.24 -37.71 25.44
CA PRO I 151 -38.88 -38.49 26.63
C PRO I 151 -38.49 -37.57 27.77
N THR I 152 -38.94 -37.90 28.99
CA THR I 152 -38.77 -36.99 30.11
C THR I 152 -37.34 -36.91 30.68
N ASP I 153 -36.48 -37.87 30.34
CA ASP I 153 -35.09 -37.81 30.81
C ASP I 153 -34.17 -37.02 29.87
N MET I 154 -34.73 -36.49 28.79
CA MET I 154 -34.03 -35.55 27.92
C MET I 154 -34.38 -34.12 28.35
N VAL I 155 -33.64 -33.12 27.90
CA VAL I 155 -34.00 -31.74 28.20
C VAL I 155 -34.71 -31.15 26.97
N THR I 156 -36.00 -30.84 27.14
CA THR I 156 -36.83 -30.27 26.07
C THR I 156 -37.65 -29.09 26.61
N ILE I 157 -38.57 -28.54 25.81
CA ILE I 157 -39.32 -27.35 26.22
C ILE I 157 -40.42 -27.75 27.21
N LYS I 158 -40.49 -27.06 28.35
CA LYS I 158 -41.52 -27.33 29.35
C LYS I 158 -42.89 -26.81 28.89
N ASN I 159 -43.95 -27.60 29.14
CA ASN I 159 -45.35 -27.21 28.82
C ASN I 159 -45.53 -26.51 27.48
N MET I 160 -45.22 -27.21 26.40
CA MET I 160 -45.27 -26.62 25.06
C MET I 160 -46.67 -26.19 24.67
N LYS I 161 -46.74 -25.19 23.83
CA LYS I 161 -47.99 -24.75 23.24
C LYS I 161 -47.67 -24.50 21.76
N PRO I 162 -48.69 -24.31 20.92
CA PRO I 162 -48.43 -24.10 19.49
C PRO I 162 -47.40 -22.98 19.16
N VAL I 163 -47.32 -21.93 19.97
CA VAL I 163 -46.29 -20.90 19.79
C VAL I 163 -44.85 -21.50 19.64
N ASN I 164 -44.61 -22.66 20.25
CA ASN I 164 -43.29 -23.31 20.18
C ASN I 164 -42.94 -23.91 18.82
N GLN I 165 -43.89 -23.88 17.88
CA GLN I 165 -43.64 -24.22 16.47
C GLN I 165 -42.99 -23.02 15.75
N ALA I 166 -42.90 -21.89 16.46
CA ALA I 166 -42.15 -20.71 16.04
C ALA I 166 -41.36 -20.13 17.23
N LEU I 167 -41.12 -18.83 17.24
CA LEU I 167 -40.29 -18.20 18.30
C LEU I 167 -41.08 -17.83 19.55
N ASP I 168 -40.83 -18.58 20.62
CA ASP I 168 -41.30 -18.26 21.98
C ASP I 168 -40.08 -17.82 22.81
N PRO I 169 -40.05 -16.53 23.22
CA PRO I 169 -38.88 -15.99 23.91
C PRO I 169 -38.58 -16.65 25.26
N ASN I 170 -39.55 -17.36 25.84
CA ASN I 170 -39.32 -18.12 27.08
C ASN I 170 -38.68 -19.49 26.88
N ALA I 171 -38.61 -19.97 25.66
CA ALA I 171 -38.07 -21.31 25.42
C ALA I 171 -36.56 -21.20 25.20
N LYS I 172 -35.82 -21.01 26.29
CA LYS I 172 -34.35 -20.89 26.24
C LYS I 172 -33.68 -21.95 27.12
N ALA I 173 -32.46 -22.33 26.76
CA ALA I 173 -31.68 -23.24 27.59
C ALA I 173 -30.18 -23.07 27.37
N LEU I 174 -29.39 -23.75 28.20
CA LEU I 174 -27.94 -23.83 28.05
C LEU I 174 -27.52 -25.25 27.66
N LEU I 175 -26.65 -25.34 26.65
CA LEU I 175 -26.05 -26.64 26.29
C LEU I 175 -25.04 -27.03 27.38
N ASP I 176 -25.54 -27.60 28.47
CA ASP I 176 -24.71 -27.89 29.62
C ASP I 176 -24.64 -29.37 29.96
N LYS I 177 -25.16 -30.21 29.06
CA LYS I 177 -25.09 -31.65 29.20
C LYS I 177 -24.89 -32.30 27.85
N ASP I 178 -23.92 -33.21 27.78
CA ASP I 178 -23.67 -34.00 26.59
C ASP I 178 -24.78 -35.03 26.37
N GLY I 179 -25.22 -35.17 25.12
CA GLY I 179 -26.19 -36.18 24.73
C GLY I 179 -27.57 -36.06 25.35
N LYS I 180 -28.04 -34.84 25.57
CA LYS I 180 -29.31 -34.62 26.28
C LYS I 180 -30.27 -33.62 25.62
N TYR I 181 -29.71 -32.70 24.82
CA TYR I 181 -30.49 -31.65 24.14
C TYR I 181 -30.73 -32.03 22.68
N PRO I 182 -31.97 -32.44 22.34
CA PRO I 182 -32.25 -32.89 20.96
C PRO I 182 -32.02 -31.76 19.98
N VAL I 183 -31.40 -32.04 18.82
CA VAL I 183 -31.24 -31.00 17.80
C VAL I 183 -32.58 -30.52 17.20
N GLU I 184 -33.58 -31.41 17.18
CA GLU I 184 -34.88 -31.03 16.60
C GLU I 184 -35.68 -30.11 17.52
N VAL I 185 -35.20 -29.93 18.75
CA VAL I 185 -35.85 -29.04 19.72
C VAL I 185 -35.03 -27.75 19.93
N TRP I 186 -33.70 -27.86 19.92
CA TRP I 186 -32.83 -26.73 20.27
C TRP I 186 -31.91 -26.32 19.17
N SER I 187 -31.71 -25.00 19.03
CA SER I 187 -30.74 -24.44 18.09
C SER I 187 -29.99 -23.26 18.74
N PRO I 188 -28.82 -22.84 18.17
CA PRO I 188 -28.09 -21.72 18.79
C PRO I 188 -28.91 -20.43 18.75
N ASP I 189 -28.93 -19.73 19.88
CA ASP I 189 -29.73 -18.53 20.08
C ASP I 189 -28.91 -17.32 19.58
N PRO I 190 -29.29 -16.76 18.42
CA PRO I 190 -28.51 -15.63 17.90
C PRO I 190 -28.69 -14.33 18.69
N SER I 191 -29.70 -14.27 19.55
CA SER I 191 -29.92 -13.08 20.39
C SER I 191 -29.02 -13.10 21.59
N LYS I 192 -28.29 -14.19 21.81
CA LYS I 192 -27.32 -14.22 22.91
C LYS I 192 -25.97 -14.63 22.35
N ASN I 193 -25.26 -15.52 23.05
CA ASN I 193 -23.97 -16.03 22.56
C ASN I 193 -22.92 -14.96 22.24
N GLU I 194 -22.83 -13.95 23.10
CA GLU I 194 -21.81 -12.92 22.96
C GLU I 194 -20.40 -13.49 23.21
N ASN I 195 -20.31 -14.56 23.98
CA ASN I 195 -19.02 -15.12 24.38
C ASN I 195 -18.72 -16.51 23.78
N THR I 196 -19.37 -16.80 22.66
CA THR I 196 -19.25 -18.09 21.93
C THR I 196 -19.32 -17.80 20.44
N ARG I 197 -18.53 -18.49 19.63
CA ARG I 197 -18.70 -18.42 18.17
C ARG I 197 -19.23 -19.77 17.69
N TYR I 198 -20.30 -19.74 16.92
CA TYR I 198 -20.86 -20.97 16.38
C TYR I 198 -21.01 -20.87 14.88
N TYR I 199 -21.00 -22.03 14.24
CA TYR I 199 -20.95 -22.16 12.79
C TYR I 199 -21.73 -23.41 12.45
N GLY I 200 -22.74 -23.26 11.61
CA GLY I 200 -23.69 -24.33 11.36
C GLY I 200 -24.10 -24.43 9.91
N SER I 201 -24.39 -25.65 9.48
CA SER I 201 -24.75 -25.90 8.11
C SER I 201 -25.81 -27.01 8.05
N PHE I 202 -26.86 -26.80 7.26
CA PHE I 202 -27.97 -27.73 7.11
C PHE I 202 -28.35 -27.96 5.65
N THR I 203 -28.44 -29.23 5.26
CA THR I 203 -29.07 -29.59 3.98
C THR I 203 -30.12 -30.67 4.26
N GLY I 204 -31.35 -30.44 3.81
CA GLY I 204 -32.47 -31.35 4.12
C GLY I 204 -32.68 -32.47 3.13
N GLY I 205 -33.93 -32.93 3.02
CA GLY I 205 -34.29 -33.95 2.07
C GLY I 205 -34.17 -35.37 2.62
N ALA I 206 -34.77 -36.30 1.89
CA ALA I 206 -34.80 -37.69 2.30
C ALA I 206 -33.67 -38.50 1.71
N THR I 207 -33.22 -38.19 0.50
CA THR I 207 -32.22 -39.03 -0.14
C THR I 207 -31.00 -38.27 -0.61
N THR I 208 -30.86 -37.03 -0.12
CA THR I 208 -29.86 -36.07 -0.59
C THR I 208 -28.46 -36.63 -0.40
N PRO I 209 -27.63 -36.57 -1.44
CA PRO I 209 -26.25 -37.03 -1.27
C PRO I 209 -25.49 -36.12 -0.29
N PRO I 210 -24.84 -36.71 0.72
CA PRO I 210 -24.03 -35.92 1.66
C PRO I 210 -22.75 -35.40 1.00
N VAL I 211 -22.32 -34.21 1.40
CA VAL I 211 -21.12 -33.56 0.84
C VAL I 211 -20.25 -33.09 2.02
N MET I 212 -19.00 -33.52 2.06
CA MET I 212 -18.08 -33.09 3.15
C MET I 212 -16.67 -32.92 2.67
N GLN I 213 -15.95 -31.95 3.24
CA GLN I 213 -14.52 -31.76 2.96
C GLN I 213 -13.70 -32.16 4.18
N PHE I 214 -12.44 -32.48 3.94
CA PHE I 214 -11.49 -32.74 5.02
C PHE I 214 -10.08 -32.33 4.62
N THR I 215 -9.40 -31.64 5.52
CA THR I 215 -8.06 -31.09 5.24
C THR I 215 -7.45 -30.66 6.57
N ASN I 216 -6.15 -30.40 6.59
CA ASN I 216 -5.55 -29.80 7.77
C ASN I 216 -4.94 -28.42 7.42
N SER I 217 -5.43 -27.81 6.35
CA SER I 217 -4.89 -26.53 5.88
C SER I 217 -5.81 -25.34 6.22
N VAL I 218 -6.90 -25.56 6.96
CA VAL I 218 -7.91 -24.52 7.17
C VAL I 218 -8.06 -24.17 8.67
N THR I 219 -8.03 -22.88 8.97
CA THR I 219 -8.21 -22.36 10.32
C THR I 219 -9.35 -21.36 10.33
N THR I 220 -10.18 -21.39 11.37
CA THR I 220 -11.19 -20.37 11.62
C THR I 220 -10.72 -19.43 12.72
N VAL I 221 -10.70 -18.14 12.43
CA VAL I 221 -10.34 -17.13 13.41
C VAL I 221 -11.60 -16.79 14.21
N LEU I 222 -11.48 -16.83 15.54
CA LEU I 222 -12.64 -16.67 16.43
C LEU I 222 -12.87 -15.27 16.99
N LEU I 223 -12.02 -14.33 16.57
CA LEU I 223 -12.04 -12.97 17.09
C LEU I 223 -13.27 -12.23 16.55
N ASP I 224 -13.94 -11.46 17.38
CA ASP I 224 -15.05 -10.65 16.90
C ASP I 224 -14.55 -9.36 16.22
N GLU I 225 -15.49 -8.51 15.85
CA GLU I 225 -15.21 -7.26 15.14
C GLU I 225 -14.35 -6.27 15.94
N ASN I 226 -14.15 -6.53 17.22
CA ASN I 226 -13.24 -5.73 18.04
C ASN I 226 -11.92 -6.44 18.34
N GLY I 227 -11.72 -7.59 17.71
CA GLY I 227 -10.49 -8.36 17.89
C GLY I 227 -10.45 -9.15 19.19
N VAL I 228 -11.62 -9.45 19.75
CA VAL I 228 -11.69 -10.22 20.99
C VAL I 228 -12.33 -11.57 20.72
N GLY I 229 -11.67 -12.64 21.16
CA GLY I 229 -12.21 -14.00 21.06
C GLY I 229 -13.02 -14.35 22.30
N PRO I 230 -13.64 -15.54 22.32
CA PRO I 230 -14.36 -15.96 23.52
C PRO I 230 -13.42 -15.94 24.73
N LEU I 231 -13.95 -15.58 25.89
CA LEU I 231 -13.14 -15.47 27.09
C LEU I 231 -13.62 -16.51 28.08
N CYS I 232 -12.69 -17.34 28.57
CA CYS I 232 -13.03 -18.55 29.29
C CYS I 232 -13.28 -18.33 30.77
N LYS I 233 -14.55 -18.21 31.16
CA LYS I 233 -14.89 -17.94 32.53
C LYS I 233 -14.52 -19.14 33.39
N GLY I 234 -13.92 -18.87 34.55
CA GLY I 234 -13.44 -19.93 35.44
C GLY I 234 -12.42 -20.85 34.78
N ASP I 235 -11.71 -20.32 33.79
CA ASP I 235 -10.70 -21.08 33.01
C ASP I 235 -11.27 -22.35 32.38
N LYS I 236 -12.51 -22.26 31.90
CA LYS I 236 -13.16 -23.37 31.21
C LYS I 236 -13.46 -23.03 29.76
N LEU I 237 -13.08 -23.94 28.86
CA LEU I 237 -13.41 -23.84 27.45
C LEU I 237 -14.53 -24.82 27.09
N PHE I 238 -15.56 -24.33 26.41
CA PHE I 238 -16.70 -25.14 25.99
C PHE I 238 -16.65 -25.40 24.50
N LEU I 239 -16.61 -26.68 24.14
CA LEU I 239 -16.65 -27.12 22.75
C LEU I 239 -17.95 -27.90 22.53
N SER I 240 -18.72 -27.52 21.52
CA SER I 240 -20.01 -28.16 21.25
C SER I 240 -20.13 -28.53 19.79
N ALA I 241 -20.88 -29.59 19.50
CA ALA I 241 -21.01 -30.07 18.13
C ALA I 241 -22.20 -30.97 17.88
N VAL I 242 -22.55 -31.06 16.60
CA VAL I 242 -23.33 -32.16 16.09
C VAL I 242 -22.92 -32.35 14.63
N ASP I 243 -22.73 -33.61 14.23
CA ASP I 243 -22.47 -33.93 12.85
C ASP I 243 -23.26 -35.14 12.39
N ILE I 244 -24.48 -34.85 11.95
CA ILE I 244 -25.38 -35.83 11.38
C ILE I 244 -25.06 -35.91 9.90
N VAL I 245 -24.65 -37.09 9.43
CA VAL I 245 -24.16 -37.20 8.06
C VAL I 245 -25.18 -37.86 7.13
N GLY I 246 -26.33 -38.21 7.68
CA GLY I 246 -27.41 -38.75 6.87
C GLY I 246 -28.13 -39.87 7.55
N ILE I 247 -28.85 -40.66 6.76
CA ILE I 247 -29.73 -41.71 7.24
C ILE I 247 -29.26 -43.03 6.63
N HIS I 248 -29.12 -44.06 7.46
CA HIS I 248 -28.91 -45.40 6.93
C HIS I 248 -30.22 -46.15 6.85
N THR I 249 -30.45 -46.79 5.71
CA THR I 249 -31.67 -47.57 5.49
C THR I 249 -31.38 -49.07 5.61
N ASN I 250 -32.14 -49.73 6.49
CA ASN I 250 -32.01 -51.17 6.72
C ASN I 250 -32.79 -51.96 5.69
N TYR I 251 -32.51 -53.25 5.61
CA TYR I 251 -33.25 -54.12 4.70
C TYR I 251 -34.78 -54.03 4.82
N SER I 252 -35.30 -54.05 6.04
CA SER I 252 -36.76 -53.92 6.27
C SER I 252 -37.30 -52.50 5.94
N GLU I 253 -36.37 -51.59 5.65
CA GLU I 253 -36.66 -50.18 5.34
C GLU I 253 -36.73 -49.31 6.59
N SER I 254 -36.52 -49.91 7.76
CA SER I 254 -36.32 -49.14 8.99
C SER I 254 -35.06 -48.27 8.82
N GLN I 255 -34.92 -47.23 9.61
CA GLN I 255 -33.87 -46.21 9.36
C GLN I 255 -33.19 -45.68 10.63
N ASN I 256 -31.86 -45.49 10.53
CA ASN I 256 -31.06 -44.96 11.63
C ASN I 256 -30.31 -43.72 11.15
N TRP I 257 -30.37 -42.67 11.94
CA TRP I 257 -29.43 -41.55 11.82
C TRP I 257 -28.02 -42.01 12.04
N ARG I 258 -27.09 -41.47 11.23
CA ARG I 258 -25.66 -41.72 11.37
C ARG I 258 -24.97 -40.41 11.70
N GLY I 259 -24.12 -40.42 12.73
CA GLY I 259 -23.28 -39.27 13.04
C GLY I 259 -21.79 -39.62 13.00
N LEU I 260 -20.95 -38.58 12.94
CA LEU I 260 -19.50 -38.79 12.91
C LEU I 260 -18.86 -37.89 13.96
N PRO I 261 -17.68 -38.28 14.49
CA PRO I 261 -17.06 -37.45 15.53
C PRO I 261 -16.34 -36.20 14.99
N ARG I 262 -16.11 -35.24 15.88
CA ARG I 262 -15.48 -33.98 15.51
C ARG I 262 -14.24 -33.72 16.35
N TYR I 263 -13.18 -33.32 15.66
CA TYR I 263 -11.93 -32.91 16.27
C TYR I 263 -11.86 -31.39 16.38
N PHE I 264 -11.31 -30.91 17.50
CA PHE I 264 -11.02 -29.49 17.69
C PHE I 264 -9.53 -29.32 18.05
N ASN I 265 -8.91 -28.32 17.46
CA ASN I 265 -7.62 -27.83 17.92
C ASN I 265 -7.75 -26.33 18.08
N VAL I 266 -7.79 -25.88 19.33
CA VAL I 266 -8.02 -24.47 19.67
C VAL I 266 -6.74 -23.81 20.19
N THR I 267 -6.42 -22.63 19.66
CA THR I 267 -5.32 -21.81 20.16
C THR I 267 -5.88 -20.68 21.01
N LEU I 268 -5.31 -20.52 22.20
CA LEU I 268 -5.75 -19.51 23.15
C LEU I 268 -4.59 -18.61 23.58
N ARG I 269 -4.91 -17.35 23.89
CA ARG I 269 -3.92 -16.39 24.40
C ARG I 269 -4.38 -15.80 25.74
N LYS I 270 -3.45 -15.23 26.49
CA LYS I 270 -3.78 -14.52 27.72
C LYS I 270 -4.29 -13.10 27.44
N ARG I 271 -5.45 -12.77 28.00
CA ARG I 271 -6.07 -11.44 27.86
C ARG I 271 -6.29 -10.81 29.24
N VAL I 272 -5.88 -9.55 29.36
CA VAL I 272 -6.06 -8.80 30.58
C VAL I 272 -7.48 -8.26 30.64
N VAL I 273 -8.13 -8.44 31.79
CA VAL I 273 -9.43 -7.85 32.05
C VAL I 273 -9.37 -7.11 33.37
N LYS I 274 -10.26 -6.14 33.54
CA LYS I 274 -10.36 -5.44 34.81
C LYS I 274 -11.09 -6.33 35.81
N ASN I 275 -10.50 -6.45 36.99
CA ASN I 275 -11.07 -7.22 38.09
C ASN I 275 -12.39 -6.62 38.61
N PRO I 276 -13.52 -7.32 38.37
CA PRO I 276 -14.82 -6.82 38.81
C PRO I 276 -15.19 -7.25 40.24
N GLY J 6 10.05 -32.31 17.05
CA GLY J 6 11.43 -32.75 17.42
C GLY J 6 12.52 -31.82 16.92
N VAL J 7 12.58 -31.62 15.60
CA VAL J 7 13.64 -30.81 14.97
C VAL J 7 13.36 -29.31 15.02
N GLU J 8 14.40 -28.55 15.37
CA GLU J 8 14.34 -27.09 15.41
C GLU J 8 14.55 -26.55 13.99
N VAL J 9 13.53 -25.85 13.47
CA VAL J 9 13.52 -25.38 12.08
C VAL J 9 14.09 -23.97 11.98
N LEU J 10 15.10 -23.80 11.13
CA LEU J 10 15.74 -22.52 10.94
C LEU J 10 15.29 -21.94 9.60
N GLU J 11 16.16 -21.16 8.96
CA GLU J 11 15.79 -20.42 7.75
C GLU J 11 15.90 -21.25 6.46
N VAL J 12 15.35 -20.72 5.38
CA VAL J 12 15.47 -21.30 4.03
C VAL J 12 16.88 -21.04 3.50
N ARG J 13 17.47 -22.06 2.88
CA ARG J 13 18.78 -21.93 2.25
C ARG J 13 18.63 -21.32 0.86
N THR J 14 19.30 -20.20 0.63
CA THR J 14 19.20 -19.54 -0.66
C THR J 14 20.37 -19.97 -1.53
N GLY J 15 20.29 -19.68 -2.83
CA GLY J 15 21.44 -19.80 -3.73
C GLY J 15 21.07 -20.48 -5.04
N PRO J 16 22.05 -20.71 -5.93
CA PRO J 16 21.84 -21.54 -7.11
C PRO J 16 21.49 -22.98 -6.70
N ASP J 17 20.67 -23.65 -7.50
CA ASP J 17 20.21 -25.01 -7.19
C ASP J 17 19.73 -25.22 -5.75
N ALA J 18 18.94 -24.27 -5.26
CA ALA J 18 18.29 -24.42 -3.97
C ALA J 18 16.91 -25.10 -4.11
N ILE J 19 16.44 -25.17 -5.36
CA ILE J 19 15.10 -25.64 -5.69
C ILE J 19 15.19 -26.92 -6.52
N THR J 20 14.27 -27.84 -6.27
CA THR J 20 14.10 -29.00 -7.14
C THR J 20 12.62 -29.32 -7.40
N GLN J 21 12.37 -30.16 -8.39
CA GLN J 21 11.03 -30.61 -8.75
C GLN J 21 11.03 -32.09 -9.05
N ILE J 22 10.04 -32.78 -8.49
CA ILE J 22 9.82 -34.17 -8.82
C ILE J 22 8.38 -34.37 -9.29
N GLU J 23 8.19 -35.29 -10.23
CA GLU J 23 6.85 -35.65 -10.64
C GLU J 23 6.63 -37.16 -10.54
N ALA J 24 5.39 -37.57 -10.28
CA ALA J 24 5.05 -38.97 -10.17
C ALA J 24 3.57 -39.17 -10.47
N TYR J 25 3.18 -40.42 -10.70
CA TYR J 25 1.76 -40.75 -10.75
C TYR J 25 1.47 -41.94 -9.84
N LEU J 26 0.27 -41.96 -9.27
CA LEU J 26 -0.17 -43.09 -8.46
C LEU J 26 -1.38 -43.71 -9.14
N ASN J 27 -1.28 -44.98 -9.49
CA ASN J 27 -2.40 -45.70 -10.07
C ASN J 27 -3.42 -46.10 -9.01
N PRO J 28 -4.71 -46.15 -9.38
CA PRO J 28 -5.76 -46.43 -8.39
C PRO J 28 -5.70 -47.85 -7.83
N ARG J 29 -6.10 -48.01 -6.59
CA ARG J 29 -6.16 -49.33 -5.96
C ARG J 29 -7.59 -49.60 -5.47
N MET J 30 -8.42 -50.01 -6.42
CA MET J 30 -9.85 -50.20 -6.20
C MET J 30 -10.20 -51.61 -5.74
N GLY J 31 -9.24 -52.53 -5.84
CA GLY J 31 -9.48 -53.94 -5.50
C GLY J 31 -8.85 -54.89 -6.51
N ASN J 32 -9.00 -54.59 -7.80
CA ASN J 32 -8.23 -55.27 -8.83
C ASN J 32 -6.98 -54.44 -9.04
N ASN J 33 -5.91 -54.81 -8.34
CA ASN J 33 -4.74 -53.93 -8.20
C ASN J 33 -3.50 -54.37 -8.99
N ASN J 34 -3.64 -55.45 -9.76
CA ASN J 34 -2.58 -55.94 -10.61
C ASN J 34 -2.87 -55.49 -12.04
N PRO J 35 -1.89 -54.87 -12.72
CA PRO J 35 -2.12 -54.36 -14.09
C PRO J 35 -2.45 -55.43 -15.16
N THR J 36 -2.32 -56.72 -14.82
CA THR J 36 -2.80 -57.77 -15.71
C THR J 36 -4.26 -58.13 -15.43
N ASP J 37 -4.79 -57.71 -14.26
CA ASP J 37 -6.21 -57.97 -13.94
C ASP J 37 -7.10 -57.42 -15.05
N GLU J 38 -8.06 -58.22 -15.51
CA GLU J 38 -9.00 -57.78 -16.53
C GLU J 38 -9.75 -56.47 -16.14
N LEU J 39 -10.11 -56.34 -14.87
CA LEU J 39 -10.78 -55.14 -14.38
C LEU J 39 -9.83 -54.25 -13.56
N TYR J 40 -8.56 -54.21 -13.95
CA TYR J 40 -7.59 -53.29 -13.36
C TYR J 40 -8.19 -51.86 -13.35
N GLY J 41 -8.13 -51.21 -12.20
CA GLY J 41 -8.68 -49.86 -12.04
C GLY J 41 -10.14 -49.83 -11.59
N TYR J 42 -10.69 -51.03 -11.35
CA TYR J 42 -12.04 -51.21 -10.82
C TYR J 42 -11.96 -52.18 -9.64
N SER J 43 -12.93 -52.12 -8.73
CA SER J 43 -13.11 -53.19 -7.76
C SER J 43 -13.81 -54.37 -8.45
N ALA J 44 -13.80 -55.53 -7.80
CA ALA J 44 -14.62 -56.66 -8.26
C ALA J 44 -16.07 -56.39 -7.82
N ASP J 45 -17.03 -57.14 -8.38
CA ASP J 45 -18.45 -57.03 -8.01
C ASP J 45 -18.59 -56.93 -6.49
N ILE J 46 -19.28 -55.90 -6.01
CA ILE J 46 -19.47 -55.71 -4.57
C ILE J 46 -20.25 -56.91 -4.01
N ASN J 47 -19.71 -57.55 -2.98
CA ASN J 47 -20.43 -58.62 -2.28
C ASN J 47 -20.98 -58.05 -0.99
N VAL J 48 -22.31 -58.06 -0.91
CA VAL J 48 -23.04 -57.36 0.12
C VAL J 48 -23.25 -58.24 1.35
N ALA J 49 -23.24 -57.65 2.55
CA ALA J 49 -23.58 -58.37 3.78
C ALA J 49 -25.01 -58.94 3.72
N SER J 50 -25.25 -60.07 4.38
CA SER J 50 -26.61 -60.58 4.50
C SER J 50 -27.24 -60.08 5.80
N SER J 51 -26.39 -59.72 6.76
CA SER J 51 -26.88 -59.21 8.05
C SER J 51 -25.89 -58.26 8.76
N LYS J 52 -26.28 -57.80 9.94
CA LYS J 52 -25.37 -57.09 10.84
C LYS J 52 -24.23 -58.03 11.25
N ALA J 53 -24.57 -59.27 11.63
CA ALA J 53 -23.59 -60.23 12.14
C ALA J 53 -22.65 -60.76 11.05
N SER J 54 -23.15 -60.85 9.83
CA SER J 54 -22.43 -61.51 8.77
C SER J 54 -22.13 -60.55 7.63
N ASP J 55 -20.89 -60.09 7.59
CA ASP J 55 -20.44 -59.11 6.63
C ASP J 55 -18.96 -59.38 6.34
N ASN J 56 -18.71 -60.01 5.20
CA ASN J 56 -17.39 -60.49 4.83
C ASN J 56 -17.01 -60.00 3.43
N PRO J 57 -16.69 -58.71 3.28
CA PRO J 57 -16.31 -58.19 1.96
C PRO J 57 -15.00 -58.79 1.44
N ASN J 58 -14.97 -59.15 0.16
CA ASN J 58 -13.76 -59.65 -0.47
C ASN J 58 -12.76 -58.52 -0.57
N ALA J 59 -11.48 -58.86 -0.48
CA ALA J 59 -10.42 -57.87 -0.56
C ALA J 59 -10.52 -57.11 -1.88
N THR J 60 -10.90 -57.81 -2.95
CA THR J 60 -10.98 -57.16 -4.26
C THR J 60 -12.18 -56.21 -4.43
N THR J 61 -13.04 -56.12 -3.40
CA THR J 61 -14.20 -55.22 -3.46
C THR J 61 -14.01 -53.92 -2.62
N LEU J 62 -12.85 -53.78 -1.97
CA LEU J 62 -12.57 -52.69 -1.03
C LEU J 62 -11.47 -51.74 -1.53
N PRO J 63 -11.86 -50.53 -1.99
CA PRO J 63 -10.84 -49.57 -2.40
C PRO J 63 -9.89 -49.22 -1.25
N THR J 64 -8.61 -49.05 -1.59
CA THR J 64 -7.57 -48.72 -0.64
C THR J 64 -6.78 -47.47 -1.06
N TYR J 65 -6.03 -46.88 -0.15
CA TYR J 65 -5.19 -45.74 -0.51
C TYR J 65 -4.00 -46.17 -1.36
N SER J 66 -3.67 -45.30 -2.32
CA SER J 66 -2.38 -45.34 -3.01
C SER J 66 -1.34 -44.54 -2.21
N VAL J 67 -0.10 -45.02 -2.22
CA VAL J 67 1.04 -44.30 -1.62
C VAL J 67 2.33 -44.64 -2.38
N ALA J 68 3.12 -43.61 -2.68
CA ALA J 68 4.47 -43.76 -3.24
C ALA J 68 5.45 -42.98 -2.35
N VAL J 69 6.65 -43.52 -2.17
CA VAL J 69 7.72 -42.80 -1.47
C VAL J 69 8.78 -42.44 -2.48
N ILE J 70 9.16 -41.17 -2.48
CA ILE J 70 10.23 -40.68 -3.35
C ILE J 70 11.44 -40.36 -2.49
N LYS J 71 12.55 -41.03 -2.77
CA LYS J 71 13.80 -40.78 -2.08
C LYS J 71 14.53 -39.65 -2.79
N LEU J 72 14.82 -38.57 -2.07
CA LEU J 72 15.44 -37.39 -2.66
C LEU J 72 16.95 -37.39 -2.44
N PRO J 73 17.71 -36.62 -3.26
CA PRO J 73 19.17 -36.61 -3.12
C PRO J 73 19.61 -36.29 -1.69
N MET J 74 20.70 -36.90 -1.24
CA MET J 74 21.22 -36.67 0.10
C MET J 74 21.76 -35.24 0.10
N LEU J 75 21.61 -34.53 1.21
CA LEU J 75 22.01 -33.13 1.23
C LEU J 75 23.25 -32.86 2.08
N ASN J 76 23.51 -33.72 3.06
CA ASN J 76 24.54 -33.43 4.04
C ASN J 76 25.78 -34.34 3.95
N GLU J 77 26.96 -33.74 3.84
CA GLU J 77 28.22 -34.48 3.94
C GLU J 77 28.67 -34.50 5.39
N ASP J 78 29.38 -33.45 5.82
CA ASP J 78 29.81 -33.31 7.20
C ASP J 78 28.56 -33.32 8.10
N MET J 79 28.66 -34.04 9.20
CA MET J 79 27.53 -34.20 10.08
C MET J 79 27.88 -34.02 11.53
N THR J 80 29.07 -33.53 11.78
CA THR J 80 29.33 -32.96 13.06
C THR J 80 28.92 -31.46 13.00
N CYS J 81 28.50 -31.00 11.83
CA CYS J 81 28.02 -29.61 11.61
C CYS J 81 26.87 -29.27 12.49
N ASP J 82 26.83 -28.04 12.91
CA ASP J 82 25.83 -27.62 13.82
C ASP J 82 24.43 -27.52 13.24
N THR J 83 24.32 -27.45 11.92
CA THR J 83 23.05 -27.44 11.23
C THR J 83 23.07 -28.44 10.07
N LEU J 84 21.91 -28.91 9.68
CA LEU J 84 21.76 -29.80 8.53
C LEU J 84 20.78 -29.17 7.55
N LEU J 85 20.72 -29.70 6.34
CA LEU J 85 19.69 -29.35 5.37
C LEU J 85 18.62 -30.45 5.24
N MET J 86 17.37 -30.05 5.04
CA MET J 86 16.27 -30.96 4.70
C MET J 86 15.56 -30.46 3.45
N TRP J 87 14.99 -31.37 2.68
CA TRP J 87 14.09 -30.98 1.61
C TRP J 87 12.77 -30.55 2.17
N GLU J 88 12.25 -29.46 1.63
CA GLU J 88 11.00 -28.88 2.12
C GLU J 88 10.02 -28.79 0.96
N ALA J 89 8.88 -29.44 1.09
CA ALA J 89 7.88 -29.37 0.02
C ALA J 89 7.11 -28.03 0.11
N VAL J 90 7.16 -27.28 -0.98
CA VAL J 90 6.66 -25.91 -1.01
C VAL J 90 5.30 -25.81 -1.68
N SER J 91 5.14 -26.51 -2.79
CA SER J 91 3.91 -26.47 -3.55
C SER J 91 3.77 -27.72 -4.40
N VAL J 92 2.55 -27.96 -4.86
CA VAL J 92 2.24 -29.11 -5.68
C VAL J 92 1.24 -28.73 -6.77
N LYS J 93 1.51 -29.18 -8.00
CA LYS J 93 0.47 -29.25 -9.04
C LYS J 93 0.00 -30.69 -9.12
N THR J 94 -1.30 -30.90 -8.95
CA THR J 94 -1.85 -32.24 -8.96
C THR J 94 -3.08 -32.32 -9.86
N GLU J 95 -3.33 -33.51 -10.42
CA GLU J 95 -4.34 -33.68 -11.45
C GLU J 95 -4.87 -35.11 -11.46
N VAL J 96 -6.19 -35.25 -11.57
CA VAL J 96 -6.78 -36.56 -11.81
C VAL J 96 -6.80 -36.79 -13.34
N MET J 97 -6.12 -37.85 -13.78
CA MET J 97 -5.91 -38.12 -15.21
C MET J 97 -6.97 -39.06 -15.80
N GLY J 98 -7.28 -38.90 -17.08
CA GLY J 98 -8.24 -39.77 -17.75
C GLY J 98 -9.70 -39.52 -17.38
N ILE J 99 -9.99 -38.34 -16.86
CA ILE J 99 -11.37 -37.93 -16.53
C ILE J 99 -12.32 -38.18 -17.71
N SER J 100 -11.92 -37.79 -18.92
CA SER J 100 -12.80 -37.94 -20.08
C SER J 100 -13.08 -39.42 -20.48
N SER J 101 -12.30 -40.36 -19.94
CA SER J 101 -12.57 -41.78 -20.15
C SER J 101 -13.98 -42.13 -19.66
N LEU J 102 -14.53 -41.31 -18.76
CA LEU J 102 -15.88 -41.53 -18.24
C LEU J 102 -16.94 -41.10 -19.23
N VAL J 103 -16.56 -40.30 -20.22
CA VAL J 103 -17.51 -39.76 -21.19
C VAL J 103 -17.77 -40.83 -22.25
N ASN J 104 -18.59 -41.80 -21.86
CA ASN J 104 -18.69 -43.07 -22.58
C ASN J 104 -20.05 -43.67 -22.29
N LEU J 105 -20.89 -43.81 -23.31
CA LEU J 105 -22.24 -44.37 -23.11
C LEU J 105 -22.44 -45.75 -23.76
N HIS J 106 -21.36 -46.36 -24.22
CA HIS J 106 -21.44 -47.61 -24.96
C HIS J 106 -20.85 -48.79 -24.23
N GLN J 107 -20.11 -48.53 -23.15
CA GLN J 107 -19.57 -49.63 -22.35
C GLN J 107 -20.71 -50.55 -21.88
N GLY J 108 -20.49 -51.86 -21.88
CA GLY J 108 -21.52 -52.81 -21.44
C GLY J 108 -21.98 -52.49 -20.02
N GLY J 109 -23.29 -52.61 -19.77
CA GLY J 109 -23.85 -52.26 -18.47
C GLY J 109 -25.35 -52.20 -18.47
N LYS J 110 -25.91 -51.35 -17.61
CA LYS J 110 -27.34 -51.18 -17.47
C LYS J 110 -27.78 -50.04 -18.37
N TYR J 111 -28.84 -50.26 -19.15
CA TYR J 111 -29.38 -49.26 -20.06
C TYR J 111 -29.92 -48.06 -19.31
N ILE J 112 -29.72 -46.87 -19.89
CA ILE J 112 -30.29 -45.64 -19.33
C ILE J 112 -31.81 -45.72 -19.38
N TYR J 113 -32.39 -45.98 -20.56
CA TYR J 113 -33.83 -46.26 -20.68
C TYR J 113 -34.07 -47.72 -21.13
N GLY J 114 -34.77 -47.92 -22.25
CA GLY J 114 -34.90 -49.25 -22.83
C GLY J 114 -33.60 -49.65 -23.51
N SER J 115 -33.65 -50.76 -24.24
CA SER J 115 -32.44 -51.34 -24.87
C SER J 115 -32.03 -50.65 -26.16
N SER J 116 -32.71 -49.57 -26.53
CA SER J 116 -32.25 -48.71 -27.61
C SER J 116 -31.28 -47.63 -27.14
N SER J 117 -31.23 -47.39 -25.83
CA SER J 117 -30.49 -46.24 -25.28
C SER J 117 -29.01 -46.57 -25.06
N GLY J 118 -28.23 -45.58 -24.64
CA GLY J 118 -26.87 -45.82 -24.13
C GLY J 118 -26.92 -46.45 -22.75
N THR J 119 -25.76 -46.78 -22.21
CA THR J 119 -25.70 -47.31 -20.85
C THR J 119 -25.36 -46.23 -19.82
N ILE J 120 -25.74 -46.47 -18.57
CA ILE J 120 -25.47 -45.59 -17.46
C ILE J 120 -23.96 -45.48 -17.19
N PRO J 121 -23.39 -44.25 -17.28
CA PRO J 121 -21.94 -44.08 -16.99
C PRO J 121 -21.66 -44.19 -15.49
N VAL J 122 -20.38 -44.10 -15.13
CA VAL J 122 -19.95 -44.17 -13.74
C VAL J 122 -20.56 -43.03 -12.92
N GLN J 123 -21.24 -43.38 -11.84
CA GLN J 123 -21.90 -42.37 -11.03
C GLN J 123 -22.02 -42.86 -9.59
N GLY J 124 -22.46 -42.01 -8.68
CA GLY J 124 -22.58 -42.42 -7.28
C GLY J 124 -21.50 -41.81 -6.39
N THR J 125 -21.26 -42.44 -5.24
CA THR J 125 -20.27 -41.94 -4.26
C THR J 125 -18.89 -41.69 -4.87
N THR J 126 -18.33 -40.50 -4.63
CA THR J 126 -16.95 -40.19 -5.02
C THR J 126 -16.11 -39.81 -3.79
N LEU J 127 -14.83 -40.09 -3.85
CA LEU J 127 -13.91 -39.70 -2.80
C LEU J 127 -12.59 -39.31 -3.45
N HIS J 128 -12.17 -38.07 -3.24
CA HIS J 128 -10.91 -37.56 -3.74
C HIS J 128 -10.06 -37.12 -2.60
N MET J 129 -8.80 -37.53 -2.61
CA MET J 129 -7.84 -37.09 -1.60
C MET J 129 -6.43 -37.15 -2.17
N PHE J 130 -5.65 -36.12 -1.87
CA PHE J 130 -4.23 -36.18 -2.10
C PHE J 130 -3.51 -35.66 -0.86
N SER J 131 -2.34 -36.20 -0.58
CA SER J 131 -1.50 -35.68 0.47
C SER J 131 -0.03 -35.64 0.06
N VAL J 132 0.71 -34.68 0.62
CA VAL J 132 2.16 -34.54 0.44
C VAL J 132 2.78 -34.36 1.83
N GLY J 133 3.70 -35.24 2.21
CA GLY J 133 4.32 -35.16 3.54
C GLY J 133 5.77 -35.62 3.54
N GLY J 134 6.47 -35.37 4.64
CA GLY J 134 7.82 -35.84 4.83
C GLY J 134 7.92 -37.12 5.67
N GLU J 135 6.81 -37.86 5.70
CA GLU J 135 6.66 -39.09 6.47
C GLU J 135 5.28 -39.66 6.13
N PRO J 136 4.99 -40.91 6.54
CA PRO J 136 3.69 -41.51 6.18
C PRO J 136 2.51 -40.71 6.71
N LEU J 137 1.44 -40.66 5.94
CA LEU J 137 0.18 -40.08 6.38
C LEU J 137 -0.29 -40.82 7.63
N GLU J 138 -0.61 -40.08 8.69
CA GLU J 138 -1.15 -40.71 9.89
C GLU J 138 -2.67 -40.88 9.82
N LEU J 139 -3.13 -42.07 10.20
CA LEU J 139 -4.49 -42.51 9.94
C LEU J 139 -5.28 -42.74 11.22
N GLN J 140 -6.59 -42.50 11.15
CA GLN J 140 -7.51 -42.82 12.25
C GLN J 140 -8.49 -43.86 11.76
N GLY J 141 -8.75 -44.87 12.58
CA GLY J 141 -9.73 -45.90 12.28
C GLY J 141 -11.16 -45.63 12.69
N LEU J 142 -12.08 -45.85 11.75
CA LEU J 142 -13.52 -45.70 11.99
C LEU J 142 -14.30 -46.43 10.88
N VAL J 143 -15.26 -47.26 11.29
CA VAL J 143 -16.00 -48.11 10.37
C VAL J 143 -17.51 -47.93 10.49
N ALA J 144 -18.25 -48.23 9.43
CA ALA J 144 -19.72 -48.30 9.49
C ALA J 144 -20.22 -49.36 10.47
N SER J 145 -19.49 -50.46 10.57
CA SER J 145 -19.89 -51.59 11.41
C SER J 145 -18.68 -52.33 11.99
N SER J 146 -18.64 -52.43 13.32
CA SER J 146 -17.58 -53.13 14.03
C SER J 146 -17.73 -54.66 13.99
N THR J 147 -18.81 -55.16 13.43
CA THR J 147 -19.03 -56.62 13.28
C THR J 147 -18.66 -57.11 11.88
N THR J 148 -18.18 -56.22 11.02
CA THR J 148 -17.68 -56.60 9.70
C THR J 148 -16.40 -57.41 9.86
N THR J 149 -16.23 -58.46 9.05
CA THR J 149 -14.99 -59.24 9.05
C THR J 149 -14.20 -58.85 7.82
N TYR J 150 -13.10 -58.12 8.03
CA TYR J 150 -12.25 -57.73 6.94
C TYR J 150 -11.29 -58.84 6.52
N PRO J 151 -10.87 -58.87 5.23
CA PRO J 151 -9.82 -59.80 4.79
C PRO J 151 -8.55 -59.61 5.62
N THR J 152 -7.97 -60.72 6.08
CA THR J 152 -6.83 -60.66 6.99
C THR J 152 -5.55 -60.09 6.36
N ASP J 153 -5.38 -60.20 5.05
CA ASP J 153 -4.20 -59.59 4.40
C ASP J 153 -4.31 -58.09 4.06
N MET J 154 -5.37 -57.45 4.55
CA MET J 154 -5.46 -55.99 4.48
C MET J 154 -5.11 -55.45 5.86
N VAL J 155 -4.76 -54.17 5.93
CA VAL J 155 -4.52 -53.57 7.24
C VAL J 155 -5.81 -52.93 7.71
N THR J 156 -6.41 -53.51 8.75
CA THR J 156 -7.63 -52.93 9.31
C THR J 156 -7.50 -52.87 10.83
N ILE J 157 -8.57 -52.51 11.53
CA ILE J 157 -8.52 -52.37 12.99
C ILE J 157 -8.52 -53.74 13.69
N LYS J 158 -7.52 -53.94 14.56
CA LYS J 158 -7.37 -55.15 15.37
C LYS J 158 -8.49 -55.28 16.44
N ASN J 159 -9.12 -56.45 16.52
CA ASN J 159 -10.14 -56.74 17.55
C ASN J 159 -11.17 -55.64 17.78
N MET J 160 -12.00 -55.39 16.78
CA MET J 160 -12.94 -54.27 16.82
C MET J 160 -14.02 -54.44 17.89
N LYS J 161 -14.49 -53.33 18.44
CA LYS J 161 -15.67 -53.33 19.29
C LYS J 161 -16.64 -52.23 18.80
N PRO J 162 -17.87 -52.16 19.35
CA PRO J 162 -18.74 -51.11 18.76
C PRO J 162 -18.19 -49.67 18.86
N VAL J 163 -17.24 -49.43 19.77
CA VAL J 163 -16.56 -48.13 19.88
C VAL J 163 -15.95 -47.69 18.54
N ASN J 164 -15.55 -48.66 17.72
CA ASN J 164 -14.90 -48.38 16.43
C ASN J 164 -15.87 -47.85 15.36
N GLN J 165 -17.15 -47.81 15.69
CA GLN J 165 -18.12 -47.12 14.83
C GLN J 165 -18.10 -45.60 15.07
N ALA J 166 -17.32 -45.19 16.05
CA ALA J 166 -17.05 -43.76 16.33
C ALA J 166 -15.55 -43.60 16.63
N LEU J 167 -15.17 -42.63 17.46
CA LEU J 167 -13.75 -42.38 17.73
C LEU J 167 -13.18 -43.24 18.85
N ASP J 168 -12.35 -44.20 18.45
CA ASP J 168 -11.55 -44.98 19.38
C ASP J 168 -10.11 -44.44 19.27
N PRO J 169 -9.63 -43.76 20.32
CA PRO J 169 -8.29 -43.14 20.27
C PRO J 169 -7.17 -44.17 20.06
N ASN J 170 -7.47 -45.44 20.27
CA ASN J 170 -6.49 -46.49 20.03
C ASN J 170 -6.40 -46.99 18.60
N ALA J 171 -7.32 -46.59 17.75
CA ALA J 171 -7.36 -47.14 16.39
C ALA J 171 -6.57 -46.26 15.44
N LYS J 172 -5.25 -46.40 15.48
CA LYS J 172 -4.35 -45.55 14.69
C LYS J 172 -3.45 -46.40 13.79
N ALA J 173 -2.97 -45.80 12.70
CA ALA J 173 -2.12 -46.51 11.75
C ALA J 173 -1.33 -45.49 10.96
N LEU J 174 -0.36 -45.98 10.19
CA LEU J 174 0.39 -45.15 9.25
C LEU J 174 0.11 -45.64 7.84
N LEU J 175 -0.17 -44.72 6.91
CA LEU J 175 -0.30 -45.14 5.51
C LEU J 175 1.09 -45.50 4.95
N ASP J 176 1.54 -46.72 5.23
CA ASP J 176 2.90 -47.14 4.86
C ASP J 176 2.96 -48.32 3.87
N LYS J 177 1.82 -48.72 3.29
CA LYS J 177 1.80 -49.72 2.20
C LYS J 177 0.80 -49.30 1.12
N ASP J 178 1.20 -49.39 -0.14
CA ASP J 178 0.30 -49.12 -1.25
C ASP J 178 -0.74 -50.24 -1.37
N GLY J 179 -1.98 -49.85 -1.58
CA GLY J 179 -3.06 -50.79 -1.81
C GLY J 179 -3.40 -51.75 -0.68
N LYS J 180 -3.35 -51.30 0.58
CA LYS J 180 -3.61 -52.22 1.72
C LYS J 180 -4.54 -51.67 2.80
N TYR J 181 -4.67 -50.33 2.86
CA TYR J 181 -5.51 -49.67 3.87
C TYR J 181 -6.85 -49.24 3.25
N PRO J 182 -7.96 -49.92 3.61
CA PRO J 182 -9.28 -49.59 3.01
C PRO J 182 -9.72 -48.20 3.41
N VAL J 183 -10.22 -47.43 2.44
CA VAL J 183 -10.71 -46.07 2.74
C VAL J 183 -11.91 -46.12 3.69
N GLU J 184 -12.66 -47.23 3.69
CA GLU J 184 -13.86 -47.31 4.53
C GLU J 184 -13.52 -47.59 5.99
N VAL J 185 -12.24 -47.89 6.25
CA VAL J 185 -11.73 -48.11 7.59
C VAL J 185 -10.85 -46.95 8.08
N TRP J 186 -10.03 -46.39 7.19
CA TRP J 186 -9.05 -45.36 7.57
C TRP J 186 -9.31 -44.02 6.95
N SER J 187 -9.09 -42.97 7.75
CA SER J 187 -9.15 -41.62 7.25
C SER J 187 -8.02 -40.79 7.90
N PRO J 188 -7.60 -39.69 7.25
CA PRO J 188 -6.50 -38.88 7.83
C PRO J 188 -6.82 -38.41 9.26
N ASP J 189 -5.82 -38.55 10.14
CA ASP J 189 -5.95 -38.20 11.55
C ASP J 189 -5.63 -36.71 11.76
N PRO J 190 -6.65 -35.88 12.10
CA PRO J 190 -6.37 -34.45 12.26
C PRO J 190 -5.60 -34.11 13.55
N SER J 191 -5.54 -35.05 14.49
CA SER J 191 -4.82 -34.88 15.76
C SER J 191 -3.32 -35.05 15.60
N LYS J 192 -2.87 -35.46 14.41
CA LYS J 192 -1.44 -35.58 14.12
C LYS J 192 -1.15 -34.94 12.76
N ASN J 193 -0.35 -35.57 11.91
CA ASN J 193 -0.05 -35.02 10.56
C ASN J 193 0.50 -33.59 10.54
N GLU J 194 1.33 -33.24 11.53
CA GLU J 194 2.01 -31.95 11.58
C GLU J 194 3.00 -31.77 10.43
N ASN J 195 3.43 -32.90 9.85
CA ASN J 195 4.47 -32.87 8.81
C ASN J 195 3.98 -33.36 7.44
N THR J 196 2.66 -33.35 7.26
CA THR J 196 1.98 -33.71 6.02
C THR J 196 0.84 -32.71 5.79
N ARG J 197 0.56 -32.37 4.53
CA ARG J 197 -0.65 -31.61 4.18
C ARG J 197 -1.56 -32.52 3.36
N TYR J 198 -2.82 -32.62 3.79
CA TYR J 198 -3.81 -33.43 3.10
C TYR J 198 -5.06 -32.62 2.77
N TYR J 199 -5.73 -33.00 1.67
CA TYR J 199 -6.89 -32.28 1.12
C TYR J 199 -7.83 -33.34 0.57
N GLY J 200 -9.10 -33.29 0.96
CA GLY J 200 -10.04 -34.36 0.65
C GLY J 200 -11.46 -33.86 0.45
N SER J 201 -12.17 -34.47 -0.50
CA SER J 201 -13.57 -34.17 -0.67
C SER J 201 -14.39 -35.43 -0.96
N PHE J 202 -15.58 -35.44 -0.38
CA PHE J 202 -16.47 -36.56 -0.44
C PHE J 202 -17.85 -36.07 -0.84
N THR J 203 -18.47 -36.79 -1.76
CA THR J 203 -19.89 -36.65 -2.07
C THR J 203 -20.44 -38.04 -2.19
N GLY J 204 -21.50 -38.31 -1.42
CA GLY J 204 -22.04 -39.66 -1.29
C GLY J 204 -23.17 -39.92 -2.28
N GLY J 205 -24.11 -40.75 -1.86
CA GLY J 205 -25.24 -41.11 -2.72
C GLY J 205 -24.94 -42.32 -3.59
N ALA J 206 -25.99 -42.85 -4.22
CA ALA J 206 -25.87 -44.05 -5.04
C ALA J 206 -25.78 -43.74 -6.53
N THR J 207 -26.37 -42.63 -6.96
CA THR J 207 -26.44 -42.31 -8.40
C THR J 207 -25.99 -40.90 -8.73
N THR J 208 -25.39 -40.22 -7.75
CA THR J 208 -24.94 -38.83 -7.87
C THR J 208 -24.01 -38.60 -9.07
N PRO J 209 -24.28 -37.59 -9.91
CA PRO J 209 -23.34 -37.25 -10.99
C PRO J 209 -21.97 -36.85 -10.43
N PRO J 210 -20.89 -37.48 -10.92
CA PRO J 210 -19.55 -37.06 -10.50
C PRO J 210 -19.18 -35.72 -11.15
N VAL J 211 -18.38 -34.92 -10.44
CA VAL J 211 -17.94 -33.62 -10.92
C VAL J 211 -16.42 -33.49 -10.73
N MET J 212 -15.70 -33.20 -11.82
CA MET J 212 -14.27 -33.04 -11.74
C MET J 212 -13.80 -31.95 -12.69
N GLN J 213 -12.73 -31.27 -12.28
CA GLN J 213 -12.03 -30.26 -13.07
C GLN J 213 -10.65 -30.79 -13.44
N PHE J 214 -10.10 -30.28 -14.53
CA PHE J 214 -8.73 -30.56 -14.91
C PHE J 214 -8.14 -29.36 -15.63
N THR J 215 -6.92 -29.00 -15.24
CA THR J 215 -6.24 -27.83 -15.78
C THR J 215 -4.78 -27.95 -15.41
N ASN J 216 -3.91 -27.26 -16.14
CA ASN J 216 -2.51 -27.14 -15.68
C ASN J 216 -2.15 -25.76 -15.10
N SER J 217 -3.17 -24.97 -14.73
CA SER J 217 -2.95 -23.61 -14.21
C SER J 217 -3.00 -23.46 -12.68
N VAL J 218 -3.23 -24.55 -11.95
CA VAL J 218 -3.53 -24.45 -10.52
C VAL J 218 -2.42 -25.07 -9.67
N THR J 219 -1.98 -24.33 -8.66
CA THR J 219 -0.93 -24.77 -7.72
C THR J 219 -1.49 -24.72 -6.31
N THR J 220 -1.15 -25.71 -5.48
CA THR J 220 -1.43 -25.63 -4.04
C THR J 220 -0.15 -25.41 -3.28
N VAL J 221 -0.16 -24.36 -2.46
CA VAL J 221 1.00 -24.02 -1.65
C VAL J 221 0.91 -24.83 -0.36
N LEU J 222 2.02 -25.47 0.02
CA LEU J 222 2.02 -26.45 1.13
C LEU J 222 2.54 -25.89 2.46
N LEU J 223 2.86 -24.60 2.47
CA LEU J 223 3.43 -23.95 3.64
C LEU J 223 2.40 -23.82 4.74
N ASP J 224 2.83 -24.01 5.98
CA ASP J 224 1.93 -23.84 7.12
C ASP J 224 1.87 -22.37 7.56
N GLU J 225 1.18 -22.10 8.66
CA GLU J 225 1.06 -20.72 9.16
C GLU J 225 2.40 -20.06 9.46
N ASN J 226 3.46 -20.86 9.62
CA ASN J 226 4.78 -20.30 9.88
C ASN J 226 5.68 -20.22 8.65
N GLY J 227 5.11 -20.46 7.47
CA GLY J 227 5.87 -20.47 6.22
C GLY J 227 6.68 -21.74 5.98
N VAL J 228 6.35 -22.81 6.70
CA VAL J 228 7.11 -24.05 6.67
C VAL J 228 6.30 -25.17 6.01
N GLY J 229 6.86 -25.74 4.94
CA GLY J 229 6.28 -26.91 4.27
C GLY J 229 6.64 -28.21 4.98
N PRO J 230 6.08 -29.34 4.51
CA PRO J 230 6.54 -30.65 4.98
C PRO J 230 8.05 -30.83 4.78
N LEU J 231 8.70 -31.32 5.83
CA LEU J 231 10.15 -31.55 5.81
C LEU J 231 10.42 -33.06 5.67
N CYS J 232 11.20 -33.41 4.66
CA CYS J 232 11.37 -34.81 4.27
C CYS J 232 12.35 -35.59 5.15
N LYS J 233 11.83 -36.28 6.15
CA LYS J 233 12.66 -37.05 7.07
C LYS J 233 13.33 -38.18 6.33
N GLY J 234 14.64 -38.34 6.54
CA GLY J 234 15.44 -39.31 5.80
C GLY J 234 15.37 -39.14 4.29
N ASP J 235 15.16 -37.88 3.83
CA ASP J 235 15.09 -37.55 2.39
C ASP J 235 13.95 -38.27 1.67
N LYS J 236 12.89 -38.61 2.41
CA LYS J 236 11.76 -39.27 1.81
C LYS J 236 10.56 -38.32 1.71
N LEU J 237 9.98 -38.27 0.52
CA LEU J 237 8.75 -37.54 0.23
C LEU J 237 7.63 -38.56 0.03
N PHE J 238 6.53 -38.38 0.77
CA PHE J 238 5.40 -39.30 0.72
C PHE J 238 4.27 -38.66 -0.04
N LEU J 239 3.83 -39.33 -1.09
CA LEU J 239 2.69 -38.89 -1.91
C LEU J 239 1.56 -39.92 -1.76
N SER J 240 0.39 -39.49 -1.29
CA SER J 240 -0.71 -40.41 -1.09
C SER J 240 -1.95 -39.91 -1.80
N ALA J 241 -2.81 -40.84 -2.22
CA ALA J 241 -4.06 -40.50 -2.95
C ALA J 241 -5.15 -41.56 -2.90
N VAL J 242 -6.40 -41.10 -3.02
CA VAL J 242 -7.48 -41.96 -3.49
C VAL J 242 -8.34 -41.09 -4.38
N ASP J 243 -8.79 -41.66 -5.50
CA ASP J 243 -9.71 -40.99 -6.39
C ASP J 243 -10.80 -41.94 -6.91
N ILE J 244 -11.78 -42.19 -6.06
CA ILE J 244 -12.94 -42.98 -6.43
C ILE J 244 -13.87 -42.03 -7.15
N VAL J 245 -14.12 -42.32 -8.41
CA VAL J 245 -14.91 -41.42 -9.27
C VAL J 245 -16.33 -41.94 -9.45
N GLY J 246 -16.65 -43.07 -8.81
CA GLY J 246 -18.03 -43.55 -8.76
C GLY J 246 -18.17 -45.05 -8.91
N ILE J 247 -19.37 -45.44 -9.33
CA ILE J 247 -19.76 -46.85 -9.42
C ILE J 247 -20.16 -47.14 -10.86
N HIS J 248 -19.61 -48.21 -11.43
CA HIS J 248 -20.12 -48.72 -12.70
C HIS J 248 -21.12 -49.81 -12.42
N THR J 249 -22.25 -49.78 -13.12
CA THR J 249 -23.26 -50.83 -12.95
C THR J 249 -23.26 -51.77 -14.15
N ASN J 250 -23.22 -53.08 -13.89
CA ASN J 250 -23.20 -54.08 -14.95
C ASN J 250 -24.63 -54.46 -15.39
N TYR J 251 -24.73 -55.24 -16.45
CA TYR J 251 -26.03 -55.66 -16.99
C TYR J 251 -26.88 -56.38 -15.96
N SER J 252 -26.26 -57.26 -15.16
CA SER J 252 -26.97 -57.99 -14.10
C SER J 252 -27.27 -57.13 -12.86
N GLU J 253 -26.84 -55.87 -12.90
CA GLU J 253 -26.91 -54.93 -11.78
C GLU J 253 -25.84 -55.11 -10.71
N SER J 254 -24.87 -55.98 -10.97
CA SER J 254 -23.70 -56.04 -10.11
C SER J 254 -22.91 -54.74 -10.31
N GLN J 255 -22.08 -54.38 -9.34
CA GLN J 255 -21.46 -53.04 -9.32
C GLN J 255 -19.97 -53.03 -8.96
N ASN J 256 -19.21 -52.22 -9.69
CA ASN J 256 -17.78 -52.08 -9.51
C ASN J 256 -17.44 -50.62 -9.20
N TRP J 257 -16.63 -50.39 -8.16
CA TRP J 257 -16.04 -49.08 -7.92
C TRP J 257 -15.09 -48.78 -9.06
N ARG J 258 -15.07 -47.53 -9.51
CA ARG J 258 -14.12 -47.07 -10.54
C ARG J 258 -13.22 -45.99 -9.93
N GLY J 259 -11.91 -46.14 -10.13
CA GLY J 259 -10.94 -45.12 -9.69
C GLY J 259 -10.10 -44.63 -10.86
N LEU J 260 -9.45 -43.47 -10.71
CA LEU J 260 -8.55 -42.93 -11.73
C LEU J 260 -7.20 -42.55 -11.13
N PRO J 261 -6.13 -42.52 -11.96
CA PRO J 261 -4.80 -42.20 -11.42
C PRO J 261 -4.62 -40.72 -11.13
N ARG J 262 -3.66 -40.41 -10.27
CA ARG J 262 -3.40 -39.03 -9.89
C ARG J 262 -1.94 -38.69 -10.16
N TYR J 263 -1.73 -37.58 -10.86
CA TYR J 263 -0.42 -36.99 -11.12
C TYR J 263 -0.06 -35.97 -10.03
N PHE J 264 1.23 -35.93 -9.66
CA PHE J 264 1.78 -34.98 -8.70
C PHE J 264 3.02 -34.32 -9.31
N ASN J 265 3.13 -33.01 -9.16
CA ASN J 265 4.39 -32.33 -9.45
C ASN J 265 4.71 -31.42 -8.26
N VAL J 266 5.72 -31.79 -7.48
CA VAL J 266 6.04 -31.13 -6.23
C VAL J 266 7.32 -30.32 -6.39
N THR J 267 7.24 -29.05 -6.01
CA THR J 267 8.42 -28.20 -5.96
C THR J 267 8.94 -28.25 -4.55
N LEU J 268 10.25 -28.47 -4.40
CA LEU J 268 10.87 -28.49 -3.08
C LEU J 268 12.09 -27.57 -3.00
N ARG J 269 12.40 -27.16 -1.78
CA ARG J 269 13.54 -26.30 -1.53
C ARG J 269 14.33 -26.78 -0.31
N LYS J 270 15.50 -26.18 -0.13
CA LYS J 270 16.40 -26.53 0.97
C LYS J 270 16.12 -25.69 2.20
N ARG J 271 15.86 -26.35 3.31
CA ARG J 271 15.58 -25.70 4.58
C ARG J 271 16.65 -26.08 5.59
N VAL J 272 17.18 -25.06 6.26
CA VAL J 272 18.14 -25.24 7.32
C VAL J 272 17.43 -25.68 8.61
N VAL J 273 17.96 -26.73 9.23
CA VAL J 273 17.52 -27.17 10.55
C VAL J 273 18.72 -27.31 11.47
N LYS J 274 18.49 -27.22 12.78
CA LYS J 274 19.52 -27.45 13.77
C LYS J 274 19.85 -28.95 13.92
N ASN J 275 21.12 -29.29 13.88
CA ASN J 275 21.56 -30.68 14.02
C ASN J 275 21.25 -31.23 15.43
N PRO J 276 20.41 -32.28 15.52
CA PRO J 276 20.04 -32.80 16.85
C PRO J 276 21.17 -33.58 17.52
N TYR J 277 22.13 -34.04 16.72
CA TYR J 277 23.25 -34.84 17.24
C TYR J 277 24.58 -34.30 16.68
N PRO J 278 25.00 -33.10 17.13
CA PRO J 278 26.27 -32.54 16.67
C PRO J 278 27.44 -33.28 17.28
#